data_8FE4
#
_entry.id   8FE4
#
loop_
_entity.id
_entity.type
_entity.pdbx_description
1 polymer 'Envelope protein E'
2 polymer 'prM protein'
3 polymer 'prM13 Fab Heavy Chain'
4 polymer 'prM13 Fab Light Chain'
#
loop_
_entity_poly.entity_id
_entity_poly.type
_entity_poly.pdbx_seq_one_letter_code
_entity_poly.pdbx_strand_id
1 'polypeptide(L)'
;MRCIGMSNRDFVEGVSGGSWVDIVLEHGSCVTTMAKNKPTLDFELIKTEAKQPATLRKYCIEAKLTNTTTESRCPTQGEP
SLNEEQDKRFVCKHSMVDRGWGNGCGLFGKGGIVTCAMFRCKKNMEGKVVQPENLEYTIVITPHSGEEHAVGNDTGKHGK
EIKITPQSSITEAELTGYGTVTMECSPRTGLDFNEMVLLQMENKAWLVHRQWFLDLPLPWLPGADTQGSNWIQKETLVTF
KNPHAKKQDVVVLGSQEGAMHTALTGATEIQMSSGNLLFTGHLKCRLRMDKLQLKGMSYSMCTGKFKVVKEIAETQHGTI
VIRVQYEGDGSPCKIPFEIMDLEKRHVLGRLITVNPIVTEKDSPVNIEAEPPFGDSYIIIGVEPGQLKLNWFKK
;
A,C,E
2 'polypeptide(L)'
;FHLTTRNGEPHMIVSRQEKGKSLLFKTEDGVNMCTLMAMDLGELCEDTITYKCPLLRQNEPEDIDCWCNSTSTWVTYGTC
T
;
B,D,F
3 'polypeptide(L)'
;AAQLQESGPELVKPGASVKISCKASGYTFTDYFINWVRQSHGKSLEWIGDFYPNNRGPTYNQKFEGKATLTVDKSSSTAY
MELRSLTSDDSAVYYCARGLWDAWLSYWGQGTLVTVSAAKTTAPSVYPLAPVCGGTTGSSVTLGCLVKGYFPEPVTLTWN
SGSLSSGVHTFPALLQSGLYTLSSSVTVTSNTWPSQTITCNVAHPASSTKVDKKIEPRVPI
;
H,M,O
4 'polypeptide(L)'
;AIVATQSPAIMSASPGEKVTISCSASSSVSYMYWYQQKPGSSPKPWIYRTSNLASGVPTRFSGSGSGTSYSFTISSMEAE
DAATYYCQQYHNYPRTFGGGTKAKSARADAAPTVSIFPPSSEQLTSGGASVVCFLNNFYPKDINVKWKIDGSERQNGVLN
SWTDQDSKDSTYSMSSTLTLTKDEYERHNSYTCEATHKTSTSPIVKSFNRNEC
;
L,N,P
#
# COMPACT_ATOMS: atom_id res chain seq x y z
N MET A 1 -64.32 6.52 19.18
CA MET A 1 -63.94 5.22 18.64
C MET A 1 -62.61 4.73 19.22
N ARG A 2 -61.67 5.64 19.42
CA ARG A 2 -60.37 5.26 19.93
C ARG A 2 -60.50 4.40 21.18
N CYS A 3 -61.30 4.85 22.13
CA CYS A 3 -61.46 4.11 23.38
C CYS A 3 -62.21 2.80 23.19
N ILE A 4 -63.14 2.77 22.25
CA ILE A 4 -63.89 1.54 22.00
C ILE A 4 -62.97 0.46 21.44
N GLY A 5 -61.98 0.90 20.66
CA GLY A 5 -61.05 -0.04 20.06
C GLY A 5 -59.96 -0.49 20.98
N MET A 6 -59.92 0.06 22.19
CA MET A 6 -58.91 -0.34 23.13
C MET A 6 -59.34 -1.54 23.97
N SER A 7 -58.39 -2.43 24.25
CA SER A 7 -58.68 -3.61 25.04
C SER A 7 -58.76 -3.23 26.52
N ASN A 8 -57.91 -2.31 26.93
CA ASN A 8 -57.92 -1.85 28.32
C ASN A 8 -58.82 -0.63 28.46
N ARG A 9 -60.06 -0.88 28.85
CA ARG A 9 -61.03 0.18 29.01
C ARG A 9 -61.84 -0.01 30.28
N ASP A 10 -61.81 1.00 31.16
CA ASP A 10 -62.58 0.97 32.41
C ASP A 10 -63.86 1.79 32.30
N PHE A 11 -64.94 1.31 32.92
CA PHE A 11 -66.19 2.03 32.93
C PHE A 11 -66.41 2.50 34.35
N VAL A 12 -66.46 3.81 34.54
CA VAL A 12 -66.65 4.37 35.86
C VAL A 12 -67.91 5.22 35.92
N GLU A 13 -68.58 5.22 37.07
CA GLU A 13 -69.80 6.00 37.26
C GLU A 13 -69.90 6.49 38.70
N GLY A 14 -70.39 7.71 38.89
CA GLY A 14 -70.51 8.24 40.24
C GLY A 14 -71.74 7.74 40.98
N VAL A 15 -71.55 7.24 42.20
CA VAL A 15 -72.67 6.74 43.01
C VAL A 15 -73.43 7.86 43.70
N SER A 16 -73.04 9.10 43.43
CA SER A 16 -73.68 10.25 44.05
C SER A 16 -74.00 11.29 42.97
N GLY A 17 -74.26 12.51 43.39
CA GLY A 17 -74.57 13.58 42.43
C GLY A 17 -73.77 14.79 42.82
N GLY A 18 -73.00 15.34 41.88
CA GLY A 18 -72.18 16.50 42.19
C GLY A 18 -70.94 16.06 42.92
N SER A 19 -70.84 14.77 43.19
CA SER A 19 -69.70 14.21 43.90
C SER A 19 -68.50 14.03 42.99
N TRP A 20 -67.36 13.68 43.59
CA TRP A 20 -66.15 13.42 42.83
C TRP A 20 -66.13 11.96 42.46
N VAL A 21 -65.59 11.65 41.28
CA VAL A 21 -65.48 10.27 40.84
C VAL A 21 -64.00 10.00 40.63
N ASP A 22 -63.50 8.88 41.14
CA ASP A 22 -62.08 8.56 40.96
C ASP A 22 -61.86 7.67 39.75
N ILE A 23 -60.73 7.87 39.08
CA ILE A 23 -60.36 7.07 37.94
C ILE A 23 -58.85 6.92 37.95
N VAL A 24 -58.37 5.86 37.32
CA VAL A 24 -56.95 5.59 37.23
C VAL A 24 -56.56 5.64 35.76
N LEU A 25 -55.59 6.50 35.43
CA LEU A 25 -55.13 6.62 34.05
C LEU A 25 -53.79 5.94 33.83
N GLU A 26 -53.70 5.19 32.74
CA GLU A 26 -52.50 4.45 32.37
C GLU A 26 -52.23 4.62 30.87
N HIS A 27 -50.97 4.51 30.46
CA HIS A 27 -50.61 4.61 29.04
C HIS A 27 -51.16 3.38 28.34
N GLY A 28 -51.82 3.59 27.22
CA GLY A 28 -52.39 2.48 26.46
C GLY A 28 -53.78 2.06 26.88
N SER A 29 -54.34 2.74 27.87
CA SER A 29 -55.67 2.40 28.35
C SER A 29 -56.53 3.64 28.30
N CYS A 30 -57.83 3.47 28.51
CA CYS A 30 -58.72 4.61 28.55
C CYS A 30 -59.81 4.33 29.55
N VAL A 31 -60.43 5.39 30.03
CA VAL A 31 -61.50 5.27 30.99
C VAL A 31 -62.72 6.03 30.48
N THR A 32 -63.87 5.37 30.53
CA THR A 32 -65.12 5.97 30.09
C THR A 32 -65.97 6.26 31.32
N THR A 33 -66.37 7.52 31.48
CA THR A 33 -67.19 7.89 32.61
C THR A 33 -68.62 8.20 32.18
N MET A 34 -69.55 7.86 33.06
CA MET A 34 -70.96 8.09 32.79
C MET A 34 -71.68 8.62 34.01
N ALA A 35 -72.75 9.36 33.78
CA ALA A 35 -73.55 9.90 34.87
C ALA A 35 -74.90 10.28 34.32
N LYS A 36 -75.91 10.22 35.17
CA LYS A 36 -77.28 10.56 34.81
C LYS A 36 -77.35 11.98 34.25
N ASN A 37 -77.93 12.11 33.06
CA ASN A 37 -78.08 13.42 32.42
C ASN A 37 -76.78 14.18 32.17
N LYS A 38 -75.72 13.44 31.96
CA LYS A 38 -74.41 14.03 31.71
C LYS A 38 -73.82 13.28 30.51
N PRO A 39 -73.00 13.95 29.71
CA PRO A 39 -72.45 13.19 28.58
C PRO A 39 -71.42 12.20 29.08
N THR A 40 -71.21 11.16 28.28
CA THR A 40 -70.25 10.15 28.60
C THR A 40 -68.94 10.68 28.05
N LEU A 41 -67.87 10.56 28.83
CA LEU A 41 -66.56 11.05 28.43
C LEU A 41 -65.48 9.96 28.39
N ASP A 42 -64.48 10.17 27.55
CA ASP A 42 -63.36 9.23 27.45
C ASP A 42 -62.10 9.96 27.89
N PHE A 43 -61.30 9.29 28.72
CA PHE A 43 -60.06 9.84 29.24
C PHE A 43 -58.87 8.95 28.89
N GLU A 44 -57.80 9.58 28.41
CA GLU A 44 -56.59 8.85 28.07
C GLU A 44 -55.34 9.66 28.40
N LEU A 45 -54.37 9.01 29.03
CA LEU A 45 -53.10 9.65 29.34
C LEU A 45 -52.20 9.28 28.17
N ILE A 46 -51.90 10.25 27.29
CA ILE A 46 -51.08 9.95 26.12
C ILE A 46 -49.59 10.29 26.22
N LYS A 47 -49.23 11.31 26.98
CA LYS A 47 -47.81 11.64 27.12
C LYS A 47 -47.37 11.99 28.54
N THR A 48 -46.14 11.60 28.85
CA THR A 48 -45.54 11.86 30.15
C THR A 48 -44.07 12.23 29.89
N GLU A 49 -43.76 13.52 29.95
CA GLU A 49 -42.39 13.94 29.69
C GLU A 49 -41.84 14.96 30.67
N ALA A 50 -40.53 14.90 30.87
CA ALA A 50 -39.85 15.82 31.75
C ALA A 50 -39.41 17.00 30.88
N LYS A 51 -39.71 18.21 31.33
CA LYS A 51 -39.32 19.41 30.60
C LYS A 51 -38.16 20.10 31.30
N GLN A 52 -37.11 20.35 30.52
CA GLN A 52 -35.90 21.00 31.01
C GLN A 52 -35.43 20.58 32.39
N PRO A 53 -35.09 19.29 32.57
CA PRO A 53 -34.62 18.78 33.86
C PRO A 53 -33.18 19.22 34.10
N ALA A 54 -32.84 19.44 35.37
CA ALA A 54 -31.50 19.89 35.74
C ALA A 54 -30.36 19.03 35.19
N THR A 55 -29.40 19.69 34.56
CA THR A 55 -28.22 19.00 34.01
C THR A 55 -27.20 18.83 35.12
N LEU A 56 -26.86 17.58 35.40
CA LEU A 56 -25.92 17.27 36.47
C LEU A 56 -24.45 17.42 36.06
N ARG A 57 -24.06 16.72 35.00
CA ARG A 57 -22.67 16.77 34.57
C ARG A 57 -22.50 16.47 33.10
N LYS A 58 -21.63 17.22 32.43
CA LYS A 58 -21.35 17.02 31.03
C LYS A 58 -20.03 16.25 30.91
N TYR A 59 -20.07 15.11 30.24
CA TYR A 59 -18.87 14.30 30.04
C TYR A 59 -18.37 14.39 28.62
N CYS A 60 -17.08 14.64 28.46
CA CYS A 60 -16.50 14.70 27.14
C CYS A 60 -16.18 13.25 26.75
N ILE A 61 -16.52 12.84 25.53
CA ILE A 61 -16.23 11.47 25.11
C ILE A 61 -15.32 11.40 23.89
N GLU A 62 -14.92 12.55 23.40
CA GLU A 62 -14.03 12.62 22.25
C GLU A 62 -13.40 14.01 22.21
N ALA A 63 -12.07 14.05 22.07
CA ALA A 63 -11.39 15.32 22.07
C ALA A 63 -10.20 15.36 21.12
N LYS A 64 -9.66 16.56 20.95
CA LYS A 64 -8.51 16.78 20.11
C LYS A 64 -7.51 17.60 20.94
N LEU A 65 -6.25 17.58 20.51
CA LEU A 65 -5.19 18.32 21.17
C LEU A 65 -4.52 19.25 20.17
N THR A 66 -4.13 20.42 20.62
CA THR A 66 -3.44 21.37 19.76
C THR A 66 -2.38 22.09 20.62
N ASN A 67 -1.53 22.87 19.96
CA ASN A 67 -0.47 23.61 20.62
C ASN A 67 0.14 22.90 21.83
N THR A 68 0.84 21.80 21.56
CA THR A 68 1.50 21.07 22.61
C THR A 68 2.82 21.79 22.85
N THR A 69 3.11 22.15 24.10
CA THR A 69 4.34 22.87 24.42
C THR A 69 5.13 22.24 25.56
N THR A 70 6.45 22.20 25.39
CA THR A 70 7.29 21.60 26.42
C THR A 70 8.37 22.54 26.96
N GLU A 71 8.61 22.44 28.26
CA GLU A 71 9.61 23.25 28.94
C GLU A 71 10.34 22.35 29.94
N SER A 72 11.64 22.49 30.07
CA SER A 72 12.38 21.66 31.01
C SER A 72 13.61 22.36 31.57
N ARG A 73 13.97 22.04 32.81
CA ARG A 73 15.16 22.63 33.42
C ARG A 73 16.21 21.60 33.79
N CYS A 74 17.45 22.06 33.97
CA CYS A 74 18.57 21.19 34.30
C CYS A 74 18.50 20.69 35.74
N PRO A 75 19.29 19.65 36.05
CA PRO A 75 19.27 19.15 37.43
C PRO A 75 19.72 20.32 38.31
N THR A 76 19.09 20.48 39.47
CA THR A 76 19.47 21.56 40.39
C THR A 76 18.71 22.88 40.30
N GLN A 77 18.02 23.12 39.19
CA GLN A 77 17.33 24.39 39.03
C GLN A 77 15.81 24.42 39.20
N GLY A 78 15.30 23.57 40.09
CA GLY A 78 13.88 23.55 40.36
C GLY A 78 12.92 23.13 39.25
N GLU A 79 11.63 23.19 39.56
CA GLU A 79 10.55 22.82 38.66
C GLU A 79 10.22 23.88 37.62
N PRO A 80 10.28 23.52 36.32
CA PRO A 80 9.98 24.49 35.27
C PRO A 80 8.48 24.77 35.25
N SER A 81 8.08 25.79 34.52
CA SER A 81 6.67 26.14 34.45
C SER A 81 6.32 26.81 33.15
N LEU A 82 5.05 26.73 32.82
CA LEU A 82 4.51 27.35 31.60
C LEU A 82 3.28 28.10 32.06
N ASN A 83 3.10 29.33 31.56
CA ASN A 83 1.94 30.12 31.98
C ASN A 83 0.62 29.47 31.55
N GLU A 84 0.62 28.74 30.44
CA GLU A 84 -0.59 28.08 29.98
C GLU A 84 -0.99 27.01 31.00
N GLU A 85 -0.14 26.79 31.99
CA GLU A 85 -0.42 25.82 33.02
C GLU A 85 -1.47 26.43 33.95
N GLN A 86 -1.82 27.68 33.67
CA GLN A 86 -2.82 28.45 34.42
C GLN A 86 -4.08 28.65 33.59
N ASP A 87 -4.02 28.22 32.34
CA ASP A 87 -5.14 28.32 31.40
C ASP A 87 -5.93 27.02 31.51
N LYS A 88 -7.15 27.11 32.02
CA LYS A 88 -8.00 25.94 32.22
C LYS A 88 -8.33 25.10 30.97
N ARG A 89 -7.98 25.58 29.79
CA ARG A 89 -8.25 24.82 28.58
C ARG A 89 -7.14 23.82 28.25
N PHE A 90 -6.05 23.85 29.01
CA PHE A 90 -4.92 22.95 28.77
C PHE A 90 -4.81 21.80 29.75
N VAL A 91 -4.18 20.71 29.29
CA VAL A 91 -3.96 19.55 30.12
C VAL A 91 -2.44 19.58 30.22
N CYS A 92 -1.92 19.40 31.43
CA CYS A 92 -0.49 19.45 31.63
C CYS A 92 -0.02 18.35 32.58
N LYS A 93 1.26 18.04 32.53
CA LYS A 93 1.83 17.03 33.40
C LYS A 93 3.23 17.45 33.77
N HIS A 94 3.65 17.12 34.99
CA HIS A 94 4.99 17.43 35.43
C HIS A 94 5.70 16.10 35.53
N SER A 95 6.96 16.07 35.12
CA SER A 95 7.76 14.84 35.18
C SER A 95 9.23 15.19 35.37
N MET A 96 10.05 14.15 35.38
CA MET A 96 11.49 14.29 35.53
C MET A 96 12.09 13.52 34.35
N VAL A 97 13.17 14.03 33.79
CA VAL A 97 13.82 13.37 32.66
C VAL A 97 15.33 13.55 32.79
N ASP A 98 16.09 12.58 32.30
CA ASP A 98 17.53 12.66 32.36
C ASP A 98 17.99 13.86 31.55
N ARG A 99 19.04 14.52 32.02
CA ARG A 99 19.61 15.69 31.35
C ARG A 99 21.12 15.56 31.39
N GLY A 100 21.85 16.46 30.73
CA GLY A 100 23.30 16.35 30.74
C GLY A 100 23.96 17.20 29.67
N TRP A 101 25.26 17.01 29.48
CA TRP A 101 26.01 17.80 28.50
C TRP A 101 25.45 17.70 27.09
N GLY A 102 24.90 16.54 26.76
CA GLY A 102 24.34 16.35 25.44
C GLY A 102 23.12 17.19 25.12
N ASN A 103 22.48 17.77 26.13
CA ASN A 103 21.32 18.60 25.87
C ASN A 103 21.28 19.93 26.58
N GLY A 104 22.45 20.52 26.76
CA GLY A 104 22.53 21.84 27.37
C GLY A 104 22.67 22.01 28.86
N CYS A 105 22.96 20.94 29.60
CA CYS A 105 23.10 21.07 31.04
C CYS A 105 24.53 20.87 31.52
N GLY A 106 24.88 21.54 32.60
CA GLY A 106 26.22 21.40 33.15
C GLY A 106 26.44 20.08 33.87
N LEU A 107 25.40 19.62 34.56
CA LEU A 107 25.41 18.38 35.33
C LEU A 107 24.57 17.28 34.72
N PHE A 108 24.96 16.03 34.97
CA PHE A 108 24.17 14.92 34.49
C PHE A 108 23.27 14.62 35.68
N GLY A 109 22.00 14.32 35.41
CA GLY A 109 21.07 14.03 36.48
C GLY A 109 19.66 14.30 36.01
N LYS A 110 18.68 14.04 36.88
CA LYS A 110 17.29 14.26 36.53
C LYS A 110 16.94 15.74 36.56
N GLY A 111 16.14 16.15 35.59
CA GLY A 111 15.72 17.54 35.51
C GLY A 111 14.20 17.62 35.44
N GLY A 112 13.66 18.77 35.77
CA GLY A 112 12.22 18.93 35.72
C GLY A 112 11.71 19.33 34.35
N ILE A 113 10.66 18.66 33.90
CA ILE A 113 10.08 18.93 32.59
C ILE A 113 8.57 19.03 32.74
N VAL A 114 7.96 19.87 31.91
CA VAL A 114 6.51 20.07 31.95
C VAL A 114 5.99 20.20 30.51
N THR A 115 4.81 19.64 30.26
CA THR A 115 4.24 19.67 28.92
C THR A 115 2.75 19.98 28.98
N CYS A 116 2.28 20.85 28.10
CA CYS A 116 0.87 21.20 28.09
C CYS A 116 0.35 21.17 26.67
N ALA A 117 -0.93 20.85 26.53
CA ALA A 117 -1.56 20.79 25.23
C ALA A 117 -2.97 21.34 25.42
N MET A 118 -3.44 22.12 24.45
CA MET A 118 -4.80 22.64 24.57
C MET A 118 -5.74 21.47 24.33
N PHE A 119 -6.74 21.35 25.18
CA PHE A 119 -7.72 20.27 25.11
C PHE A 119 -9.01 20.81 24.53
N ARG A 120 -9.45 20.23 23.41
CA ARG A 120 -10.69 20.66 22.76
C ARG A 120 -11.67 19.50 22.61
N CYS A 121 -12.77 19.56 23.37
CA CYS A 121 -13.76 18.51 23.31
C CYS A 121 -14.55 18.60 22.00
N LYS A 122 -14.71 17.46 21.32
CA LYS A 122 -15.41 17.44 20.05
C LYS A 122 -16.80 16.76 20.10
N LYS A 123 -17.02 15.97 21.14
CA LYS A 123 -18.29 15.27 21.31
C LYS A 123 -18.44 14.90 22.76
N ASN A 124 -19.54 15.33 23.36
CA ASN A 124 -19.81 15.07 24.77
C ASN A 124 -21.20 14.51 24.98
N MET A 125 -21.43 14.01 26.19
CA MET A 125 -22.73 13.48 26.56
C MET A 125 -23.08 14.16 27.89
N GLU A 126 -24.37 14.20 28.22
CA GLU A 126 -24.77 14.82 29.48
C GLU A 126 -25.84 14.02 30.20
N GLY A 127 -25.69 13.93 31.51
CA GLY A 127 -26.66 13.20 32.31
C GLY A 127 -27.53 14.20 33.03
N LYS A 128 -28.84 13.97 33.01
CA LYS A 128 -29.76 14.89 33.67
C LYS A 128 -30.50 14.23 34.83
N VAL A 129 -31.00 15.08 35.72
CA VAL A 129 -31.75 14.60 36.87
C VAL A 129 -33.21 15.02 36.72
N VAL A 130 -34.09 14.03 36.65
CA VAL A 130 -35.51 14.26 36.50
C VAL A 130 -36.20 14.36 37.85
N GLN A 131 -36.84 15.49 38.11
CA GLN A 131 -37.56 15.69 39.37
C GLN A 131 -39.01 15.24 39.18
N PRO A 132 -39.57 14.50 40.15
CA PRO A 132 -40.95 14.04 40.05
C PRO A 132 -41.87 15.20 39.67
N GLU A 133 -41.62 16.35 40.28
CA GLU A 133 -42.39 17.53 39.97
C GLU A 133 -41.86 17.97 38.60
N ASN A 134 -42.44 19.00 38.02
CA ASN A 134 -41.97 19.46 36.71
C ASN A 134 -42.13 18.38 35.63
N LEU A 135 -42.74 17.24 35.99
CA LEU A 135 -43.01 16.21 34.99
C LEU A 135 -44.34 16.69 34.43
N GLU A 136 -44.57 16.50 33.15
CA GLU A 136 -45.80 17.00 32.56
C GLU A 136 -46.60 15.91 31.85
N TYR A 137 -47.79 15.64 32.38
CA TYR A 137 -48.66 14.61 31.81
C TYR A 137 -49.69 15.22 30.86
N THR A 138 -49.88 14.59 29.70
CA THR A 138 -50.84 15.06 28.72
C THR A 138 -52.04 14.12 28.75
N ILE A 139 -53.23 14.70 28.94
CA ILE A 139 -54.45 13.91 29.01
C ILE A 139 -55.47 14.41 28.02
N VAL A 140 -56.07 13.49 27.28
CA VAL A 140 -57.09 13.86 26.30
C VAL A 140 -58.45 13.45 26.83
N ILE A 141 -59.39 14.39 26.80
CA ILE A 141 -60.73 14.18 27.29
C ILE A 141 -61.60 14.28 26.06
N THR A 142 -62.12 13.13 25.60
CA THR A 142 -62.96 13.09 24.40
C THR A 142 -64.42 12.80 24.71
N PRO A 143 -65.33 13.61 24.15
CA PRO A 143 -66.78 13.42 24.36
C PRO A 143 -67.20 12.15 23.61
N HIS A 144 -67.91 11.24 24.29
CA HIS A 144 -68.37 9.99 23.69
C HIS A 144 -69.72 10.29 23.04
N SER A 145 -69.66 10.78 21.81
CA SER A 145 -70.85 11.19 21.07
C SER A 145 -71.14 10.30 19.89
N GLY A 146 -70.09 9.79 19.26
CA GLY A 146 -70.26 8.94 18.10
C GLY A 146 -70.22 9.75 16.79
N GLU A 147 -70.15 11.07 16.88
CA GLU A 147 -70.09 11.93 15.72
C GLU A 147 -68.98 11.49 14.77
N GLU A 148 -69.03 11.87 13.50
CA GLU A 148 -68.00 11.43 12.57
C GLU A 148 -66.95 12.38 12.08
N HIS A 149 -65.87 11.77 11.60
CA HIS A 149 -64.72 12.44 10.97
C HIS A 149 -64.04 11.68 9.84
N ALA A 150 -63.18 10.66 10.05
CA ALA A 150 -62.49 9.94 8.88
C ALA A 150 -60.93 10.01 8.95
N GLY A 156 -60.66 18.18 13.70
CA GLY A 156 -61.87 18.97 13.68
C GLY A 156 -62.84 18.58 14.77
N LYS A 157 -62.59 17.43 15.39
CA LYS A 157 -63.42 16.96 16.49
C LYS A 157 -62.57 16.36 17.61
N HIS A 158 -61.33 16.83 17.72
CA HIS A 158 -60.44 16.38 18.77
C HIS A 158 -61.08 16.53 20.15
N GLY A 159 -60.80 15.57 21.04
CA GLY A 159 -60.98 15.77 22.45
C GLY A 159 -60.05 16.84 23.01
N LYS A 160 -60.50 17.53 24.05
CA LYS A 160 -59.71 18.56 24.69
C LYS A 160 -58.42 17.95 25.21
N GLU A 161 -57.31 18.62 24.92
CA GLU A 161 -56.02 18.14 25.39
C GLU A 161 -55.64 19.09 26.52
N ILE A 162 -55.17 18.54 27.63
CA ILE A 162 -54.75 19.36 28.76
C ILE A 162 -53.44 18.81 29.33
N LYS A 163 -52.54 19.71 29.71
CA LYS A 163 -51.24 19.34 30.27
C LYS A 163 -51.19 19.78 31.70
N ILE A 164 -50.79 18.89 32.60
CA ILE A 164 -50.72 19.26 34.01
C ILE A 164 -49.42 18.80 34.64
N THR A 165 -49.15 19.33 35.84
CA THR A 165 -47.95 19.01 36.60
C THR A 165 -48.36 18.67 38.03
N PRO A 166 -47.60 17.81 38.72
CA PRO A 166 -48.01 17.51 40.08
C PRO A 166 -48.06 18.77 40.95
N GLN A 167 -47.64 19.89 40.39
CA GLN A 167 -47.66 21.14 41.14
C GLN A 167 -48.74 22.11 40.65
N SER A 168 -49.39 21.78 39.53
CA SER A 168 -50.44 22.64 39.01
C SER A 168 -51.72 22.43 39.81
N SER A 169 -52.59 23.43 39.82
CA SER A 169 -53.84 23.33 40.58
C SER A 169 -54.94 22.61 39.81
N ILE A 170 -56.09 22.44 40.46
CA ILE A 170 -57.21 21.76 39.83
C ILE A 170 -57.53 22.37 38.49
N THR A 171 -57.69 21.51 37.49
CA THR A 171 -57.96 21.93 36.13
C THR A 171 -59.43 22.01 35.80
N GLU A 172 -59.80 23.03 35.03
CA GLU A 172 -61.16 23.22 34.57
C GLU A 172 -61.10 23.18 33.05
N ALA A 173 -61.38 22.01 32.48
CA ALA A 173 -61.31 21.84 31.04
C ALA A 173 -62.63 22.08 30.34
N GLU A 174 -62.59 22.88 29.29
CA GLU A 174 -63.78 23.19 28.54
C GLU A 174 -63.95 22.21 27.39
N LEU A 175 -65.15 21.68 27.25
CA LEU A 175 -65.49 20.77 26.17
C LEU A 175 -66.54 21.48 25.33
N THR A 176 -66.12 22.00 24.17
CA THR A 176 -67.00 22.71 23.27
C THR A 176 -68.35 22.01 23.12
N GLY A 177 -69.38 22.71 23.59
CA GLY A 177 -70.73 22.21 23.52
C GLY A 177 -71.29 21.58 24.78
N TYR A 178 -70.45 21.13 25.70
CA TYR A 178 -70.97 20.45 26.88
C TYR A 178 -70.71 21.14 28.21
N GLY A 179 -69.83 22.13 28.20
CA GLY A 179 -69.49 22.83 29.43
C GLY A 179 -68.05 22.56 29.81
N THR A 180 -67.77 22.43 31.10
CA THR A 180 -66.41 22.16 31.52
C THR A 180 -66.42 20.98 32.47
N VAL A 181 -65.26 20.34 32.59
CA VAL A 181 -65.14 19.21 33.49
C VAL A 181 -63.98 19.61 34.38
N THR A 182 -64.10 19.34 35.68
CA THR A 182 -63.03 19.72 36.59
C THR A 182 -62.35 18.48 37.12
N MET A 183 -61.02 18.48 37.10
CA MET A 183 -60.28 17.33 37.58
C MET A 183 -58.92 17.68 38.17
N GLU A 184 -58.44 16.81 39.05
CA GLU A 184 -57.13 16.98 39.69
C GLU A 184 -56.43 15.64 39.69
N CYS A 185 -55.12 15.64 39.45
CA CYS A 185 -54.39 14.40 39.41
C CYS A 185 -53.17 14.33 40.30
N SER A 186 -52.76 13.11 40.61
CA SER A 186 -51.60 12.87 41.44
C SER A 186 -50.77 11.80 40.72
N PRO A 187 -49.45 12.02 40.63
CA PRO A 187 -48.52 11.08 39.99
C PRO A 187 -48.40 9.80 40.78
N ARG A 188 -49.40 9.52 41.60
CA ARG A 188 -49.38 8.34 42.45
C ARG A 188 -48.58 7.17 41.90
N THR A 189 -47.48 6.90 42.59
CA THR A 189 -46.52 5.84 42.29
C THR A 189 -46.74 5.14 40.94
N LEU A 191 -42.48 5.14 39.77
CA LEU A 191 -41.62 6.10 39.11
C LEU A 191 -40.57 6.65 40.08
N ASP A 192 -39.30 6.29 39.87
CA ASP A 192 -38.22 6.75 40.75
C ASP A 192 -37.26 7.70 40.04
N PHE A 193 -36.69 8.64 40.81
CA PHE A 193 -35.75 9.62 40.28
C PHE A 193 -34.89 10.20 41.39
N GLU A 195 -32.73 7.83 43.40
CA GLU A 195 -31.41 8.33 43.01
C GLU A 195 -30.94 7.73 41.69
N MET A 196 -31.46 8.25 40.59
CA MET A 196 -31.09 7.77 39.26
C MET A 196 -30.69 8.97 38.39
N VAL A 197 -30.26 8.69 37.18
CA VAL A 197 -29.83 9.73 36.25
C VAL A 197 -30.18 9.34 34.83
N LEU A 198 -30.41 10.34 33.98
CA LEU A 198 -30.70 10.05 32.58
C LEU A 198 -29.60 10.55 31.65
N LEU A 199 -28.88 9.58 31.10
CA LEU A 199 -27.76 9.81 30.20
C LEU A 199 -28.17 10.05 28.75
N GLN A 200 -27.68 11.15 28.19
CA GLN A 200 -27.99 11.49 26.80
C GLN A 200 -26.77 11.48 25.87
N MET A 201 -26.75 10.50 24.97
CA MET A 201 -25.67 10.38 23.99
C MET A 201 -26.18 10.69 22.59
N GLU A 202 -26.28 11.98 22.29
CA GLU A 202 -26.72 12.43 20.98
C GLU A 202 -28.13 11.97 20.62
N ASN A 203 -29.12 12.59 21.25
CA ASN A 203 -30.53 12.29 21.01
C ASN A 203 -31.03 10.90 21.40
N LYS A 204 -30.17 10.09 22.01
CA LYS A 204 -30.57 8.76 22.44
C LYS A 204 -30.24 8.75 23.92
N ALA A 205 -31.22 8.39 24.76
CA ALA A 205 -31.00 8.40 26.21
C ALA A 205 -31.19 7.06 26.92
N TRP A 206 -30.69 7.02 28.16
CA TRP A 206 -30.77 5.83 29.00
C TRP A 206 -30.97 6.27 30.44
N LEU A 207 -31.51 5.38 31.26
CA LEU A 207 -31.70 5.67 32.68
C LEU A 207 -30.58 4.90 33.36
N VAL A 208 -29.73 5.61 34.09
CA VAL A 208 -28.61 4.95 34.77
C VAL A 208 -28.57 5.32 36.24
N HIS A 209 -27.96 4.45 37.06
CA HIS A 209 -27.87 4.73 38.49
C HIS A 209 -26.81 5.80 38.73
N ARG A 210 -26.99 6.55 39.82
CA ARG A 210 -26.04 7.59 40.16
C ARG A 210 -24.82 6.91 40.75
N GLN A 211 -23.78 7.69 41.06
CA GLN A 211 -22.55 7.14 41.61
C GLN A 211 -21.81 6.28 40.59
N TRP A 212 -22.49 5.96 39.50
CA TRP A 212 -21.88 5.19 38.43
C TRP A 212 -21.58 6.24 37.38
N PHE A 213 -22.57 7.12 37.20
CA PHE A 213 -22.48 8.23 36.27
C PHE A 213 -21.37 9.14 36.80
N LEU A 214 -21.40 9.38 38.10
CA LEU A 214 -20.44 10.25 38.78
C LEU A 214 -19.04 9.66 38.87
N ASP A 215 -18.92 8.37 38.65
CA ASP A 215 -17.63 7.70 38.72
C ASP A 215 -16.96 7.52 37.36
N LEU A 216 -17.74 7.74 36.29
CA LEU A 216 -17.20 7.60 34.94
C LEU A 216 -15.86 8.32 34.78
N PRO A 217 -14.84 7.59 34.28
CA PRO A 217 -13.52 8.13 34.07
C PRO A 217 -13.46 8.87 32.74
N LEU A 218 -13.99 10.08 32.73
CA LEU A 218 -14.00 10.90 31.53
C LEU A 218 -13.97 12.35 31.95
N PRO A 219 -13.45 13.23 31.08
CA PRO A 219 -13.41 14.64 31.44
C PRO A 219 -14.84 15.16 31.59
N TRP A 220 -15.09 16.04 32.57
CA TRP A 220 -16.43 16.55 32.77
C TRP A 220 -16.46 18.00 33.21
N LEU A 221 -17.66 18.56 33.25
CA LEU A 221 -17.88 19.93 33.65
C LEU A 221 -19.16 20.01 34.48
N PRO A 222 -19.15 20.85 35.52
CA PRO A 222 -20.36 20.95 36.35
C PRO A 222 -21.54 21.34 35.45
N GLY A 223 -22.71 20.75 35.73
CA GLY A 223 -23.89 21.01 34.94
C GLY A 223 -24.17 22.44 34.50
N ALA A 224 -24.09 23.39 35.42
CA ALA A 224 -24.38 24.79 35.11
C ALA A 224 -23.29 25.53 34.34
N ASP A 225 -22.70 24.89 33.35
CA ASP A 225 -21.64 25.51 32.56
C ASP A 225 -22.13 25.88 31.18
N THR A 226 -21.38 26.73 30.49
CA THR A 226 -21.74 27.14 29.14
C THR A 226 -20.47 27.43 28.35
N GLN A 227 -19.34 27.51 29.06
CA GLN A 227 -18.06 27.74 28.42
C GLN A 227 -17.75 26.50 27.60
N GLY A 228 -17.81 25.35 28.27
CA GLY A 228 -17.53 24.08 27.62
C GLY A 228 -16.04 23.92 27.34
N SER A 229 -15.23 24.68 28.09
CA SER A 229 -13.78 24.64 27.89
C SER A 229 -12.97 24.11 29.06
N ASN A 230 -13.30 24.54 30.26
CA ASN A 230 -12.57 24.18 31.48
C ASN A 230 -12.73 22.77 32.06
N TRP A 231 -12.68 21.77 31.21
CA TRP A 231 -12.84 20.38 31.61
C TRP A 231 -12.03 19.90 32.80
N ILE A 232 -12.65 19.03 33.58
CA ILE A 232 -12.05 18.45 34.79
C ILE A 232 -11.59 17.03 34.50
N GLN A 233 -10.35 16.72 34.93
CA GLN A 233 -9.71 15.42 34.73
C GLN A 233 -9.60 15.03 33.26
N LYS A 234 -8.95 15.92 32.50
CA LYS A 234 -8.71 15.72 31.09
C LYS A 234 -7.75 14.56 30.86
N GLU A 235 -6.87 14.30 31.84
CA GLU A 235 -5.91 13.21 31.72
C GLU A 235 -6.59 11.88 31.42
N THR A 236 -7.88 11.79 31.68
CA THR A 236 -8.60 10.55 31.40
C THR A 236 -8.60 10.25 29.89
N LEU A 237 -8.55 11.27 29.05
CA LEU A 237 -8.51 11.08 27.60
C LEU A 237 -7.15 11.46 27.03
N VAL A 238 -6.18 11.68 27.90
CA VAL A 238 -4.86 12.06 27.42
C VAL A 238 -3.79 11.16 27.97
N THR A 239 -2.78 10.92 27.15
CA THR A 239 -1.67 10.09 27.55
C THR A 239 -0.39 10.83 27.25
N PHE A 240 0.48 10.92 28.25
CA PHE A 240 1.75 11.58 28.10
C PHE A 240 2.81 10.48 27.95
N LYS A 241 3.48 10.45 26.80
CA LYS A 241 4.52 9.47 26.55
C LYS A 241 5.72 9.80 27.44
N ASN A 242 6.67 8.87 27.52
CA ASN A 242 7.86 9.12 28.33
C ASN A 242 8.52 10.36 27.74
N PRO A 243 8.96 11.28 28.60
CA PRO A 243 9.58 12.50 28.09
C PRO A 243 11.01 12.33 27.58
N HIS A 244 11.49 13.38 26.91
CA HIS A 244 12.85 13.41 26.40
C HIS A 244 13.41 14.71 26.97
N ALA A 245 14.72 14.86 26.92
CA ALA A 245 15.37 16.03 27.46
C ALA A 245 14.65 17.37 27.23
N LYS A 246 14.16 17.62 26.02
CA LYS A 246 13.51 18.90 25.72
C LYS A 246 12.12 18.82 25.12
N LYS A 247 11.64 17.63 24.78
CA LYS A 247 10.30 17.50 24.20
C LYS A 247 9.63 16.25 24.73
N GLN A 248 8.31 16.23 24.61
CA GLN A 248 7.52 15.11 25.08
C GLN A 248 6.27 15.07 24.23
N ASP A 249 5.87 13.87 23.84
CA ASP A 249 4.68 13.73 23.01
C ASP A 249 3.46 13.50 23.86
N VAL A 250 2.32 13.98 23.38
CA VAL A 250 1.07 13.79 24.09
C VAL A 250 0.04 13.37 23.06
N VAL A 251 -0.65 12.26 23.34
CA VAL A 251 -1.67 11.76 22.42
C VAL A 251 -2.97 11.62 23.18
N VAL A 252 -4.08 11.78 22.46
CA VAL A 252 -5.39 11.66 23.06
C VAL A 252 -6.03 10.35 22.64
N LEU A 253 -6.77 9.73 23.56
CA LEU A 253 -7.46 8.49 23.24
C LEU A 253 -8.45 8.76 22.13
N GLY A 254 -8.98 7.70 21.53
CA GLY A 254 -9.96 7.89 20.47
C GLY A 254 -11.34 8.03 21.08
N SER A 255 -12.33 8.33 20.25
CA SER A 255 -13.70 8.50 20.74
C SER A 255 -14.11 7.36 21.67
N GLN A 256 -14.97 7.67 22.63
CA GLN A 256 -15.42 6.67 23.58
C GLN A 256 -16.91 6.40 23.40
N GLU A 257 -17.51 7.00 22.36
CA GLU A 257 -18.92 6.80 22.11
C GLU A 257 -19.20 5.29 22.05
N GLY A 258 -18.33 4.57 21.33
CA GLY A 258 -18.48 3.13 21.21
C GLY A 258 -18.31 2.40 22.53
N ALA A 259 -17.22 2.70 23.24
CA ALA A 259 -16.98 2.06 24.53
C ALA A 259 -18.16 2.30 25.45
N MET A 260 -18.82 3.43 25.24
CA MET A 260 -19.98 3.80 26.06
C MET A 260 -21.20 2.97 25.65
N HIS A 261 -21.56 3.04 24.37
CA HIS A 261 -22.70 2.29 23.84
C HIS A 261 -22.69 0.85 24.31
N THR A 262 -21.71 0.09 23.87
CA THR A 262 -21.62 -1.32 24.26
C THR A 262 -21.36 -1.49 25.75
N ALA A 263 -21.49 -0.40 26.51
CA ALA A 263 -21.30 -0.43 27.97
C ALA A 263 -22.63 -0.19 28.66
N LEU A 264 -23.55 0.45 27.93
CA LEU A 264 -24.88 0.76 28.43
C LEU A 264 -25.89 -0.36 28.15
N THR A 265 -25.51 -1.31 27.30
CA THR A 265 -26.42 -2.41 27.00
C THR A 265 -26.87 -3.01 28.33
N GLY A 266 -28.19 -3.12 28.51
CA GLY A 266 -28.71 -3.67 29.75
C GLY A 266 -29.58 -2.68 30.49
N ALA A 267 -29.10 -1.45 30.61
CA ALA A 267 -29.84 -0.39 31.30
C ALA A 267 -31.06 0.04 30.50
N THR A 268 -32.18 0.27 31.17
CA THR A 268 -33.42 0.66 30.51
C THR A 268 -33.25 1.87 29.59
N GLU A 269 -33.55 1.67 28.31
CA GLU A 269 -33.44 2.74 27.33
C GLU A 269 -34.64 3.67 27.47
N ILE A 270 -34.41 4.97 27.34
CA ILE A 270 -35.49 5.95 27.47
C ILE A 270 -35.72 6.70 26.17
N GLN A 271 -36.95 6.68 25.70
CA GLN A 271 -37.32 7.37 24.47
C GLN A 271 -37.23 8.86 24.73
N MET A 272 -37.27 9.65 23.65
CA MET A 272 -37.22 11.10 23.79
C MET A 272 -37.41 11.80 22.45
N SER A 273 -37.71 13.10 22.51
CA SER A 273 -37.91 13.88 21.30
C SER A 273 -37.91 15.36 21.68
N SER A 274 -37.46 16.19 20.73
CA SER A 274 -37.41 17.62 20.96
C SER A 274 -36.60 17.93 22.22
N GLY A 275 -35.62 17.07 22.49
CA GLY A 275 -34.75 17.26 23.65
C GLY A 275 -35.38 16.81 24.96
N ASN A 276 -36.69 16.55 24.95
CA ASN A 276 -37.37 16.12 26.15
C ASN A 276 -37.38 14.61 26.31
N LEU A 277 -37.33 14.15 27.54
CA LEU A 277 -37.34 12.72 27.83
C LEU A 277 -38.79 12.30 28.02
N LEU A 278 -39.12 11.09 27.59
CA LEU A 278 -40.49 10.58 27.72
C LEU A 278 -40.52 9.37 28.61
N PHE A 279 -41.60 9.23 29.36
CA PHE A 279 -41.75 8.07 30.24
C PHE A 279 -43.17 7.60 30.12
N THR A 280 -43.44 6.44 30.71
CA THR A 280 -44.77 5.88 30.72
C THR A 280 -45.27 6.13 32.14
N GLY A 281 -46.00 7.22 32.31
CA GLY A 281 -46.52 7.61 33.62
C GLY A 281 -47.75 6.87 34.12
N HIS A 282 -48.07 7.11 35.38
CA HIS A 282 -49.23 6.50 36.04
C HIS A 282 -49.94 7.60 36.84
N LEU A 283 -51.22 7.82 36.57
CA LEU A 283 -51.96 8.84 37.28
C LEU A 283 -53.22 8.36 37.98
N LYS A 284 -53.57 9.07 39.05
CA LYS A 284 -54.80 8.85 39.80
C LYS A 284 -55.45 10.23 39.77
N CYS A 285 -56.70 10.30 39.33
CA CYS A 285 -57.35 11.58 39.27
C CYS A 285 -58.76 11.50 39.81
N ARG A 286 -59.31 12.67 40.10
CA ARG A 286 -60.68 12.77 40.60
C ARG A 286 -61.32 13.87 39.75
N LEU A 287 -62.53 13.62 39.28
CA LEU A 287 -63.18 14.62 38.45
C LEU A 287 -64.61 14.86 38.90
N ARG A 288 -65.11 16.06 38.58
CA ARG A 288 -66.46 16.47 38.94
C ARG A 288 -67.14 16.91 37.65
N MET A 289 -68.41 16.53 37.48
CA MET A 289 -69.17 16.84 36.28
C MET A 289 -70.34 17.82 36.47
N ASP A 290 -70.40 18.45 37.64
CA ASP A 290 -71.49 19.38 37.90
C ASP A 290 -71.59 20.51 36.89
N LYS A 291 -70.52 20.79 36.15
CA LYS A 291 -70.56 21.85 35.14
C LYS A 291 -70.70 21.35 33.70
N LEU A 292 -70.96 20.05 33.56
CA LEU A 292 -71.16 19.45 32.24
C LEU A 292 -72.65 19.29 31.99
N GLN A 293 -73.05 19.33 30.73
CA GLN A 293 -74.45 19.12 30.42
C GLN A 293 -74.53 18.55 29.03
N LEU A 294 -75.65 17.94 28.70
CA LEU A 294 -75.84 17.33 27.40
C LEU A 294 -75.93 18.33 26.27
N LYS A 295 -75.18 18.09 25.20
CA LYS A 295 -75.18 18.96 24.03
C LYS A 295 -76.36 18.61 23.13
N GLY A 296 -77.33 19.50 23.02
CA GLY A 296 -78.46 19.20 22.16
C GLY A 296 -79.81 19.06 22.82
N MET A 297 -79.87 19.17 24.14
CA MET A 297 -81.16 19.07 24.80
C MET A 297 -82.05 20.14 24.17
N SER A 298 -83.35 19.92 24.21
CA SER A 298 -84.32 20.86 23.64
C SER A 298 -84.25 20.92 22.12
N TYR A 299 -84.42 19.75 21.51
CA TYR A 299 -84.45 19.61 20.06
C TYR A 299 -85.75 18.88 19.84
N SER A 300 -85.94 18.38 18.64
CA SER A 300 -87.14 17.62 18.31
C SER A 300 -86.75 16.14 18.30
N MET A 301 -87.74 15.26 18.43
CA MET A 301 -87.46 13.82 18.43
C MET A 301 -87.60 13.37 16.97
N CYS A 302 -86.46 13.15 16.30
CA CYS A 302 -86.47 12.76 14.90
C CYS A 302 -87.72 12.02 14.57
N THR A 303 -88.43 12.46 13.54
CA THR A 303 -89.62 11.75 13.13
C THR A 303 -89.32 11.36 11.68
N GLY A 304 -88.60 10.26 11.48
CA GLY A 304 -88.27 9.86 10.12
C GLY A 304 -87.66 8.48 9.94
N LYS A 305 -86.66 8.34 9.05
CA LYS A 305 -86.01 7.05 8.79
C LYS A 305 -84.50 6.95 8.85
N PHE A 306 -84.05 5.73 9.17
CA PHE A 306 -82.63 5.42 9.24
C PHE A 306 -82.33 4.11 8.56
N LYS A 307 -81.19 4.09 7.88
CA LYS A 307 -80.75 2.89 7.19
C LYS A 307 -79.42 2.52 7.84
N VAL A 308 -79.38 1.38 8.51
CA VAL A 308 -78.15 0.94 9.14
C VAL A 308 -77.05 0.99 8.07
N VAL A 309 -76.13 1.94 8.21
CA VAL A 309 -75.05 2.11 7.24
C VAL A 309 -74.33 0.81 6.89
N LYS A 310 -74.00 -0.01 7.89
CA LYS A 310 -73.34 -1.28 7.62
C LYS A 310 -73.55 -2.28 8.75
N GLU A 311 -72.80 -3.37 8.71
CA GLU A 311 -72.90 -4.43 9.71
C GLU A 311 -72.70 -3.97 11.15
N ILE A 312 -73.71 -4.23 11.99
CA ILE A 312 -73.63 -3.87 13.40
C ILE A 312 -72.36 -4.51 13.93
N ALA A 313 -71.64 -3.79 14.78
CA ALA A 313 -70.38 -4.31 15.31
C ALA A 313 -70.43 -4.62 16.80
N GLU A 314 -69.68 -5.64 17.19
CA GLU A 314 -69.55 -6.06 18.58
C GLU A 314 -68.20 -5.58 19.07
N THR A 315 -68.18 -4.92 20.21
CA THR A 315 -66.93 -4.42 20.77
C THR A 315 -66.35 -5.45 21.72
N GLN A 316 -65.18 -5.13 22.26
CA GLN A 316 -64.53 -6.01 23.22
C GLN A 316 -65.13 -5.80 24.60
N HIS A 317 -66.15 -4.97 24.73
CA HIS A 317 -66.71 -4.67 26.03
C HIS A 317 -68.20 -4.91 26.24
N GLY A 318 -68.72 -6.00 25.68
CA GLY A 318 -70.11 -6.30 25.87
C GLY A 318 -71.04 -5.22 25.35
N THR A 319 -70.57 -4.49 24.34
CA THR A 319 -71.39 -3.43 23.78
C THR A 319 -71.39 -3.51 22.26
N ILE A 320 -72.29 -2.73 21.66
CA ILE A 320 -72.40 -2.72 20.20
C ILE A 320 -72.34 -1.31 19.64
N VAL A 321 -71.88 -1.20 18.39
CA VAL A 321 -71.80 0.10 17.73
C VAL A 321 -72.68 0.10 16.48
N ILE A 322 -73.82 0.77 16.53
CA ILE A 322 -74.72 0.81 15.39
C ILE A 322 -74.63 2.09 14.58
N ARG A 323 -74.22 1.98 13.32
CA ARG A 323 -74.13 3.14 12.42
C ARG A 323 -75.50 3.37 11.79
N VAL A 324 -76.00 4.60 11.79
CA VAL A 324 -77.29 4.87 11.19
C VAL A 324 -77.24 6.27 10.60
N GLN A 325 -78.08 6.53 9.61
CA GLN A 325 -78.10 7.85 8.99
C GLN A 325 -79.53 8.15 8.59
N TYR A 326 -79.99 9.36 8.94
CA TYR A 326 -81.34 9.77 8.61
C TYR A 326 -81.50 9.65 7.09
N GLY A 328 -83.27 10.92 5.67
CA GLY A 328 -84.47 10.86 6.50
C GLY A 328 -85.22 12.16 6.83
N ASP A 329 -86.52 12.05 7.11
CA ASP A 329 -87.47 13.12 7.47
C ASP A 329 -87.27 14.15 8.58
N GLY A 330 -86.21 14.94 8.59
CA GLY A 330 -86.15 15.85 9.73
C GLY A 330 -84.94 16.75 9.97
N SER A 331 -85.10 17.55 11.02
CA SER A 331 -84.14 18.51 11.49
C SER A 331 -82.93 17.73 11.96
N PRO A 332 -81.87 18.45 12.34
CA PRO A 332 -80.65 17.82 12.86
C PRO A 332 -81.35 17.45 14.18
N CYS A 333 -81.65 16.17 14.41
CA CYS A 333 -82.44 15.81 15.59
C CYS A 333 -81.95 14.73 16.53
N LYS A 334 -82.70 14.59 17.62
CA LYS A 334 -82.46 13.58 18.65
C LYS A 334 -82.83 12.24 17.99
N ILE A 335 -82.61 11.28 18.23
CA ILE A 335 -82.86 9.92 17.75
C ILE A 335 -83.66 9.12 18.77
N PRO A 336 -84.47 8.50 18.52
CA PRO A 336 -85.18 7.59 19.43
C PRO A 336 -84.51 6.22 19.51
N PHE A 337 -83.72 6.01 20.55
CA PHE A 337 -83.05 4.75 20.72
C PHE A 337 -83.67 4.11 21.91
N GLU A 338 -83.79 2.79 21.89
CA GLU A 338 -84.37 2.11 23.01
C GLU A 338 -84.22 0.62 22.82
N ILE A 339 -83.65 -0.04 23.82
CA ILE A 339 -83.45 -1.48 23.77
C ILE A 339 -84.43 -2.16 24.72
N MET A 340 -85.37 -2.92 24.16
CA MET A 340 -86.36 -3.58 24.99
C MET A 340 -86.28 -5.08 24.85
N ASP A 341 -87.22 -5.78 25.49
CA ASP A 341 -87.27 -7.23 25.41
C ASP A 341 -87.96 -7.65 24.10
N LEU A 342 -88.06 -8.96 23.87
CA LEU A 342 -88.70 -9.46 22.66
C LEU A 342 -90.13 -9.00 22.54
N GLU A 343 -90.76 -8.75 23.68
CA GLU A 343 -92.15 -8.31 23.70
C GLU A 343 -92.32 -6.80 23.66
N LYS A 344 -91.21 -6.08 23.66
CA LYS A 344 -91.28 -4.62 23.65
C LYS A 344 -92.08 -4.09 24.85
N ARG A 345 -92.03 -4.78 25.99
CA ARG A 345 -92.75 -4.35 27.18
C ARG A 345 -91.92 -3.48 28.13
N HIS A 346 -90.73 -3.94 28.49
CA HIS A 346 -89.88 -3.17 29.37
C HIS A 346 -88.55 -2.76 28.70
N VAL A 347 -87.90 -1.76 29.28
CA VAL A 347 -86.64 -1.27 28.74
C VAL A 347 -85.51 -2.10 29.36
N LEU A 348 -84.56 -2.48 28.52
CA LEU A 348 -83.42 -3.26 28.97
C LEU A 348 -82.15 -2.59 28.45
N GLY A 349 -80.98 -3.00 28.96
CA GLY A 349 -79.75 -2.39 28.51
C GLY A 349 -79.71 -0.87 28.69
N ARG A 350 -78.69 -0.25 28.10
CA ARG A 350 -78.51 1.21 28.19
C ARG A 350 -77.52 1.72 27.16
N LEU A 351 -77.59 3.02 26.93
CA LEU A 351 -76.72 3.69 25.98
C LEU A 351 -75.43 4.15 26.63
N ILE A 352 -74.34 4.07 25.88
CA ILE A 352 -73.03 4.55 26.31
C ILE A 352 -72.93 5.93 25.61
N THR A 353 -73.47 5.96 24.40
CA THR A 353 -73.59 7.19 23.63
C THR A 353 -74.85 7.74 24.26
N VAL A 354 -74.89 9.01 24.63
CA VAL A 354 -76.09 9.49 25.26
C VAL A 354 -76.61 10.65 24.45
N ASN A 355 -77.93 10.83 24.44
CA ASN A 355 -78.61 11.86 23.66
C ASN A 355 -78.03 11.85 22.26
N PRO A 356 -78.03 10.67 21.62
CA PRO A 356 -77.51 10.50 20.27
C PRO A 356 -78.29 11.42 19.36
N ILE A 357 -77.60 12.10 18.46
CA ILE A 357 -78.26 13.05 17.58
C ILE A 357 -77.68 13.06 16.18
N VAL A 358 -78.47 13.54 15.23
CA VAL A 358 -78.04 13.64 13.83
C VAL A 358 -77.72 15.10 13.49
N THR A 359 -76.55 15.34 12.92
CA THR A 359 -76.13 16.68 12.56
C THR A 359 -76.44 16.99 11.09
N GLU A 360 -76.32 15.97 10.24
CA GLU A 360 -76.56 16.15 8.82
C GLU A 360 -77.34 15.01 8.17
N LYS A 361 -77.92 15.32 7.02
CA LYS A 361 -78.64 14.32 6.25
C LYS A 361 -77.49 13.55 5.61
N ASP A 362 -77.50 12.23 5.74
CA ASP A 362 -76.42 11.42 5.20
C ASP A 362 -75.12 11.73 5.94
N SER A 363 -75.13 11.44 7.24
CA SER A 363 -73.99 11.64 8.12
C SER A 363 -74.01 10.47 9.10
N PRO A 364 -73.34 9.37 8.75
CA PRO A 364 -73.30 8.19 9.62
C PRO A 364 -73.11 8.51 11.11
N VAL A 365 -74.16 8.28 11.89
CA VAL A 365 -74.06 8.58 13.32
C VAL A 365 -73.83 7.31 14.12
N ASN A 366 -72.58 7.00 14.41
CA ASN A 366 -72.27 5.81 15.19
C ASN A 366 -72.89 5.93 16.58
N ILE A 367 -73.36 4.81 17.11
CA ILE A 367 -73.97 4.78 18.43
C ILE A 367 -73.52 3.53 19.17
N GLU A 368 -72.90 3.72 20.34
CA GLU A 368 -72.48 2.58 21.14
C GLU A 368 -73.49 2.35 22.22
N ALA A 369 -73.96 1.11 22.32
CA ALA A 369 -74.95 0.77 23.33
C ALA A 369 -74.62 -0.55 23.98
N GLU A 370 -75.23 -0.78 25.14
CA GLU A 370 -75.02 -2.01 25.86
C GLU A 370 -76.33 -2.80 25.91
N PRO A 371 -76.43 -3.88 25.12
CA PRO A 371 -77.65 -4.70 25.10
C PRO A 371 -77.63 -5.64 26.30
N PRO A 372 -78.80 -6.00 26.84
CA PRO A 372 -78.76 -6.91 27.98
C PRO A 372 -78.25 -8.25 27.49
N PHE A 373 -78.00 -9.18 28.39
CA PHE A 373 -77.53 -10.49 27.97
C PHE A 373 -78.74 -11.24 27.39
N GLY A 374 -78.50 -12.04 26.37
CA GLY A 374 -79.59 -12.77 25.77
C GLY A 374 -80.24 -12.05 24.60
N ASP A 375 -81.56 -12.11 24.52
CA ASP A 375 -82.34 -11.50 23.45
C ASP A 375 -82.91 -10.13 23.77
N SER A 376 -82.91 -9.26 22.76
CA SER A 376 -83.43 -7.90 22.90
C SER A 376 -83.72 -7.26 21.53
N TYR A 377 -84.62 -6.30 21.52
CA TYR A 377 -84.97 -5.57 20.30
C TYR A 377 -84.33 -4.20 20.31
N ILE A 378 -83.62 -3.87 19.25
CA ILE A 378 -83.00 -2.56 19.19
C ILE A 378 -83.94 -1.70 18.35
N ILE A 379 -84.71 -0.85 19.04
CA ILE A 379 -85.67 0.03 18.40
C ILE A 379 -85.18 1.43 18.09
N ILE A 380 -84.75 1.64 16.84
CA ILE A 380 -84.26 2.93 16.38
C ILE A 380 -85.32 3.64 15.55
N GLY A 381 -85.70 4.85 15.98
CA GLY A 381 -86.65 5.62 15.19
C GLY A 381 -88.10 5.66 15.64
N VAL A 382 -88.96 6.14 14.73
CA VAL A 382 -90.38 6.26 15.02
C VAL A 382 -91.33 5.59 14.04
N GLU A 383 -92.62 5.78 14.28
CA GLU A 383 -93.72 5.16 13.51
C GLU A 383 -94.00 5.02 12.00
N PRO A 384 -92.98 5.16 11.15
CA PRO A 384 -93.27 4.95 9.73
C PRO A 384 -92.61 3.57 9.78
N GLY A 385 -91.30 3.59 10.04
CA GLY A 385 -90.55 2.36 10.18
C GLY A 385 -89.68 2.26 11.44
N GLN A 386 -90.29 2.20 12.64
CA GLN A 386 -89.50 2.06 13.88
C GLN A 386 -88.67 0.81 13.55
N LEU A 387 -87.35 0.94 13.60
CA LEU A 387 -86.42 -0.14 13.25
C LEU A 387 -86.16 -1.29 14.22
N LYS A 388 -87.00 -2.32 14.21
CA LYS A 388 -86.78 -3.44 15.12
C LYS A 388 -85.63 -4.34 14.68
N LEU A 389 -84.51 -4.28 15.37
CA LEU A 389 -83.35 -5.11 15.04
C LEU A 389 -83.18 -6.11 16.17
N ASN A 390 -83.22 -7.41 15.85
CA ASN A 390 -83.06 -8.42 16.89
C ASN A 390 -81.59 -8.52 17.26
N TRP A 391 -81.31 -8.80 18.53
CA TRP A 391 -79.94 -8.96 18.96
C TRP A 391 -79.80 -9.98 20.07
N PHE A 392 -78.73 -10.76 19.97
CA PHE A 392 -78.45 -11.79 20.96
C PHE A 392 -77.04 -11.57 21.49
N LYS A 393 -76.93 -11.35 22.79
CA LYS A 393 -75.64 -11.12 23.41
C LYS A 393 -75.19 -12.37 24.18
N LYS A 394 -74.10 -12.98 23.72
CA LYS A 394 -73.55 -14.18 24.33
C LYS A 394 -72.31 -13.83 25.13
N PHE B 1 11.42 30.02 7.18
CA PHE B 1 10.70 30.06 8.49
C PHE B 1 10.46 31.48 8.98
N HIS B 2 9.40 31.65 9.75
CA HIS B 2 9.07 32.95 10.32
C HIS B 2 9.78 33.14 11.65
N LEU B 3 10.58 34.20 11.75
CA LEU B 3 11.29 34.47 12.98
C LEU B 3 10.50 35.46 13.84
N THR B 4 10.16 35.03 15.05
CA THR B 4 9.38 35.82 16.00
C THR B 4 10.08 35.64 17.37
N THR B 5 9.36 35.90 18.47
CA THR B 5 9.96 35.73 19.81
C THR B 5 9.00 35.10 20.82
N ARG B 6 9.56 34.57 21.90
CA ARG B 6 8.76 33.98 22.97
C ARG B 6 9.45 34.36 24.27
N ASN B 7 8.98 35.45 24.88
CA ASN B 7 9.56 35.92 26.12
C ASN B 7 11.01 36.36 25.91
N GLY B 8 11.21 37.28 24.96
CA GLY B 8 12.54 37.79 24.70
C GLY B 8 13.44 36.86 23.93
N GLU B 9 13.08 35.58 23.88
CA GLU B 9 13.90 34.61 23.16
C GLU B 9 13.43 34.39 21.72
N PRO B 10 14.37 34.13 20.81
CA PRO B 10 13.98 33.90 19.42
C PRO B 10 13.14 32.61 19.26
N HIS B 11 12.13 32.68 18.39
CA HIS B 11 11.23 31.56 18.13
C HIS B 11 11.12 31.29 16.63
N MET B 12 11.30 30.03 16.23
CA MET B 12 11.24 29.68 14.81
C MET B 12 10.00 28.89 14.41
N ILE B 13 9.19 29.46 13.52
CA ILE B 13 8.01 28.78 13.01
C ILE B 13 8.52 28.14 11.74
N VAL B 14 8.80 26.84 11.79
CA VAL B 14 9.36 26.11 10.66
C VAL B 14 8.32 25.40 9.80
N SER B 15 8.36 25.66 8.50
CA SER B 15 7.41 25.03 7.58
C SER B 15 8.00 23.76 7.01
N ARG B 16 7.18 23.03 6.27
CA ARG B 16 7.55 21.76 5.68
C ARG B 16 8.73 21.78 4.70
N GLN B 17 8.81 22.81 3.88
CA GLN B 17 9.87 22.89 2.88
C GLN B 17 11.26 23.16 3.44
N GLU B 18 11.38 23.23 4.75
CA GLU B 18 12.69 23.51 5.34
C GLU B 18 13.33 22.29 5.98
N LYS B 19 12.60 21.17 5.95
CA LYS B 19 13.09 19.92 6.50
C LYS B 19 14.43 19.59 5.85
N GLY B 20 15.44 19.33 6.66
CA GLY B 20 16.74 18.97 6.11
C GLY B 20 17.69 20.10 5.78
N LYS B 21 17.32 21.33 6.11
CA LYS B 21 18.24 22.42 5.83
C LYS B 21 18.58 23.26 7.04
N SER B 22 19.84 23.65 7.10
CA SER B 22 20.40 24.46 8.17
C SER B 22 19.60 25.75 8.36
N LEU B 23 19.22 26.05 9.59
CA LEU B 23 18.43 27.24 9.86
C LEU B 23 19.33 28.38 10.38
N LEU B 24 19.47 29.43 9.58
CA LEU B 24 20.31 30.56 9.95
C LEU B 24 19.58 31.89 10.12
N PHE B 25 19.87 32.59 11.20
CA PHE B 25 19.28 33.89 11.44
C PHE B 25 20.20 34.75 12.29
N LYS B 26 20.42 35.97 11.82
CA LYS B 26 21.28 36.96 12.45
C LYS B 26 20.81 37.38 13.84
N THR B 27 21.76 37.62 14.74
CA THR B 27 21.48 38.07 16.10
C THR B 27 22.65 38.94 16.58
N GLU B 28 22.34 39.92 17.41
CA GLU B 28 23.35 40.82 17.96
C GLU B 28 24.67 40.12 18.24
N ASP B 29 24.61 38.89 18.75
CA ASP B 29 25.79 38.11 19.08
C ASP B 29 26.32 37.31 17.89
N GLY B 30 26.14 37.81 16.68
CA GLY B 30 26.61 37.09 15.51
C GLY B 30 25.50 36.27 14.86
N VAL B 31 25.91 35.40 13.94
CA VAL B 31 24.98 34.55 13.21
C VAL B 31 24.70 33.25 13.95
N ASN B 32 23.42 32.94 14.14
CA ASN B 32 23.01 31.72 14.82
C ASN B 32 22.64 30.60 13.86
N MET B 33 23.15 29.39 14.10
CA MET B 33 22.84 28.25 13.27
C MET B 33 22.16 27.14 14.06
N CYS B 34 20.85 26.97 13.88
CA CYS B 34 20.15 25.92 14.59
C CYS B 34 20.05 24.75 13.66
N THR B 35 20.03 23.56 14.22
CA THR B 35 19.96 22.35 13.43
C THR B 35 18.68 21.61 13.80
N LEU B 36 17.83 21.37 12.82
CA LEU B 36 16.57 20.69 13.05
C LEU B 36 16.68 19.28 12.47
N MET B 37 16.46 18.29 13.32
CA MET B 37 16.57 16.89 12.96
C MET B 37 15.25 16.16 13.21
N ALA B 38 14.20 16.89 13.55
CA ALA B 38 12.90 16.28 13.84
C ALA B 38 12.36 15.40 12.71
N ASP B 40 9.52 13.80 12.67
CA ASP B 40 8.09 14.06 12.51
C ASP B 40 7.71 15.44 11.97
N LEU B 41 8.70 16.22 11.54
CA LEU B 41 8.45 17.55 10.99
C LEU B 41 7.55 17.42 9.74
N GLY B 42 6.37 18.03 9.78
CA GLY B 42 5.47 17.94 8.66
C GLY B 42 4.96 19.27 8.13
N GLU B 43 3.66 19.35 7.87
CA GLU B 43 3.05 20.58 7.37
C GLU B 43 2.55 21.43 8.53
N LEU B 44 2.68 22.74 8.41
CA LEU B 44 2.21 23.62 9.46
C LEU B 44 0.70 23.57 9.53
N CYS B 45 0.18 23.17 10.68
CA CYS B 45 -1.28 23.10 10.84
C CYS B 45 -1.69 23.37 12.28
N GLU B 46 -2.84 22.81 12.68
CA GLU B 46 -3.36 23.00 14.03
C GLU B 46 -2.57 22.17 15.02
N ASP B 47 -2.12 21.01 14.56
CA ASP B 47 -1.34 20.13 15.42
C ASP B 47 0.11 20.58 15.41
N THR B 48 0.42 21.55 16.26
CA THR B 48 1.77 22.08 16.35
C THR B 48 2.55 21.47 17.50
N ILE B 49 3.68 21.45 17.57
CA ILE B 49 4.41 21.27 18.81
C ILE B 49 5.51 22.32 18.95
N THR B 50 5.80 22.73 20.01
CA THR B 50 6.68 23.83 20.35
C THR B 50 7.60 23.47 21.51
N TYR B 51 8.90 23.64 21.30
CA TYR B 51 9.87 23.33 22.33
C TYR B 51 11.20 24.03 22.07
N LYS B 52 12.14 23.87 23.01
CA LYS B 52 13.42 24.55 22.88
C LYS B 52 14.62 23.80 22.35
N CYS B 53 15.40 24.51 21.54
CA CYS B 53 16.60 24.00 20.94
C CYS B 53 17.75 24.61 21.73
N PRO B 54 18.37 23.81 22.62
CA PRO B 54 19.46 24.28 23.46
C PRO B 54 20.74 24.70 22.75
N LEU B 55 21.52 25.51 23.46
CA LEU B 55 22.80 25.96 22.96
C LEU B 55 23.74 24.81 23.25
N LEU B 56 24.56 24.46 22.28
CA LEU B 56 25.49 23.37 22.43
C LEU B 56 26.86 23.77 21.92
N ARG B 57 27.80 23.94 22.87
CA ARG B 57 29.16 24.30 22.56
C ARG B 57 30.04 23.06 22.75
N GLN B 58 30.73 22.67 21.69
CA GLN B 58 31.62 21.50 21.71
C GLN B 58 31.16 20.35 22.61
N ASN B 59 29.92 19.92 22.40
CA ASN B 59 29.32 18.80 23.15
C ASN B 59 28.50 18.08 22.10
N GLU B 60 28.51 16.76 22.14
CA GLU B 60 27.73 15.99 21.18
C GLU B 60 26.26 16.02 21.66
N PRO B 61 25.30 16.05 20.72
CA PRO B 61 23.90 16.08 21.13
C PRO B 61 23.43 14.73 21.63
N GLU B 62 22.55 14.74 22.62
CA GLU B 62 22.03 13.50 23.17
C GLU B 62 20.57 13.67 23.56
N ASP B 63 19.74 12.73 23.11
CA ASP B 63 18.31 12.76 23.39
C ASP B 63 17.59 14.05 22.95
N ILE B 64 17.99 14.59 21.80
CA ILE B 64 17.38 15.79 21.23
C ILE B 64 17.46 15.81 19.69
N ASP B 65 16.57 16.55 19.06
CA ASP B 65 16.56 16.64 17.61
C ASP B 65 16.61 18.08 17.13
N CYS B 66 16.91 18.98 18.04
CA CYS B 66 17.04 20.40 17.71
C CYS B 66 18.05 21.05 18.64
N TRP B 67 18.91 21.89 18.07
CA TRP B 67 19.89 22.61 18.86
C TRP B 67 20.52 23.69 18.01
N CYS B 68 20.96 24.76 18.68
CA CYS B 68 21.59 25.89 18.02
C CYS B 68 23.00 25.98 18.59
N ASN B 69 23.88 26.74 17.93
CA ASN B 69 25.25 26.84 18.42
C ASN B 69 25.68 28.22 18.87
N SER B 70 24.75 29.14 19.07
CA SER B 70 25.15 30.47 19.48
C SER B 70 24.16 31.08 20.45
N THR B 71 22.89 30.74 20.27
CA THR B 71 21.86 31.26 21.15
C THR B 71 20.64 30.34 21.16
N SER B 72 20.31 29.83 22.33
CA SER B 72 19.15 28.96 22.53
C SER B 72 17.95 29.54 21.80
N THR B 73 17.23 28.69 21.07
CA THR B 73 16.06 29.15 20.30
C THR B 73 14.86 28.24 20.47
N TRP B 74 13.66 28.80 20.44
CA TRP B 74 12.45 28.01 20.54
C TRP B 74 12.11 27.63 19.11
N VAL B 75 11.45 26.49 18.92
CA VAL B 75 11.04 26.06 17.57
C VAL B 75 9.62 25.54 17.61
N THR B 76 8.91 25.75 16.52
CA THR B 76 7.53 25.29 16.36
C THR B 76 7.28 24.81 14.93
N TYR B 77 6.63 23.66 14.82
CA TYR B 77 6.30 23.11 13.51
C TYR B 77 5.08 22.21 13.61
N GLY B 78 4.40 21.99 12.49
CA GLY B 78 3.24 21.13 12.51
C GLY B 78 3.65 19.70 12.18
N THR B 79 2.76 18.75 12.46
CA THR B 79 3.05 17.34 12.20
C THR B 79 2.18 16.76 11.07
N CYS B 80 1.22 17.54 10.58
CA CYS B 80 0.33 17.13 9.50
C CYS B 80 1.11 16.71 8.25
N THR B 81 0.44 16.01 7.34
CA THR B 81 1.10 15.60 6.09
C THR B 81 0.16 15.72 4.91
N ALA C 1 31.02 46.03 10.01
CA ALA C 1 30.66 46.92 8.91
C ALA C 1 29.17 47.29 8.88
N ALA C 2 28.43 46.83 9.89
CA ALA C 2 27.03 47.16 10.12
C ALA C 2 26.82 48.68 10.20
N GLN C 3 25.93 49.19 9.35
CA GLN C 3 25.57 50.60 9.30
C GLN C 3 24.05 50.75 9.06
N LEU C 4 23.51 51.79 9.69
CA LEU C 4 22.17 52.26 9.44
C LEU C 4 22.27 53.72 9.01
N GLN C 5 21.61 54.07 7.92
CA GLN C 5 21.68 55.41 7.35
C GLN C 5 20.24 55.93 7.29
N GLU C 6 19.93 56.81 8.23
CA GLU C 6 18.63 57.48 8.26
C GLU C 6 18.45 58.53 7.15
N SER C 7 17.21 58.96 6.87
CA SER C 7 17.07 60.20 6.07
C SER C 7 17.59 61.46 6.78
N GLY C 8 17.62 62.60 6.07
CA GLY C 8 18.04 63.88 6.64
C GLY C 8 16.93 64.60 7.39
N PRO C 9 17.30 65.58 8.24
CA PRO C 9 16.34 66.39 8.98
C PRO C 9 15.20 66.96 8.14
N GLU C 10 14.04 66.99 8.77
CA GLU C 10 12.78 67.46 8.21
C GLU C 10 12.25 68.58 9.11
N LEU C 11 11.64 69.59 8.47
CA LEU C 11 10.89 70.62 9.15
C LEU C 11 9.58 69.98 9.72
N VAL C 12 8.45 70.67 9.58
CA VAL C 12 7.22 70.38 8.82
C VAL C 12 6.07 71.12 9.48
N LYS C 13 4.93 71.26 8.79
CA LYS C 13 3.77 71.93 9.36
C LYS C 13 3.00 70.99 10.30
N PRO C 14 2.31 71.52 11.33
CA PRO C 14 1.33 70.72 12.06
C PRO C 14 0.23 70.23 11.11
N GLY C 15 -0.25 69.01 11.38
CA GLY C 15 -1.14 68.25 10.52
C GLY C 15 -0.46 67.54 9.34
N ALA C 16 0.78 67.90 8.98
CA ALA C 16 1.54 67.16 7.99
C ALA C 16 1.83 65.71 8.43
N SER C 17 2.43 64.96 7.52
CA SER C 17 3.03 63.65 7.77
C SER C 17 4.45 63.65 7.22
N VAL C 18 5.33 62.86 7.83
CA VAL C 18 6.71 62.62 7.37
C VAL C 18 7.01 61.13 7.31
N LYS C 19 8.16 60.74 6.75
CA LYS C 19 8.31 59.43 6.07
C LYS C 19 9.72 58.81 6.15
N ILE C 20 10.37 58.98 7.29
CA ILE C 20 11.77 58.69 7.62
C ILE C 20 12.37 57.37 7.12
N SER C 21 13.40 57.38 6.26
CA SER C 21 14.08 56.13 5.82
C SER C 21 15.29 55.74 6.70
N CYS C 22 15.92 54.57 6.46
CA CYS C 22 16.74 53.88 7.47
C CYS C 22 17.97 53.07 6.97
N LYS C 23 18.00 52.78 5.66
CA LYS C 23 19.03 52.07 4.90
C LYS C 23 20.13 51.32 5.69
N ALA C 24 19.85 50.05 5.99
CA ALA C 24 20.80 49.10 6.51
C ALA C 24 21.86 48.73 5.47
N SER C 25 23.07 48.41 5.93
CA SER C 25 24.05 47.64 5.16
C SER C 25 25.02 46.93 6.09
N GLY C 26 25.81 46.00 5.55
CA GLY C 26 26.78 45.20 6.30
C GLY C 26 26.17 44.07 7.13
N TYR C 27 24.92 43.69 6.86
CA TYR C 27 24.28 42.50 7.42
C TYR C 27 23.05 42.10 6.60
N THR C 28 22.65 40.86 6.81
CA THR C 28 21.39 40.25 6.42
C THR C 28 20.18 41.01 6.97
N PHE C 29 19.62 41.93 6.18
CA PHE C 29 18.46 42.73 6.59
C PHE C 29 17.32 41.89 7.17
N THR C 30 16.94 40.80 6.50
CA THR C 30 15.88 39.85 6.91
C THR C 30 16.05 39.19 8.27
N ASP C 31 17.28 39.11 8.75
CA ASP C 31 17.68 38.29 9.89
C ASP C 31 17.37 39.00 11.22
N TYR C 32 17.22 40.34 11.20
CA TYR C 32 17.13 41.14 12.42
C TYR C 32 16.04 42.21 12.45
N PHE C 33 15.49 42.43 13.65
CA PHE C 33 14.53 43.49 13.99
C PHE C 33 14.99 44.91 13.75
N ILE C 34 14.03 45.81 13.48
CA ILE C 34 14.26 47.23 13.19
C ILE C 34 13.38 48.16 14.05
N ASN C 35 14.04 49.01 14.85
CA ASN C 35 13.39 49.58 16.03
C ASN C 35 13.48 51.09 16.05
N TRP C 36 12.33 51.77 15.92
CA TRP C 36 12.40 53.21 15.98
C TRP C 36 12.38 53.72 17.41
N VAL C 37 12.92 54.92 17.59
CA VAL C 37 13.22 55.43 18.92
C VAL C 37 13.16 56.94 18.92
N ARG C 38 12.04 57.46 19.43
CA ARG C 38 11.88 58.88 19.69
C ARG C 38 12.81 59.31 20.82
N GLN C 39 13.40 60.49 20.73
CA GLN C 39 13.91 61.23 21.86
C GLN C 39 13.55 62.69 21.66
N SER C 40 12.64 63.24 22.46
CA SER C 40 12.44 64.69 22.44
C SER C 40 13.58 65.43 23.10
N HIS C 41 13.75 66.69 22.72
CA HIS C 41 14.73 67.60 23.31
C HIS C 41 14.59 67.63 24.84
N GLY C 42 15.64 67.24 25.57
CA GLY C 42 15.64 67.21 27.03
C GLY C 42 14.73 66.14 27.68
N LYS C 43 14.17 65.20 26.91
CA LYS C 43 13.56 63.96 27.42
C LYS C 43 14.52 62.77 27.23
N SER C 44 14.16 61.66 27.87
CA SER C 44 14.76 60.34 27.61
C SER C 44 14.31 59.74 26.28
N LEU C 45 14.87 58.58 25.94
CA LEU C 45 14.44 57.72 24.83
C LEU C 45 13.06 57.11 25.11
N GLU C 46 12.33 56.82 24.03
CA GLU C 46 10.94 56.39 23.94
C GLU C 46 10.81 55.42 22.77
N TRP C 47 10.78 54.12 23.09
CA TRP C 47 10.64 53.06 22.10
C TRP C 47 9.34 53.17 21.32
N ILE C 48 9.44 52.92 20.02
CA ILE C 48 8.39 53.05 19.01
C ILE C 48 8.66 51.95 17.92
N GLY C 49 8.10 50.72 18.04
CA GLY C 49 7.81 49.90 16.88
C GLY C 49 8.30 48.44 16.72
N ASP C 50 9.39 48.19 15.95
CA ASP C 50 10.23 46.97 16.02
C ASP C 50 10.33 46.04 14.79
N PHE C 51 9.30 45.99 13.92
CA PHE C 51 9.30 45.48 12.56
C PHE C 51 10.36 44.43 12.19
N TYR C 52 9.90 43.18 12.02
CA TYR C 52 10.72 42.06 11.58
C TYR C 52 10.69 41.87 10.06
N PRO C 53 11.74 42.27 9.32
CA PRO C 53 11.70 42.33 7.86
C PRO C 53 11.67 40.98 7.14
N ASN C 54 11.77 39.85 7.85
CA ASN C 54 11.49 38.56 7.23
C ASN C 54 9.99 38.39 6.90
N ASN C 55 9.10 38.83 7.79
CA ASN C 55 7.66 38.56 7.73
C ASN C 55 6.74 39.79 7.92
N ARG C 56 7.33 40.99 7.97
CA ARG C 56 6.66 42.29 8.20
C ARG C 56 5.64 42.37 9.34
N GLY C 57 5.84 41.56 10.38
CA GLY C 57 5.24 41.77 11.70
C GLY C 57 5.75 43.05 12.37
N PRO C 58 4.85 43.99 12.73
CA PRO C 58 5.16 45.04 13.67
C PRO C 58 5.01 44.58 15.15
N THR C 59 5.52 45.38 16.10
CA THR C 59 4.69 45.73 17.26
C THR C 59 4.66 47.28 17.34
N TYR C 60 3.96 47.76 18.37
CA TYR C 60 3.83 49.18 18.60
C TYR C 60 3.92 49.37 20.12
N ASN C 61 4.59 50.43 20.53
CA ASN C 61 4.24 51.06 21.79
C ASN C 61 2.83 51.64 21.69
N GLN C 62 1.93 51.34 22.62
CA GLN C 62 0.55 51.87 22.64
C GLN C 62 0.52 53.40 22.45
N LYS C 63 1.43 54.14 23.11
CA LYS C 63 1.55 55.61 22.99
C LYS C 63 1.67 56.15 21.55
N PHE C 64 2.15 55.31 20.64
CA PHE C 64 2.48 55.64 19.26
C PHE C 64 1.70 54.80 18.24
N GLU C 65 0.86 53.89 18.74
CA GLU C 65 -0.18 53.23 17.97
C GLU C 65 -1.18 54.29 17.46
N GLY C 66 -1.36 54.37 16.13
CA GLY C 66 -2.14 55.44 15.48
C GLY C 66 -1.30 56.65 15.00
N LYS C 67 -0.13 56.87 15.61
CA LYS C 67 0.79 57.96 15.25
C LYS C 67 1.80 57.52 14.20
N ALA C 68 2.36 56.32 14.38
CA ALA C 68 3.36 55.74 13.50
C ALA C 68 2.78 54.67 12.57
N THR C 69 3.53 54.31 11.54
CA THR C 69 3.28 53.13 10.69
C THR C 69 4.60 52.70 10.06
N LEU C 70 5.11 51.57 10.55
CA LEU C 70 6.37 50.99 10.14
C LEU C 70 6.17 50.15 8.87
N THR C 71 7.14 50.16 7.97
CA THR C 71 7.14 49.28 6.80
C THR C 71 8.53 49.08 6.24
N VAL C 72 8.81 47.90 5.71
CA VAL C 72 10.13 47.59 5.15
C VAL C 72 10.05 47.17 3.69
N ASP C 73 11.05 47.61 2.93
CA ASP C 73 11.40 47.07 1.62
C ASP C 73 12.73 46.29 1.67
N LYS C 74 12.50 44.98 1.75
CA LYS C 74 13.44 43.88 1.58
C LYS C 74 14.44 44.15 0.45
N SER C 75 13.91 44.48 -0.72
CA SER C 75 14.66 44.66 -1.97
C SER C 75 15.74 45.73 -1.85
N SER C 76 15.43 46.82 -1.13
CA SER C 76 16.38 47.91 -0.95
C SER C 76 17.07 47.85 0.40
N SER C 77 16.85 46.79 1.20
CA SER C 77 17.26 46.68 2.61
C SER C 77 17.06 47.98 3.40
N THR C 78 15.81 48.47 3.30
CA THR C 78 15.42 49.77 3.84
C THR C 78 14.21 49.58 4.74
N ALA C 79 14.25 50.21 5.91
CA ALA C 79 13.05 50.39 6.70
C ALA C 79 12.62 51.86 6.61
N TYR C 80 11.32 52.04 6.82
CA TYR C 80 10.58 53.27 6.76
C TYR C 80 9.68 53.42 7.98
N MET C 81 9.64 54.62 8.55
CA MET C 81 8.58 55.00 9.49
C MET C 81 7.82 56.20 8.93
N GLU C 82 6.51 56.03 8.72
CA GLU C 82 5.61 57.19 8.65
C GLU C 82 5.24 57.68 10.05
N LEU C 83 5.15 59.00 10.20
CA LEU C 83 4.48 59.70 11.30
C LEU C 83 3.41 60.63 10.74
N ARG C 84 2.21 60.57 11.33
CA ARG C 84 1.00 61.14 10.74
C ARG C 84 0.30 62.09 11.70
N SER C 85 -0.37 63.11 11.16
CA SER C 85 -1.03 64.15 11.96
C SER C 85 -0.10 64.75 13.00
N LEU C 86 1.07 65.20 12.52
CA LEU C 86 2.14 65.74 13.34
C LEU C 86 1.69 66.94 14.19
N THR C 87 2.17 66.97 15.43
CA THR C 87 1.95 68.08 16.37
C THR C 87 3.28 68.56 16.95
N SER C 88 3.31 69.70 17.62
CA SER C 88 4.56 70.22 18.19
C SER C 88 5.27 69.23 19.12
N ASP C 89 4.55 68.42 19.92
CA ASP C 89 5.19 67.39 20.74
C ASP C 89 5.97 66.33 19.94
N ASP C 90 5.55 66.05 18.70
CA ASP C 90 6.27 65.16 17.79
C ASP C 90 7.65 65.66 17.36
N SER C 91 8.04 66.88 17.72
CA SER C 91 9.37 67.39 17.45
C SER C 91 10.45 66.69 18.30
N ALA C 92 11.30 65.92 17.64
CA ALA C 92 12.19 64.96 18.28
C ALA C 92 13.22 64.40 17.28
N VAL C 93 14.22 63.67 17.76
CA VAL C 93 14.98 62.71 16.91
C VAL C 93 14.29 61.33 16.91
N TYR C 94 14.54 60.44 15.94
CA TYR C 94 13.74 59.19 15.77
C TYR C 94 14.44 57.79 15.61
N TYR C 95 15.72 57.67 15.95
CA TYR C 95 16.67 56.56 15.67
C TYR C 95 16.19 55.10 15.36
N CYS C 96 16.81 54.39 14.40
CA CYS C 96 16.24 53.14 13.80
C CYS C 96 16.70 51.73 14.30
N ALA C 97 17.46 51.68 15.39
CA ALA C 97 18.36 50.57 15.76
C ALA C 97 17.94 49.12 15.47
N ARG C 98 18.89 48.34 14.93
CA ARG C 98 18.73 46.89 14.73
C ARG C 98 18.90 46.16 16.07
N GLY C 99 18.03 45.18 16.31
CA GLY C 99 18.18 44.20 17.39
C GLY C 99 19.11 43.05 17.02
N LEU C 100 19.35 42.16 17.98
CA LEU C 100 20.25 41.03 17.79
C LEU C 100 19.75 39.89 18.70
N TRP C 101 18.87 39.07 18.16
CA TRP C 101 18.05 38.06 18.85
C TRP C 101 17.08 38.60 19.90
N ASP C 102 17.60 39.02 21.04
CA ASP C 102 16.81 39.73 22.06
C ASP C 102 16.49 41.16 21.57
N ALA C 103 15.77 41.91 22.38
CA ALA C 103 15.41 43.31 22.15
C ALA C 103 16.59 44.32 22.21
N TRP C 104 17.86 43.88 22.20
CA TRP C 104 19.00 44.75 22.44
C TRP C 104 19.48 45.50 21.20
N LEU C 105 19.27 46.81 21.25
CA LEU C 105 19.63 47.78 20.23
C LEU C 105 21.14 47.92 20.05
N SER C 106 21.71 47.09 19.16
CA SER C 106 23.17 46.87 19.09
C SER C 106 23.87 47.70 18.02
N TYR C 107 23.10 48.42 17.22
CA TYR C 107 23.57 49.31 16.17
C TYR C 107 22.49 50.35 15.93
N TRP C 108 22.85 51.62 16.05
CA TRP C 108 21.95 52.77 15.95
C TRP C 108 22.14 53.48 14.62
N GLY C 109 21.18 54.30 14.22
CA GLY C 109 21.35 55.22 13.10
C GLY C 109 21.83 56.58 13.59
N GLN C 110 22.18 57.48 12.67
CA GLN C 110 22.62 58.83 13.04
C GLN C 110 21.51 59.72 13.61
N GLY C 111 20.24 59.34 13.45
CA GLY C 111 19.11 60.03 14.02
C GLY C 111 18.59 61.18 13.15
N THR C 112 17.33 61.05 12.75
CA THR C 112 16.58 62.10 12.03
C THR C 112 15.91 63.01 13.02
N LEU C 113 16.29 64.29 13.00
CA LEU C 113 15.53 65.41 13.57
C LEU C 113 14.28 65.71 12.73
N VAL C 114 13.13 65.78 13.39
CA VAL C 114 11.87 66.29 12.85
C VAL C 114 11.37 67.45 13.70
N THR C 115 10.93 68.53 13.05
CA THR C 115 10.76 69.84 13.70
C THR C 115 9.44 70.52 13.32
N VAL C 116 8.37 70.15 14.03
CA VAL C 116 7.00 70.55 13.72
C VAL C 116 6.69 71.97 14.21
N SER C 117 6.42 72.86 13.26
CA SER C 117 6.36 74.31 13.45
C SER C 117 5.33 74.95 12.51
N ALA C 118 4.65 75.98 13.02
CA ALA C 118 3.64 76.71 12.25
C ALA C 118 4.30 77.59 11.17
N ALA C 119 4.96 78.24 12.81
CA ALA C 119 5.57 79.56 12.74
C ALA C 119 6.13 79.83 11.34
N LYS C 120 6.08 81.08 10.92
CA LYS C 120 6.77 81.43 9.69
C LYS C 120 8.13 82.02 10.02
N THR C 121 9.00 81.99 9.02
CA THR C 121 10.36 82.53 9.19
C THR C 121 10.27 83.96 9.69
N THR C 122 10.93 84.22 10.81
CA THR C 122 10.85 85.50 11.49
C THR C 122 12.23 85.86 12.02
N ALA C 123 12.75 87.01 11.60
CA ALA C 123 14.03 87.48 12.10
C ALA C 123 13.89 87.90 13.57
N PRO C 124 14.94 87.74 14.36
CA PRO C 124 14.84 88.09 15.78
C PRO C 124 14.84 89.59 16.01
N SER C 125 14.20 89.98 17.10
CA SER C 125 14.45 91.29 17.71
C SER C 125 15.66 91.14 18.62
N VAL C 126 16.60 92.07 18.53
CA VAL C 126 17.86 91.97 19.27
C VAL C 126 17.97 93.20 20.15
N TYR C 127 18.07 92.97 21.47
CA TYR C 127 18.01 94.06 22.43
C TYR C 127 19.31 94.10 23.21
N PRO C 128 20.02 95.22 23.21
CA PRO C 128 21.20 95.37 24.07
C PRO C 128 20.78 95.57 25.53
N LEU C 129 21.47 94.88 26.45
CA LEU C 129 21.15 94.99 27.87
C LEU C 129 22.34 95.59 28.61
N ALA C 130 22.26 96.88 28.88
CA ALA C 130 23.24 97.56 29.69
C ALA C 130 22.93 97.35 31.17
N PRO C 131 23.91 97.53 32.05
CA PRO C 131 23.63 97.38 33.48
C PRO C 131 22.59 98.38 33.96
N VAL C 132 22.12 98.14 35.19
CA VAL C 132 21.21 99.08 35.84
C VAL C 132 21.76 100.50 35.75
N CYS C 133 20.85 101.47 35.63
CA CYS C 133 21.27 102.86 35.48
C CYS C 133 22.11 103.29 36.67
N GLY C 134 23.24 103.94 36.37
CA GLY C 134 24.19 104.31 37.40
C GLY C 134 25.27 103.27 37.62
N GLY C 135 25.20 102.14 36.95
CA GLY C 135 26.26 101.16 37.01
C GLY C 135 26.24 100.31 38.26
N THR C 136 27.19 99.39 38.30
CA THR C 136 27.30 98.42 39.37
C THR C 136 28.62 98.62 40.09
N THR C 137 28.67 98.15 41.34
CA THR C 137 29.93 98.13 42.05
C THR C 137 30.75 96.91 41.61
N GLY C 138 32.04 96.97 41.87
CA GLY C 138 32.90 95.83 41.62
C GLY C 138 33.81 96.06 40.42
N SER C 139 34.79 95.17 40.32
CA SER C 139 35.88 95.30 39.36
C SER C 139 35.54 94.71 38.01
N SER C 140 34.44 93.97 37.91
CA SER C 140 33.98 93.47 36.62
C SER C 140 32.54 93.93 36.38
N VAL C 141 32.14 93.87 35.12
CA VAL C 141 30.82 94.32 34.71
C VAL C 141 30.24 93.29 33.76
N THR C 142 28.95 93.05 33.86
CA THR C 142 28.26 92.08 33.01
C THR C 142 27.26 92.81 32.13
N LEU C 143 27.31 92.50 30.84
CA LEU C 143 26.39 93.04 29.84
C LEU C 143 25.59 91.89 29.26
N GLY C 144 24.47 92.22 28.63
CA GLY C 144 23.59 91.19 28.10
C GLY C 144 23.10 91.54 26.72
N CYS C 145 22.56 90.52 26.05
CA CYS C 145 21.95 90.68 24.75
C CYS C 145 20.78 89.72 24.72
N LEU C 146 19.59 90.24 24.44
CA LEU C 146 18.36 89.47 24.43
C LEU C 146 17.89 89.33 22.99
N VAL C 147 17.65 88.10 22.56
CA VAL C 147 17.31 87.78 21.18
C VAL C 147 15.92 87.16 21.21
N LYS C 148 14.92 87.88 20.72
CA LYS C 148 13.54 87.47 21.00
C LYS C 148 12.74 87.32 19.72
N GLY C 149 11.91 86.28 19.67
CA GLY C 149 10.90 86.16 18.63
C GLY C 149 11.36 85.72 17.26
N TYR C 150 12.26 84.73 17.17
CA TYR C 150 12.73 84.29 15.87
C TYR C 150 12.29 82.86 15.56
N PHE C 151 12.29 82.55 14.27
CA PHE C 151 12.03 81.20 13.80
C PHE C 151 12.59 81.08 12.40
N PRO C 152 13.20 79.93 12.05
CA PRO C 152 13.55 78.77 12.88
C PRO C 152 14.88 78.99 13.61
N GLU C 153 15.27 78.02 14.43
CA GLU C 153 16.64 77.94 14.91
C GLU C 153 17.52 77.60 13.71
N PRO C 154 18.82 77.94 13.76
CA PRO C 154 19.52 78.64 14.85
C PRO C 154 19.76 80.11 14.57
N VAL C 155 20.22 80.81 15.59
CA VAL C 155 20.93 82.07 15.41
C VAL C 155 22.38 81.82 15.80
N THR C 156 23.25 82.72 15.35
CA THR C 156 24.63 82.75 15.80
C THR C 156 24.86 84.10 16.48
N LEU C 157 25.11 84.07 17.77
CA LEU C 157 25.39 85.28 18.54
C LEU C 157 26.88 85.35 18.84
N THR C 158 27.47 86.51 18.59
CA THR C 158 28.84 86.78 18.96
C THR C 158 28.91 88.12 19.66
N TRP C 159 30.07 88.36 20.28
CA TRP C 159 30.38 89.64 20.89
C TRP C 159 31.61 90.21 20.23
N ASN C 160 31.55 91.48 19.84
CA ASN C 160 32.63 92.13 19.10
C ASN C 160 33.12 91.26 17.94
N SER C 161 32.16 90.73 17.19
CA SER C 161 32.43 89.95 15.97
C SER C 161 33.27 88.71 16.25
N GLY C 162 33.15 88.16 17.47
CA GLY C 162 33.88 86.98 17.88
C GLY C 162 35.21 87.27 18.55
N SER C 163 35.65 88.53 18.58
CA SER C 163 36.90 88.84 19.25
C SER C 163 36.77 88.83 20.76
N LEU C 164 35.55 88.93 21.27
CA LEU C 164 35.27 88.82 22.70
C LEU C 164 34.56 87.48 22.87
N SER C 165 35.32 86.47 23.28
CA SER C 165 34.80 85.11 23.43
C SER C 165 34.91 84.57 24.84
N SER C 166 35.86 85.05 25.64
CA SER C 166 35.95 84.63 27.02
C SER C 166 34.92 85.37 27.85
N GLY C 167 34.52 84.75 28.95
CA GLY C 167 33.57 85.38 29.85
C GLY C 167 32.16 85.46 29.32
N VAL C 168 31.82 84.68 28.28
CA VAL C 168 30.51 84.72 27.64
C VAL C 168 29.69 83.52 28.08
N HIS C 169 28.40 83.73 28.31
CA HIS C 169 27.45 82.64 28.50
C HIS C 169 26.29 82.86 27.55
N THR C 170 26.12 81.96 26.59
CA THR C 170 25.00 82.04 25.66
C THR C 170 24.04 80.89 25.94
N PHE C 171 22.84 81.22 26.28
CA PHE C 171 21.92 80.25 26.83
C PHE C 171 21.10 79.56 25.74
N PRO C 172 20.69 78.32 25.98
CA PRO C 172 19.87 77.61 24.99
C PRO C 172 18.56 78.36 24.76
N ALA C 173 18.11 78.34 23.52
CA ALA C 173 16.86 78.99 23.15
C ALA C 173 15.67 78.22 23.72
N LEU C 174 14.62 78.97 24.06
CA LEU C 174 13.35 78.39 24.50
C LEU C 174 12.22 78.96 23.65
N LEU C 175 11.15 78.19 23.53
CA LEU C 175 9.98 78.65 22.81
C LEU C 175 9.13 79.57 23.66
N GLN C 176 8.63 80.62 23.03
CA GLN C 176 7.78 81.62 23.69
C GLN C 176 6.70 81.94 22.66
N SER C 177 5.53 81.29 22.82
CA SER C 177 4.41 81.46 21.89
C SER C 177 4.80 81.14 20.45
N GLY C 178 5.49 80.03 20.26
CA GLY C 178 5.85 79.57 18.93
C GLY C 178 7.10 80.18 18.36
N LEU C 179 7.72 81.15 19.03
CA LEU C 179 8.95 81.75 18.55
C LEU C 179 10.05 81.55 19.58
N TYR C 180 11.28 81.50 19.12
CA TYR C 180 12.42 81.25 19.99
C TYR C 180 12.95 82.54 20.60
N THR C 181 13.48 82.40 21.82
CA THR C 181 14.17 83.47 22.51
C THR C 181 15.41 82.89 23.17
N LEU C 182 16.50 83.64 23.09
CA LEU C 182 17.67 83.30 23.87
C LEU C 182 18.32 84.58 24.36
N SER C 183 19.28 84.42 25.24
CA SER C 183 20.05 85.57 25.69
C SER C 183 21.49 85.17 25.86
N SER C 184 22.35 86.17 25.96
CA SER C 184 23.76 85.95 26.21
C SER C 184 24.27 87.01 27.16
N SER C 185 25.18 86.62 28.03
CA SER C 185 25.88 87.56 28.90
C SER C 185 27.36 87.56 28.57
N VAL C 186 27.99 88.71 28.76
CA VAL C 186 29.44 88.79 28.69
C VAL C 186 29.94 89.57 29.90
N THR C 187 31.02 89.10 30.49
CA THR C 187 31.60 89.73 31.66
C THR C 187 33.02 90.15 31.33
N VAL C 188 33.32 91.42 31.59
CA VAL C 188 34.64 91.98 31.34
C VAL C 188 35.06 92.78 32.56
N THR C 189 36.36 93.04 32.67
CA THR C 189 36.80 93.93 33.73
C THR C 189 36.30 95.36 33.46
N SER C 190 36.01 96.09 34.55
CA SER C 190 35.31 97.36 34.42
C SER C 190 36.12 98.46 33.73
N ASN C 191 37.44 98.30 33.63
CA ASN C 191 38.27 99.23 32.86
C ASN C 191 38.05 99.10 31.35
N THR C 192 37.39 98.02 30.91
CA THR C 192 37.21 97.71 29.50
C THR C 192 35.93 98.33 28.94
N TRP C 193 34.91 98.51 29.77
CA TRP C 193 33.62 98.99 29.31
C TRP C 193 33.03 99.92 30.37
N PRO C 194 32.45 101.06 29.95
CA PRO C 194 32.13 101.47 28.58
C PRO C 194 33.24 102.21 27.84
N SER C 195 34.44 102.29 28.40
CA SER C 195 35.50 103.04 27.72
C SER C 195 35.83 102.45 26.36
N GLN C 196 35.69 101.14 26.20
CA GLN C 196 35.80 100.50 24.90
C GLN C 196 34.47 99.87 24.53
N THR C 197 34.22 99.78 23.24
CA THR C 197 32.89 99.38 22.81
C THR C 197 32.71 97.87 22.90
N ILE C 198 31.51 97.47 23.26
CA ILE C 198 31.09 96.06 23.21
C ILE C 198 29.77 96.00 22.46
N THR C 199 29.71 95.14 21.45
CA THR C 199 28.57 95.04 20.57
C THR C 199 28.17 93.58 20.47
N CYS C 200 26.88 93.31 20.58
CA CYS C 200 26.32 91.99 20.32
C CYS C 200 25.99 91.88 18.83
N ASN C 201 26.39 90.79 18.19
CA ASN C 201 26.08 90.55 16.79
C ASN C 201 25.23 89.28 16.71
N VAL C 202 24.13 89.35 15.97
CA VAL C 202 23.22 88.21 15.86
C VAL C 202 22.93 87.95 14.40
N ALA C 203 23.36 86.79 13.92
CA ALA C 203 23.06 86.35 12.56
C ALA C 203 21.93 85.35 12.62
N HIS C 204 20.96 85.50 11.71
CA HIS C 204 19.86 84.54 11.58
C HIS C 204 19.82 84.07 10.14
N PRO C 205 20.48 82.94 9.83
CA PRO C 205 20.61 82.52 8.43
C PRO C 205 19.29 82.43 7.67
N ALA C 206 18.24 81.95 8.32
CA ALA C 206 16.99 81.67 7.63
C ALA C 206 16.34 82.94 7.09
N SER C 207 16.51 84.07 7.78
CA SER C 207 16.02 85.34 7.30
C SER C 207 17.10 86.16 6.63
N SER C 208 18.32 85.62 6.51
CA SER C 208 19.45 86.32 5.89
C SER C 208 19.80 87.62 6.59
N THR C 209 19.56 87.70 7.91
CA THR C 209 19.77 88.94 8.64
C THR C 209 21.01 88.83 9.52
N LYS C 210 21.63 89.98 9.75
CA LYS C 210 22.76 90.13 10.64
C LYS C 210 22.61 91.49 11.30
N VAL C 211 22.44 91.53 12.61
CA VAL C 211 22.16 92.76 13.33
C VAL C 211 23.24 92.97 14.39
N ASP C 212 23.65 94.22 14.55
CA ASP C 212 24.61 94.62 15.57
C ASP C 212 23.94 95.58 16.54
N LYS C 213 24.11 95.34 17.83
CA LYS C 213 23.61 96.25 18.86
C LYS C 213 24.74 96.58 19.82
N LYS C 214 25.20 97.83 19.79
CA LYS C 214 26.20 98.30 20.74
C LYS C 214 25.56 98.47 22.12
N ILE C 215 26.25 98.01 23.16
CA ILE C 215 25.73 98.20 24.51
C ILE C 215 26.08 99.60 24.96
N GLU C 216 25.06 100.40 25.31
CA GLU C 216 25.24 101.79 25.71
C GLU C 216 24.76 101.98 27.15
N PRO C 217 25.55 102.61 28.01
CA PRO C 217 25.09 102.88 29.39
C PRO C 217 23.71 103.52 29.40
N ARG C 218 22.91 103.10 30.36
CA ARG C 218 21.61 103.71 30.55
C ARG C 218 21.75 105.12 31.12
N VAL C 219 20.75 105.94 30.87
CA VAL C 219 20.70 107.29 31.41
C VAL C 219 19.36 107.47 32.12
N PRO C 220 19.24 108.49 32.98
CA PRO C 220 17.96 108.70 33.68
C PRO C 220 16.83 109.04 32.73
N ILE C 221 15.62 109.00 33.27
CA ILE C 221 14.43 109.36 32.50
C ILE C 221 14.38 110.85 32.20
N ALA D 1 4.02 47.14 28.74
CA ALA D 1 3.35 46.39 29.80
C ALA D 1 4.22 46.19 31.06
N ILE D 2 5.49 46.60 31.00
CA ILE D 2 6.31 46.86 32.19
C ILE D 2 6.98 48.22 32.06
N VAL D 3 6.99 48.96 33.15
CA VAL D 3 7.84 50.14 33.27
C VAL D 3 9.22 49.74 33.79
N ALA D 4 10.19 50.60 33.50
CA ALA D 4 11.52 50.57 34.07
C ALA D 4 11.78 51.95 34.68
N THR D 5 12.39 51.97 35.88
CA THR D 5 12.44 53.15 36.74
C THR D 5 13.89 53.27 37.24
N GLN D 6 14.58 54.31 36.77
CA GLN D 6 16.01 54.39 37.00
C GLN D 6 16.43 55.55 37.93
N SER D 7 17.32 55.21 38.88
CA SER D 7 17.15 55.65 40.28
C SER D 7 17.51 57.09 40.57
N PRO D 8 18.76 57.57 40.42
CA PRO D 8 18.98 58.98 40.27
C PRO D 8 18.61 59.41 38.84
N ALA D 9 17.81 60.47 38.72
CA ALA D 9 17.60 61.15 37.45
C ALA D 9 18.87 61.91 36.98
N ILE D 10 19.63 62.43 37.94
CA ILE D 10 20.85 63.21 37.73
C ILE D 10 22.08 62.35 37.97
N MET D 11 23.10 62.92 38.60
CA MET D 11 24.13 62.34 39.48
C MET D 11 25.38 63.18 39.30
N SER D 12 25.79 63.90 40.34
CA SER D 12 27.11 64.51 40.33
C SER D 12 28.14 63.46 40.69
N ALA D 13 29.28 63.45 40.00
CA ALA D 13 30.44 62.70 40.48
C ALA D 13 31.76 63.33 40.05
N SER D 14 32.81 63.04 40.80
CA SER D 14 34.19 63.41 40.47
C SER D 14 34.94 62.22 39.88
N PRO D 15 35.86 62.45 38.93
CA PRO D 15 36.75 61.39 38.45
C PRO D 15 37.42 60.62 39.59
N GLY D 16 37.37 59.30 39.48
CA GLY D 16 37.82 58.33 40.48
C GLY D 16 36.69 57.72 41.32
N GLU D 17 35.57 58.43 41.50
CA GLU D 17 34.44 57.93 42.29
C GLU D 17 33.74 56.74 41.63
N LYS D 18 33.01 55.95 42.43
CA LYS D 18 32.48 54.65 42.04
C LYS D 18 30.95 54.66 41.97
N VAL D 19 30.45 55.17 40.85
CA VAL D 19 29.03 55.46 40.64
C VAL D 19 28.23 54.17 40.48
N THR D 20 26.99 54.19 40.95
CA THR D 20 26.06 53.06 40.84
C THR D 20 24.69 53.60 40.47
N ILE D 21 24.02 52.94 39.53
CA ILE D 21 22.84 53.48 38.84
C ILE D 21 21.83 52.35 38.67
N SER D 22 20.73 52.38 39.40
CA SER D 22 19.77 51.25 39.41
C SER D 22 18.52 51.53 38.55
N CYS D 23 17.62 50.54 38.35
CA CYS D 23 16.81 50.40 37.13
C CYS D 23 15.38 49.81 37.28
N SER D 24 15.13 49.09 38.37
CA SER D 24 13.79 48.69 38.83
C SER D 24 12.64 48.49 37.83
N ALA D 25 12.41 47.22 37.45
CA ALA D 25 11.36 46.80 36.52
C ALA D 25 10.07 46.34 37.21
N SER D 26 8.90 46.74 36.71
CA SER D 26 7.61 46.39 37.35
C SER D 26 7.13 44.95 37.15
N SER D 27 7.96 44.07 36.59
CA SER D 27 7.82 42.60 36.63
C SER D 27 9.15 41.96 36.21
N SER D 28 9.31 40.68 36.55
CA SER D 28 10.58 39.97 36.44
C SER D 28 11.03 39.69 35.00
N VAL D 29 12.04 40.42 34.57
CA VAL D 29 12.73 40.25 33.28
C VAL D 29 14.16 39.79 33.49
N SER D 30 14.75 39.17 32.47
CA SER D 30 16.15 38.76 32.44
C SER D 30 16.94 39.44 31.31
N TYR D 31 16.28 40.24 30.48
CA TYR D 31 16.89 40.93 29.35
C TYR D 31 16.73 42.43 29.48
N MET D 32 17.83 43.14 29.76
CA MET D 32 17.81 44.52 30.22
C MET D 32 18.40 45.53 29.22
N TYR D 33 19.71 45.61 29.23
CA TYR D 33 20.60 46.57 28.55
C TYR D 33 20.84 47.80 29.43
N TRP D 34 22.02 48.41 29.24
CA TRP D 34 22.41 49.76 29.67
C TRP D 34 23.13 50.40 28.48
N TYR D 35 22.49 51.38 27.83
CA TYR D 35 23.11 52.24 26.84
C TYR D 35 23.87 53.38 27.53
N GLN D 36 24.62 54.14 26.77
CA GLN D 36 25.29 55.38 27.16
C GLN D 36 25.13 56.33 25.99
N GLN D 37 24.78 57.57 26.25
CA GLN D 37 24.50 58.58 25.23
C GLN D 37 25.30 59.83 25.56
N LYS D 38 26.10 60.28 24.58
CA LYS D 38 26.92 61.50 24.64
C LYS D 38 26.17 62.69 24.03
N PRO D 39 26.47 63.93 24.46
CA PRO D 39 25.66 65.12 24.19
C PRO D 39 25.20 65.35 22.75
N GLY D 40 26.03 64.99 21.77
CA GLY D 40 25.74 65.08 20.35
C GLY D 40 26.09 63.79 19.62
N SER D 41 25.63 62.67 20.17
CA SER D 41 25.95 61.35 19.65
C SER D 41 24.79 60.39 19.85
N SER D 42 24.71 59.41 18.96
CA SER D 42 23.86 58.23 19.16
C SER D 42 24.05 57.64 20.56
N PRO D 43 23.03 56.97 21.12
CA PRO D 43 23.29 55.96 22.12
C PRO D 43 24.21 54.87 21.54
N LYS D 44 25.02 54.31 22.41
CA LYS D 44 25.85 53.12 22.21
C LYS D 44 25.43 52.05 23.23
N PRO D 45 25.42 50.76 22.87
CA PRO D 45 25.27 49.70 23.86
C PRO D 45 26.51 49.55 24.74
N TRP D 46 26.30 49.41 26.06
CA TRP D 46 27.38 49.15 27.01
C TRP D 46 27.22 47.87 27.78
N ILE D 47 26.03 47.63 28.32
CA ILE D 47 25.66 46.30 28.80
C ILE D 47 24.46 45.76 28.05
N TYR D 48 24.49 44.43 27.96
CA TYR D 48 23.61 43.50 27.28
C TYR D 48 23.36 42.32 28.25
N ARG D 49 22.31 41.52 28.03
CA ARG D 49 21.70 40.69 29.08
C ARG D 49 21.43 41.48 30.37
N THR D 50 22.09 41.10 31.45
CA THR D 50 22.08 41.73 32.78
C THR D 50 23.50 41.95 33.31
N SER D 51 24.51 41.55 32.55
CA SER D 51 25.90 41.48 33.00
C SER D 51 26.92 41.21 31.89
N ASN D 52 26.50 41.13 30.63
CA ASN D 52 27.41 41.02 29.52
C ASN D 52 27.91 42.41 29.13
N LEU D 53 29.20 42.67 29.23
CA LEU D 53 29.80 43.78 28.48
C LEU D 53 29.59 43.56 26.98
N ALA D 54 29.28 44.64 26.26
CA ALA D 54 29.42 44.66 24.81
C ALA D 54 30.90 44.75 24.40
N SER D 55 31.27 44.18 23.25
CA SER D 55 32.64 44.33 22.74
C SER D 55 32.98 45.81 22.50
N GLY D 56 34.24 46.19 22.74
CA GLY D 56 34.61 47.61 22.85
C GLY D 56 33.82 48.35 23.94
N VAL D 57 33.69 47.72 25.12
CA VAL D 57 33.36 48.40 26.38
C VAL D 57 34.50 48.20 27.37
N PRO D 58 35.10 49.28 27.88
CA PRO D 58 35.90 49.26 29.09
C PRO D 58 35.30 48.46 30.26
N THR D 59 36.08 47.52 30.76
CA THR D 59 35.93 46.74 32.03
C THR D 59 35.78 47.57 33.31
N ARG D 60 35.77 48.90 33.19
CA ARG D 60 35.27 49.86 34.18
C ARG D 60 33.78 49.76 34.44
N PHE D 61 32.99 49.50 33.38
CA PHE D 61 31.56 49.21 33.48
C PHE D 61 31.36 47.75 33.88
N SER D 62 30.33 47.54 34.68
CA SER D 62 29.79 46.23 35.04
C SER D 62 28.29 46.35 35.28
N GLY D 63 27.60 45.22 35.14
CA GLY D 63 26.15 45.15 35.23
C GLY D 63 25.81 43.93 36.05
N SER D 64 24.89 44.08 36.99
CA SER D 64 24.45 42.97 37.82
C SER D 64 23.07 43.21 38.38
N GLY D 65 22.41 42.12 38.76
CA GLY D 65 21.00 42.15 39.11
C GLY D 65 20.38 40.78 38.93
N SER D 66 19.05 40.80 38.89
CA SER D 66 18.09 39.72 38.70
C SER D 66 16.81 40.09 39.46
N GLY D 67 15.73 39.34 39.25
CA GLY D 67 14.50 39.49 40.01
C GLY D 67 13.98 40.93 40.17
N THR D 68 13.79 41.61 39.05
CA THR D 68 13.31 43.01 38.97
C THR D 68 14.33 44.09 39.32
N SER D 69 15.37 43.76 40.09
CA SER D 69 16.48 44.68 40.37
C SER D 69 17.52 44.59 39.27
N TYR D 70 18.10 45.73 38.91
CA TYR D 70 19.21 45.80 37.99
C TYR D 70 20.00 47.08 38.20
N SER D 71 21.31 46.94 38.09
CA SER D 71 22.33 47.85 38.62
C SER D 71 23.53 47.94 37.68
N PHE D 72 23.72 49.11 37.08
CA PHE D 72 24.99 49.53 36.47
C PHE D 72 25.95 49.93 37.58
N THR D 73 27.24 49.72 37.32
CA THR D 73 28.32 50.12 38.21
C THR D 73 29.52 50.57 37.38
N ILE D 74 30.01 51.76 37.70
CA ILE D 74 31.16 52.42 37.06
C ILE D 74 32.24 52.49 38.14
N SER D 75 33.26 51.66 37.99
CA SER D 75 34.15 51.27 39.10
C SER D 75 35.22 52.27 39.50
N SER D 76 35.48 53.27 38.68
CA SER D 76 36.36 54.41 38.92
C SER D 76 36.17 55.36 37.76
N MET D 77 35.28 56.35 37.92
CA MET D 77 34.81 57.22 36.85
C MET D 77 35.98 57.88 36.11
N GLU D 78 35.93 57.83 34.78
CA GLU D 78 36.81 58.59 33.88
C GLU D 78 36.09 59.87 33.42
N ALA D 79 36.81 60.91 32.99
CA ALA D 79 36.21 62.05 32.30
C ALA D 79 35.30 61.61 31.13
N GLU D 80 35.80 60.73 30.26
CA GLU D 80 35.01 60.19 29.14
C GLU D 80 33.78 59.39 29.54
N ASP D 81 33.56 59.04 30.83
CA ASP D 81 32.27 58.50 31.24
C ASP D 81 31.12 59.47 31.06
N ALA D 82 31.32 60.77 31.37
CA ALA D 82 30.22 61.70 31.65
C ALA D 82 29.18 61.73 30.50
N ALA D 83 27.92 61.44 30.83
CA ALA D 83 26.92 61.02 29.85
C ALA D 83 25.50 60.90 30.46
N THR D 84 24.54 60.50 29.64
CA THR D 84 23.38 59.75 30.15
C THR D 84 23.66 58.24 30.08
N TYR D 85 23.04 57.41 30.93
CA TYR D 85 23.01 55.95 30.79
C TYR D 85 21.60 55.40 30.96
N TYR D 86 21.33 54.27 30.29
CA TYR D 86 19.97 53.97 29.85
C TYR D 86 19.56 52.53 29.91
N CYS D 87 18.84 52.11 30.95
CA CYS D 87 18.37 50.75 30.93
C CYS D 87 17.31 50.51 29.85
N GLN D 88 17.24 49.28 29.34
CA GLN D 88 16.09 48.85 28.58
C GLN D 88 15.53 47.61 29.30
N GLN D 89 14.39 47.16 28.82
CA GLN D 89 13.99 45.76 28.89
C GLN D 89 13.62 45.30 27.48
N TYR D 90 13.94 44.05 27.19
CA TYR D 90 13.70 43.43 25.89
C TYR D 90 13.29 41.96 26.12
N HIS D 91 12.31 41.81 27.01
CA HIS D 91 11.83 40.55 27.58
C HIS D 91 10.33 40.37 27.42
N ASN D 92 9.61 41.47 27.20
CA ASN D 92 8.26 41.48 26.68
C ASN D 92 8.05 42.62 25.71
N TYR D 93 7.06 42.46 24.83
CA TYR D 93 6.62 43.50 23.94
C TYR D 93 6.11 44.75 24.77
N PRO D 94 5.79 45.89 24.04
CA PRO D 94 6.49 47.18 24.22
C PRO D 94 7.80 47.13 24.97
N ARG D 95 8.90 46.90 24.25
CA ARG D 95 10.25 47.16 24.78
C ARG D 95 10.30 48.56 25.38
N THR D 96 10.73 48.65 26.62
CA THR D 96 10.69 49.89 27.41
C THR D 96 12.12 50.39 27.60
N PHE D 97 12.27 51.71 27.69
CA PHE D 97 13.47 52.35 28.26
C PHE D 97 13.20 52.76 29.72
N GLY D 98 14.26 52.99 30.50
CA GLY D 98 14.18 53.87 31.66
C GLY D 98 14.19 55.36 31.28
N GLY D 99 13.92 56.22 32.27
CA GLY D 99 13.94 57.68 32.10
C GLY D 99 15.31 58.35 32.02
N GLY D 100 16.38 57.56 32.04
CA GLY D 100 17.77 58.00 31.89
C GLY D 100 18.40 58.70 33.09
N THR D 101 19.65 58.38 33.37
CA THR D 101 20.42 58.92 34.50
C THR D 101 21.57 59.76 34.00
N LYS D 102 21.73 60.98 34.52
CA LYS D 102 22.55 62.01 33.87
C LYS D 102 23.75 62.34 34.75
N ALA D 103 24.80 61.54 34.54
CA ALA D 103 26.07 61.66 35.22
C ALA D 103 26.89 62.83 34.67
N LYS D 104 27.06 63.82 35.52
CA LYS D 104 27.82 65.04 35.23
C LYS D 104 28.87 65.37 36.28
N SER D 105 29.96 65.91 35.76
CA SER D 105 31.19 66.23 36.48
C SER D 105 30.95 67.15 37.68
N ALA D 106 31.75 66.99 38.73
CA ALA D 106 31.77 67.81 39.94
C ALA D 106 33.20 67.88 40.52
N ARG D 107 32.55 69.53 41.55
CA ARG D 107 33.65 70.43 41.86
C ARG D 107 33.27 71.14 43.15
N ALA D 108 34.16 72.02 43.63
CA ALA D 108 33.84 72.78 44.84
C ALA D 108 32.62 73.68 44.61
N ASP D 109 31.81 73.83 45.65
CA ASP D 109 30.68 74.74 45.56
C ASP D 109 31.15 76.12 45.14
N ALA D 110 30.32 76.82 44.37
CA ALA D 110 30.61 78.17 43.92
C ALA D 110 29.31 78.95 43.87
N ALA D 111 29.30 80.12 44.50
CA ALA D 111 28.11 80.96 44.49
C ALA D 111 27.92 81.58 43.11
N PRO D 112 26.68 81.74 42.65
CA PRO D 112 26.44 82.43 41.39
C PRO D 112 26.81 83.91 41.49
N THR D 113 27.26 84.44 40.36
CA THR D 113 27.39 85.88 40.20
C THR D 113 26.10 86.35 39.52
N VAL D 114 25.35 87.21 40.19
CA VAL D 114 24.00 87.58 39.78
C VAL D 114 23.98 89.02 39.29
N SER D 115 23.36 89.24 38.13
CA SER D 115 23.26 90.57 37.54
C SER D 115 21.85 90.73 37.01
N ILE D 116 21.25 91.90 37.23
CA ILE D 116 19.87 92.16 36.83
C ILE D 116 19.84 93.24 35.75
N PHE D 117 18.95 93.06 34.79
CA PHE D 117 18.87 93.95 33.62
C PHE D 117 17.44 94.39 33.39
N PRO D 118 17.14 95.66 33.56
CA PRO D 118 15.82 96.16 33.18
C PRO D 118 15.59 96.00 31.69
N PRO D 119 14.35 96.06 31.24
CA PRO D 119 14.08 96.07 29.80
C PRO D 119 14.89 97.15 29.10
N SER D 120 15.35 96.84 27.90
CA SER D 120 16.01 97.84 27.09
C SER D 120 14.98 98.84 26.57
N SER D 121 15.46 100.06 26.30
CA SER D 121 14.57 101.05 25.71
C SER D 121 13.97 100.52 24.40
N GLU D 122 14.75 99.76 23.64
CA GLU D 122 14.26 99.26 22.37
C GLU D 122 13.13 98.25 22.57
N GLN D 123 13.24 97.37 23.56
CA GLN D 123 12.12 96.47 23.82
C GLN D 123 10.88 97.22 24.28
N LEU D 124 11.04 98.30 25.04
CA LEU D 124 9.88 99.03 25.56
C LEU D 124 9.12 99.78 24.49
N THR D 125 9.57 99.79 23.24
CA THR D 125 8.70 100.27 22.19
C THR D 125 7.63 99.24 21.82
N SER D 126 7.81 97.99 22.24
CA SER D 126 7.07 96.83 21.74
C SER D 126 5.80 96.52 22.51
N GLY D 127 5.60 97.06 23.69
CA GLY D 127 4.47 96.60 24.48
C GLY D 127 4.72 95.33 25.29
N GLY D 128 5.87 94.69 25.10
CA GLY D 128 6.36 93.68 26.03
C GLY D 128 7.59 94.19 26.77
N ALA D 129 7.86 93.63 27.94
CA ALA D 129 9.00 94.05 28.75
C ALA D 129 9.60 92.82 29.40
N SER D 130 10.89 92.59 29.23
CA SER D 130 11.57 91.47 29.84
C SER D 130 12.60 91.99 30.82
N VAL D 131 12.56 91.48 32.05
CA VAL D 131 13.58 91.73 33.04
C VAL D 131 14.42 90.48 33.13
N VAL D 132 15.74 90.62 32.99
CA VAL D 132 16.63 89.46 32.90
C VAL D 132 17.53 89.42 34.12
N CYS D 133 17.65 88.25 34.73
CA CYS D 133 18.72 88.00 35.68
C CYS D 133 19.63 86.90 35.14
N PHE D 134 20.93 87.17 35.11
CA PHE D 134 21.91 86.14 34.83
C PHE D 134 22.48 85.68 36.17
N LEU D 135 22.61 84.36 36.30
CA LEU D 135 23.18 83.74 37.50
C LEU D 135 24.31 82.87 36.98
N ASN D 136 25.55 83.33 37.11
CA ASN D 136 26.64 82.78 36.32
C ASN D 136 27.68 82.04 37.17
N ASN D 137 28.18 80.95 36.62
CA ASN D 137 29.36 80.23 37.13
C ASN D 137 29.15 79.69 38.54
N PHE D 138 28.07 78.94 38.73
CA PHE D 138 27.76 78.41 40.05
C PHE D 138 27.86 76.88 40.07
N TYR D 139 27.97 76.35 41.28
CA TYR D 139 27.96 74.91 41.49
C TYR D 139 27.50 74.67 42.94
N PRO D 140 26.60 73.69 43.16
CA PRO D 140 25.99 72.75 42.21
C PRO D 140 24.86 73.35 41.38
N LYS D 141 24.30 72.54 40.48
CA LYS D 141 23.31 73.02 39.54
C LYS D 141 22.01 73.43 40.22
N ASP D 142 21.68 72.82 41.36
CA ASP D 142 20.40 73.10 42.01
C ASP D 142 20.35 74.56 42.46
N ILE D 143 19.35 75.29 41.94
CA ILE D 143 19.21 76.71 42.24
C ILE D 143 17.75 77.05 41.98
N ASN D 144 17.24 78.01 42.74
CA ASN D 144 15.86 78.44 42.58
C ASN D 144 15.81 79.95 42.52
N VAL D 145 15.04 80.48 41.58
CA VAL D 145 14.91 81.92 41.39
C VAL D 145 13.47 82.31 41.68
N LYS D 146 13.30 83.33 42.52
CA LYS D 146 11.99 83.89 42.84
C LYS D 146 12.00 85.34 42.39
N TRP D 147 11.00 85.72 41.61
CA TRP D 147 10.86 87.09 41.13
C TRP D 147 9.80 87.82 41.93
N LYS D 148 10.05 89.10 42.19
CA LYS D 148 9.07 89.96 42.84
C LYS D 148 8.95 91.27 42.09
N ILE D 149 7.73 91.81 42.10
CA ILE D 149 7.42 93.12 41.55
C ILE D 149 6.76 93.90 42.67
N ASP D 150 7.39 95.00 43.10
CA ASP D 150 6.87 95.80 44.21
C ASP D 150 6.48 94.93 45.40
N GLY D 151 7.33 93.95 45.71
CA GLY D 151 7.19 93.11 46.87
C GLY D 151 6.37 91.85 46.66
N SER D 152 5.61 91.76 45.57
CA SER D 152 4.71 90.66 45.32
C SER D 152 5.36 89.65 44.39
N GLU D 153 5.39 88.38 44.80
CA GLU D 153 5.97 87.36 43.94
C GLU D 153 5.19 87.25 42.62
N ARG D 154 5.93 87.06 41.53
CA ARG D 154 5.36 86.80 40.22
C ARG D 154 5.94 85.48 39.72
N GLN D 155 5.05 84.53 39.42
CA GLN D 155 5.46 83.24 38.88
C GLN D 155 5.15 83.10 37.39
N ASN D 156 4.02 83.61 36.93
CA ASN D 156 3.70 83.53 35.50
C ASN D 156 4.64 84.43 34.70
N GLY D 157 5.04 83.96 33.54
CA GLY D 157 5.89 84.76 32.67
C GLY D 157 7.36 84.64 32.93
N VAL D 158 7.79 83.72 33.80
CA VAL D 158 9.20 83.48 34.09
C VAL D 158 9.69 82.33 33.22
N LEU D 159 10.78 82.56 32.50
CA LEU D 159 11.42 81.54 31.67
C LEU D 159 12.87 81.39 32.08
N ASN D 160 13.26 80.17 32.41
CA ASN D 160 14.60 79.88 32.85
C ASN D 160 15.32 79.00 31.82
N SER D 161 16.58 79.34 31.56
CA SER D 161 17.38 78.56 30.63
C SER D 161 18.76 78.34 31.23
N TRP D 162 19.26 77.11 31.14
CA TRP D 162 20.51 76.73 31.76
C TRP D 162 21.51 76.31 30.71
N THR D 163 22.76 76.74 30.86
CA THR D 163 23.81 76.16 30.03
C THR D 163 24.13 74.73 30.50
N ASP D 164 24.69 73.94 29.58
CA ASP D 164 25.27 72.67 29.99
C ASP D 164 26.45 72.94 30.91
N GLN D 165 26.80 71.95 31.73
CA GLN D 165 27.96 72.08 32.59
C GLN D 165 29.19 72.45 31.77
N ASP D 166 29.91 73.48 32.20
CA ASP D 166 31.00 73.98 31.37
C ASP D 166 32.14 72.95 31.27
N SER D 167 32.66 72.79 30.05
CA SER D 167 33.65 71.75 29.81
C SER D 167 35.00 72.04 30.45
N LYS D 168 35.26 73.27 30.86
CA LYS D 168 36.54 73.61 31.48
C LYS D 168 36.42 73.85 32.97
N ASP D 169 35.43 74.62 33.42
CA ASP D 169 35.36 75.03 34.81
C ASP D 169 34.33 74.27 35.63
N SER D 170 33.55 73.39 34.99
CA SER D 170 32.58 72.51 35.64
C SER D 170 31.45 73.27 36.33
N THR D 171 31.27 74.55 36.04
CA THR D 171 30.15 75.29 36.62
C THR D 171 28.93 75.27 35.70
N TYR D 172 27.84 75.80 36.24
CA TYR D 172 26.61 76.03 35.51
C TYR D 172 26.33 77.52 35.46
N SER D 173 25.56 77.93 34.46
CA SER D 173 25.03 79.29 34.43
C SER D 173 23.56 79.22 34.02
N MET D 174 22.81 80.27 34.36
CA MET D 174 21.37 80.28 34.14
C MET D 174 20.95 81.70 33.79
N SER D 175 19.99 81.80 32.89
CA SER D 175 19.27 83.05 32.66
C SER D 175 17.86 82.86 33.18
N SER D 176 17.36 83.83 33.92
CA SER D 176 15.97 83.85 34.35
C SER D 176 15.36 85.13 33.84
N THR D 177 14.28 85.01 33.06
CA THR D 177 13.70 86.17 32.39
C THR D 177 12.23 86.29 32.78
N LEU D 178 11.88 87.42 33.37
CA LEU D 178 10.50 87.73 33.70
C LEU D 178 9.93 88.60 32.59
N THR D 179 8.91 88.11 31.90
CA THR D 179 8.29 88.88 30.84
C THR D 179 6.89 89.31 31.27
N LEU D 180 6.61 90.59 31.11
CA LEU D 180 5.31 91.16 31.44
C LEU D 180 4.95 92.16 30.36
N THR D 181 3.74 92.70 30.42
CA THR D 181 3.41 93.73 29.45
C THR D 181 4.14 95.02 29.79
N LYS D 182 4.38 95.83 28.76
CA LYS D 182 4.98 97.14 29.03
C LYS D 182 4.09 97.95 29.96
N ASP D 183 2.77 97.86 29.77
CA ASP D 183 1.87 98.63 30.63
C ASP D 183 2.04 98.23 32.08
N GLU D 184 2.10 96.93 32.36
CA GLU D 184 2.30 96.53 33.75
C GLU D 184 3.68 96.95 34.25
N TYR D 185 4.71 96.82 33.40
CA TYR D 185 6.06 97.17 33.81
C TYR D 185 6.14 98.63 34.27
N GLU D 186 5.47 99.53 33.57
CA GLU D 186 5.56 100.95 33.92
C GLU D 186 4.63 101.35 35.06
N ARG D 187 3.84 100.42 35.59
CA ARG D 187 3.00 100.67 36.75
C ARG D 187 3.69 100.28 38.06
N HIS D 188 4.93 99.81 38.00
CA HIS D 188 5.62 99.36 39.20
C HIS D 188 7.03 99.91 39.21
N ASN D 189 7.64 99.97 40.39
CA ASN D 189 8.99 100.51 40.49
C ASN D 189 10.03 99.46 40.85
N SER D 190 9.77 98.59 41.81
CA SER D 190 10.78 97.67 42.30
C SER D 190 10.67 96.31 41.62
N TYR D 191 11.80 95.81 41.14
CA TYR D 191 11.91 94.50 40.49
C TYR D 191 13.05 93.76 41.16
N THR D 192 12.82 92.51 41.52
CA THR D 192 13.78 91.74 42.30
C THR D 192 13.85 90.31 41.79
N CYS D 193 15.06 89.80 41.60
CA CYS D 193 15.26 88.36 41.46
C CYS D 193 16.07 87.84 42.64
N GLU D 194 15.58 86.78 43.27
CA GLU D 194 16.22 86.21 44.46
C GLU D 194 16.67 84.80 44.13
N ALA D 195 17.94 84.49 44.38
CA ALA D 195 18.50 83.18 44.04
C ALA D 195 18.80 82.39 45.31
N THR D 196 18.09 81.28 45.50
CA THR D 196 18.37 80.36 46.60
C THR D 196 19.37 79.31 46.11
N HIS D 197 20.46 79.17 46.85
CA HIS D 197 21.52 78.25 46.45
C HIS D 197 22.26 77.83 47.71
N LYS D 198 22.80 76.60 47.70
CA LYS D 198 23.38 76.07 48.94
C LYS D 198 24.57 76.87 49.44
N THR D 199 25.16 77.75 48.61
CA THR D 199 26.33 78.52 49.01
C THR D 199 26.00 79.71 49.91
N SER D 200 24.73 79.98 50.18
CA SER D 200 24.38 81.06 51.09
C SER D 200 23.18 80.63 51.92
N THR D 201 23.18 81.09 53.18
CA THR D 201 22.08 80.71 54.07
C THR D 201 20.80 81.45 53.70
N SER D 202 20.92 82.63 53.12
CA SER D 202 19.80 83.36 52.56
C SER D 202 20.06 83.64 51.08
N PRO D 203 19.01 83.81 50.27
CA PRO D 203 19.22 84.02 48.84
C PRO D 203 20.06 85.26 48.53
N ILE D 204 20.75 85.22 47.38
CA ILE D 204 21.31 86.43 46.80
C ILE D 204 20.17 87.24 46.19
N VAL D 205 20.12 88.53 46.50
CA VAL D 205 19.06 89.43 46.05
C VAL D 205 19.66 90.45 45.10
N LYS D 206 19.17 90.51 43.86
CA LYS D 206 19.44 91.64 42.99
C LYS D 206 18.12 92.35 42.71
N SER D 207 18.12 93.67 42.84
CA SER D 207 16.89 94.44 42.72
C SER D 207 17.24 95.81 42.13
N PHE D 208 16.29 96.40 41.41
CA PHE D 208 16.44 97.79 41.00
C PHE D 208 15.10 98.50 41.15
N ASN D 209 15.19 99.81 41.30
CA ASN D 209 14.02 100.69 41.17
C ASN D 209 14.03 101.29 39.78
N ARG D 210 12.94 101.05 39.03
CA ARG D 210 12.83 101.44 37.63
C ARG D 210 13.18 102.91 37.40
N ASN D 211 12.71 103.80 38.27
CA ASN D 211 12.86 105.22 38.01
C ASN D 211 14.10 105.84 38.64
N GLU D 212 15.04 105.03 39.13
CA GLU D 212 16.24 105.54 39.78
C GLU D 212 17.48 105.40 38.90
N CYS D 213 18.48 106.21 39.21
CA CYS D 213 19.76 106.11 38.54
C CYS D 213 20.91 106.45 39.49
N MET E 1 33.92 -31.49 71.16
CA MET E 1 33.14 -30.46 71.82
C MET E 1 31.91 -30.06 71.00
N ARG E 2 32.07 -30.01 69.68
CA ARG E 2 30.97 -29.60 68.83
C ARG E 2 29.70 -30.40 69.15
N CYS E 3 29.82 -31.71 69.24
CA CYS E 3 28.67 -32.56 69.50
C CYS E 3 28.14 -32.38 70.92
N ILE E 4 29.02 -32.12 71.87
CA ILE E 4 28.59 -31.93 73.25
C ILE E 4 27.76 -30.67 73.37
N GLY E 5 28.10 -29.67 72.55
CA GLY E 5 27.38 -28.41 72.60
C GLY E 5 26.07 -28.43 71.83
N MET E 6 25.79 -29.54 71.17
CA MET E 6 24.54 -29.62 70.43
C MET E 6 23.40 -30.14 71.28
N SER E 7 22.21 -29.58 71.07
CA SER E 7 21.04 -30.00 71.82
C SER E 7 20.52 -31.31 71.28
N ASN E 8 20.60 -31.49 69.97
CA ASN E 8 20.16 -32.74 69.35
C ASN E 8 21.32 -33.70 69.22
N ARG E 9 21.44 -34.58 70.20
CA ARG E 9 22.53 -35.54 70.24
C ARG E 9 22.00 -36.93 70.64
N ASP E 10 22.22 -37.92 69.77
CA ASP E 10 21.82 -39.30 70.05
C ASP E 10 23.01 -40.15 70.52
N PHE E 11 22.76 -41.05 71.46
CA PHE E 11 23.80 -41.95 71.94
C PHE E 11 23.43 -43.33 71.47
N VAL E 12 24.28 -43.92 70.64
CA VAL E 12 24.03 -45.24 70.11
C VAL E 12 25.12 -46.22 70.50
N GLU E 13 24.76 -47.48 70.71
CA GLU E 13 25.72 -48.50 71.09
C GLU E 13 25.31 -49.85 70.51
N GLY E 14 26.27 -50.64 70.06
CA GLY E 14 25.95 -51.93 69.49
C GLY E 14 25.69 -53.01 70.53
N VAL E 15 24.57 -53.73 70.39
CA VAL E 15 24.22 -54.79 71.34
C VAL E 15 24.95 -56.10 71.03
N SER E 16 25.84 -56.06 70.04
CA SER E 16 26.58 -57.25 69.65
C SER E 16 28.06 -56.88 69.52
N GLY E 17 28.82 -57.74 68.84
CA GLY E 17 30.25 -57.48 68.65
C GLY E 17 30.57 -57.74 67.20
N GLY E 18 31.17 -56.77 66.52
CA GLY E 18 31.50 -56.95 65.12
C GLY E 18 30.25 -56.73 64.28
N SER E 19 29.13 -56.50 64.95
CA SER E 19 27.86 -56.28 64.27
C SER E 19 27.75 -54.88 63.71
N TRP E 20 26.68 -54.64 62.94
CA TRP E 20 26.42 -53.32 62.38
C TRP E 20 25.58 -52.55 63.38
N VAL E 21 25.78 -51.25 63.45
CA VAL E 21 24.99 -50.41 64.34
C VAL E 21 24.31 -49.38 63.45
N ASP E 22 23.02 -49.17 63.66
CA ASP E 22 22.29 -48.19 62.84
C ASP E 22 22.24 -46.83 63.53
N ILE E 23 22.28 -45.77 62.73
CA ILE E 23 22.20 -44.42 63.24
C ILE E 23 21.46 -43.59 62.22
N VAL E 24 20.85 -42.50 62.67
CA VAL E 24 20.12 -41.61 61.81
C VAL E 24 20.81 -40.25 61.84
N LEU E 25 21.21 -39.75 60.68
CA LEU E 25 21.89 -38.47 60.59
C LEU E 25 20.96 -37.37 60.07
N GLU E 26 21.00 -36.23 60.74
CA GLU E 26 20.17 -35.06 60.40
C GLU E 26 21.02 -33.80 60.47
N HIS E 27 20.65 -32.77 59.71
CA HIS E 27 21.37 -31.50 59.72
C HIS E 27 21.10 -30.84 61.07
N GLY E 28 22.16 -30.36 61.71
CA GLY E 28 22.01 -29.71 63.00
C GLY E 28 22.04 -30.65 64.20
N SER E 29 22.21 -31.94 63.95
CA SER E 29 22.27 -32.90 65.03
C SER E 29 23.53 -33.72 64.91
N CYS E 30 23.84 -34.51 65.93
CA CYS E 30 25.00 -35.36 65.87
C CYS E 30 24.69 -36.63 66.60
N VAL E 31 25.44 -37.68 66.29
CA VAL E 31 25.27 -38.96 66.92
C VAL E 31 26.60 -39.43 67.49
N THR E 32 26.57 -39.87 68.74
CA THR E 32 27.76 -40.37 69.40
C THR E 32 27.65 -41.87 69.55
N THR E 33 28.61 -42.60 69.01
CA THR E 33 28.60 -44.06 69.13
C THR E 33 29.65 -44.57 70.10
N MET E 34 29.30 -45.64 70.79
CA MET E 34 30.21 -46.23 71.76
C MET E 34 30.20 -47.75 71.67
N ALA E 35 31.30 -48.35 72.06
CA ALA E 35 31.41 -49.81 72.04
C ALA E 35 32.56 -50.19 72.95
N LYS E 36 32.45 -51.38 73.52
CA LYS E 36 33.46 -51.94 74.43
C LYS E 36 34.82 -51.96 73.73
N ASN E 37 35.83 -51.37 74.37
CA ASN E 37 37.19 -51.35 73.84
C ASN E 37 37.34 -50.70 72.47
N LYS E 38 36.47 -49.75 72.18
CA LYS E 38 36.49 -49.04 70.90
C LYS E 38 36.38 -47.56 71.22
N PRO E 39 36.98 -46.69 70.40
CA PRO E 39 36.84 -45.28 70.75
C PRO E 39 35.42 -44.83 70.47
N THR E 40 35.02 -43.77 71.15
CA THR E 40 33.72 -43.20 70.99
C THR E 40 33.87 -42.23 69.82
N LEU E 41 32.91 -42.26 68.91
CA LEU E 41 32.94 -41.40 67.73
C LEU E 41 31.73 -40.46 67.62
N ASP E 42 31.93 -39.33 66.95
CA ASP E 42 30.86 -38.37 66.73
C ASP E 42 30.61 -38.29 65.23
N PHE E 43 29.33 -38.31 64.85
CA PHE E 43 28.93 -38.25 63.45
C PHE E 43 27.99 -37.06 63.20
N GLU E 44 28.26 -36.32 62.13
CA GLU E 44 27.43 -35.19 61.77
C GLU E 44 27.31 -35.05 60.25
N LEU E 45 26.08 -34.83 59.79
CA LEU E 45 25.84 -34.61 58.37
C LEU E 45 25.87 -33.10 58.21
N ILE E 46 26.92 -32.55 57.61
CA ILE E 46 27.02 -31.09 57.47
C ILE E 46 26.59 -30.50 56.13
N LYS E 47 26.76 -31.23 55.04
CA LYS E 47 26.33 -30.70 53.75
C LYS E 47 25.60 -31.70 52.85
N THR E 48 24.63 -31.18 52.10
CA THR E 48 23.85 -31.98 51.16
C THR E 48 23.65 -31.12 49.93
N GLU E 49 24.41 -31.39 48.87
CA GLU E 49 24.30 -30.61 47.66
C GLU E 49 24.25 -31.41 46.37
N ALA E 50 23.56 -30.87 45.39
CA ALA E 50 23.44 -31.49 44.08
C ALA E 50 24.59 -30.94 43.24
N LYS E 51 25.33 -31.83 42.60
CA LYS E 51 26.45 -31.42 41.75
C LYS E 51 26.07 -31.59 40.29
N GLN E 52 26.25 -30.51 39.54
CA GLN E 52 25.95 -30.46 38.11
C GLN E 52 24.67 -31.18 37.69
N PRO E 53 23.51 -30.72 38.20
CA PRO E 53 22.23 -31.34 37.84
C PRO E 53 21.81 -30.92 36.43
N ALA E 54 21.12 -31.82 35.73
CA ALA E 54 20.68 -31.55 34.37
C ALA E 54 19.89 -30.25 34.18
N THR E 55 20.32 -29.43 33.21
CA THR E 55 19.65 -28.17 32.91
C THR E 55 18.48 -28.46 31.98
N LEU E 56 17.28 -28.11 32.43
CA LEU E 56 16.07 -28.37 31.66
C LEU E 56 15.80 -27.32 30.58
N ARG E 57 15.73 -26.05 30.98
CA ARG E 57 15.43 -25.00 30.03
C ARG E 57 15.96 -23.65 30.45
N LYS E 58 16.52 -22.91 29.50
CA LYS E 58 17.04 -21.58 29.76
C LYS E 58 16.01 -20.56 29.29
N TYR E 59 15.59 -19.69 30.20
CA TYR E 59 14.61 -18.65 29.85
C TYR E 59 15.28 -17.30 29.78
N CYS E 60 15.01 -16.57 28.70
CA CYS E 60 15.55 -15.24 28.56
C CYS E 60 14.58 -14.30 29.32
N ILE E 61 15.11 -13.39 30.14
CA ILE E 61 14.25 -12.47 30.88
C ILE E 61 14.50 -11.00 30.55
N GLU E 62 15.44 -10.76 29.65
CA GLU E 62 15.77 -9.41 29.23
C GLU E 62 16.51 -9.48 27.91
N ALA E 63 16.06 -8.70 26.94
CA ALA E 63 16.70 -8.72 25.63
C ALA E 63 16.77 -7.38 24.96
N LYS E 64 17.50 -7.33 23.86
CA LYS E 64 17.65 -6.13 23.07
C LYS E 64 17.37 -6.51 21.61
N LEU E 65 17.06 -5.50 20.80
CA LEU E 65 16.80 -5.70 19.39
C LEU E 65 17.74 -4.85 18.57
N THR E 66 18.18 -5.37 17.43
CA THR E 66 19.04 -4.63 16.53
C THR E 66 18.65 -4.97 15.10
N ASN E 67 19.22 -4.25 14.15
CA ASN E 67 18.93 -4.44 12.73
C ASN E 67 17.51 -4.86 12.41
N THR E 68 16.59 -3.94 12.64
CA THR E 68 15.19 -4.19 12.35
C THR E 68 15.03 -3.91 10.86
N THR E 69 14.48 -4.86 10.12
CA THR E 69 14.30 -4.69 8.68
C THR E 69 12.88 -4.98 8.20
N THR E 70 12.40 -4.15 7.28
CA THR E 70 11.05 -4.33 6.77
C THR E 70 10.97 -4.49 5.25
N GLU E 71 10.07 -5.35 4.81
CA GLU E 71 9.85 -5.62 3.40
C GLU E 71 8.35 -5.75 3.18
N SER E 72 7.85 -5.21 2.08
CA SER E 72 6.41 -5.33 1.81
C SER E 72 6.08 -5.32 0.32
N ARG E 73 5.01 -6.02 -0.05
CA ARG E 73 4.61 -6.06 -1.46
C ARG E 73 3.23 -5.47 -1.68
N CYS E 74 2.94 -5.12 -2.93
CA CYS E 74 1.67 -4.53 -3.31
C CYS E 74 0.54 -5.53 -3.31
N PRO E 75 -0.72 -5.04 -3.33
CA PRO E 75 -1.83 -5.98 -3.34
C PRO E 75 -1.67 -6.82 -4.61
N THR E 76 -1.95 -8.11 -4.53
CA THR E 76 -1.84 -8.98 -5.72
C THR E 76 -0.52 -9.71 -5.93
N GLN E 77 0.55 -9.27 -5.30
CA GLN E 77 1.84 -9.91 -5.55
C GLN E 77 2.39 -10.86 -4.49
N GLY E 78 1.50 -11.56 -3.79
CA GLY E 78 1.93 -12.51 -2.78
C GLY E 78 2.64 -12.01 -1.54
N GLU E 79 3.04 -12.95 -0.70
CA GLU E 79 3.72 -12.69 0.57
C GLU E 79 5.20 -12.36 0.41
N PRO E 80 5.65 -11.21 0.91
CA PRO E 80 7.06 -10.83 0.79
C PRO E 80 7.89 -11.70 1.72
N SER E 81 9.20 -11.64 1.57
CA SER E 81 10.07 -12.43 2.42
C SER E 81 11.42 -11.79 2.59
N LEU E 82 12.09 -12.18 3.67
CA LEU E 82 13.42 -11.70 3.97
C LEU E 82 14.23 -12.93 4.32
N ASN E 83 15.45 -13.02 3.80
CA ASN E 83 16.27 -14.21 4.09
C ASN E 83 16.59 -14.36 5.57
N GLU E 84 16.69 -13.24 6.30
CA GLU E 84 16.97 -13.32 7.72
C GLU E 84 15.81 -13.99 8.44
N GLU E 85 14.74 -14.26 7.69
CA GLU E 85 13.58 -14.93 8.24
C GLU E 85 13.93 -16.40 8.42
N GLN E 86 15.14 -16.76 7.97
CA GLN E 86 15.68 -18.12 8.05
C GLN E 86 16.81 -18.19 9.07
N ASP E 87 17.17 -17.03 9.60
CA ASP E 87 18.23 -16.91 10.60
C ASP E 87 17.57 -17.00 11.97
N LYS E 88 17.85 -18.07 12.70
CA LYS E 88 17.26 -18.31 14.01
C LYS E 88 17.48 -17.24 15.09
N ARG E 89 18.34 -16.26 14.82
CA ARG E 89 18.59 -15.20 15.80
C ARG E 89 17.59 -14.06 15.67
N PHE E 90 16.73 -14.10 14.64
CA PHE E 90 15.76 -13.03 14.43
C PHE E 90 14.34 -13.38 14.82
N VAL E 91 13.56 -12.35 15.14
CA VAL E 91 12.16 -12.52 15.49
C VAL E 91 11.50 -11.81 14.32
N CYS E 92 10.48 -12.44 13.75
CA CYS E 92 9.79 -11.87 12.60
C CYS E 92 8.30 -12.03 12.70
N LYS E 93 7.57 -11.22 11.95
CA LYS E 93 6.12 -11.29 11.95
C LYS E 93 5.63 -10.98 10.54
N HIS E 94 4.54 -11.61 10.15
CA HIS E 94 3.96 -11.36 8.84
C HIS E 94 2.66 -10.66 9.12
N SER E 95 2.34 -9.66 8.30
CA SER E 95 1.10 -8.90 8.46
C SER E 95 0.63 -8.39 7.10
N MET E 96 -0.47 -7.63 7.13
CA MET E 96 -1.05 -7.05 5.94
C MET E 96 -1.18 -5.57 6.26
N VAL E 97 -0.94 -4.71 5.27
CA VAL E 97 -1.06 -3.27 5.49
C VAL E 97 -1.63 -2.64 4.22
N ASP E 98 -2.37 -1.54 4.39
CA ASP E 98 -2.95 -0.86 3.24
C ASP E 98 -1.82 -0.35 2.36
N ARG E 99 -2.04 -0.38 1.05
CA ARG E 99 -1.06 0.09 0.07
C ARG E 99 -1.81 0.90 -0.98
N GLY E 100 -1.10 1.50 -1.93
CA GLY E 100 -1.77 2.30 -2.94
C GLY E 100 -0.85 3.22 -3.70
N TRP E 101 -1.41 4.12 -4.49
CA TRP E 101 -0.61 5.05 -5.30
C TRP E 101 0.33 5.90 -4.47
N GLY E 102 -0.08 6.23 -3.26
CA GLY E 102 0.75 7.04 -2.40
C GLY E 102 2.05 6.39 -1.94
N ASN E 103 2.16 5.07 -2.07
CA ASN E 103 3.38 4.41 -1.65
C ASN E 103 3.95 3.41 -2.63
N GLY E 104 3.79 3.70 -3.92
CA GLY E 104 4.37 2.85 -4.93
C GLY E 104 3.60 1.69 -5.53
N CYS E 105 2.31 1.58 -5.25
CA CYS E 105 1.53 0.48 -5.80
C CYS E 105 0.52 0.92 -6.85
N GLY E 106 0.25 0.03 -7.79
CA GLY E 106 -0.71 0.35 -8.84
C GLY E 106 -2.15 0.31 -8.36
N LEU E 107 -2.43 -0.64 -7.48
CA LEU E 107 -3.76 -0.86 -6.91
C LEU E 107 -3.86 -0.47 -5.45
N PHE E 108 -5.06 -0.08 -5.02
CA PHE E 108 -5.26 0.23 -3.62
C PHE E 108 -5.77 -1.09 -3.05
N GLY E 109 -5.31 -1.45 -1.87
CA GLY E 109 -5.73 -2.70 -1.26
C GLY E 109 -4.69 -3.14 -0.25
N LYS E 110 -4.95 -4.26 0.41
CA LYS E 110 -4.03 -4.79 1.40
C LYS E 110 -2.83 -5.46 0.73
N GLY E 111 -1.66 -5.23 1.30
CA GLY E 111 -0.45 -5.82 0.78
C GLY E 111 0.28 -6.59 1.88
N GLY E 112 1.15 -7.50 1.48
CA GLY E 112 1.88 -8.27 2.46
C GLY E 112 3.14 -7.57 2.94
N ILE E 113 3.36 -7.56 4.24
CA ILE E 113 4.52 -6.93 4.82
C ILE E 113 5.14 -7.85 5.85
N VAL E 114 6.46 -7.78 5.99
CA VAL E 114 7.17 -8.64 6.93
C VAL E 114 8.29 -7.81 7.59
N THR E 115 8.52 -8.06 8.88
CA THR E 115 9.52 -7.31 9.62
C THR E 115 10.33 -8.23 10.52
N CYS E 116 11.64 -8.07 10.54
CA CYS E 116 12.48 -8.91 11.39
C CYS E 116 13.47 -8.03 12.13
N ALA E 117 13.85 -8.50 13.32
CA ALA E 117 14.80 -7.79 14.16
C ALA E 117 15.67 -8.84 14.81
N MET E 118 16.96 -8.58 14.91
CA MET E 118 17.84 -9.54 15.57
C MET E 118 17.52 -9.47 17.06
N PHE E 119 17.36 -10.64 17.67
CA PHE E 119 17.04 -10.76 19.08
C PHE E 119 18.29 -11.15 19.85
N ARG E 120 18.68 -10.31 20.81
CA ARG E 120 19.87 -10.58 21.63
C ARG E 120 19.52 -10.61 23.11
N CYS E 121 19.59 -11.80 23.70
CA CYS E 121 19.28 -11.96 25.12
C CYS E 121 20.40 -11.36 25.97
N LYS E 122 20.04 -10.55 26.96
CA LYS E 122 21.02 -9.91 27.82
C LYS E 122 21.08 -10.47 29.25
N LYS E 123 20.02 -11.15 29.65
CA LYS E 123 19.95 -11.73 30.99
C LYS E 123 18.93 -12.85 30.97
N ASN E 124 19.37 -14.05 31.37
CA ASN E 124 18.50 -15.21 31.39
C ASN E 124 18.57 -15.93 32.71
N MET E 125 17.62 -16.85 32.90
CA MET E 125 17.57 -17.67 34.09
C MET E 125 17.47 -19.11 33.61
N GLU E 126 17.84 -20.06 34.46
CA GLU E 126 17.74 -21.46 34.06
C GLU E 126 17.22 -22.35 35.17
N GLY E 127 16.36 -23.27 34.80
CA GLY E 127 15.78 -24.19 35.77
C GLY E 127 16.46 -25.54 35.63
N LYS E 128 16.85 -26.14 36.75
CA LYS E 128 17.52 -27.43 36.70
C LYS E 128 16.71 -28.53 37.36
N VAL E 129 17.03 -29.76 36.99
CA VAL E 129 16.35 -30.92 37.55
C VAL E 129 17.35 -31.69 38.42
N VAL E 130 17.03 -31.79 39.70
CA VAL E 130 17.88 -32.48 40.65
C VAL E 130 17.47 -33.95 40.78
N GLN E 131 18.40 -34.85 40.48
CA GLN E 131 18.14 -36.29 40.59
C GLN E 131 18.53 -36.76 41.98
N PRO E 132 17.68 -37.58 42.62
CA PRO E 132 17.98 -38.07 43.97
C PRO E 132 19.40 -38.63 44.02
N GLU E 133 19.79 -39.34 42.97
CA GLU E 133 21.13 -39.86 42.88
C GLU E 133 21.99 -38.65 42.54
N ASN E 134 23.30 -38.82 42.49
CA ASN E 134 24.16 -37.67 42.18
C ASN E 134 24.06 -36.57 43.23
N LEU E 135 23.30 -36.81 44.30
CA LEU E 135 23.21 -35.85 45.38
C LEU E 135 24.43 -36.25 46.21
N GLU E 136 25.11 -35.29 46.83
CA GLU E 136 26.30 -35.63 47.58
C GLU E 136 26.25 -35.15 49.02
N TYR E 137 26.24 -36.11 49.95
CA TYR E 137 26.19 -35.79 51.38
C TYR E 137 27.59 -35.76 52.00
N THR E 138 27.85 -34.75 52.81
CA THR E 138 29.15 -34.63 53.49
C THR E 138 28.95 -34.99 54.95
N ILE E 139 29.76 -35.94 55.43
CA ILE E 139 29.65 -36.39 56.81
C ILE E 139 30.99 -36.30 57.50
N VAL E 140 31.00 -35.74 58.70
CA VAL E 140 32.22 -35.63 59.47
C VAL E 140 32.20 -36.63 60.61
N ILE E 141 33.28 -37.39 60.72
CA ILE E 141 33.42 -38.41 61.74
C ILE E 141 34.54 -37.93 62.62
N THR E 142 34.18 -37.48 63.83
CA THR E 142 35.16 -36.95 64.79
C THR E 142 35.39 -37.88 65.97
N PRO E 143 36.66 -38.17 66.28
CA PRO E 143 37.01 -39.03 67.42
C PRO E 143 36.69 -38.26 68.72
N HIS E 144 35.95 -38.89 69.63
CA HIS E 144 35.58 -38.26 70.90
C HIS E 144 36.71 -38.55 71.89
N SER E 145 37.73 -37.71 71.84
CA SER E 145 38.93 -37.87 72.65
C SER E 145 39.08 -36.81 73.72
N GLY E 146 38.62 -35.60 73.41
CA GLY E 146 38.73 -34.50 74.34
C GLY E 146 40.02 -33.70 74.14
N GLU E 147 40.89 -34.16 73.25
CA GLU E 147 42.15 -33.46 72.95
C GLU E 147 41.90 -31.99 72.63
N GLU E 148 42.90 -31.14 72.76
CA GLU E 148 42.67 -29.72 72.48
C GLU E 148 43.20 -29.08 71.25
N HIS E 149 42.57 -27.94 70.93
CA HIS E 149 42.93 -27.05 69.82
C HIS E 149 42.75 -25.56 70.07
N ALA E 150 41.53 -24.95 70.01
CA ALA E 150 41.39 -23.44 70.23
C ALA E 150 40.75 -22.70 69.01
N GLY E 156 43.85 -28.87 62.56
CA GLY E 156 44.93 -29.73 62.98
C GLY E 156 44.44 -30.99 63.67
N LYS E 157 43.17 -31.00 64.05
CA LYS E 157 42.56 -32.15 64.67
C LYS E 157 41.15 -32.40 64.14
N HIS E 158 40.91 -31.98 62.91
CA HIS E 158 39.62 -32.21 62.26
C HIS E 158 39.23 -33.68 62.30
N GLY E 159 37.94 -33.93 62.47
CA GLY E 159 37.36 -35.22 62.13
C GLY E 159 37.43 -35.50 60.64
N LYS E 160 37.53 -36.78 60.29
CA LYS E 160 37.59 -37.20 58.90
C LYS E 160 36.33 -36.72 58.18
N GLU E 161 36.50 -36.14 57.02
CA GLU E 161 35.37 -35.68 56.24
C GLU E 161 35.24 -36.66 55.08
N ILE E 162 34.04 -37.13 54.80
CA ILE E 162 33.83 -38.06 53.70
C ILE E 162 32.57 -37.66 52.92
N LYS E 163 32.63 -37.77 51.61
CA LYS E 163 31.51 -37.41 50.74
C LYS E 163 31.01 -38.65 50.06
N ILE E 164 29.71 -38.87 50.10
CA ILE E 164 29.15 -40.06 49.47
C ILE E 164 27.93 -39.74 48.64
N THR E 165 27.54 -40.71 47.82
CA THR E 165 26.38 -40.58 46.93
C THR E 165 25.51 -41.82 47.09
N PRO E 166 24.19 -41.69 46.89
CA PRO E 166 23.38 -42.90 47.05
C PRO E 166 23.82 -44.01 46.09
N GLN E 167 24.77 -43.70 45.21
CA GLN E 167 25.26 -44.69 44.26
C GLN E 167 26.68 -45.18 44.59
N SER E 168 27.33 -44.53 45.54
CA SER E 168 28.68 -44.94 45.92
C SER E 168 28.60 -46.18 46.81
N SER E 169 29.68 -46.96 46.83
CA SER E 169 29.70 -48.18 47.64
C SER E 169 30.07 -47.92 49.09
N ILE E 170 30.06 -48.98 49.89
CA ILE E 170 30.39 -48.86 51.30
C ILE E 170 31.72 -48.16 51.50
N THR E 171 31.71 -47.19 52.39
CA THR E 171 32.89 -46.38 52.66
C THR E 171 33.74 -46.92 53.80
N GLU E 172 35.06 -46.83 53.62
CA GLU E 172 36.01 -47.24 54.63
C GLU E 172 36.81 -45.98 54.99
N ALA E 173 36.40 -45.32 56.07
CA ALA E 173 37.06 -44.09 56.48
C ALA E 173 38.17 -44.29 57.49
N GLU E 174 39.32 -43.70 57.21
CA GLU E 174 40.45 -43.82 58.09
C GLU E 174 40.45 -42.69 59.11
N LEU E 175 40.66 -43.05 60.37
CA LEU E 175 40.75 -42.08 61.45
C LEU E 175 42.16 -42.20 62.00
N THR E 176 42.99 -41.22 61.66
CA THR E 176 44.38 -41.20 62.09
C THR E 176 44.52 -41.57 63.56
N GLY E 177 45.19 -42.70 63.77
CA GLY E 177 45.42 -43.19 65.11
C GLY E 177 44.50 -44.29 65.60
N TYR E 178 43.32 -44.43 65.04
CA TYR E 178 42.39 -45.44 65.55
C TYR E 178 42.04 -46.57 64.60
N GLY E 179 42.38 -46.40 63.33
CA GLY E 179 42.06 -47.41 62.34
C GLY E 179 41.05 -46.88 61.34
N THR E 180 40.13 -47.71 60.90
CA THR E 180 39.12 -47.25 59.94
C THR E 180 37.75 -47.62 60.45
N VAL E 181 36.74 -46.92 59.96
CA VAL E 181 35.38 -47.21 60.34
C VAL E 181 34.69 -47.44 59.03
N THR E 182 33.82 -48.43 58.96
CA THR E 182 33.14 -48.71 57.70
C THR E 182 31.68 -48.40 57.83
N MET E 183 31.13 -47.67 56.85
CA MET E 183 29.73 -47.30 56.89
C MET E 183 29.09 -47.16 55.52
N GLU E 184 27.78 -47.34 55.48
CA GLU E 184 27.01 -47.21 54.25
C GLU E 184 25.75 -46.43 54.55
N CYS E 185 25.34 -45.55 53.64
CA CYS E 185 24.16 -44.74 53.89
C CYS E 185 23.11 -44.79 52.80
N SER E 186 21.90 -44.43 53.18
CA SER E 186 20.77 -44.40 52.25
C SER E 186 20.07 -43.07 52.48
N PRO E 187 19.72 -42.37 51.38
CA PRO E 187 19.03 -41.09 51.43
C PRO E 187 17.61 -41.25 51.94
N ARG E 188 17.38 -42.33 52.67
CA ARG E 188 16.04 -42.62 53.18
C ARG E 188 15.18 -41.40 53.45
N THR E 189 14.13 -41.29 52.62
CA THR E 189 13.15 -40.21 52.65
C THR E 189 13.49 -39.05 53.56
N LEU E 191 12.39 -35.88 50.70
CA LEU E 191 13.08 -35.20 49.62
C LEU E 191 12.50 -35.60 48.26
N ASP E 192 11.83 -34.65 47.60
CA ASP E 192 11.23 -34.92 46.29
C ASP E 192 11.90 -34.16 45.15
N PHE E 193 11.91 -34.76 43.96
CA PHE E 193 12.53 -34.15 42.78
C PHE E 193 11.96 -34.76 41.50
N GLU E 195 8.24 -34.47 40.88
CA GLU E 195 8.27 -33.63 39.68
C GLU E 195 8.38 -32.15 40.03
N MET E 196 9.59 -31.71 40.37
CA MET E 196 9.83 -30.32 40.71
C MET E 196 11.01 -29.80 39.90
N VAL E 197 11.31 -28.52 40.04
CA VAL E 197 12.40 -27.90 39.31
C VAL E 197 13.06 -26.83 40.17
N LEU E 198 14.34 -26.58 39.93
CA LEU E 198 15.05 -25.54 40.67
C LEU E 198 15.47 -24.39 39.78
N LEU E 199 14.78 -23.26 39.97
CA LEU E 199 14.98 -22.03 39.23
C LEU E 199 16.14 -21.18 39.73
N GLN E 200 17.04 -20.82 38.82
CA GLN E 200 18.18 -19.99 39.19
C GLN E 200 18.19 -18.61 38.52
N MET E 201 17.99 -17.58 39.32
CA MET E 201 18.00 -16.21 38.85
C MET E 201 19.22 -15.46 39.38
N GLU E 202 20.34 -15.68 38.72
CA GLU E 202 21.58 -15.01 39.10
C GLU E 202 22.04 -15.32 40.53
N ASN E 203 22.54 -16.53 40.72
CA ASN E 203 23.04 -17.00 42.02
C ASN E 203 22.04 -17.12 43.16
N LYS E 204 20.77 -16.91 42.87
CA LYS E 204 19.72 -17.04 43.88
C LYS E 204 18.76 -18.05 43.28
N ALA E 205 18.44 -19.11 44.01
CA ALA E 205 17.55 -20.14 43.49
C ALA E 205 16.27 -20.38 44.29
N TRP E 206 15.34 -21.09 43.65
CA TRP E 206 14.04 -21.43 44.23
C TRP E 206 13.64 -22.80 43.75
N LEU E 207 12.76 -23.46 44.49
CA LEU E 207 12.26 -24.78 44.10
C LEU E 207 10.86 -24.49 43.59
N VAL E 208 10.61 -24.84 42.33
CA VAL E 208 9.29 -24.59 41.74
C VAL E 208 8.71 -25.84 41.11
N HIS E 209 7.39 -25.90 41.00
CA HIS E 209 6.75 -27.06 40.40
C HIS E 209 6.94 -27.05 38.89
N ARG E 210 6.95 -28.23 38.29
CA ARG E 210 7.11 -28.34 36.86
C ARG E 210 5.78 -27.94 36.22
N GLN E 211 5.74 -27.88 34.90
CA GLN E 211 4.52 -27.50 34.18
C GLN E 211 4.18 -26.03 34.42
N TRP E 212 4.84 -25.42 35.40
CA TRP E 212 4.63 -24.01 35.69
C TRP E 212 5.85 -23.36 35.07
N PHE E 213 6.98 -24.01 35.30
CA PHE E 213 8.26 -23.57 34.77
C PHE E 213 8.17 -23.69 33.25
N LEU E 214 7.63 -24.83 32.80
CA LEU E 214 7.47 -25.13 31.38
C LEU E 214 6.42 -24.27 30.68
N ASP E 215 5.56 -23.63 31.46
CA ASP E 215 4.51 -22.80 30.89
C ASP E 215 4.87 -21.33 30.84
N LEU E 216 5.94 -20.94 31.54
CA LEU E 216 6.37 -19.56 31.57
C LEU E 216 6.43 -18.94 30.17
N PRO E 217 5.75 -17.80 29.99
CA PRO E 217 5.71 -17.10 28.71
C PRO E 217 6.96 -16.24 28.54
N LEU E 218 8.06 -16.89 28.18
CA LEU E 218 9.32 -16.21 27.98
C LEU E 218 10.12 -16.98 26.95
N PRO E 219 11.01 -16.29 26.23
CA PRO E 219 11.82 -17.00 25.24
C PRO E 219 12.69 -18.03 25.95
N TRP E 220 12.88 -19.20 25.35
CA TRP E 220 13.69 -20.24 25.97
C TRP E 220 14.51 -21.05 24.99
N LEU E 221 15.38 -21.88 25.52
CA LEU E 221 16.23 -22.74 24.73
C LEU E 221 16.36 -24.10 25.43
N PRO E 222 16.38 -25.19 24.64
CA PRO E 222 16.49 -26.51 25.27
C PRO E 222 17.75 -26.54 26.14
N GLY E 223 17.65 -27.18 27.29
CA GLY E 223 18.78 -27.26 28.22
C GLY E 223 20.17 -27.51 27.65
N ALA E 224 20.30 -28.49 26.76
CA ALA E 224 21.60 -28.84 26.18
C ALA E 224 22.11 -27.89 25.10
N ASP E 225 21.95 -26.59 25.31
CA ASP E 225 22.40 -25.61 24.33
C ASP E 225 23.65 -24.88 24.82
N THR E 226 24.34 -24.21 23.89
CA THR E 226 25.53 -23.46 24.23
C THR E 226 25.66 -22.25 23.31
N GLN E 227 24.85 -22.26 22.25
CA GLN E 227 24.85 -21.15 21.31
C GLN E 227 24.27 -19.94 22.05
N GLY E 228 23.11 -20.15 22.65
CA GLY E 228 22.44 -19.09 23.39
C GLY E 228 21.86 -18.04 22.45
N SER E 229 21.65 -18.43 21.20
CA SER E 229 21.14 -17.52 20.18
C SER E 229 19.76 -17.84 19.62
N ASN E 230 19.54 -19.11 19.29
CA ASN E 230 18.29 -19.56 18.68
C ASN E 230 17.02 -19.68 19.52
N TRP E 231 16.77 -18.66 20.33
CA TRP E 231 15.61 -18.62 21.21
C TRP E 231 14.26 -19.00 20.61
N ILE E 232 13.45 -19.67 21.43
CA ILE E 232 12.12 -20.12 21.03
C ILE E 232 11.06 -19.21 21.64
N GLN E 233 10.09 -18.81 20.81
CA GLN E 233 9.00 -17.91 21.19
C GLN E 233 9.50 -16.55 21.71
N LYS E 234 10.29 -15.90 20.87
CA LYS E 234 10.84 -14.58 21.16
C LYS E 234 9.73 -13.55 21.22
N GLU E 235 8.64 -13.78 20.50
CA GLU E 235 7.52 -12.84 20.48
C GLU E 235 7.02 -12.53 21.89
N THR E 236 7.34 -13.39 22.84
CA THR E 236 6.91 -13.16 24.22
C THR E 236 7.53 -11.87 24.79
N LEU E 237 8.72 -11.49 24.31
CA LEU E 237 9.37 -10.27 24.77
C LEU E 237 9.40 -9.22 23.66
N VAL E 238 8.68 -9.47 22.59
CA VAL E 238 8.67 -8.52 21.48
C VAL E 238 7.27 -8.11 21.11
N THR E 239 7.13 -6.86 20.71
CA THR E 239 5.86 -6.33 20.30
C THR E 239 6.03 -5.66 18.96
N PHE E 240 5.17 -6.02 18.03
CA PHE E 240 5.21 -5.43 16.70
C PHE E 240 4.05 -4.42 16.63
N LYS E 241 4.40 -3.14 16.44
CA LYS E 241 3.40 -2.09 16.34
C LYS E 241 2.65 -2.27 15.03
N ASN E 242 1.54 -1.55 14.86
CA ASN E 242 0.77 -1.64 13.63
C ASN E 242 1.72 -1.21 12.52
N PRO E 243 1.72 -1.95 11.42
CA PRO E 243 2.62 -1.60 10.31
C PRO E 243 2.20 -0.39 9.49
N HIS E 244 3.13 0.06 8.64
CA HIS E 244 2.87 1.17 7.74
C HIS E 244 3.26 0.60 6.37
N ALA E 245 2.84 1.28 5.32
CA ALA E 245 3.12 0.83 3.97
C ALA E 245 4.49 0.22 3.72
N LYS E 246 5.56 0.84 4.24
CA LYS E 246 6.91 0.34 4.00
C LYS E 246 7.78 0.10 5.23
N LYS E 247 7.31 0.49 6.41
CA LYS E 247 8.09 0.28 7.63
C LYS E 247 7.17 -0.10 8.77
N GLN E 248 7.77 -0.69 9.79
CA GLN E 248 7.04 -1.12 10.96
C GLN E 248 8.00 -1.08 12.13
N ASP E 249 7.52 -0.61 13.27
CA ASP E 249 8.37 -0.54 14.45
C ASP E 249 8.24 -1.79 15.28
N VAL E 250 9.33 -2.15 15.95
CA VAL E 250 9.31 -3.32 16.82
C VAL E 250 10.01 -2.91 18.11
N VAL E 251 9.34 -3.13 19.24
CA VAL E 251 9.92 -2.80 20.54
C VAL E 251 9.93 -4.03 21.41
N VAL E 252 10.91 -4.09 22.30
CA VAL E 252 11.04 -5.22 23.21
C VAL E 252 10.59 -4.81 24.59
N LEU E 253 9.95 -5.74 25.31
CA LEU E 253 9.52 -5.46 26.67
C LEU E 253 10.75 -5.19 27.52
N GLY E 254 10.54 -4.65 28.71
CA GLY E 254 11.66 -4.39 29.58
C GLY E 254 12.00 -5.64 30.37
N SER E 255 13.09 -5.60 31.13
CA SER E 255 13.50 -6.76 31.93
C SER E 255 12.33 -7.35 32.70
N GLN E 256 12.38 -8.67 32.90
CA GLN E 256 11.32 -9.33 33.63
C GLN E 256 11.85 -9.89 34.96
N GLU E 257 13.10 -9.58 35.28
CA GLU E 257 13.68 -10.04 36.53
C GLU E 257 12.75 -9.68 37.68
N GLY E 258 12.27 -8.43 37.66
CA GLY E 258 11.36 -7.96 38.69
C GLY E 258 10.03 -8.69 38.69
N ALA E 259 9.40 -8.77 37.53
CA ALA E 259 8.11 -9.45 37.43
C ALA E 259 8.28 -10.88 37.92
N MET E 260 9.47 -11.43 37.76
CA MET E 260 9.76 -12.79 38.19
C MET E 260 9.90 -12.85 39.72
N HIS E 261 10.81 -12.04 40.26
CA HIS E 261 11.04 -11.99 41.70
C HIS E 261 9.74 -11.92 42.48
N THR E 262 9.03 -10.81 42.33
CA THR E 262 7.77 -10.63 43.04
C THR E 262 6.71 -11.63 42.57
N ALA E 263 7.12 -12.63 41.81
CA ALA E 263 6.19 -13.67 41.33
C ALA E 263 6.54 -15.00 42.00
N LEU E 264 7.78 -15.10 42.47
CA LEU E 264 8.28 -16.29 43.14
C LEU E 264 8.06 -16.25 44.65
N THR E 265 7.68 -15.08 45.17
CA THR E 265 7.44 -14.98 46.61
C THR E 265 6.44 -16.07 46.99
N GLY E 266 6.82 -16.88 47.99
CA GLY E 266 5.95 -17.95 48.41
C GLY E 266 6.60 -19.32 48.26
N ALA E 267 7.22 -19.55 47.11
CA ALA E 267 7.91 -20.81 46.83
C ALA E 267 9.17 -20.95 47.67
N THR E 268 9.42 -22.13 48.20
CA THR E 268 10.59 -22.39 49.03
C THR E 268 11.90 -21.95 48.39
N GLU E 269 12.59 -21.03 49.04
CA GLU E 269 13.87 -20.54 48.55
C GLU E 269 14.95 -21.57 48.83
N ILE E 270 15.87 -21.76 47.88
CA ILE E 270 16.93 -22.73 48.04
C ILE E 270 18.30 -22.05 48.06
N GLN E 271 19.06 -22.33 49.11
CA GLN E 271 20.39 -21.76 49.26
C GLN E 271 21.30 -22.39 48.21
N MET E 272 22.47 -21.80 48.01
CA MET E 272 23.42 -22.33 47.04
C MET E 272 24.75 -21.60 47.07
N SER E 273 25.76 -22.20 46.48
CA SER E 273 27.09 -21.60 46.44
C SER E 273 27.94 -22.35 45.42
N SER E 274 28.88 -21.64 44.81
CA SER E 274 29.76 -22.24 43.81
C SER E 274 28.94 -22.90 42.72
N GLY E 275 27.76 -22.34 42.45
CA GLY E 275 26.90 -22.86 41.41
C GLY E 275 26.10 -24.08 41.84
N ASN E 276 26.46 -24.67 42.96
CA ASN E 276 25.77 -25.86 43.44
C ASN E 276 24.60 -25.51 44.35
N LEU E 277 23.55 -26.32 44.29
CA LEU E 277 22.36 -26.10 45.12
C LEU E 277 22.56 -26.88 46.41
N LEU E 278 22.06 -26.34 47.51
CA LEU E 278 22.20 -27.00 48.81
C LEU E 278 20.85 -27.35 49.37
N PHE E 279 20.77 -28.46 50.08
CA PHE E 279 19.52 -28.87 50.69
C PHE E 279 19.82 -29.38 52.07
N THR E 280 18.77 -29.62 52.84
CA THR E 280 18.92 -30.15 54.18
C THR E 280 18.51 -31.63 54.04
N GLY E 281 19.51 -32.49 53.86
CA GLY E 281 19.26 -33.90 53.68
C GLY E 281 18.97 -34.72 54.94
N HIS E 282 18.56 -35.96 54.71
CA HIS E 282 18.24 -36.90 55.79
C HIS E 282 18.88 -38.25 55.44
N LEU E 283 19.71 -38.77 56.32
CA LEU E 283 20.35 -40.05 56.05
C LEU E 283 20.14 -41.11 57.12
N LYS E 284 20.21 -42.36 56.67
CA LYS E 284 20.13 -43.54 57.54
C LYS E 284 21.40 -44.28 57.18
N CYS E 285 22.23 -44.60 58.17
CA CYS E 285 23.45 -45.31 57.87
C CYS E 285 23.66 -46.45 58.84
N ARG E 286 24.57 -47.33 58.45
CA ARG E 286 24.94 -48.48 59.27
C ARG E 286 26.46 -48.49 59.28
N LEU E 287 27.05 -48.67 60.45
CA LEU E 287 28.50 -48.67 60.52
C LEU E 287 29.03 -49.85 61.31
N ARG E 288 30.26 -50.24 61.03
CA ARG E 288 30.92 -51.36 61.68
C ARG E 288 32.24 -50.84 62.24
N MET E 289 32.58 -51.25 63.46
CA MET E 289 33.79 -50.79 64.13
C MET E 289 34.87 -51.86 64.34
N ASP E 290 34.70 -53.02 63.71
CA ASP E 290 35.67 -54.09 63.88
C ASP E 290 37.10 -53.69 63.50
N LYS E 291 37.25 -52.63 62.70
CA LYS E 291 38.61 -52.19 62.33
C LYS E 291 39.11 -50.97 63.10
N LEU E 292 38.37 -50.58 64.14
CA LEU E 292 38.75 -49.46 64.99
C LEU E 292 39.39 -50.00 66.25
N GLN E 293 40.28 -49.22 66.84
CA GLN E 293 40.88 -49.64 68.09
C GLN E 293 41.29 -48.40 68.84
N LEU E 294 41.50 -48.54 70.14
CA LEU E 294 41.86 -47.41 70.99
C LEU E 294 43.26 -46.88 70.70
N LYS E 295 43.37 -45.57 70.56
CA LYS E 295 44.65 -44.93 70.31
C LYS E 295 45.38 -44.71 71.63
N GLY E 296 46.49 -45.42 71.83
CA GLY E 296 47.23 -45.23 73.06
C GLY E 296 47.32 -46.43 73.99
N MET E 297 46.68 -47.53 73.64
CA MET E 297 46.78 -48.70 74.50
C MET E 297 48.27 -49.01 74.64
N SER E 298 48.63 -49.65 75.75
CA SER E 298 50.02 -49.99 76.02
C SER E 298 50.89 -48.78 76.31
N TYR E 299 50.45 -48.02 77.31
CA TYR E 299 51.18 -46.85 77.78
C TYR E 299 51.32 -47.13 79.25
N SER E 300 51.71 -46.12 80.01
CA SER E 300 51.84 -46.25 81.45
C SER E 300 50.63 -45.57 82.08
N MET E 301 50.31 -45.92 83.34
CA MET E 301 49.18 -45.33 84.03
C MET E 301 49.73 -44.11 84.76
N CYS E 302 49.48 -42.91 84.22
CA CYS E 302 49.98 -41.68 84.82
C CYS E 302 50.16 -41.84 86.29
N THR E 303 51.33 -41.54 86.80
CA THR E 303 51.55 -41.62 88.22
C THR E 303 51.96 -40.19 88.59
N GLY E 304 50.98 -39.31 88.81
CA GLY E 304 51.32 -37.93 89.14
C GLY E 304 50.18 -37.04 89.58
N LYS E 305 50.16 -35.77 89.15
CA LYS E 305 49.10 -34.82 89.54
C LYS E 305 48.37 -34.04 88.46
N PHE E 306 47.13 -33.68 88.80
CA PHE E 306 46.29 -32.89 87.92
C PHE E 306 45.59 -31.78 88.68
N LYS E 307 45.49 -30.64 88.03
CA LYS E 307 44.82 -29.48 88.61
C LYS E 307 43.65 -29.19 87.69
N VAL E 308 42.44 -29.33 88.20
CA VAL E 308 41.26 -29.05 87.40
C VAL E 308 41.43 -27.64 86.82
N VAL E 309 41.66 -27.57 85.51
CA VAL E 309 41.87 -26.30 84.84
C VAL E 309 40.84 -25.23 85.19
N LYS E 310 39.56 -25.59 85.22
CA LYS E 310 38.53 -24.62 85.58
C LYS E 310 37.26 -25.32 86.07
N GLU E 311 36.19 -24.55 86.21
CA GLU E 311 34.92 -25.07 86.69
C GLU E 311 34.36 -26.25 85.91
N ILE E 312 34.12 -27.36 86.61
CA ILE E 312 33.55 -28.55 85.98
C ILE E 312 32.26 -28.10 85.31
N ALA E 313 32.02 -28.61 84.10
CA ALA E 313 30.82 -28.22 83.37
C ALA E 313 29.79 -29.33 83.22
N GLU E 314 28.52 -28.92 83.19
CA GLU E 314 27.40 -29.82 83.02
C GLU E 314 26.91 -29.65 81.60
N THR E 315 26.73 -30.75 80.89
CA THR E 315 26.27 -30.69 79.51
C THR E 315 24.75 -30.83 79.48
N GLN E 316 24.19 -30.73 78.29
CA GLN E 316 22.76 -30.87 78.11
C GLN E 316 22.38 -32.34 78.08
N HIS E 317 23.33 -33.24 78.29
CA HIS E 317 23.05 -34.66 78.21
C HIS E 317 23.38 -35.54 79.41
N GLY E 318 23.13 -35.02 80.60
CA GLY E 318 23.38 -35.81 81.79
C GLY E 318 24.83 -36.22 81.93
N THR E 319 25.72 -35.41 81.38
CA THR E 319 27.14 -35.72 81.47
C THR E 319 27.93 -34.51 81.90
N ILE E 320 29.20 -34.73 82.23
CA ILE E 320 30.07 -33.64 82.66
C ILE E 320 31.37 -33.60 81.88
N VAL E 321 31.96 -32.42 81.78
CA VAL E 321 33.22 -32.26 81.08
C VAL E 321 34.28 -31.72 82.04
N ILE E 322 35.21 -32.58 82.47
CA ILE E 322 36.25 -32.16 83.39
C ILE E 322 37.60 -31.87 82.72
N ARG E 323 38.05 -30.62 82.81
CA ARG E 323 39.34 -30.22 82.24
C ARG E 323 40.43 -30.52 83.28
N VAL E 324 41.51 -31.17 82.87
CA VAL E 324 42.59 -31.45 83.81
C VAL E 324 43.89 -31.40 83.05
N GLN E 325 44.99 -31.14 83.75
CA GLN E 325 46.28 -31.08 83.11
C GLN E 325 47.32 -31.60 84.07
N TYR E 326 48.18 -32.49 83.58
CA TYR E 326 49.23 -33.07 84.42
C TYR E 326 50.05 -31.92 84.99
N GLY E 328 52.48 -32.12 85.86
CA GLY E 328 52.48 -33.39 86.59
C GLY E 328 53.55 -34.45 86.27
N ASP E 329 53.84 -35.32 87.24
CA ASP E 329 54.81 -36.44 87.17
C ASP E 329 54.84 -37.53 86.10
N GLY E 330 54.96 -37.24 84.83
CA GLY E 330 54.96 -38.38 83.93
C GLY E 330 54.97 -38.23 82.43
N SER E 331 55.02 -39.39 81.79
CA SER E 331 55.05 -39.56 80.35
C SER E 331 53.72 -39.04 79.81
N PRO E 332 53.59 -39.02 78.50
CA PRO E 332 52.35 -38.59 77.85
C PRO E 332 51.64 -39.89 78.28
N CYS E 333 50.71 -39.83 79.23
CA CYS E 333 50.11 -41.05 79.75
C CYS E 333 48.61 -41.22 79.83
N LYS E 334 48.21 -42.44 80.20
CA LYS E 334 46.81 -42.80 80.40
C LYS E 334 46.37 -42.06 81.67
N ILE E 335 45.46 -41.82 82.04
CA ILE E 335 44.86 -41.15 83.18
C ILE E 335 44.04 -42.12 84.03
N PRO E 336 44.07 -42.16 85.08
CA PRO E 336 43.20 -42.98 85.94
C PRO E 336 41.90 -42.25 86.28
N PHE E 337 40.84 -42.60 85.57
CA PHE E 337 39.56 -41.98 85.82
C PHE E 337 38.68 -43.07 86.38
N GLU E 338 37.81 -42.70 87.29
CA GLU E 338 36.92 -43.67 87.87
C GLU E 338 35.90 -42.97 88.73
N ILE E 339 34.63 -43.25 88.46
CA ILE E 339 33.53 -42.66 89.22
C ILE E 339 32.93 -43.72 90.14
N MET E 340 33.09 -43.53 91.44
CA MET E 340 32.56 -44.49 92.39
C MET E 340 31.51 -43.87 93.30
N ASP E 341 31.07 -44.65 94.28
CA ASP E 341 30.08 -44.17 95.23
C ASP E 341 30.79 -43.36 96.33
N LEU E 342 30.03 -42.82 97.27
CA LEU E 342 30.61 -42.03 98.35
C LEU E 342 31.60 -42.84 99.17
N GLU E 343 31.40 -44.16 99.20
CA GLU E 343 32.28 -45.03 99.96
C GLU E 343 33.45 -45.56 99.16
N LYS E 344 33.52 -45.21 97.88
CA LYS E 344 34.59 -45.70 97.03
C LYS E 344 34.64 -47.23 97.00
N ARG E 345 33.48 -47.88 97.10
CA ARG E 345 33.44 -49.35 97.07
C ARG E 345 33.18 -49.93 95.69
N HIS E 346 32.15 -49.45 95.01
CA HIS E 346 31.86 -49.94 93.66
C HIS E 346 31.98 -48.84 92.60
N VAL E 347 32.11 -49.26 91.34
CA VAL E 347 32.23 -48.33 90.23
C VAL E 347 30.83 -47.96 89.76
N LEU E 348 30.63 -46.69 89.49
CA LEU E 348 29.34 -46.20 89.02
C LEU E 348 29.59 -45.33 87.78
N GLY E 349 28.53 -45.00 87.05
CA GLY E 349 28.71 -44.18 85.86
C GLY E 349 29.68 -44.77 84.86
N ARG E 350 30.04 -43.98 83.83
CA ARG E 350 30.95 -44.40 82.79
C ARG E 350 31.49 -43.22 81.99
N LEU E 351 32.57 -43.49 81.29
CA LEU E 351 33.23 -42.49 80.46
C LEU E 351 32.67 -42.48 79.05
N ILE E 352 32.58 -41.27 78.47
CA ILE E 352 32.14 -41.09 77.09
C ILE E 352 33.47 -40.90 76.35
N THR E 353 34.41 -40.24 77.02
CA THR E 353 35.77 -40.08 76.54
C THR E 353 36.33 -41.42 76.99
N VAL E 354 37.05 -42.13 76.13
CA VAL E 354 37.54 -43.41 76.56
C VAL E 354 39.04 -43.41 76.44
N ASN E 355 39.72 -44.15 77.31
CA ASN E 355 41.17 -44.20 77.36
C ASN E 355 41.71 -42.78 77.28
N PRO E 356 41.22 -41.92 78.17
CA PRO E 356 41.65 -40.52 78.23
C PRO E 356 43.13 -40.50 78.47
N ILE E 357 43.84 -39.64 77.75
CA ILE E 357 45.28 -39.58 77.88
C ILE E 357 45.84 -38.16 77.78
N VAL E 358 47.05 -37.99 78.30
CA VAL E 358 47.71 -36.69 78.26
C VAL E 358 48.82 -36.71 77.21
N THR E 359 48.82 -35.71 76.33
CA THR E 359 49.83 -35.63 75.28
C THR E 359 50.98 -34.71 75.67
N GLU E 360 50.68 -33.67 76.44
CA GLU E 360 51.70 -32.72 76.84
C GLU E 360 51.57 -32.26 78.29
N LYS E 361 52.67 -31.75 78.82
CA LYS E 361 52.69 -31.22 80.17
C LYS E 361 52.02 -29.86 79.95
N ASP E 362 51.00 -29.55 80.75
CA ASP E 362 50.27 -28.31 80.58
C ASP E 362 49.54 -28.31 79.24
N SER E 363 48.61 -29.25 79.10
CA SER E 363 47.80 -29.41 77.91
C SER E 363 46.42 -29.83 78.41
N PRO E 364 45.53 -28.86 78.68
CA PRO E 364 44.19 -29.16 79.18
C PRO E 364 43.51 -30.34 78.47
N VAL E 365 43.34 -31.44 79.19
CA VAL E 365 42.72 -32.60 78.58
C VAL E 365 41.27 -32.72 79.01
N ASN E 366 40.37 -32.19 78.19
CA ASN E 366 38.95 -32.28 78.51
C ASN E 366 38.51 -33.74 78.55
N ILE E 367 37.61 -34.05 79.47
CA ILE E 367 37.10 -35.41 79.61
C ILE E 367 35.60 -35.38 79.86
N GLU E 368 34.83 -36.03 79.00
CA GLU E 368 33.39 -36.08 79.19
C GLU E 368 33.04 -37.40 79.83
N ALA E 369 32.28 -37.34 80.92
CA ALA E 369 31.89 -38.54 81.62
C ALA E 369 30.43 -38.48 82.03
N GLU E 370 29.88 -39.64 82.34
CA GLU E 370 28.50 -39.72 82.78
C GLU E 370 28.46 -40.20 84.23
N PRO E 371 28.16 -39.30 85.16
CA PRO E 371 28.08 -39.66 86.59
C PRO E 371 26.73 -40.30 86.86
N PRO E 372 26.66 -41.23 87.81
CA PRO E 372 25.34 -41.82 88.06
C PRO E 372 24.45 -40.75 88.65
N PHE E 373 23.17 -41.04 88.81
CA PHE E 373 22.27 -40.06 89.39
C PHE E 373 22.55 -39.99 90.88
N GLY E 374 22.44 -38.81 91.47
CA GLY E 374 22.71 -38.68 92.89
C GLY E 374 24.16 -38.32 93.20
N ASP E 375 24.70 -38.94 94.25
CA ASP E 375 26.06 -38.69 94.71
C ASP E 375 27.10 -39.67 94.19
N SER E 376 28.29 -39.14 93.91
CA SER E 376 29.41 -39.94 93.41
C SER E 376 30.75 -39.22 93.56
N TYR E 377 31.83 -39.98 93.64
CA TYR E 377 33.17 -39.43 93.76
C TYR E 377 33.88 -39.53 92.42
N ILE E 378 34.42 -38.42 91.95
CA ILE E 378 35.15 -38.46 90.70
C ILE E 378 36.62 -38.55 91.06
N ILE E 379 37.16 -39.77 90.93
CA ILE E 379 38.54 -40.05 91.27
C ILE E 379 39.53 -39.98 90.10
N ILE E 380 40.19 -38.84 89.96
CA ILE E 380 41.17 -38.61 88.92
C ILE E 380 42.59 -38.74 89.46
N GLY E 381 43.38 -39.65 88.90
CA GLY E 381 44.76 -39.78 89.32
C GLY E 381 45.15 -40.90 90.25
N VAL E 382 46.35 -40.79 90.83
CA VAL E 382 46.86 -41.80 91.73
C VAL E 382 47.32 -41.31 93.10
N GLU E 383 47.87 -42.24 93.88
CA GLU E 383 48.30 -42.00 95.27
C GLU E 383 49.16 -40.92 95.94
N PRO E 384 49.32 -39.75 95.31
CA PRO E 384 50.07 -38.72 96.00
C PRO E 384 48.78 -37.99 96.36
N GLY E 385 48.12 -37.50 95.31
CA GLY E 385 46.83 -36.84 95.48
C GLY E 385 45.71 -37.35 94.57
N GLN E 386 45.24 -38.58 94.78
CA GLN E 386 44.13 -39.11 93.97
C GLN E 386 43.05 -38.03 94.21
N LEU E 387 42.57 -37.42 93.13
CA LEU E 387 41.62 -36.31 93.20
C LEU E 387 40.14 -36.59 93.49
N LYS E 388 39.75 -36.69 94.74
CA LYS E 388 38.35 -36.95 95.06
C LYS E 388 37.47 -35.71 94.88
N LEU E 389 36.66 -35.69 93.82
CA LEU E 389 35.77 -34.56 93.57
C LEU E 389 34.35 -35.06 93.79
N ASN E 390 33.61 -34.42 94.70
CA ASN E 390 32.24 -34.83 94.94
C ASN E 390 31.35 -34.32 93.82
N TRP E 391 30.32 -35.09 93.49
CA TRP E 391 29.41 -34.67 92.45
C TRP E 391 27.99 -35.15 92.71
N PHE E 392 27.04 -34.27 92.43
CA PHE E 392 25.64 -34.58 92.60
C PHE E 392 24.90 -34.33 91.29
N LYS E 393 24.30 -35.38 90.75
CA LYS E 393 23.58 -35.25 89.49
C LYS E 393 22.07 -35.24 89.75
N LYS E 394 21.44 -34.11 89.44
CA LYS E 394 20.00 -33.93 89.62
C LYS E 394 19.30 -34.02 88.28
N PHE F 1 26.13 10.43 3.23
CA PHE F 1 25.72 9.01 3.42
C PHE F 1 26.58 8.05 2.59
N HIS F 2 26.70 6.82 3.08
CA HIS F 2 27.46 5.79 2.39
C HIS F 2 26.56 5.05 1.40
N LEU F 3 26.93 5.07 0.13
CA LEU F 3 26.14 4.37 -0.88
C LEU F 3 26.69 2.97 -1.11
N THR F 4 25.86 1.97 -0.89
CA THR F 4 26.21 0.56 -1.04
C THR F 4 25.03 -0.10 -1.78
N THR F 5 24.89 -1.43 -1.69
CA THR F 5 23.78 -2.11 -2.36
C THR F 5 23.17 -3.22 -1.50
N ARG F 6 21.95 -3.63 -1.85
CA ARG F 6 21.26 -4.71 -1.15
C ARG F 6 20.52 -5.49 -2.23
N ASN F 7 21.15 -6.56 -2.71
CA ASN F 7 20.56 -7.38 -3.74
C ASN F 7 20.39 -6.59 -5.04
N GLY F 8 21.49 -6.02 -5.52
CA GLY F 8 21.45 -5.28 -6.77
C GLY F 8 20.84 -3.91 -6.67
N GLU F 9 20.11 -3.65 -5.59
CA GLU F 9 19.48 -2.36 -5.42
C GLU F 9 20.31 -1.39 -4.58
N PRO F 10 20.25 -0.09 -4.89
CA PRO F 10 21.02 0.88 -4.11
C PRO F 10 20.54 0.96 -2.65
N HIS F 11 21.48 1.11 -1.73
CA HIS F 11 21.20 1.18 -0.30
C HIS F 11 21.88 2.40 0.33
N MET F 12 21.14 3.20 1.07
CA MET F 12 21.71 4.41 1.70
C MET F 12 21.88 4.32 3.21
N ILE F 13 23.12 4.41 3.67
CA ILE F 13 23.40 4.41 5.10
C ILE F 13 23.44 5.89 5.42
N VAL F 14 22.36 6.40 6.01
CA VAL F 14 22.23 7.82 6.34
C VAL F 14 22.64 8.17 7.76
N SER F 15 23.53 9.15 7.89
CA SER F 15 23.99 9.57 9.22
C SER F 15 23.15 10.73 9.71
N ARG F 16 23.39 11.10 10.95
CA ARG F 16 22.65 12.17 11.62
C ARG F 16 22.71 13.55 10.96
N GLN F 17 23.87 13.93 10.47
CA GLN F 17 24.05 15.25 9.88
C GLN F 17 23.36 15.45 8.54
N GLU F 18 22.62 14.45 8.08
CA GLU F 18 21.96 14.59 6.80
C GLU F 18 20.46 14.81 6.92
N LYS F 19 19.98 14.79 8.16
CA LYS F 19 18.56 15.00 8.43
C LYS F 19 18.13 16.33 7.80
N GLY F 20 17.08 16.30 7.01
CA GLY F 20 16.59 17.52 6.41
C GLY F 20 17.20 17.93 5.08
N LYS F 21 18.04 17.09 4.51
CA LYS F 21 18.61 17.46 3.22
C LYS F 21 18.39 16.42 2.15
N SER F 22 18.12 16.91 0.95
CA SER F 22 17.86 16.10 -0.23
C SER F 22 19.02 15.14 -0.48
N LEU F 23 18.70 13.86 -0.69
CA LEU F 23 19.73 12.86 -0.92
C LEU F 23 19.89 12.56 -2.43
N LEU F 24 21.04 12.94 -2.98
CA LEU F 24 21.28 12.74 -4.40
C LEU F 24 22.45 11.81 -4.71
N PHE F 25 22.23 10.88 -5.64
CA PHE F 25 23.28 9.97 -6.07
C PHE F 25 23.03 9.52 -7.51
N LYS F 26 24.08 9.62 -8.31
CA LYS F 26 24.08 9.27 -9.72
C LYS F 26 23.81 7.79 -9.97
N THR F 27 23.08 7.51 -11.05
CA THR F 27 22.76 6.13 -11.46
C THR F 27 22.63 6.10 -12.98
N GLU F 28 23.01 4.97 -13.56
CA GLU F 28 22.93 4.78 -15.01
C GLU F 28 21.71 5.47 -15.63
N ASP F 29 20.58 5.42 -14.94
CA ASP F 29 19.34 6.02 -15.42
C ASP F 29 19.20 7.50 -15.02
N GLY F 30 20.32 8.19 -14.91
CA GLY F 30 20.27 9.59 -14.51
C GLY F 30 20.49 9.79 -13.02
N VAL F 31 20.23 11.00 -12.56
CA VAL F 31 20.40 11.36 -11.15
C VAL F 31 19.17 11.04 -10.32
N ASN F 32 19.38 10.32 -9.22
CA ASN F 32 18.28 9.93 -8.33
C ASN F 32 18.17 10.85 -7.11
N MET F 33 16.95 11.30 -6.81
CA MET F 33 16.73 12.17 -5.66
C MET F 33 15.77 11.52 -4.67
N CYS F 34 16.29 11.03 -3.55
CA CYS F 34 15.43 10.44 -2.54
C CYS F 34 15.16 11.49 -1.52
N THR F 35 13.99 11.40 -0.91
CA THR F 35 13.59 12.36 0.10
C THR F 35 13.38 11.63 1.42
N LEU F 36 14.12 12.04 2.44
CA LEU F 36 14.01 11.41 3.75
C LEU F 36 13.29 12.37 4.69
N MET F 37 12.18 11.89 5.25
CA MET F 37 11.33 12.67 6.14
C MET F 37 11.22 12.01 7.50
N ALA F 38 12.00 10.95 7.74
CA ALA F 38 11.94 10.23 9.02
C ALA F 38 12.15 11.13 10.24
N ASP F 40 12.21 10.17 13.36
CA ASP F 40 13.07 9.46 14.31
C ASP F 40 14.52 9.26 13.86
N LEU F 41 14.92 9.87 12.75
CA LEU F 41 16.28 9.76 12.25
C LEU F 41 17.25 10.31 13.30
N GLY F 42 18.15 9.46 13.80
CA GLY F 42 19.09 9.92 14.79
C GLY F 42 20.55 9.65 14.47
N GLU F 43 21.30 9.15 15.45
CA GLU F 43 22.71 8.84 15.28
C GLU F 43 22.89 7.39 14.84
N LEU F 44 23.83 7.14 13.95
CA LEU F 44 24.08 5.79 13.49
C LEU F 44 24.62 4.96 14.63
N CYS F 45 23.91 3.90 14.98
CA CYS F 45 24.37 3.03 16.07
C CYS F 45 23.94 1.59 15.85
N GLU F 46 23.79 0.84 16.95
CA GLU F 46 23.38 -0.55 16.88
C GLU F 46 21.91 -0.66 16.57
N ASP F 47 21.13 0.29 17.06
CA ASP F 47 19.71 0.29 16.82
C ASP F 47 19.45 0.93 15.46
N THR F 48 19.53 0.12 14.42
CA THR F 48 19.30 0.59 13.07
C THR F 48 17.89 0.28 12.58
N ILE F 49 17.39 0.83 11.74
CA ILE F 49 16.26 0.28 11.00
C ILE F 49 16.47 0.42 9.50
N THR F 50 16.05 -0.40 8.77
CA THR F 50 16.29 -0.54 7.34
C THR F 50 15.01 -0.86 6.60
N TYR F 51 14.71 -0.08 5.58
CA TYR F 51 13.50 -0.29 4.79
C TYR F 51 13.59 0.40 3.43
N LYS F 52 12.57 0.20 2.60
CA LYS F 52 12.60 0.76 1.26
C LYS F 52 11.85 2.05 0.96
N CYS F 53 12.49 2.87 0.15
CA CYS F 53 11.97 4.14 -0.29
C CYS F 53 11.49 3.93 -1.72
N PRO F 54 10.17 3.79 -1.90
CA PRO F 54 9.57 3.56 -3.20
C PRO F 54 9.75 4.66 -4.25
N LEU F 55 9.60 4.26 -5.50
CA LEU F 55 9.69 5.19 -6.60
C LEU F 55 8.30 5.81 -6.66
N LEU F 56 8.26 7.12 -6.82
CA LEU F 56 7.01 7.82 -6.88
C LEU F 56 7.00 8.83 -8.02
N ARG F 57 6.22 8.52 -9.05
CA ARG F 57 6.08 9.37 -10.22
C ARG F 57 4.73 10.06 -10.14
N GLN F 58 4.73 11.39 -10.15
CA GLN F 58 3.52 12.20 -10.09
C GLN F 58 2.38 11.60 -9.26
N ASN F 59 2.70 11.25 -8.01
CA ASN F 59 1.74 10.70 -7.06
C ASN F 59 2.14 11.32 -5.75
N GLU F 60 1.16 11.71 -4.93
CA GLU F 60 1.48 12.30 -3.64
C GLU F 60 1.84 11.14 -2.69
N PRO F 61 2.78 11.37 -1.76
CA PRO F 61 3.16 10.30 -0.84
C PRO F 61 2.09 10.08 0.23
N GLU F 62 1.91 8.84 0.63
CA GLU F 62 0.93 8.51 1.65
C GLU F 62 1.44 7.38 2.54
N ASP F 63 1.37 7.60 3.84
CA ASP F 63 1.81 6.61 4.82
C ASP F 63 3.29 6.19 4.67
N ILE F 64 4.16 7.14 4.32
CA ILE F 64 5.59 6.89 4.16
C ILE F 64 6.43 8.14 4.47
N ASP F 65 7.68 7.95 4.83
CA ASP F 65 8.56 9.06 5.15
C ASP F 65 9.84 9.02 4.34
N CYS F 66 9.85 8.17 3.32
CA CYS F 66 11.01 8.05 2.42
C CYS F 66 10.54 7.64 1.04
N TRP F 67 11.11 8.28 0.03
CA TRP F 67 10.77 7.96 -1.35
C TRP F 67 11.77 8.62 -2.29
N CYS F 68 11.97 7.98 -3.43
CA CYS F 68 12.90 8.50 -4.44
C CYS F 68 12.06 8.75 -5.69
N ASN F 69 12.60 9.49 -6.66
CA ASN F 69 11.84 9.79 -7.85
C ASN F 69 12.40 9.23 -9.14
N SER F 70 13.34 8.29 -9.06
CA SER F 70 13.89 7.76 -10.30
C SER F 70 14.20 6.29 -10.18
N THR F 71 14.57 5.87 -8.98
CA THR F 71 14.88 4.47 -8.75
C THR F 71 14.74 4.10 -7.28
N SER F 72 13.85 3.16 -7.01
CA SER F 72 13.59 2.68 -5.66
C SER F 72 14.91 2.44 -4.94
N THR F 73 15.02 2.90 -3.69
CA THR F 73 16.25 2.75 -2.92
C THR F 73 15.99 2.28 -1.51
N TRP F 74 16.92 1.49 -0.96
CA TRP F 74 16.79 1.02 0.41
C TRP F 74 17.46 2.10 1.25
N VAL F 75 17.02 2.26 2.51
CA VAL F 75 17.64 3.24 3.40
C VAL F 75 17.83 2.62 4.78
N THR F 76 18.89 3.06 5.45
CA THR F 76 19.21 2.61 6.78
C THR F 76 19.77 3.74 7.64
N TYR F 77 19.28 3.86 8.86
CA TYR F 77 19.75 4.88 9.77
C TYR F 77 19.54 4.45 11.21
N GLY F 78 20.31 5.05 12.12
CA GLY F 78 20.17 4.70 13.53
C GLY F 78 19.15 5.61 14.18
N THR F 79 18.67 5.23 15.36
CA THR F 79 17.69 6.04 16.09
C THR F 79 18.27 6.65 17.38
N CYS F 80 19.49 6.29 17.73
CA CYS F 80 20.17 6.81 18.92
C CYS F 80 20.25 8.33 18.91
N THR F 81 20.53 8.92 20.06
CA THR F 81 20.66 10.37 20.14
C THR F 81 21.81 10.78 21.06
N ALA G 1 27.72 11.60 -23.50
CA ALA G 1 29.14 11.98 -23.55
C ALA G 1 30.03 11.10 -22.65
N ALA G 2 29.43 10.08 -22.06
CA ALA G 2 30.11 9.06 -21.27
C ALA G 2 31.21 8.37 -22.08
N GLN G 3 32.42 8.38 -21.55
CA GLN G 3 33.59 7.75 -22.17
C GLN G 3 34.46 7.11 -21.08
N LEU G 4 35.05 5.98 -21.46
CA LEU G 4 36.09 5.31 -20.71
C LEU G 4 37.31 5.19 -21.61
N GLN G 5 38.47 5.58 -21.09
CA GLN G 5 39.71 5.61 -21.86
C GLN G 5 40.70 4.73 -21.09
N GLU G 6 40.90 3.52 -21.64
CA GLU G 6 41.89 2.60 -21.10
C GLU G 6 43.34 3.02 -21.38
N SER G 7 44.32 2.44 -20.66
CA SER G 7 45.71 2.56 -21.16
C SER G 7 45.95 1.85 -22.51
N GLY G 8 47.15 2.03 -23.08
CA GLY G 8 47.53 1.37 -24.32
C GLY G 8 48.07 -0.04 -24.13
N PRO G 9 48.10 -0.85 -25.20
CA PRO G 9 48.63 -2.21 -25.15
C PRO G 9 49.99 -2.34 -24.49
N GLU G 10 50.14 -3.45 -23.78
CA GLU G 10 51.31 -3.82 -23.01
C GLU G 10 51.79 -5.19 -23.52
N LEU G 11 53.12 -5.35 -23.56
CA LEU G 11 53.76 -6.63 -23.80
C LEU G 11 53.53 -7.54 -22.54
N VAL G 12 54.55 -8.26 -22.12
CA VAL G 12 55.30 -8.20 -20.84
C VAL G 12 55.93 -9.57 -20.61
N LYS G 13 56.89 -9.67 -19.70
CA LYS G 13 57.52 -10.96 -19.38
C LYS G 13 56.62 -11.78 -18.41
N PRO G 14 56.68 -13.12 -18.46
CA PRO G 14 56.12 -13.93 -17.39
C PRO G 14 56.78 -13.59 -16.05
N GLY G 15 55.98 -13.63 -14.99
CA GLY G 15 56.31 -13.17 -13.66
C GLY G 15 56.23 -11.65 -13.45
N ALA G 16 56.16 -10.85 -14.52
CA ALA G 16 55.91 -9.42 -14.39
C ALA G 16 54.52 -9.12 -13.81
N SER G 17 54.28 -7.84 -13.58
CA SER G 17 52.97 -7.27 -13.26
C SER G 17 52.70 -6.10 -14.20
N VAL G 18 51.42 -5.85 -14.49
CA VAL G 18 50.95 -4.69 -15.26
C VAL G 18 49.82 -3.97 -14.52
N LYS G 19 49.39 -2.80 -15.02
CA LYS G 19 48.82 -1.76 -14.16
C LYS G 19 47.76 -0.86 -14.83
N ILE G 20 46.94 -1.47 -15.68
CA ILE G 20 45.95 -0.90 -16.62
C ILE G 20 45.08 0.26 -16.11
N SER G 21 45.16 1.47 -16.70
CA SER G 21 44.26 2.59 -16.31
C SER G 21 42.97 2.67 -17.16
N CYS G 22 42.03 3.58 -16.85
CA CYS G 22 40.61 3.46 -17.24
C CYS G 22 39.84 4.76 -17.54
N LYS G 23 40.39 5.90 -17.09
CA LYS G 23 39.90 7.29 -17.24
C LYS G 23 38.47 7.49 -17.76
N ALA G 24 37.52 7.54 -16.83
CA ALA G 24 36.15 7.96 -17.04
C ALA G 24 36.06 9.46 -17.37
N SER G 25 35.08 9.83 -18.17
CA SER G 25 34.57 11.21 -18.24
C SER G 25 33.12 11.24 -18.73
N GLY G 26 32.47 12.39 -18.62
CA GLY G 26 31.07 12.57 -18.99
C GLY G 26 30.05 12.00 -18.02
N TYR G 27 30.46 11.69 -16.78
CA TYR G 27 29.57 11.32 -15.69
C TYR G 27 30.28 11.46 -14.34
N THR G 28 29.46 11.51 -13.30
CA THR G 28 29.79 11.37 -11.89
C THR G 28 30.49 10.04 -11.59
N PHE G 29 31.83 10.05 -11.58
CA PHE G 29 32.64 8.86 -11.31
C PHE G 29 32.19 8.08 -10.05
N THR G 30 31.98 8.78 -8.94
CA THR G 30 31.51 8.25 -7.65
C THR G 30 30.19 7.50 -7.66
N ASP G 31 29.34 7.80 -8.63
CA ASP G 31 27.94 7.39 -8.67
C ASP G 31 27.80 5.94 -9.18
N TYR G 32 28.79 5.42 -9.91
CA TYR G 32 28.68 4.14 -10.63
C TYR G 32 29.88 3.19 -10.48
N PHE G 33 29.55 1.89 -10.48
CA PHE G 33 30.48 0.76 -10.50
C PHE G 33 31.43 0.69 -11.68
N ILE G 34 32.62 0.10 -11.48
CA ILE G 34 33.67 -0.03 -12.48
C ILE G 34 34.20 -1.49 -12.60
N ASN G 35 34.05 -2.05 -13.81
CA ASN G 35 34.02 -3.51 -13.95
C ASN G 35 35.02 -4.00 -14.97
N TRP G 36 36.05 -4.73 -14.51
CA TRP G 36 37.01 -5.22 -15.48
C TRP G 36 36.53 -6.53 -16.11
N VAL G 37 37.04 -6.80 -17.31
CA VAL G 37 36.50 -7.86 -18.14
C VAL G 37 37.58 -8.40 -19.05
N ARG G 38 38.10 -9.56 -18.66
CA ARG G 38 39.01 -10.34 -19.49
C ARG G 38 38.26 -10.88 -20.70
N GLN G 39 38.89 -10.90 -21.86
CA GLN G 39 38.53 -11.78 -22.96
C GLN G 39 39.83 -12.30 -23.58
N SER G 40 40.12 -13.59 -23.42
CA SER G 40 41.23 -14.18 -24.17
C SER G 40 40.88 -14.36 -25.63
N HIS G 41 41.90 -14.39 -26.48
CA HIS G 41 41.80 -14.66 -27.91
C HIS G 41 40.98 -15.93 -28.17
N GLY G 42 39.85 -15.82 -28.86
CA GLY G 42 38.97 -16.96 -29.16
C GLY G 42 38.23 -17.58 -27.97
N LYS G 43 38.24 -16.94 -26.79
CA LYS G 43 37.35 -17.24 -25.65
C LYS G 43 36.23 -16.18 -25.58
N SER G 44 35.23 -16.49 -24.75
CA SER G 44 34.21 -15.53 -24.32
C SER G 44 34.76 -14.51 -23.31
N LEU G 45 33.91 -13.56 -22.90
CA LEU G 45 34.13 -12.63 -21.81
C LEU G 45 34.12 -13.36 -20.45
N GLU G 46 34.85 -12.78 -19.49
CA GLU G 46 35.18 -13.30 -18.17
C GLU G 46 35.24 -12.12 -17.20
N TRP G 47 34.16 -11.94 -16.44
CA TRP G 47 34.04 -10.88 -15.44
C TRP G 47 35.14 -10.99 -14.36
N ILE G 48 35.68 -9.83 -13.99
CA ILE G 48 36.78 -9.64 -13.07
C ILE G 48 36.54 -8.26 -12.34
N GLY G 49 35.84 -8.24 -11.17
CA GLY G 49 36.07 -7.19 -10.19
C GLY G 49 34.94 -6.31 -9.59
N ASP G 50 34.75 -5.07 -10.07
CA ASP G 50 33.53 -4.27 -9.95
C ASP G 50 33.56 -2.93 -9.17
N PHE G 51 34.45 -2.77 -8.18
CA PHE G 51 34.89 -1.52 -7.55
C PHE G 51 33.93 -0.33 -7.60
N TYR G 52 33.35 -0.02 -6.42
CA TYR G 52 32.48 1.14 -6.25
C TYR G 52 33.25 2.39 -5.76
N PRO G 53 33.51 3.38 -6.63
CA PRO G 53 34.43 4.47 -6.31
C PRO G 53 33.92 5.48 -5.29
N ASN G 54 32.68 5.36 -4.80
CA ASN G 54 32.25 6.14 -3.64
C ASN G 54 32.95 5.67 -2.35
N ASN G 55 33.11 4.36 -2.16
CA ASN G 55 33.56 3.75 -0.89
C ASN G 55 34.68 2.70 -1.03
N ARG G 56 35.24 2.55 -2.24
CA ARG G 56 36.30 1.59 -2.61
C ARG G 56 36.12 0.14 -2.15
N GLY G 57 34.86 -0.29 -2.02
CA GLY G 57 34.49 -1.72 -2.00
C GLY G 57 34.78 -2.41 -3.34
N PRO G 58 35.60 -3.48 -3.33
CA PRO G 58 35.66 -4.41 -4.44
C PRO G 58 34.54 -5.49 -4.37
N THR G 59 34.33 -6.23 -5.46
CA THR G 59 34.24 -7.70 -5.33
C THR G 59 35.29 -8.31 -6.29
N TYR G 60 35.31 -9.64 -6.30
CA TYR G 60 36.23 -10.37 -7.16
C TYR G 60 35.43 -11.58 -7.67
N ASN G 61 35.65 -11.91 -8.93
CA ASN G 61 35.50 -13.30 -9.35
C ASN G 61 36.56 -14.15 -8.63
N GLN G 62 36.18 -15.25 -7.98
CA GLN G 62 37.11 -16.16 -7.30
C GLN G 62 38.30 -16.55 -8.20
N LYS G 63 38.06 -16.85 -9.49
CA LYS G 63 39.11 -17.20 -10.47
C LYS G 63 40.27 -16.19 -10.57
N PHE G 64 40.01 -14.94 -10.21
CA PHE G 64 40.91 -13.80 -10.36
C PHE G 64 41.24 -13.13 -9.02
N GLU G 65 40.66 -13.64 -7.94
CA GLU G 65 41.08 -13.36 -6.56
C GLU G 65 42.54 -13.84 -6.38
N GLY G 66 43.45 -12.93 -6.00
CA GLY G 66 44.90 -13.20 -5.96
C GLY G 66 45.66 -12.78 -7.22
N LYS G 67 44.99 -12.73 -8.38
CA LYS G 67 45.57 -12.34 -9.67
C LYS G 67 45.46 -10.84 -9.91
N ALA G 68 44.28 -10.28 -9.61
CA ALA G 68 43.97 -8.87 -9.80
C ALA G 68 44.00 -8.09 -8.49
N THR G 69 44.04 -6.77 -8.59
CA THR G 69 43.81 -5.83 -7.48
C THR G 69 43.33 -4.50 -8.04
N LEU G 70 42.05 -4.23 -7.81
CA LEU G 70 41.36 -3.05 -8.30
C LEU G 70 41.60 -1.89 -7.34
N THR G 71 41.72 -0.67 -7.87
CA THR G 71 41.80 0.53 -7.06
C THR G 71 41.40 1.76 -7.84
N VAL G 72 40.78 2.74 -7.18
CA VAL G 72 40.34 3.97 -7.84
C VAL G 72 40.92 5.21 -7.19
N ASP G 73 41.25 6.18 -8.05
CA ASP G 73 41.50 7.56 -7.69
C ASP G 73 40.38 8.49 -8.19
N LYS G 74 39.51 8.76 -7.21
CA LYS G 74 38.45 9.76 -7.19
C LYS G 74 38.88 11.07 -7.85
N SER G 75 40.02 11.59 -7.41
CA SER G 75 40.56 12.90 -7.80
C SER G 75 40.79 13.00 -9.30
N SER G 76 41.25 11.91 -9.92
CA SER G 76 41.50 11.90 -11.36
C SER G 76 40.39 11.21 -12.13
N SER G 77 39.29 10.84 -11.47
CA SER G 77 38.21 9.99 -12.01
C SER G 77 38.75 8.83 -12.86
N THR G 78 39.66 8.09 -12.22
CA THR G 78 40.42 7.01 -12.86
C THR G 78 40.26 5.74 -12.05
N ALA G 79 40.02 4.63 -12.73
CA ALA G 79 40.16 3.32 -12.14
C ALA G 79 41.43 2.67 -12.72
N TYR G 80 41.97 1.76 -11.91
CA TYR G 80 43.19 1.00 -12.12
C TYR G 80 42.94 -0.47 -11.82
N MET G 81 43.46 -1.35 -12.66
CA MET G 81 43.62 -2.77 -12.32
C MET G 81 45.11 -3.13 -12.38
N GLU G 82 45.65 -3.60 -11.26
CA GLU G 82 46.86 -4.41 -11.32
C GLU G 82 46.55 -5.85 -11.65
N LEU G 83 47.44 -6.47 -12.44
CA LEU G 83 47.56 -7.93 -12.63
C LEU G 83 48.97 -8.37 -12.30
N ARG G 84 49.08 -9.43 -11.50
CA ARG G 84 50.33 -9.80 -10.83
C ARG G 84 50.73 -11.23 -11.11
N SER G 85 52.03 -11.51 -11.13
CA SER G 85 52.56 -12.84 -11.48
C SER G 85 51.98 -13.37 -12.78
N LEU G 86 52.10 -12.54 -13.83
CA LEU G 86 51.55 -12.80 -15.15
C LEU G 86 52.07 -14.11 -15.75
N THR G 87 51.18 -14.84 -16.41
CA THR G 87 51.50 -16.07 -17.15
C THR G 87 50.94 -15.99 -18.56
N SER G 88 51.33 -16.89 -19.47
CA SER G 88 50.84 -16.85 -20.85
C SER G 88 49.31 -16.88 -20.96
N ASP G 89 48.59 -17.61 -20.09
CA ASP G 89 47.11 -17.56 -20.11
C ASP G 89 46.51 -16.17 -19.83
N ASP G 90 47.21 -15.32 -19.07
CA ASP G 90 46.84 -13.93 -18.84
C ASP G 90 46.85 -13.04 -20.09
N SER G 91 47.34 -13.54 -21.23
CA SER G 91 47.30 -12.80 -22.48
C SER G 91 45.86 -12.67 -23.04
N ALA G 92 45.36 -11.44 -23.04
CA ALA G 92 43.94 -11.15 -23.24
C ALA G 92 43.71 -9.64 -23.42
N VAL G 93 42.50 -9.23 -23.82
CA VAL G 93 42.02 -7.86 -23.59
C VAL G 93 41.34 -7.75 -22.21
N TYR G 94 41.17 -6.55 -21.62
CA TYR G 94 40.74 -6.41 -20.19
C TYR G 94 39.56 -5.45 -19.80
N TYR G 95 38.74 -4.99 -20.76
CA TYR G 95 37.74 -3.90 -20.70
C TYR G 95 37.11 -3.41 -19.36
N CYS G 96 36.90 -2.10 -19.15
CA CYS G 96 36.63 -1.49 -17.82
C CYS G 96 35.16 -1.16 -17.38
N ALA G 97 34.16 -1.60 -18.14
CA ALA G 97 32.81 -1.04 -18.21
C ALA G 97 32.14 -0.53 -16.92
N ARG G 98 31.51 0.64 -17.02
CA ARG G 98 30.68 1.21 -15.94
C ARG G 98 29.32 0.50 -15.90
N GLY G 99 28.86 0.20 -14.68
CA GLY G 99 27.49 -0.24 -14.42
C GLY G 99 26.51 0.93 -14.30
N LEU G 100 25.23 0.62 -14.15
CA LEU G 100 24.17 1.62 -14.06
C LEU G 100 23.05 1.02 -13.18
N TRP G 101 23.17 1.28 -11.87
CA TRP G 101 22.41 0.65 -10.79
C TRP G 101 22.56 -0.86 -10.64
N ASP G 102 21.98 -1.63 -11.55
CA ASP G 102 22.20 -3.07 -11.63
C ASP G 102 23.63 -3.34 -12.18
N ALA G 103 23.97 -4.62 -12.31
CA ALA G 103 25.24 -5.10 -12.87
C ALA G 103 25.42 -4.88 -14.39
N TRP G 104 24.59 -4.06 -15.05
CA TRP G 104 24.58 -3.94 -16.50
C TRP G 104 25.63 -2.98 -17.06
N LEU G 105 26.60 -3.57 -17.75
CA LEU G 105 27.73 -2.92 -18.39
C LEU G 105 27.30 -2.04 -19.56
N SER G 106 27.00 -0.77 -19.27
CA SER G 106 26.28 0.13 -20.20
C SER G 106 27.19 1.05 -21.01
N TYR G 107 28.48 1.02 -20.70
CA TYR G 107 29.52 1.79 -21.39
C TYR G 107 30.83 1.05 -21.19
N TRP G 108 31.50 0.72 -22.29
CA TRP G 108 32.73 -0.09 -22.31
C TRP G 108 33.93 0.83 -22.61
N GLY G 109 35.14 0.36 -22.31
CA GLY G 109 36.36 1.02 -22.78
C GLY G 109 36.81 0.41 -24.09
N GLN G 110 37.84 1.00 -24.72
CA GLN G 110 38.39 0.48 -25.97
C GLN G 110 39.14 -0.84 -25.84
N GLY G 111 39.49 -1.25 -24.62
CA GLY G 111 40.11 -2.52 -24.33
C GLY G 111 41.63 -2.51 -24.47
N THR G 112 42.31 -2.80 -23.37
CA THR G 112 43.76 -2.99 -23.32
C THR G 112 44.10 -4.44 -23.60
N LEU G 113 44.85 -4.65 -24.68
CA LEU G 113 45.61 -5.88 -24.96
C LEU G 113 46.83 -5.97 -24.03
N VAL G 114 46.98 -7.11 -23.36
CA VAL G 114 48.17 -7.53 -22.62
C VAL G 114 48.69 -8.86 -23.18
N THR G 115 50.01 -8.94 -23.37
CA THR G 115 50.62 -9.99 -24.23
C THR G 115 51.86 -10.62 -23.59
N VAL G 116 51.63 -11.59 -22.72
CA VAL G 116 52.67 -12.21 -21.88
C VAL G 116 53.50 -13.23 -22.65
N SER G 117 54.79 -12.93 -22.80
CA SER G 117 55.71 -13.62 -23.71
C SER G 117 57.13 -13.64 -23.14
N ALA G 118 57.84 -14.74 -23.38
CA ALA G 118 59.22 -14.91 -22.94
C ALA G 118 60.19 -14.03 -23.74
N ALA G 119 59.40 -15.19 -25.00
CA ALA G 119 60.12 -15.27 -26.27
C ALA G 119 60.88 -13.97 -26.54
N LYS G 120 62.02 -14.10 -27.21
CA LYS G 120 62.70 -12.90 -27.66
C LYS G 120 62.36 -12.64 -29.12
N THR G 121 62.56 -11.39 -29.53
CA THR G 121 62.27 -11.01 -30.90
C THR G 121 63.01 -11.94 -31.86
N THR G 122 62.25 -12.55 -32.77
CA THR G 122 62.79 -13.57 -33.66
C THR G 122 62.15 -13.38 -35.03
N ALA G 123 62.98 -13.17 -36.05
CA ALA G 123 62.50 -13.06 -37.41
C ALA G 123 62.00 -14.42 -37.90
N PRO G 124 60.97 -14.44 -38.75
CA PRO G 124 60.44 -15.71 -39.23
C PRO G 124 61.35 -16.41 -40.22
N SER G 125 61.26 -17.73 -40.23
CA SER G 125 61.71 -18.51 -41.37
C SER G 125 60.57 -18.55 -42.37
N VAL G 126 60.87 -18.30 -43.64
CA VAL G 126 59.86 -18.18 -44.68
C VAL G 126 60.14 -19.25 -45.74
N TYR G 127 59.19 -20.14 -45.95
CA TYR G 127 59.41 -21.28 -46.81
C TYR G 127 58.43 -21.25 -47.98
N PRO G 128 58.93 -21.25 -49.21
CA PRO G 128 58.03 -21.37 -50.37
C PRO G 128 57.50 -22.79 -50.51
N LEU G 129 56.20 -22.92 -50.80
CA LEU G 129 55.57 -24.23 -50.95
C LEU G 129 55.07 -24.40 -52.37
N ALA G 130 55.86 -25.09 -53.18
CA ALA G 130 55.45 -25.44 -54.53
C ALA G 130 54.56 -26.69 -54.49
N PRO G 131 53.77 -26.92 -55.53
CA PRO G 131 52.93 -28.12 -55.55
C PRO G 131 53.79 -29.39 -55.50
N VAL G 132 53.10 -30.51 -55.27
CA VAL G 132 53.77 -31.82 -55.33
C VAL G 132 54.58 -31.95 -56.62
N CYS G 133 55.70 -32.66 -56.52
CA CYS G 133 56.58 -32.81 -57.67
C CYS G 133 55.84 -33.44 -58.84
N GLY G 134 55.98 -32.83 -60.02
CA GLY G 134 55.26 -33.27 -61.18
C GLY G 134 53.96 -32.53 -61.39
N GLY G 135 53.59 -31.65 -60.48
CA GLY G 135 52.43 -30.80 -60.67
C GLY G 135 51.12 -31.51 -60.39
N THR G 136 50.06 -30.73 -60.53
CA THR G 136 48.71 -31.17 -60.24
C THR G 136 47.86 -31.12 -61.51
N THR G 137 46.80 -31.90 -61.52
CA THR G 137 45.85 -31.79 -62.61
C THR G 137 44.92 -30.61 -62.35
N GLY G 138 44.27 -30.15 -63.40
CA GLY G 138 43.26 -29.12 -63.27
C GLY G 138 43.74 -27.79 -63.83
N SER G 139 42.76 -26.90 -63.98
CA SER G 139 42.97 -25.63 -64.65
C SER G 139 43.48 -24.55 -63.72
N SER G 140 43.49 -24.78 -62.43
CA SER G 140 44.08 -23.85 -61.48
C SER G 140 45.13 -24.56 -60.64
N VAL G 141 45.99 -23.78 -60.03
CA VAL G 141 47.10 -24.30 -59.24
C VAL G 141 47.17 -23.50 -57.95
N THR G 142 47.49 -24.17 -56.85
CA THR G 142 47.59 -23.54 -55.54
C THR G 142 49.03 -23.62 -55.06
N LEU G 143 49.55 -22.48 -54.62
CA LEU G 143 50.89 -22.36 -54.06
C LEU G 143 50.76 -21.93 -52.60
N GLY G 144 51.82 -22.14 -51.83
CA GLY G 144 51.78 -21.83 -50.42
C GLY G 144 53.03 -21.13 -49.96
N CYS G 145 52.93 -20.55 -48.77
CA CYS G 145 54.06 -19.90 -48.13
C CYS G 145 53.89 -20.16 -46.65
N LEU G 146 54.91 -20.73 -46.03
CA LEU G 146 54.89 -21.11 -44.62
C LEU G 146 55.83 -20.17 -43.87
N VAL G 147 55.31 -19.55 -42.82
CA VAL G 147 56.05 -18.54 -42.06
C VAL G 147 56.17 -19.08 -40.64
N LYS G 148 57.37 -19.46 -40.24
CA LYS G 148 57.50 -20.26 -39.02
C LYS G 148 58.48 -19.62 -38.05
N GLY G 149 58.12 -19.67 -36.76
CA GLY G 149 59.07 -19.34 -35.71
C GLY G 149 59.36 -17.87 -35.46
N TYR G 150 58.36 -17.01 -35.49
CA TYR G 150 58.61 -15.59 -35.28
C TYR G 150 57.98 -15.09 -33.98
N PHE G 151 58.52 -13.98 -33.49
CA PHE G 151 57.95 -13.27 -32.34
C PHE G 151 58.46 -11.85 -32.37
N PRO G 152 57.61 -10.86 -32.03
CA PRO G 152 56.17 -10.94 -31.74
C PRO G 152 55.33 -10.89 -33.03
N GLU G 153 54.02 -10.99 -32.89
CA GLU G 153 53.12 -10.62 -33.98
C GLU G 153 53.22 -9.11 -34.15
N PRO G 154 52.88 -8.60 -35.34
CA PRO G 154 52.44 -9.32 -36.54
C PRO G 154 53.54 -9.47 -37.58
N VAL G 155 53.23 -10.27 -38.60
CA VAL G 155 53.92 -10.19 -39.88
C VAL G 155 52.92 -9.65 -40.89
N THR G 156 53.44 -9.16 -42.00
CA THR G 156 52.62 -8.79 -43.15
C THR G 156 53.07 -9.66 -44.32
N LEU G 157 52.20 -10.54 -44.77
CA LEU G 157 52.47 -11.40 -45.91
C LEU G 157 51.73 -10.89 -47.14
N THR G 158 52.44 -10.79 -48.25
CA THR G 158 51.85 -10.44 -49.53
C THR G 158 52.33 -11.41 -50.58
N TRP G 159 51.67 -11.37 -51.72
CA TRP G 159 52.07 -12.13 -52.89
C TRP G 159 52.34 -11.16 -54.03
N ASN G 160 53.48 -11.32 -54.69
CA ASN G 160 53.92 -10.40 -55.74
C ASN G 160 53.79 -8.95 -55.30
N SER G 161 54.26 -8.68 -54.08
CA SER G 161 54.30 -7.31 -53.53
C SER G 161 52.92 -6.68 -53.44
N GLY G 162 51.89 -7.50 -53.26
CA GLY G 162 50.52 -7.04 -53.16
C GLY G 162 49.77 -6.97 -54.47
N SER G 163 50.45 -7.19 -55.60
CA SER G 163 49.76 -7.17 -56.88
C SER G 163 48.93 -8.41 -57.12
N LEU G 164 49.22 -9.49 -56.38
CA LEU G 164 48.42 -10.70 -56.42
C LEU G 164 47.67 -10.75 -55.10
N SER G 165 46.42 -10.33 -55.11
CA SER G 165 45.60 -10.26 -53.90
C SER G 165 44.35 -11.11 -53.95
N SER G 166 43.84 -11.41 -55.14
CA SER G 166 42.69 -12.29 -55.26
C SER G 166 43.14 -13.74 -55.14
N GLY G 167 42.24 -14.60 -54.68
CA GLY G 167 42.55 -16.00 -54.58
C GLY G 167 43.50 -16.35 -53.46
N VAL G 168 43.70 -15.46 -52.49
CA VAL G 168 44.65 -15.65 -51.39
C VAL G 168 43.89 -16.01 -50.13
N HIS G 169 44.45 -16.94 -49.35
CA HIS G 169 43.97 -17.20 -48.00
C HIS G 169 45.17 -17.15 -47.06
N THR G 170 45.17 -16.18 -46.15
CA THR G 170 46.23 -16.06 -45.16
C THR G 170 45.66 -16.38 -43.80
N PHE G 171 46.19 -17.41 -43.18
CA PHE G 171 45.57 -17.98 -42.00
C PHE G 171 46.08 -17.32 -40.73
N PRO G 172 45.23 -17.29 -39.68
CA PRO G 172 45.67 -16.72 -38.41
C PRO G 172 46.86 -17.47 -37.86
N ALA G 173 47.76 -16.73 -37.23
CA ALA G 173 48.95 -17.31 -36.63
C ALA G 173 48.58 -18.12 -35.39
N LEU G 174 49.33 -19.18 -35.14
CA LEU G 174 49.22 -19.99 -33.94
C LEU G 174 50.57 -20.11 -33.26
N LEU G 175 50.54 -20.32 -31.95
CA LEU G 175 51.78 -20.51 -31.21
C LEU G 175 52.28 -21.94 -31.36
N GLN G 176 53.59 -22.07 -31.49
CA GLN G 176 54.25 -23.37 -31.64
C GLN G 176 55.52 -23.24 -30.81
N SER G 177 55.47 -23.74 -29.57
CA SER G 177 56.59 -23.67 -28.63
C SER G 177 57.06 -22.23 -28.40
N GLY G 178 56.09 -21.34 -28.17
CA GLY G 178 56.39 -19.97 -27.85
C GLY G 178 56.63 -19.07 -29.05
N LEU G 179 56.66 -19.60 -30.27
CA LEU G 179 56.85 -18.78 -31.45
C LEU G 179 55.65 -18.96 -32.37
N TYR G 180 55.38 -17.92 -33.16
CA TYR G 180 54.22 -17.93 -34.04
C TYR G 180 54.53 -18.57 -35.39
N THR G 181 53.52 -19.20 -35.96
CA THR G 181 53.58 -19.75 -37.30
C THR G 181 52.27 -19.42 -38.00
N LEU G 182 52.38 -19.04 -39.27
CA LEU G 182 51.19 -18.93 -40.11
C LEU G 182 51.54 -19.40 -41.50
N SER G 183 50.52 -19.54 -42.32
CA SER G 183 50.75 -19.88 -43.70
C SER G 183 49.74 -19.12 -44.57
N SER G 184 50.04 -19.09 -45.85
CA SER G 184 49.15 -18.48 -46.82
C SER G 184 49.13 -19.32 -48.08
N SER G 185 47.97 -19.39 -48.71
CA SER G 185 47.82 -20.02 -50.01
C SER G 185 47.41 -18.99 -51.03
N VAL G 186 47.84 -19.20 -52.28
CA VAL G 186 47.33 -18.42 -53.40
C VAL G 186 46.96 -19.37 -54.52
N THR G 187 45.83 -19.11 -55.16
CA THR G 187 45.35 -19.94 -56.25
C THR G 187 45.25 -19.09 -57.51
N VAL G 188 45.85 -19.56 -58.59
CA VAL G 188 45.85 -18.86 -59.86
C VAL G 188 45.51 -19.87 -60.95
N THR G 189 45.09 -19.37 -62.11
CA THR G 189 44.91 -20.27 -63.23
C THR G 189 46.26 -20.82 -63.70
N SER G 190 46.27 -22.06 -64.19
CA SER G 190 47.52 -22.76 -64.43
C SER G 190 48.35 -22.17 -65.57
N ASN G 191 47.76 -21.36 -66.44
CA ASN G 191 48.50 -20.64 -67.46
C ASN G 191 49.38 -19.53 -66.88
N THR G 192 49.16 -19.16 -65.62
CA THR G 192 49.84 -18.05 -64.97
C THR G 192 51.13 -18.48 -64.29
N TRP G 193 51.20 -19.73 -63.83
CA TRP G 193 52.34 -20.21 -63.06
C TRP G 193 52.62 -21.66 -63.45
N PRO G 194 53.91 -22.03 -63.64
CA PRO G 194 55.11 -21.26 -63.35
C PRO G 194 55.60 -20.35 -64.48
N SER G 195 54.83 -20.20 -65.56
CA SER G 195 55.32 -19.37 -66.66
C SER G 195 55.55 -17.93 -66.24
N GLN G 196 54.79 -17.43 -65.26
CA GLN G 196 55.05 -16.14 -64.66
C GLN G 196 55.39 -16.33 -63.19
N THR G 197 56.19 -15.42 -62.66
CA THR G 197 56.71 -15.65 -61.31
C THR G 197 55.68 -15.29 -60.26
N ILE G 198 55.69 -16.06 -59.19
CA ILE G 198 54.91 -15.76 -57.99
C ILE G 198 55.86 -15.83 -56.80
N THR G 199 55.87 -14.79 -55.99
CA THR G 199 56.79 -14.67 -54.87
C THR G 199 56.00 -14.30 -53.64
N CYS G 200 56.27 -14.97 -52.53
CA CYS G 200 55.74 -14.61 -51.22
C CYS G 200 56.67 -13.58 -50.59
N ASN G 201 56.12 -12.50 -50.05
CA ASN G 201 56.89 -11.48 -49.35
C ASN G 201 56.41 -11.43 -47.91
N VAL G 202 57.34 -11.45 -46.97
CA VAL G 202 56.99 -11.44 -45.56
C VAL G 202 57.77 -10.36 -44.84
N ALA G 203 57.07 -9.37 -44.32
CA ALA G 203 57.67 -8.31 -43.52
C ALA G 203 57.42 -8.60 -42.05
N HIS G 204 58.45 -8.46 -41.23
CA HIS G 204 58.32 -8.61 -39.79
C HIS G 204 58.85 -7.34 -39.14
N PRO G 205 57.97 -6.37 -38.85
CA PRO G 205 58.44 -5.05 -38.37
C PRO G 205 59.36 -5.11 -37.17
N ALA G 206 59.08 -6.02 -36.22
CA ALA G 206 59.81 -6.03 -34.96
C ALA G 206 61.29 -6.38 -35.16
N SER G 207 61.59 -7.22 -36.15
CA SER G 207 62.97 -7.53 -36.48
C SER G 207 63.49 -6.72 -37.66
N SER G 208 62.67 -5.81 -38.20
CA SER G 208 63.04 -4.97 -39.34
C SER G 208 63.40 -5.79 -40.58
N THR G 209 62.80 -6.97 -40.73
CA THR G 209 63.13 -7.85 -41.83
C THR G 209 62.04 -7.86 -42.88
N LYS G 210 62.46 -8.10 -44.12
CA LYS G 210 61.56 -8.26 -45.26
C LYS G 210 62.19 -9.32 -46.15
N VAL G 211 61.52 -10.45 -46.33
CA VAL G 211 62.08 -11.58 -47.06
C VAL G 211 61.16 -11.91 -48.23
N ASP G 212 61.77 -12.24 -49.36
CA ASP G 212 61.04 -12.69 -50.56
C ASP G 212 61.44 -14.12 -50.87
N LYS G 213 60.44 -14.96 -51.14
CA LYS G 213 60.69 -16.33 -51.56
C LYS G 213 59.89 -16.61 -52.83
N LYS G 214 60.59 -16.76 -53.94
CA LYS G 214 59.95 -17.14 -55.20
C LYS G 214 59.53 -18.61 -55.14
N ILE G 215 58.31 -18.91 -55.60
CA ILE G 215 57.87 -20.31 -55.62
C ILE G 215 58.44 -20.97 -56.87
N GLU G 216 59.21 -22.03 -56.69
CA GLU G 216 59.88 -22.73 -57.79
C GLU G 216 59.38 -24.16 -57.87
N PRO G 217 58.98 -24.64 -59.04
CA PRO G 217 58.56 -26.05 -59.18
C PRO G 217 59.58 -27.00 -58.56
N ARG G 218 59.06 -28.02 -57.91
CA ARG G 218 59.92 -29.06 -57.37
C ARG G 218 60.49 -29.91 -58.49
N VAL G 219 61.64 -30.52 -58.21
CA VAL G 219 62.29 -31.43 -59.14
C VAL G 219 62.56 -32.75 -58.41
N PRO G 220 62.81 -33.83 -59.14
CA PRO G 220 63.08 -35.12 -58.49
C PRO G 220 64.34 -35.08 -57.66
N ILE G 221 64.50 -36.11 -56.84
CA ILE G 221 65.70 -36.26 -56.01
C ILE G 221 66.93 -36.56 -56.85
N ALA H 1 28.81 -17.51 -8.26
CA ALA H 1 27.94 -18.43 -7.53
C ALA H 1 26.71 -18.89 -8.32
N ILE H 2 26.50 -18.31 -9.51
CA ILE H 2 25.65 -18.90 -10.55
C ILE H 2 26.40 -18.91 -11.87
N VAL H 3 26.27 -20.02 -12.59
CA VAL H 3 26.67 -20.08 -14.00
C VAL H 3 25.51 -19.63 -14.88
N ALA H 4 25.88 -19.18 -16.08
CA ALA H 4 24.98 -18.93 -17.18
C ALA H 4 25.47 -19.74 -18.39
N THR H 5 24.54 -20.36 -19.12
CA THR H 5 24.83 -21.41 -20.08
C THR H 5 24.03 -21.08 -21.35
N GLN H 6 24.73 -20.72 -22.42
CA GLN H 6 24.07 -20.18 -23.59
C GLN H 6 24.16 -21.07 -24.83
N SER H 7 23.00 -21.24 -25.50
CA SER H 7 22.55 -22.56 -25.95
C SER H 7 23.25 -23.11 -27.19
N PRO H 8 23.14 -22.49 -28.38
CA PRO H 8 24.12 -22.74 -29.42
C PRO H 8 25.41 -21.97 -29.10
N ALA H 9 26.56 -22.66 -29.14
CA ALA H 9 27.86 -22.00 -29.13
C ALA H 9 28.13 -21.23 -30.44
N ILE H 10 27.63 -21.76 -31.55
CA ILE H 10 27.78 -21.23 -32.90
C ILE H 10 26.52 -20.48 -33.32
N MET H 11 26.13 -20.64 -34.59
CA MET H 11 24.79 -20.60 -35.18
C MET H 11 24.96 -20.08 -36.61
N SER H 12 24.67 -20.93 -37.59
CA SER H 12 24.56 -20.43 -38.96
C SER H 12 23.19 -19.82 -39.16
N ALA H 13 23.12 -18.68 -39.84
CA ALA H 13 21.83 -18.20 -40.33
C ALA H 13 21.97 -17.39 -41.61
N SER H 14 20.90 -17.33 -42.38
CA SER H 14 20.76 -16.48 -43.56
C SER H 14 19.97 -15.21 -43.25
N PRO H 15 20.30 -14.06 -43.87
CA PRO H 15 19.48 -12.87 -43.76
C PRO H 15 17.99 -13.15 -44.03
N GLY H 16 17.15 -12.64 -43.13
CA GLY H 16 15.71 -12.86 -43.07
C GLY H 16 15.27 -13.90 -42.03
N GLU H 17 16.12 -14.86 -41.69
CA GLU H 17 15.78 -15.89 -40.71
C GLU H 17 15.62 -15.33 -39.29
N LYS H 18 14.92 -16.07 -38.43
CA LYS H 18 14.46 -15.60 -37.13
C LYS H 18 15.14 -16.35 -35.99
N VAL H 19 16.35 -15.91 -35.69
CA VAL H 19 17.27 -16.58 -34.76
C VAL H 19 16.79 -16.44 -33.32
N THR H 20 17.04 -17.46 -32.51
CA THR H 20 16.72 -17.48 -31.08
C THR H 20 17.88 -18.08 -30.33
N ILE H 21 18.24 -17.48 -29.19
CA ILE H 21 19.51 -17.73 -28.51
C ILE H 21 19.24 -17.74 -27.00
N SER H 22 19.30 -18.90 -26.36
CA SER H 22 18.90 -19.02 -24.94
C SER H 22 20.11 -19.10 -23.99
N CYS H 23 19.92 -19.07 -22.66
CA CYS H 23 20.88 -18.50 -21.69
C CYS H 23 20.97 -19.16 -20.30
N SER H 24 19.94 -19.89 -19.88
CA SER H 24 19.94 -20.81 -18.75
C SER H 24 20.86 -20.56 -17.54
N ALA H 25 20.29 -19.96 -16.49
CA ALA H 25 20.98 -19.63 -15.24
C ALA H 25 20.80 -20.68 -14.15
N SER H 26 21.86 -21.05 -13.42
CA SER H 26 21.78 -22.10 -12.37
C SER H 26 21.08 -21.71 -11.07
N SER H 27 20.45 -20.53 -11.01
CA SER H 27 19.46 -20.13 -9.99
C SER H 27 18.71 -18.90 -10.48
N SER H 28 17.55 -18.64 -9.87
CA SER H 28 16.58 -17.64 -10.34
C SER H 28 17.04 -16.19 -10.17
N VAL H 29 17.39 -15.57 -11.29
CA VAL H 29 17.74 -14.16 -11.40
C VAL H 29 16.69 -13.41 -12.23
N SER H 30 16.61 -12.10 -12.05
CA SER H 30 15.75 -11.20 -12.84
C SER H 30 16.56 -10.14 -13.60
N TYR H 31 17.89 -10.10 -13.42
CA TYR H 31 18.76 -9.14 -14.06
C TYR H 31 19.81 -9.83 -14.91
N MET H 32 19.68 -9.72 -16.24
CA MET H 32 20.38 -10.56 -17.20
C MET H 32 21.42 -9.81 -18.06
N TYR H 33 20.92 -9.17 -19.08
CA TYR H 33 21.62 -8.51 -20.20
C TYR H 33 21.87 -9.48 -21.35
N TRP H 34 21.91 -8.93 -22.57
CA TRP H 34 22.44 -9.53 -23.80
C TRP H 34 23.28 -8.44 -24.49
N TYR H 35 24.61 -8.60 -24.47
CA TYR H 35 25.54 -7.80 -25.26
C TYR H 35 25.61 -8.33 -26.70
N GLN H 36 26.27 -7.60 -27.57
CA GLN H 36 26.62 -7.98 -28.93
C GLN H 36 28.05 -7.48 -29.14
N GLN H 37 28.90 -8.28 -29.73
CA GLN H 37 30.31 -7.98 -29.93
C GLN H 37 30.67 -8.24 -31.40
N LYS H 38 31.22 -7.20 -32.05
CA LYS H 38 31.68 -7.25 -33.43
C LYS H 38 33.19 -7.58 -33.49
N PRO H 39 33.68 -8.17 -34.59
CA PRO H 39 35.01 -8.79 -34.68
C PRO H 39 36.19 -7.98 -34.15
N GLY H 40 36.17 -6.66 -34.34
CA GLY H 40 37.19 -5.73 -33.86
C GLY H 40 36.57 -4.55 -33.15
N SER H 41 35.66 -4.82 -32.21
CA SER H 41 34.90 -3.80 -31.51
C SER H 41 34.60 -4.24 -30.09
N SER H 42 34.46 -3.25 -29.21
CA SER H 42 33.89 -3.44 -27.88
C SER H 42 32.57 -4.24 -27.96
N PRO H 43 32.21 -4.99 -26.91
CA PRO H 43 30.81 -5.28 -26.69
C PRO H 43 30.00 -3.97 -26.55
N LYS H 44 28.76 -4.05 -27.01
CA LYS H 44 27.71 -3.05 -26.83
C LYS H 44 26.54 -3.69 -26.07
N PRO H 45 25.85 -2.98 -25.17
CA PRO H 45 24.59 -3.46 -24.60
C PRO H 45 23.47 -3.46 -25.64
N TRP H 46 22.69 -4.54 -25.68
CA TRP H 46 21.51 -4.63 -26.53
C TRP H 46 20.22 -4.88 -25.77
N ILE H 47 20.23 -5.85 -24.86
CA ILE H 47 19.18 -5.96 -23.86
C ILE H 47 19.74 -5.82 -22.45
N TYR H 48 18.86 -5.28 -21.61
CA TYR H 48 18.97 -4.89 -20.22
C TYR H 48 17.69 -5.37 -19.51
N ARG H 49 17.69 -5.48 -18.17
CA ARG H 49 16.75 -6.33 -17.44
C ARG H 49 16.67 -7.75 -18.02
N THR H 50 15.50 -8.12 -18.51
CA THR H 50 15.16 -9.38 -19.19
C THR H 50 14.41 -9.13 -20.50
N SER H 51 14.16 -7.87 -20.84
CA SER H 51 13.27 -7.47 -21.94
C SER H 51 13.31 -5.99 -22.28
N ASN H 52 14.16 -5.19 -21.63
CA ASN H 52 14.35 -3.80 -22.00
C ASN H 52 15.35 -3.72 -23.15
N LEU H 53 14.93 -3.21 -24.30
CA LEU H 53 15.89 -2.70 -25.28
C LEU H 53 16.70 -1.55 -24.66
N ALA H 54 18.00 -1.53 -24.93
CA ALA H 54 18.80 -0.32 -24.73
C ALA H 54 18.49 0.75 -25.81
N SER H 55 18.60 2.03 -25.46
CA SER H 55 18.44 3.08 -26.46
C SER H 55 19.47 2.95 -27.59
N GLY H 56 19.08 3.28 -28.83
CA GLY H 56 19.84 2.92 -30.02
C GLY H 56 20.05 1.39 -30.14
N VAL H 57 18.98 0.62 -29.90
CA VAL H 57 18.86 -0.77 -30.37
C VAL H 57 17.67 -0.88 -31.31
N PRO H 58 17.87 -1.34 -32.56
CA PRO H 58 16.82 -1.85 -33.40
C PRO H 58 15.84 -2.81 -32.72
N THR H 59 14.55 -2.47 -32.82
CA THR H 59 13.33 -3.27 -32.49
C THR H 59 13.23 -4.63 -33.20
N ARG H 60 14.23 -5.00 -33.99
CA ARG H 60 14.53 -6.37 -34.45
C ARG H 60 14.93 -7.31 -33.32
N PHE H 61 15.69 -6.81 -32.34
CA PHE H 61 16.03 -7.54 -31.12
C PHE H 61 14.87 -7.45 -30.13
N SER H 62 14.69 -8.54 -29.42
CA SER H 62 13.79 -8.66 -28.27
C SER H 62 14.35 -9.67 -27.29
N GLY H 63 13.93 -9.54 -26.03
CA GLY H 63 14.43 -10.35 -24.93
C GLY H 63 13.24 -10.74 -24.09
N SER H 64 13.18 -12.01 -23.70
CA SER H 64 12.11 -12.51 -22.86
C SER H 64 12.53 -13.75 -22.11
N GLY H 65 11.82 -14.02 -21.01
CA GLY H 65 12.22 -15.03 -20.07
C GLY H 65 11.62 -14.76 -18.70
N SER H 66 12.22 -15.41 -17.72
CA SER H 66 11.97 -15.40 -16.27
C SER H 66 12.31 -16.80 -15.73
N GLY H 67 12.37 -16.94 -14.40
CA GLY H 67 12.54 -18.22 -13.75
C GLY H 67 13.66 -19.11 -14.30
N THR H 68 14.88 -18.57 -14.34
CA THR H 68 16.10 -19.24 -14.84
C THR H 68 16.22 -19.35 -16.37
N SER H 69 15.11 -19.29 -17.10
CA SER H 69 15.14 -19.25 -18.57
C SER H 69 15.27 -17.82 -19.05
N TYR H 70 16.03 -17.62 -20.12
CA TYR H 70 16.16 -16.33 -20.77
C TYR H 70 16.60 -16.53 -22.22
N SER H 71 16.03 -15.70 -23.09
CA SER H 71 15.92 -15.90 -24.53
C SER H 71 16.03 -14.59 -25.28
N PHE H 72 17.14 -14.41 -26.02
CA PHE H 72 17.25 -13.42 -27.09
C PHE H 72 16.49 -13.91 -28.31
N THR H 73 15.94 -12.97 -29.07
CA THR H 73 15.26 -13.23 -30.33
C THR H 73 15.55 -12.12 -31.32
N ILE H 74 16.00 -12.51 -32.50
CA ILE H 74 16.34 -11.64 -33.63
C ILE H 74 15.32 -11.95 -34.73
N SER H 75 14.40 -11.00 -34.92
CA SER H 75 13.11 -11.27 -35.59
C SER H 75 13.13 -11.38 -37.12
N SER H 76 14.20 -10.93 -37.75
CA SER H 76 14.49 -11.06 -39.18
C SER H 76 15.92 -10.57 -39.37
N MET H 77 16.87 -11.50 -39.37
CA MET H 77 18.30 -11.21 -39.33
C MET H 77 18.71 -10.24 -40.46
N GLU H 78 19.46 -9.21 -40.10
CA GLU H 78 20.16 -8.31 -41.02
C GLU H 78 21.62 -8.77 -41.19
N ALA H 79 22.30 -8.41 -42.28
CA ALA H 79 23.74 -8.57 -42.41
C ALA H 79 24.49 -7.98 -41.19
N GLU H 80 24.19 -6.73 -40.81
CA GLU H 80 24.78 -6.09 -39.63
C GLU H 80 24.51 -6.78 -38.30
N ASP H 81 23.61 -7.78 -38.21
CA ASP H 81 23.52 -8.59 -37.00
C ASP H 81 24.79 -9.38 -36.71
N ALA H 82 25.43 -9.95 -37.74
CA ALA H 82 26.37 -11.07 -37.58
C ALA H 82 27.49 -10.73 -36.57
N ALA H 83 27.63 -11.55 -35.52
CA ALA H 83 28.31 -11.15 -34.29
C ALA H 83 28.48 -12.33 -33.30
N THR H 84 29.07 -12.05 -32.14
CA THR H 84 28.72 -12.81 -30.92
C THR H 84 27.61 -12.08 -30.17
N TYR H 85 26.79 -12.79 -29.37
CA TYR H 85 25.85 -12.20 -28.40
C TYR H 85 25.96 -12.87 -27.04
N TYR H 86 25.68 -12.12 -25.99
CA TYR H 86 26.29 -12.38 -24.69
C TYR H 86 25.42 -12.14 -23.48
N CYS H 87 24.83 -13.19 -22.91
CA CYS H 87 24.08 -12.96 -21.70
C CYS H 87 24.98 -12.58 -20.52
N GLN H 88 24.45 -11.80 -19.59
CA GLN H 88 25.07 -11.66 -18.29
C GLN H 88 24.02 -12.10 -17.25
N GLN H 89 24.47 -12.15 -16.00
CA GLN H 89 23.62 -11.94 -14.85
C GLN H 89 24.27 -10.88 -13.96
N TYR H 90 23.43 -10.05 -13.35
CA TYR H 90 23.85 -8.96 -12.48
C TYR H 90 22.87 -8.85 -11.32
N HIS H 91 22.65 -10.00 -10.68
CA HIS H 91 21.63 -10.27 -9.67
C HIS H 91 22.23 -10.86 -8.39
N ASN H 92 23.43 -11.43 -8.51
CA ASN H 92 24.30 -11.75 -7.40
C ASN H 92 25.74 -11.48 -7.74
N TYR H 93 26.55 -11.26 -6.70
CA TYR H 93 27.99 -11.15 -6.84
C TYR H 93 28.59 -12.49 -7.44
N PRO H 94 29.94 -12.48 -7.74
CA PRO H 94 30.44 -12.71 -9.11
C PRO H 94 29.43 -12.58 -10.23
N ARG H 95 29.22 -11.36 -10.75
CA ARG H 95 28.54 -11.16 -12.03
C ARG H 95 29.15 -12.08 -13.09
N THR H 96 28.31 -12.85 -13.74
CA THR H 96 28.72 -13.92 -14.66
C THR H 96 28.37 -13.49 -16.08
N PHE H 97 29.18 -13.94 -17.06
CA PHE H 97 28.79 -13.97 -18.47
C PHE H 97 28.35 -15.40 -18.85
N GLY H 98 27.61 -15.53 -19.95
CA GLY H 98 27.58 -16.77 -20.71
C GLY H 98 28.83 -16.99 -21.56
N GLY H 99 28.97 -18.19 -22.13
CA GLY H 99 30.08 -18.56 -23.02
C GLY H 99 30.03 -18.00 -24.46
N GLY H 100 29.02 -17.18 -24.75
CA GLY H 100 28.83 -16.49 -26.03
C GLY H 100 28.35 -17.34 -27.21
N THR H 101 27.45 -16.80 -28.01
CA THR H 101 26.85 -17.47 -29.17
C THR H 101 27.25 -16.76 -30.44
N LYS H 102 27.72 -17.50 -31.45
CA LYS H 102 28.49 -16.91 -32.55
C LYS H 102 27.70 -17.09 -33.86
N ALA H 103 26.83 -16.11 -34.09
CA ALA H 103 25.98 -16.01 -35.26
C ALA H 103 26.78 -15.56 -36.47
N LYS H 104 26.91 -16.48 -37.43
CA LYS H 104 27.61 -16.26 -38.68
C LYS H 104 26.79 -16.64 -39.91
N SER H 105 27.02 -15.86 -40.95
CA SER H 105 26.31 -15.89 -42.22
C SER H 105 26.35 -17.27 -42.89
N ALA H 106 25.30 -17.61 -43.61
CA ALA H 106 25.16 -18.82 -44.41
C ALA H 106 24.28 -18.56 -45.65
N ARG H 107 25.09 -20.27 -46.44
CA ARG H 107 25.08 -20.25 -47.90
C ARG H 107 24.99 -21.69 -48.35
N ALA H 108 24.95 -21.91 -49.67
CA ALA H 108 24.90 -23.27 -50.18
C ALA H 108 26.17 -24.03 -49.79
N ASP H 109 26.01 -25.32 -49.51
CA ASP H 109 27.17 -26.16 -49.23
C ASP H 109 28.18 -26.06 -50.35
N ALA H 110 29.46 -26.11 -49.99
CA ALA H 110 30.54 -26.08 -50.96
C ALA H 110 31.66 -26.99 -50.48
N ALA H 111 32.11 -27.89 -51.34
CA ALA H 111 33.21 -28.79 -51.00
C ALA H 111 34.52 -28.02 -50.93
N PRO H 112 35.41 -28.37 -50.01
CA PRO H 112 36.73 -27.74 -49.98
C PRO H 112 37.54 -28.12 -51.20
N THR H 113 38.39 -27.19 -51.63
CA THR H 113 39.44 -27.49 -52.59
C THR H 113 40.69 -27.80 -51.78
N VAL H 114 41.21 -29.01 -51.91
CA VAL H 114 42.27 -29.52 -51.04
C VAL H 114 43.57 -29.63 -51.83
N SER H 115 44.67 -29.12 -51.26
CA SER H 115 45.97 -29.17 -51.88
C SER H 115 46.98 -29.55 -50.81
N ILE H 116 47.92 -30.44 -51.15
CA ILE H 116 48.90 -30.93 -50.20
C ILE H 116 50.30 -30.47 -50.62
N PHE H 117 51.11 -30.12 -49.63
CA PHE H 117 52.45 -29.55 -49.87
C PHE H 117 53.48 -30.27 -49.03
N PRO H 118 54.40 -31.00 -49.64
CA PRO H 118 55.52 -31.56 -48.89
C PRO H 118 56.36 -30.46 -48.29
N PRO H 119 57.19 -30.78 -47.30
CA PRO H 119 58.15 -29.80 -46.78
C PRO H 119 58.97 -29.19 -47.92
N SER H 120 59.27 -27.92 -47.79
CA SER H 120 60.17 -27.27 -48.73
C SER H 120 61.59 -27.75 -48.48
N SER H 121 62.41 -27.70 -49.54
CA SER H 121 63.81 -28.04 -49.38
C SER H 121 64.45 -27.16 -48.31
N GLU H 122 64.04 -25.89 -48.24
CA GLU H 122 64.63 -24.98 -47.28
C GLU H 122 64.29 -25.39 -45.85
N GLN H 123 63.04 -25.79 -45.60
CA GLN H 123 62.72 -26.28 -44.25
C GLN H 123 63.50 -27.55 -43.90
N LEU H 124 63.74 -28.42 -44.87
CA LEU H 124 64.43 -29.68 -44.58
C LEU H 124 65.90 -29.50 -44.25
N THR H 125 66.44 -28.29 -44.31
CA THR H 125 67.75 -28.09 -43.74
C THR H 125 67.69 -28.00 -42.22
N SER H 126 66.50 -27.82 -41.65
CA SER H 126 66.30 -27.42 -40.25
C SER H 126 66.16 -28.58 -39.28
N GLY H 127 65.93 -29.80 -39.73
CA GLY H 127 65.62 -30.84 -38.78
C GLY H 127 64.16 -30.91 -38.36
N GLY H 128 63.34 -29.93 -38.77
CA GLY H 128 61.90 -30.06 -38.70
C GLY H 128 61.31 -30.18 -40.10
N ALA H 129 60.12 -30.75 -40.21
CA ALA H 129 59.47 -30.93 -41.50
C ALA H 129 57.98 -30.72 -41.31
N SER H 130 57.39 -29.83 -42.10
CA SER H 130 55.95 -29.57 -42.03
C SER H 130 55.33 -29.97 -43.35
N VAL H 131 54.26 -30.77 -43.27
CA VAL H 131 53.44 -31.11 -44.41
C VAL H 131 52.17 -30.31 -44.26
N VAL H 132 51.79 -29.56 -45.30
CA VAL H 132 50.67 -28.63 -45.21
C VAL H 132 49.56 -29.10 -46.13
N CYS H 133 48.33 -29.12 -45.62
CA CYS H 133 47.15 -29.21 -46.47
C CYS H 133 46.34 -27.94 -46.33
N PHE H 134 46.00 -27.34 -47.46
CA PHE H 134 45.02 -26.25 -47.49
C PHE H 134 43.69 -26.83 -47.92
N LEU H 135 42.64 -26.43 -47.21
CA LEU H 135 41.27 -26.85 -47.51
C LEU H 135 40.49 -25.55 -47.68
N ASN H 136 40.22 -25.17 -48.93
CA ASN H 136 39.84 -23.80 -49.22
C ASN H 136 38.41 -23.67 -49.71
N ASN H 137 37.76 -22.59 -49.27
CA ASN H 137 36.47 -22.13 -49.82
C ASN H 137 35.35 -23.16 -49.63
N PHE H 138 35.17 -23.62 -48.40
CA PHE H 138 34.16 -24.62 -48.12
C PHE H 138 33.04 -24.07 -47.25
N TYR H 139 31.90 -24.77 -47.26
CA TYR H 139 30.78 -24.46 -46.39
C TYR H 139 29.98 -25.74 -46.22
N PRO H 140 29.55 -26.05 -44.99
CA PRO H 140 29.68 -25.31 -43.73
C PRO H 140 31.06 -25.45 -43.08
N LYS H 141 31.24 -24.77 -41.96
CA LYS H 141 32.55 -24.72 -41.31
C LYS H 141 32.98 -26.06 -40.75
N ASP H 142 32.02 -26.92 -40.38
CA ASP H 142 32.37 -28.19 -39.75
C ASP H 142 33.15 -29.07 -40.72
N ILE H 143 34.37 -29.43 -40.34
CA ILE H 143 35.25 -30.22 -41.18
C ILE H 143 36.24 -30.90 -40.26
N ASN H 144 36.68 -32.09 -40.64
CA ASN H 144 37.66 -32.82 -39.86
C ASN H 144 38.77 -33.32 -40.76
N VAL H 145 40.00 -33.17 -40.31
CA VAL H 145 41.17 -33.59 -41.07
C VAL H 145 41.88 -34.69 -40.31
N LYS H 146 42.17 -35.79 -41.01
CA LYS H 146 42.91 -36.91 -40.46
C LYS H 146 44.19 -37.05 -41.28
N TRP H 147 45.33 -37.10 -40.60
CA TRP H 147 46.63 -37.26 -41.25
C TRP H 147 47.10 -38.69 -41.11
N LYS H 148 47.73 -39.21 -42.15
CA LYS H 148 48.36 -40.52 -42.12
C LYS H 148 49.77 -40.43 -42.69
N ILE H 149 50.65 -41.26 -42.11
CA ILE H 149 52.01 -41.45 -42.59
C ILE H 149 52.17 -42.94 -42.83
N ASP H 150 52.42 -43.31 -44.09
CA ASP H 150 52.57 -44.72 -44.46
C ASP H 150 51.42 -45.57 -43.88
N GLY H 151 50.20 -45.02 -43.96
CA GLY H 151 48.99 -45.73 -43.58
C GLY H 151 48.58 -45.56 -42.14
N SER H 152 49.47 -45.06 -41.28
CA SER H 152 49.22 -44.98 -39.85
C SER H 152 48.79 -43.55 -39.50
N GLU H 153 47.65 -43.43 -38.81
CA GLU H 153 47.21 -42.11 -38.41
C GLU H 153 48.21 -41.44 -37.47
N ARG H 154 48.41 -40.14 -37.65
CA ARG H 154 49.23 -39.33 -36.78
C ARG H 154 48.37 -38.19 -36.26
N GLN H 155 48.24 -38.08 -34.94
CA GLN H 155 47.49 -37.01 -34.31
C GLN H 155 48.38 -35.95 -33.66
N ASN H 156 49.49 -36.36 -33.04
CA ASN H 156 50.38 -35.38 -32.43
C ASN H 156 51.10 -34.58 -33.52
N GLY H 157 51.28 -33.29 -33.26
CA GLY H 157 51.99 -32.45 -34.20
C GLY H 157 51.13 -31.84 -35.29
N VAL H 158 49.81 -31.99 -35.21
CA VAL H 158 48.89 -31.40 -36.18
C VAL H 158 48.40 -30.06 -35.63
N LEU H 159 48.52 -29.01 -36.43
CA LEU H 159 48.03 -27.69 -36.07
C LEU H 159 47.09 -27.19 -37.15
N ASN H 160 45.88 -26.82 -36.74
CA ASN H 160 44.85 -26.37 -37.66
C ASN H 160 44.55 -24.89 -37.42
N SER H 161 44.40 -24.15 -38.50
CA SER H 161 44.07 -22.74 -38.40
C SER H 161 42.99 -22.41 -39.43
N TRP H 162 41.99 -21.66 -39.00
CA TRP H 162 40.83 -21.36 -39.84
C TRP H 162 40.74 -19.87 -40.08
N THR H 163 40.42 -19.49 -41.32
CA THR H 163 40.07 -18.10 -41.54
C THR H 163 38.67 -17.80 -41.00
N ASP H 164 38.43 -16.53 -40.71
CA ASP H 164 37.06 -16.11 -40.43
C ASP H 164 36.21 -16.30 -41.68
N GLN H 165 34.90 -16.41 -41.49
CA GLN H 165 34.01 -16.53 -42.64
C GLN H 165 34.24 -15.37 -43.60
N ASP H 166 34.40 -15.68 -44.89
CA ASP H 166 34.77 -14.64 -45.83
C ASP H 166 33.65 -13.62 -45.99
N SER H 167 34.03 -12.34 -46.02
CA SER H 167 33.03 -11.27 -46.06
C SER H 167 32.29 -11.18 -47.37
N LYS H 168 32.81 -11.79 -48.44
CA LYS H 168 32.16 -11.71 -49.74
C LYS H 168 31.50 -13.02 -50.14
N ASP H 169 32.20 -14.15 -49.98
CA ASP H 169 31.69 -15.40 -50.50
C ASP H 169 31.11 -16.33 -49.43
N SER H 170 31.19 -15.93 -48.16
CA SER H 170 30.61 -16.65 -47.03
C SER H 170 31.21 -18.04 -46.81
N THR H 171 32.34 -18.35 -47.43
CA THR H 171 32.98 -19.63 -47.18
C THR H 171 34.02 -19.55 -46.06
N TYR H 172 34.53 -20.72 -45.71
CA TYR H 172 35.63 -20.87 -44.77
C TYR H 172 36.81 -21.49 -45.49
N SER H 173 38.00 -21.25 -44.95
CA SER H 173 39.19 -21.96 -45.40
C SER H 173 39.99 -22.38 -44.18
N MET H 174 40.83 -23.40 -44.36
CA MET H 174 41.56 -23.99 -43.25
C MET H 174 42.93 -24.42 -43.74
N SER H 175 43.94 -24.25 -42.89
CA SER H 175 45.23 -24.87 -43.09
C SER H 175 45.39 -25.95 -42.03
N SER H 176 45.85 -27.12 -42.44
CA SER H 176 46.18 -28.18 -41.51
C SER H 176 47.63 -28.55 -41.75
N THR H 177 48.45 -28.45 -40.70
CA THR H 177 49.89 -28.63 -40.84
C THR H 177 50.36 -29.74 -39.92
N LEU H 178 50.95 -30.78 -40.49
CA LEU H 178 51.54 -31.87 -39.75
C LEU H 178 53.04 -31.59 -39.62
N THR H 179 53.52 -31.41 -38.39
CA THR H 179 54.94 -31.18 -38.18
C THR H 179 55.57 -32.39 -37.52
N LEU H 180 56.67 -32.85 -38.07
CA LEU H 180 57.42 -33.98 -37.53
C LEU H 180 58.90 -33.66 -37.66
N THR H 181 59.74 -34.52 -37.10
CA THR H 181 61.16 -34.29 -37.28
C THR H 181 61.55 -34.61 -38.72
N LYS H 182 62.62 -33.96 -39.19
CA LYS H 182 63.14 -34.31 -40.50
C LYS H 182 63.53 -35.77 -40.56
N ASP H 183 64.12 -36.29 -39.49
CA ASP H 183 64.53 -37.69 -39.50
C ASP H 183 63.34 -38.60 -39.69
N GLU H 184 62.24 -38.35 -38.98
CA GLU H 184 61.06 -39.19 -39.19
C GLU H 184 60.50 -39.00 -40.59
N TYR H 185 60.47 -37.76 -41.08
CA TYR H 185 59.91 -37.50 -42.40
C TYR H 185 60.63 -38.30 -43.48
N GLU H 186 61.95 -38.42 -43.40
CA GLU H 186 62.69 -39.13 -44.43
C GLU H 186 62.69 -40.64 -44.25
N ARG H 187 62.06 -41.15 -43.20
CA ARG H 187 61.91 -42.58 -42.99
C ARG H 187 60.59 -43.12 -43.53
N HIS H 188 59.78 -42.26 -44.16
CA HIS H 188 58.48 -42.68 -44.65
C HIS H 188 58.27 -42.14 -46.05
N ASN H 189 57.38 -42.77 -46.80
CA ASN H 189 57.13 -42.32 -48.16
C ASN H 189 55.76 -41.70 -48.36
N SER H 190 54.70 -42.29 -47.82
CA SER H 190 53.35 -41.84 -48.11
C SER H 190 52.84 -40.90 -47.03
N TYR H 191 52.30 -39.76 -47.45
CA TYR H 191 51.72 -38.75 -46.56
C TYR H 191 50.34 -38.42 -47.09
N THR H 192 49.34 -38.40 -46.20
CA THR H 192 47.97 -38.23 -46.61
C THR H 192 47.24 -37.31 -45.65
N CYS H 193 46.49 -36.36 -46.19
CA CYS H 193 45.48 -35.65 -45.41
C CYS H 193 44.09 -35.98 -45.95
N GLU H 194 43.19 -36.37 -45.05
CA GLU H 194 41.83 -36.76 -45.43
C GLU H 194 40.85 -35.80 -44.79
N ALA H 195 39.97 -35.21 -45.61
CA ALA H 195 39.02 -34.21 -45.13
C ALA H 195 37.59 -34.77 -45.14
N THR H 196 37.01 -34.92 -43.95
CA THR H 196 35.60 -35.32 -43.82
C THR H 196 34.75 -34.06 -43.79
N HIS H 197 33.75 -34.00 -44.69
CA HIS H 197 32.91 -32.84 -44.82
C HIS H 197 31.57 -33.29 -45.37
N LYS H 198 30.50 -32.58 -45.00
CA LYS H 198 29.17 -33.07 -45.38
C LYS H 198 28.94 -33.11 -46.88
N THR H 199 29.78 -32.45 -47.69
CA THR H 199 29.60 -32.41 -49.12
C THR H 199 30.05 -33.69 -49.83
N SER H 200 30.61 -34.66 -49.11
CA SER H 200 30.98 -35.92 -49.73
C SER H 200 30.69 -37.05 -48.76
N THR H 201 30.27 -38.20 -49.32
CA THR H 201 29.95 -39.33 -48.46
C THR H 201 31.22 -39.97 -47.89
N SER H 202 32.33 -39.86 -48.60
CA SER H 202 33.63 -40.26 -48.10
C SER H 202 34.58 -39.06 -48.14
N PRO H 203 35.60 -39.03 -47.29
CA PRO H 203 36.51 -37.87 -47.26
C PRO H 203 37.19 -37.61 -48.60
N ILE H 204 37.54 -36.34 -48.83
CA ILE H 204 38.51 -36.01 -49.88
C ILE H 204 39.90 -36.41 -49.41
N VAL H 205 40.63 -37.12 -50.26
CA VAL H 205 41.96 -37.63 -49.93
C VAL H 205 42.99 -36.93 -50.81
N LYS H 206 43.94 -36.22 -50.20
CA LYS H 206 45.15 -35.80 -50.91
C LYS H 206 46.34 -36.51 -50.32
N SER H 207 47.19 -37.06 -51.18
CA SER H 207 48.31 -37.87 -50.73
C SER H 207 49.46 -37.69 -51.71
N PHE H 208 50.69 -37.83 -51.22
CA PHE H 208 51.84 -37.90 -52.11
C PHE H 208 52.80 -38.97 -51.59
N ASN H 209 53.60 -39.49 -52.52
CA ASN H 209 54.77 -40.28 -52.18
C ASN H 209 56.00 -39.40 -52.25
N ARG H 210 56.72 -39.31 -51.13
CA ARG H 210 57.84 -38.40 -50.99
C ARG H 210 58.87 -38.54 -52.11
N ASN H 211 59.17 -39.77 -52.51
CA ASN H 211 60.26 -39.98 -53.46
C ASN H 211 59.81 -40.03 -54.92
N GLU H 212 58.56 -39.64 -55.21
CA GLU H 212 58.03 -39.70 -56.58
C GLU H 212 57.94 -38.32 -57.22
N CYS H 213 57.91 -38.32 -58.54
CA CYS H 213 57.69 -37.09 -59.28
C CYS H 213 56.90 -37.35 -60.56
N MET I 1 -10.74 -77.61 1.92
CA MET I 1 -10.04 -77.22 3.14
C MET I 1 -10.53 -75.88 3.68
N ARG I 2 -10.82 -74.95 2.77
CA ARG I 2 -11.26 -73.63 3.19
C ARG I 2 -12.40 -73.72 4.19
N CYS I 3 -13.42 -74.52 3.88
CA CYS I 3 -14.57 -74.65 4.76
C CYS I 3 -14.24 -75.37 6.05
N ILE I 4 -13.31 -76.32 5.99
CA ILE I 4 -12.94 -77.05 7.20
C ILE I 4 -12.23 -76.12 8.18
N GLY I 5 -11.49 -75.16 7.64
CA GLY I 5 -10.77 -74.23 8.48
C GLY I 5 -11.62 -73.10 9.01
N MET I 6 -12.88 -73.07 8.61
CA MET I 6 -13.76 -72.01 9.11
C MET I 6 -14.45 -72.41 10.40
N SER I 7 -14.59 -71.45 11.30
CA SER I 7 -15.25 -71.71 12.57
C SER I 7 -16.76 -71.76 12.37
N ASN I 8 -17.28 -70.92 11.49
CA ASN I 8 -18.71 -70.91 11.21
C ASN I 8 -19.00 -71.83 10.03
N ARG I 9 -19.38 -73.05 10.35
CA ARG I 9 -19.67 -74.05 9.32
C ARG I 9 -20.94 -74.83 9.67
N ASP I 10 -21.93 -74.80 8.79
CA ASP I 10 -23.19 -75.54 8.97
C ASP I 10 -23.19 -76.84 8.17
N PHE I 11 -23.76 -77.89 8.74
CA PHE I 11 -23.88 -79.16 8.04
C PHE I 11 -25.35 -79.37 7.75
N VAL I 12 -25.70 -79.43 6.47
CA VAL I 12 -27.09 -79.61 6.08
C VAL I 12 -27.26 -80.88 5.27
N GLU I 13 -28.42 -81.52 5.42
CA GLU I 13 -28.70 -82.75 4.69
C GLU I 13 -30.19 -82.84 4.38
N GLY I 14 -30.54 -83.35 3.19
CA GLY I 14 -31.94 -83.45 2.83
C GLY I 14 -32.64 -84.65 3.44
N VAL I 15 -33.80 -84.44 4.07
CA VAL I 15 -34.54 -85.53 4.69
C VAL I 15 -35.39 -86.29 3.67
N SER I 16 -35.25 -85.93 2.41
CA SER I 16 -36.02 -86.58 1.35
C SER I 16 -35.07 -86.94 0.19
N GLY I 17 -35.64 -87.21 -0.97
CA GLY I 17 -34.83 -87.56 -2.12
C GLY I 17 -35.34 -86.77 -3.32
N GLY I 18 -34.46 -86.02 -3.97
CA GLY I 18 -34.89 -85.22 -5.11
C GLY I 18 -35.55 -83.95 -4.60
N SER I 19 -35.66 -83.83 -3.29
CA SER I 19 -36.28 -82.67 -2.67
C SER I 19 -35.33 -81.48 -2.63
N TRP I 20 -35.87 -80.33 -2.23
CA TRP I 20 -35.07 -79.13 -2.09
C TRP I 20 -34.51 -79.09 -0.68
N VAL I 21 -33.31 -78.56 -0.52
CA VAL I 21 -32.70 -78.44 0.80
C VAL I 21 -32.43 -76.96 1.01
N ASP I 22 -32.80 -76.44 2.17
CA ASP I 22 -32.57 -75.02 2.44
C ASP I 22 -31.26 -74.80 3.18
N ILE I 23 -30.60 -73.69 2.88
CA ILE I 23 -29.36 -73.33 3.54
C ILE I 23 -29.33 -71.81 3.66
N VAL I 24 -28.56 -71.33 4.62
CA VAL I 24 -28.42 -69.90 4.86
C VAL I 24 -26.96 -69.54 4.63
N LEU I 25 -26.73 -68.60 3.72
CA LEU I 25 -25.35 -68.16 3.42
C LEU I 25 -25.04 -66.81 4.03
N GLU I 26 -23.87 -66.74 4.66
CA GLU I 26 -23.39 -65.52 5.33
C GLU I 26 -21.92 -65.28 4.98
N HIS I 27 -21.48 -64.03 5.02
CA HIS I 27 -20.08 -63.70 4.74
C HIS I 27 -19.24 -64.24 5.88
N GLY I 28 -18.16 -64.93 5.56
CA GLY I 28 -17.29 -65.49 6.58
C GLY I 28 -17.68 -66.86 7.08
N SER I 29 -18.75 -67.42 6.53
CA SER I 29 -19.20 -68.74 6.95
C SER I 29 -19.32 -69.62 5.73
N CYS I 30 -19.53 -70.91 5.94
CA CYS I 30 -19.72 -71.82 4.82
C CYS I 30 -20.70 -72.88 5.25
N VAL I 31 -21.31 -73.51 4.26
CA VAL I 31 -22.26 -74.56 4.51
C VAL I 31 -21.85 -75.80 3.73
N THR I 32 -21.85 -76.94 4.40
CA THR I 32 -21.51 -78.20 3.78
C THR I 32 -22.78 -79.04 3.64
N THR I 33 -23.10 -79.45 2.43
CA THR I 33 -24.28 -80.27 2.20
C THR I 33 -23.92 -81.70 1.87
N MET I 34 -24.76 -82.63 2.33
CA MET I 34 -24.53 -84.02 2.09
C MET I 34 -25.83 -84.74 1.74
N ALA I 35 -25.70 -85.82 0.99
CA ALA I 35 -26.86 -86.62 0.60
C ALA I 35 -26.37 -87.98 0.18
N LYS I 36 -27.24 -88.97 0.35
CA LYS I 36 -26.94 -90.36 0.01
C LYS I 36 -26.55 -90.46 -1.47
N ASN I 37 -25.41 -91.06 -1.74
CA ASN I 37 -24.92 -91.24 -3.10
C ASN I 37 -24.73 -89.97 -3.91
N LYS I 38 -24.44 -88.88 -3.22
CA LYS I 38 -24.23 -87.59 -3.85
C LYS I 38 -22.95 -87.01 -3.27
N PRO I 39 -22.20 -86.22 -4.04
CA PRO I 39 -20.99 -85.69 -3.44
C PRO I 39 -21.35 -84.63 -2.41
N THR I 40 -20.44 -84.41 -1.48
CA THR I 40 -20.62 -83.43 -0.45
C THR I 40 -20.12 -82.14 -1.07
N LEU I 41 -20.85 -81.05 -0.88
CA LEU I 41 -20.49 -79.76 -1.43
C LEU I 41 -20.31 -78.66 -0.37
N ASP I 42 -19.48 -77.69 -0.69
CA ASP I 42 -19.24 -76.55 0.20
C ASP I 42 -19.76 -75.30 -0.50
N PHE I 43 -20.48 -74.47 0.25
CA PHE I 43 -21.05 -73.24 -0.25
C PHE I 43 -20.57 -72.02 0.56
N GLU I 44 -20.15 -70.97 -0.14
CA GLU I 44 -19.71 -69.76 0.53
C GLU I 44 -20.12 -68.51 -0.26
N LEU I 45 -20.65 -67.53 0.45
CA LEU I 45 -21.02 -66.27 -0.18
C LEU I 45 -19.79 -65.37 0.02
N ILE I 46 -19.03 -65.12 -1.04
CA ILE I 46 -17.82 -64.31 -0.90
C ILE I 46 -17.94 -62.82 -1.24
N LYS I 47 -18.80 -62.46 -2.19
CA LYS I 47 -18.95 -61.06 -2.51
C LYS I 47 -20.40 -60.59 -2.70
N THR I 48 -20.65 -59.34 -2.30
CA THR I 48 -21.96 -58.72 -2.43
C THR I 48 -21.72 -57.28 -2.84
N GLU I 49 -21.92 -56.98 -4.11
CA GLU I 49 -21.70 -55.63 -4.59
C GLU I 49 -22.79 -55.08 -5.50
N ALA I 50 -22.95 -53.76 -5.44
CA ALA I 50 -23.92 -53.07 -6.27
C ALA I 50 -23.20 -52.67 -7.54
N LYS I 51 -23.79 -52.97 -8.68
CA LYS I 51 -23.20 -52.63 -9.97
C LYS I 51 -23.96 -51.47 -10.59
N GLN I 52 -23.21 -50.43 -10.96
CA GLN I 52 -23.75 -49.23 -11.57
C GLN I 52 -25.06 -48.72 -10.99
N PRO I 53 -25.07 -48.36 -9.70
CA PRO I 53 -26.28 -47.85 -9.04
C PRO I 53 -26.56 -46.43 -9.48
N ALA I 54 -27.83 -46.07 -9.55
CA ALA I 54 -28.24 -44.73 -9.99
C ALA I 54 -27.58 -43.58 -9.22
N THR I 55 -27.01 -42.63 -9.96
CA THR I 55 -26.36 -41.47 -9.36
C THR I 55 -27.43 -40.42 -9.08
N LEU I 56 -27.55 -40.04 -7.81
CA LEU I 56 -28.56 -39.09 -7.40
C LEU I 56 -28.14 -37.63 -7.61
N ARG I 57 -27.01 -37.24 -7.06
CA ARG I 57 -26.56 -35.86 -7.18
C ARG I 57 -25.06 -35.71 -7.06
N LYS I 58 -24.48 -34.88 -7.91
CA LYS I 58 -23.06 -34.61 -7.87
C LYS I 58 -22.83 -33.28 -7.15
N TYR I 59 -22.02 -33.31 -6.10
CA TYR I 59 -21.72 -32.11 -5.35
C TYR I 59 -20.30 -31.64 -5.61
N CYS I 60 -20.16 -30.36 -5.90
CA CYS I 60 -18.84 -29.80 -6.13
C CYS I 60 -18.28 -29.46 -4.74
N ILE I 61 -17.02 -29.82 -4.47
CA ILE I 61 -16.43 -29.51 -3.16
C ILE I 61 -15.19 -28.62 -3.25
N GLU I 62 -14.84 -28.24 -4.47
CA GLU I 62 -13.69 -27.38 -4.69
C GLU I 62 -13.81 -26.77 -6.08
N ALA I 63 -13.66 -25.45 -6.15
CA ALA I 63 -13.79 -24.78 -7.44
C ALA I 63 -12.84 -23.62 -7.61
N LYS I 64 -12.81 -23.11 -8.84
CA LYS I 64 -11.99 -21.97 -9.18
C LYS I 64 -12.88 -20.97 -9.90
N LEU I 65 -12.43 -19.71 -9.96
CA LEU I 65 -13.16 -18.66 -10.64
C LEU I 65 -12.27 -18.03 -11.69
N THR I 66 -12.84 -17.65 -12.81
CA THR I 66 -12.11 -16.98 -13.86
C THR I 66 -13.01 -15.92 -14.49
N ASN I 67 -12.43 -15.10 -15.35
CA ASN I 67 -13.17 -14.03 -16.03
C ASN I 67 -14.28 -13.39 -15.20
N THR I 68 -13.87 -12.67 -14.16
CA THR I 68 -14.81 -11.99 -13.31
C THR I 68 -15.10 -10.66 -14.03
N THR I 69 -16.39 -10.37 -14.24
CA THR I 69 -16.77 -9.14 -14.93
C THR I 69 -17.81 -8.32 -14.19
N THR I 70 -17.63 -7.00 -14.20
CA THR I 70 -18.57 -6.14 -13.50
C THR I 70 -19.19 -5.07 -14.38
N GLU I 71 -20.47 -4.79 -14.13
CA GLU I 71 -21.23 -3.80 -14.86
C GLU I 71 -22.10 -3.04 -13.87
N SER I 72 -22.22 -1.73 -14.03
CA SER I 72 -23.05 -0.98 -13.11
C SER I 72 -23.66 0.27 -13.75
N ARG I 73 -24.85 0.66 -13.29
CA ARG I 73 -25.51 1.84 -13.83
C ARG I 73 -25.73 2.92 -12.78
N CYS I 74 -25.94 4.15 -13.24
CA CYS I 74 -26.16 5.28 -12.35
C CYS I 74 -27.52 5.26 -11.68
N PRO I 75 -27.70 6.07 -10.63
CA PRO I 75 -29.01 6.08 -9.97
C PRO I 75 -30.01 6.52 -11.03
N THR I 76 -31.19 5.92 -11.04
CA THR I 76 -32.23 6.29 -12.02
C THR I 76 -32.30 5.51 -13.32
N GLN I 77 -31.24 4.79 -13.67
CA GLN I 77 -31.25 4.08 -14.94
C GLN I 77 -31.45 2.57 -14.93
N GLY I 78 -32.23 2.09 -13.98
CA GLY I 78 -32.53 0.66 -13.89
C GLY I 78 -31.39 -0.29 -13.58
N GLU I 79 -31.72 -1.58 -13.59
CA GLU I 79 -30.80 -2.68 -13.30
C GLU I 79 -29.90 -3.04 -14.47
N PRO I 80 -28.57 -3.01 -14.28
CA PRO I 80 -27.64 -3.34 -15.35
C PRO I 80 -27.69 -4.84 -15.61
N SER I 81 -27.09 -5.27 -16.71
CA SER I 81 -27.09 -6.68 -17.03
C SER I 81 -25.88 -7.07 -17.84
N LEU I 82 -25.56 -8.35 -17.79
CA LEU I 82 -24.44 -8.91 -18.53
C LEU I 82 -24.99 -10.15 -19.21
N ASN I 83 -24.66 -10.36 -20.47
CA ASN I 83 -25.18 -11.53 -21.18
C ASN I 83 -24.69 -12.84 -20.57
N GLU I 84 -23.51 -12.84 -19.98
CA GLU I 84 -23.00 -14.06 -19.35
C GLU I 84 -23.87 -14.43 -18.17
N GLU I 85 -24.82 -13.55 -17.84
CA GLU I 85 -25.75 -13.80 -16.75
C GLU I 85 -26.75 -14.83 -17.23
N GLN I 86 -26.63 -15.22 -18.50
CA GLN I 86 -27.48 -16.21 -19.15
C GLN I 86 -26.70 -17.49 -19.43
N ASP I 87 -25.40 -17.45 -19.16
CA ASP I 87 -24.52 -18.58 -19.34
C ASP I 87 -24.47 -19.35 -18.03
N LYS I 88 -25.01 -20.57 -18.03
CA LYS I 88 -25.07 -21.39 -16.83
C LYS I 88 -23.75 -21.73 -16.14
N ARG I 89 -22.63 -21.41 -16.76
CA ARG I 89 -21.33 -21.69 -16.15
C ARG I 89 -20.88 -20.57 -15.22
N PHE I 90 -21.62 -19.46 -15.17
CA PHE I 90 -21.25 -18.33 -14.34
C PHE I 90 -22.08 -18.18 -13.07
N VAL I 91 -21.49 -17.54 -12.07
CA VAL I 91 -22.17 -17.28 -10.81
C VAL I 91 -22.24 -15.76 -10.86
N CYS I 92 -23.42 -15.22 -10.54
CA CYS I 92 -23.61 -13.78 -10.59
C CYS I 92 -24.40 -13.29 -9.40
N LYS I 93 -24.29 -12.00 -9.12
CA LYS I 93 -25.03 -11.40 -8.03
C LYS I 93 -25.43 -9.99 -8.43
N HIS I 94 -26.59 -9.55 -7.95
CA HIS I 94 -27.05 -8.20 -8.24
C HIS I 94 -26.98 -7.47 -6.92
N SER I 95 -26.54 -6.22 -6.95
CA SER I 95 -26.44 -5.40 -5.76
C SER I 95 -26.65 -3.93 -6.09
N MET I 96 -26.52 -3.10 -5.08
CA MET I 96 -26.66 -1.65 -5.22
C MET I 96 -25.40 -1.07 -4.62
N VAL I 97 -24.88 0.00 -5.21
CA VAL I 97 -23.67 0.63 -4.70
C VAL I 97 -23.80 2.14 -4.88
N ASP I 98 -23.18 2.91 -3.99
CA ASP I 98 -23.23 4.36 -4.10
C ASP I 98 -22.56 4.78 -5.40
N ARG I 99 -23.08 5.82 -6.01
CA ARG I 99 -22.55 6.36 -7.26
C ARG I 99 -22.54 7.88 -7.15
N GLY I 100 -22.00 8.57 -8.14
CA GLY I 100 -21.96 10.03 -8.06
C GLY I 100 -21.01 10.66 -9.05
N TRP I 101 -20.76 11.96 -8.90
CA TRP I 101 -19.87 12.68 -9.81
C TRP I 101 -18.47 12.10 -9.86
N GLY I 102 -18.01 11.55 -8.74
CA GLY I 102 -16.69 10.97 -8.71
C GLY I 102 -16.49 9.74 -9.56
N ASN I 103 -17.57 9.11 -10.00
CA ASN I 103 -17.43 7.92 -10.82
C ASN I 103 -18.30 7.88 -12.07
N GLY I 104 -18.53 9.05 -12.66
CA GLY I 104 -19.28 9.11 -13.89
C GLY I 104 -20.79 9.28 -13.89
N CYS I 105 -21.39 9.59 -12.74
CA CYS I 105 -22.83 9.76 -12.71
C CYS I 105 -23.25 11.20 -12.47
N GLY I 106 -24.41 11.57 -13.01
CA GLY I 106 -24.90 12.91 -12.84
C GLY I 106 -25.47 13.17 -11.45
N LEU I 107 -26.11 12.15 -10.89
CA LEU I 107 -26.73 12.19 -9.57
C LEU I 107 -26.00 11.36 -8.53
N PHE I 108 -26.11 11.78 -7.27
CA PHE I 108 -25.51 10.99 -6.21
C PHE I 108 -26.67 10.11 -5.76
N GLY I 109 -26.38 8.84 -5.47
CA GLY I 109 -27.42 7.94 -5.04
C GLY I 109 -27.01 6.52 -5.33
N LYS I 110 -27.86 5.56 -4.95
CA LYS I 110 -27.56 4.16 -5.18
C LYS I 110 -27.78 3.79 -6.64
N GLY I 111 -26.87 2.96 -7.16
CA GLY I 111 -26.96 2.51 -8.54
C GLY I 111 -26.92 1.00 -8.59
N GLY I 112 -27.41 0.45 -9.69
CA GLY I 112 -27.40 -1.00 -9.83
C GLY I 112 -26.09 -1.53 -10.37
N ILE I 113 -25.58 -2.58 -9.74
CA ILE I 113 -24.33 -3.19 -10.16
C ILE I 113 -24.51 -4.70 -10.21
N VAL I 114 -23.80 -5.35 -11.14
CA VAL I 114 -23.88 -6.79 -11.31
C VAL I 114 -22.48 -7.34 -11.60
N THR I 115 -22.18 -8.51 -11.05
CA THR I 115 -20.86 -9.11 -11.22
C THR I 115 -20.98 -10.60 -11.50
N CYS I 116 -20.23 -11.10 -12.46
CA CYS I 116 -20.27 -12.53 -12.78
C CYS I 116 -18.86 -13.06 -12.91
N ALA I 117 -18.71 -14.34 -12.58
CA ALA I 117 -17.43 -15.01 -12.67
C ALA I 117 -17.70 -16.41 -13.16
N MET I 118 -16.85 -16.92 -14.04
CA MET I 118 -17.04 -18.27 -14.53
C MET I 118 -16.68 -19.20 -13.38
N PHE I 119 -17.52 -20.18 -13.12
CA PHE I 119 -17.35 -21.14 -12.05
C PHE I 119 -16.85 -22.46 -12.64
N ARG I 120 -15.69 -22.91 -12.18
CA ARG I 120 -15.10 -24.16 -12.67
C ARG I 120 -14.84 -25.13 -11.51
N CYS I 121 -15.61 -26.20 -11.46
CA CYS I 121 -15.46 -27.20 -10.41
C CYS I 121 -14.17 -28.00 -10.64
N LYS I 122 -13.37 -28.16 -9.58
CA LYS I 122 -12.10 -28.89 -9.70
C LYS I 122 -12.11 -30.25 -9.00
N LYS I 123 -13.04 -30.45 -8.08
CA LYS I 123 -13.14 -31.70 -7.35
C LYS I 123 -14.56 -31.82 -6.80
N ASN I 124 -15.21 -32.92 -7.15
CA ASN I 124 -16.58 -33.15 -6.71
C ASN I 124 -16.74 -34.53 -6.10
N MET I 125 -17.89 -34.73 -5.47
CA MET I 125 -18.23 -36.02 -4.87
C MET I 125 -19.62 -36.35 -5.37
N GLU I 126 -19.98 -37.63 -5.36
CA GLU I 126 -21.31 -38.03 -5.81
C GLU I 126 -21.94 -39.06 -4.92
N GLY I 127 -23.23 -38.89 -4.67
CA GLY I 127 -23.95 -39.84 -3.83
C GLY I 127 -24.81 -40.72 -4.73
N LYS I 128 -24.78 -42.02 -4.47
CA LYS I 128 -25.56 -42.94 -5.29
C LYS I 128 -26.65 -43.65 -4.50
N VAL I 129 -27.64 -44.15 -5.22
CA VAL I 129 -28.74 -44.86 -4.59
C VAL I 129 -28.65 -46.33 -5.01
N VAL I 130 -28.48 -47.20 -4.00
CA VAL I 130 -28.38 -48.63 -4.23
C VAL I 130 -29.74 -49.29 -4.15
N GLN I 131 -30.16 -49.94 -5.23
CA GLN I 131 -31.43 -50.65 -5.27
C GLN I 131 -31.22 -52.09 -4.83
N PRO I 132 -32.10 -52.62 -3.96
CA PRO I 132 -31.96 -53.99 -3.48
C PRO I 132 -31.74 -54.94 -4.67
N GLU I 133 -32.48 -54.70 -5.74
CA GLU I 133 -32.32 -55.50 -6.94
C GLU I 133 -31.02 -54.99 -7.55
N ASN I 134 -30.57 -55.60 -8.64
CA ASN I 134 -29.32 -55.16 -9.24
C ASN I 134 -28.12 -55.32 -8.30
N LEU I 135 -28.35 -55.90 -7.12
CA LEU I 135 -27.24 -56.18 -6.21
C LEU I 135 -26.76 -57.53 -6.73
N GLU I 136 -25.46 -57.78 -6.68
CA GLU I 136 -24.96 -59.03 -7.22
C GLU I 136 -24.15 -59.83 -6.22
N TYR I 137 -24.66 -61.00 -5.85
CA TYR I 137 -23.98 -61.86 -4.90
C TYR I 137 -23.12 -62.92 -5.59
N THR I 138 -21.90 -63.11 -5.10
CA THR I 138 -21.00 -64.10 -5.67
C THR I 138 -20.95 -65.29 -4.71
N ILE I 139 -21.22 -66.48 -5.24
CA ILE I 139 -21.21 -67.69 -4.42
C ILE I 139 -20.30 -68.73 -5.02
N VAL I 140 -19.47 -69.34 -4.19
CA VAL I 140 -18.56 -70.37 -4.66
C VAL I 140 -19.06 -71.72 -4.16
N ILE I 141 -19.15 -72.67 -5.08
CA ILE I 141 -19.64 -74.01 -4.78
C ILE I 141 -18.44 -74.91 -5.02
N THR I 142 -17.87 -75.41 -3.92
CA THR I 142 -16.68 -76.27 -4.00
C THR I 142 -16.97 -77.72 -3.66
N PRO I 143 -16.53 -78.66 -4.51
CA PRO I 143 -16.74 -80.09 -4.26
C PRO I 143 -15.85 -80.51 -3.08
N HIS I 144 -16.43 -81.18 -2.09
CA HIS I 144 -15.68 -81.63 -0.92
C HIS I 144 -15.10 -83.00 -1.26
N SER I 145 -13.94 -82.97 -1.90
CA SER I 145 -13.27 -84.17 -2.37
C SER I 145 -11.99 -84.48 -1.62
N GLY I 146 -11.29 -83.44 -1.20
CA GLY I 146 -10.04 -83.60 -0.50
C GLY I 146 -8.84 -83.60 -1.45
N GLU I 147 -9.09 -83.56 -2.76
CA GLU I 147 -8.02 -83.53 -3.76
C GLU I 147 -7.02 -82.43 -3.45
N GLU I 148 -5.80 -82.52 -3.98
CA GLU I 148 -4.82 -81.49 -3.67
C GLU I 148 -4.42 -80.47 -4.69
N HIS I 149 -3.86 -79.38 -4.16
CA HIS I 149 -3.29 -78.25 -4.92
C HIS I 149 -2.07 -77.59 -4.31
N ALA I 150 -2.14 -76.70 -3.29
CA ALA I 150 -0.89 -76.02 -2.73
C ALA I 150 -0.94 -74.47 -2.82
N GLY I 156 -6.62 -74.24 -10.38
CA GLY I 156 -6.71 -75.46 -11.14
C GLY I 156 -7.77 -76.41 -10.61
N LYS I 157 -8.24 -76.13 -9.38
CA LYS I 157 -9.30 -76.93 -8.78
C LYS I 157 -10.31 -76.06 -8.06
N HIS I 158 -10.46 -74.82 -8.53
CA HIS I 158 -11.44 -73.90 -7.98
C HIS I 158 -12.83 -74.51 -7.95
N GLY I 159 -13.59 -74.21 -6.90
CA GLY I 159 -15.04 -74.37 -6.94
C GLY I 159 -15.70 -73.45 -7.94
N LYS I 160 -16.82 -73.89 -8.50
CA LYS I 160 -17.56 -73.10 -9.47
C LYS I 160 -17.98 -71.79 -8.81
N GLU I 161 -17.77 -70.71 -9.54
CA GLU I 161 -18.15 -69.40 -9.03
C GLU I 161 -19.38 -69.01 -9.84
N ILE I 162 -20.41 -68.51 -9.17
CA ILE I 162 -21.61 -68.07 -9.86
C ILE I 162 -22.10 -66.75 -9.27
N LYS I 163 -22.57 -65.87 -10.14
CA LYS I 163 -23.06 -64.56 -9.72
C LYS I 163 -24.54 -64.47 -10.00
N ILE I 164 -25.32 -64.04 -9.01
CA ILE I 164 -26.74 -63.95 -9.21
C ILE I 164 -27.31 -62.64 -8.70
N THR I 165 -28.55 -62.36 -9.08
CA THR I 165 -29.25 -61.13 -8.71
C THR I 165 -30.63 -61.52 -8.19
N PRO I 166 -31.20 -60.73 -7.27
CA PRO I 166 -32.53 -61.11 -6.79
C PRO I 166 -33.54 -61.17 -7.94
N GLN I 167 -33.12 -60.77 -9.13
CA GLN I 167 -34.01 -60.80 -10.29
C GLN I 167 -33.65 -61.91 -11.29
N SER I 168 -32.51 -62.56 -11.09
CA SER I 168 -32.11 -63.64 -11.99
C SER I 168 -32.90 -64.90 -11.65
N SER I 169 -33.05 -65.80 -12.63
CA SER I 169 -33.81 -67.02 -12.42
C SER I 169 -32.98 -68.11 -11.76
N ILE I 170 -33.62 -69.26 -11.51
CA ILE I 170 -32.94 -70.38 -10.88
C ILE I 170 -31.68 -70.74 -11.65
N THR I 171 -30.59 -70.89 -10.91
CA THR I 171 -29.29 -71.19 -11.48
C THR I 171 -28.99 -72.67 -11.57
N GLU I 172 -28.37 -73.07 -12.67
CA GLU I 172 -27.96 -74.45 -12.88
C GLU I 172 -26.43 -74.41 -13.02
N ALA I 173 -25.73 -74.69 -11.93
CA ALA I 173 -24.28 -74.64 -11.93
C ALA I 173 -23.64 -75.97 -12.22
N GLU I 174 -22.69 -75.96 -13.16
CA GLU I 174 -22.00 -77.18 -13.52
C GLU I 174 -20.74 -77.34 -12.68
N LEU I 175 -20.56 -78.55 -12.16
CA LEU I 175 -19.38 -78.88 -11.37
C LEU I 175 -18.65 -79.97 -12.16
N THR I 176 -17.55 -79.57 -12.81
CA THR I 176 -16.78 -80.49 -13.62
C THR I 176 -16.55 -81.82 -12.92
N GLY I 177 -17.12 -82.85 -13.54
CA GLY I 177 -17.01 -84.20 -13.01
C GLY I 177 -18.20 -84.73 -12.24
N TYR I 178 -19.05 -83.86 -11.69
CA TYR I 178 -20.15 -84.35 -10.88
C TYR I 178 -21.55 -84.08 -11.41
N GLY I 179 -21.64 -83.21 -12.40
CA GLY I 179 -22.93 -82.86 -12.96
C GLY I 179 -23.26 -81.41 -12.68
N THR I 180 -24.52 -81.11 -12.40
CA THR I 180 -24.89 -79.74 -12.10
C THR I 180 -25.69 -79.70 -10.81
N VAL I 181 -25.71 -78.53 -10.18
CA VAL I 181 -26.47 -78.37 -8.96
C VAL I 181 -27.38 -77.21 -9.27
N THR I 182 -28.64 -77.30 -8.84
CA THR I 182 -29.57 -76.22 -9.14
C THR I 182 -29.94 -75.52 -7.86
N MET I 183 -29.89 -74.19 -7.89
CA MET I 183 -30.21 -73.41 -6.70
C MET I 183 -30.82 -72.04 -7.00
N GLU I 184 -31.59 -71.54 -6.05
CA GLU I 184 -32.22 -70.22 -6.16
C GLU I 184 -32.06 -69.50 -4.84
N CYS I 185 -31.79 -68.20 -4.90
CA CYS I 185 -31.59 -67.44 -3.67
C CYS I 185 -32.45 -66.21 -3.53
N SER I 186 -32.60 -65.78 -2.28
CA SER I 186 -33.38 -64.59 -1.97
C SER I 186 -32.53 -63.76 -1.01
N PRO I 187 -32.45 -62.44 -1.26
CA PRO I 187 -31.68 -61.51 -0.43
C PRO I 187 -32.31 -61.36 0.94
N ARG I 188 -33.11 -62.35 1.34
CA ARG I 188 -33.81 -62.29 2.61
C ARG I 188 -33.11 -61.48 3.70
N THR I 189 -33.75 -60.36 4.02
CA THR I 189 -33.30 -59.39 5.02
C THR I 189 -31.89 -59.62 5.55
N LEU I 191 -30.66 -55.39 5.35
CA LEU I 191 -30.10 -54.55 4.29
C LEU I 191 -31.11 -53.50 3.85
N ASP I 192 -30.84 -52.23 4.15
CA ASP I 192 -31.75 -51.14 3.79
C ASP I 192 -31.15 -50.20 2.73
N PHE I 193 -32.01 -49.64 1.89
CA PHE I 193 -31.59 -48.72 0.83
C PHE I 193 -32.75 -47.84 0.37
N GLU I 195 -34.42 -45.61 2.93
CA GLU I 195 -34.07 -44.32 2.36
C GLU I 195 -32.69 -43.86 2.79
N MET I 196 -31.66 -44.40 2.15
CA MET I 196 -30.29 -44.04 2.46
C MET I 196 -29.56 -43.68 1.17
N VAL I 197 -28.31 -43.26 1.29
CA VAL I 197 -27.52 -42.88 0.13
C VAL I 197 -26.05 -43.25 0.36
N LEU I 198 -25.33 -43.51 -0.72
CA LEU I 198 -23.91 -43.83 -0.61
C LEU I 198 -23.03 -42.75 -1.23
N LEU I 199 -22.36 -42.02 -0.34
CA LEU I 199 -21.48 -40.92 -0.69
C LEU I 199 -20.07 -41.35 -1.10
N GLN I 200 -19.63 -40.90 -2.28
CA GLN I 200 -18.30 -41.24 -2.76
C GLN I 200 -17.36 -40.03 -2.89
N MET I 201 -16.34 -40.01 -2.03
CA MET I 201 -15.34 -38.95 -2.04
C MET I 201 -14.01 -39.49 -2.50
N GLU I 202 -13.86 -39.62 -3.82
CA GLU I 202 -12.62 -40.09 -4.42
C GLU I 202 -12.23 -41.50 -3.97
N ASN I 203 -12.94 -42.49 -4.49
CA ASN I 203 -12.70 -43.90 -4.20
C ASN I 203 -12.92 -44.36 -2.77
N LYS I 204 -13.41 -43.48 -1.91
CA LYS I 204 -13.69 -43.86 -0.53
C LYS I 204 -15.16 -43.50 -0.35
N ALA I 205 -15.97 -44.45 0.12
CA ALA I 205 -17.39 -44.20 0.29
C ALA I 205 -17.95 -44.36 1.69
N TRP I 206 -19.15 -43.85 1.88
CA TRP I 206 -19.86 -43.89 3.17
C TRP I 206 -21.34 -44.07 2.90
N LEU I 207 -22.06 -44.57 3.89
CA LEU I 207 -23.50 -44.74 3.77
C LEU I 207 -24.07 -43.61 4.60
N VAL I 208 -24.87 -42.75 3.97
CA VAL I 208 -25.45 -41.60 4.68
C VAL I 208 -26.96 -41.54 4.49
N HIS I 209 -27.64 -40.91 5.43
CA HIS I 209 -29.10 -40.79 5.33
C HIS I 209 -29.46 -39.76 4.28
N ARG I 210 -30.63 -39.93 3.66
CA ARG I 210 -31.08 -38.99 2.65
C ARG I 210 -31.56 -37.73 3.39
N GLN I 211 -31.94 -36.71 2.63
CA GLN I 211 -32.41 -35.45 3.21
C GLN I 211 -31.28 -34.73 3.93
N TRP I 212 -30.16 -35.42 4.13
CA TRP I 212 -28.99 -34.82 4.76
C TRP I 212 -28.07 -34.56 3.59
N PHE I 213 -28.02 -35.56 2.71
CA PHE I 213 -27.23 -35.49 1.51
C PHE I 213 -27.85 -34.40 0.63
N LEU I 214 -29.17 -34.42 0.55
CA LEU I 214 -29.93 -33.45 -0.26
C LEU I 214 -29.92 -32.04 0.32
N ASP I 215 -29.55 -31.91 1.58
CA ASP I 215 -29.52 -30.59 2.22
C ASP I 215 -28.13 -29.96 2.22
N LEU I 216 -27.12 -30.75 1.89
CA LEU I 216 -25.75 -30.24 1.87
C LEU I 216 -25.65 -28.92 1.12
N PRO I 217 -25.06 -27.90 1.76
CA PRO I 217 -24.89 -26.57 1.16
C PRO I 217 -23.65 -26.56 0.27
N LEU I 218 -23.80 -27.11 -0.92
CA LEU I 218 -22.71 -27.15 -1.88
C LEU I 218 -23.30 -27.14 -3.27
N PRO I 219 -22.54 -26.66 -4.25
CA PRO I 219 -23.05 -26.62 -5.62
C PRO I 219 -23.28 -28.06 -6.07
N TRP I 220 -24.35 -28.31 -6.83
CA TRP I 220 -24.65 -29.66 -7.29
C TRP I 220 -25.26 -29.70 -8.68
N LEU I 221 -25.38 -30.91 -9.21
CA LEU I 221 -25.94 -31.14 -10.52
C LEU I 221 -26.80 -32.40 -10.48
N PRO I 222 -27.94 -32.40 -11.18
CA PRO I 222 -28.79 -33.59 -11.17
C PRO I 222 -27.97 -34.80 -11.64
N GLY I 223 -28.19 -35.94 -10.99
CA GLY I 223 -27.44 -37.15 -11.33
C GLY I 223 -27.19 -37.46 -12.79
N ALA I 224 -28.21 -37.37 -13.63
CA ALA I 224 -28.09 -37.69 -15.05
C ALA I 224 -27.39 -36.63 -15.90
N ASP I 225 -26.31 -36.05 -15.38
CA ASP I 225 -25.59 -35.01 -16.11
C ASP I 225 -24.26 -35.54 -16.64
N THR I 226 -23.67 -34.81 -17.58
CA THR I 226 -22.39 -35.20 -18.15
C THR I 226 -21.62 -33.94 -18.55
N GLN I 227 -22.31 -32.81 -18.56
CA GLN I 227 -21.69 -31.54 -18.89
C GLN I 227 -20.73 -31.22 -17.75
N GLY I 228 -21.25 -31.26 -16.53
CA GLY I 228 -20.46 -30.97 -15.36
C GLY I 228 -20.13 -29.49 -15.25
N SER I 229 -20.94 -28.67 -15.93
CA SER I 229 -20.72 -27.23 -15.95
C SER I 229 -21.81 -26.38 -15.29
N ASN I 230 -23.06 -26.70 -15.58
CA ASN I 230 -24.21 -25.94 -15.09
C ASN I 230 -24.63 -26.07 -13.62
N TRP I 231 -23.65 -26.02 -12.73
CA TRP I 231 -23.89 -26.15 -11.29
C TRP I 231 -25.01 -25.31 -10.70
N ILE I 232 -25.69 -25.91 -9.72
CA ILE I 232 -26.80 -25.27 -9.02
C ILE I 232 -26.35 -24.78 -7.65
N GLN I 233 -26.71 -23.55 -7.31
CA GLN I 233 -26.35 -22.89 -6.07
C GLN I 233 -24.84 -22.79 -5.85
N LYS I 234 -24.19 -22.17 -6.83
CA LYS I 234 -22.76 -21.95 -6.81
C LYS I 234 -22.38 -20.97 -5.70
N GLU I 235 -23.30 -20.09 -5.34
CA GLU I 235 -23.03 -19.10 -4.30
C GLU I 235 -22.59 -19.76 -3.00
N THR I 236 -22.86 -21.06 -2.85
CA THR I 236 -22.44 -21.76 -1.65
C THR I 236 -20.91 -21.77 -1.52
N LEU I 237 -20.20 -21.76 -2.64
CA LEU I 237 -18.74 -21.75 -2.61
C LEU I 237 -18.19 -20.41 -3.09
N VAL I 238 -19.06 -19.42 -3.22
CA VAL I 238 -18.62 -18.12 -3.69
C VAL I 238 -19.04 -17.01 -2.74
N THR I 239 -18.18 -16.02 -2.62
CA THR I 239 -18.46 -14.89 -1.77
C THR I 239 -18.23 -13.63 -2.56
N PHE I 240 -19.22 -12.75 -2.55
CA PHE I 240 -19.12 -11.48 -3.25
C PHE I 240 -18.84 -10.41 -2.19
N LYS I 241 -17.68 -9.77 -2.31
CA LYS I 241 -17.28 -8.70 -1.38
C LYS I 241 -18.19 -7.50 -1.63
N ASN I 242 -18.15 -6.53 -0.72
CA ASN I 242 -18.97 -5.34 -0.89
C ASN I 242 -18.51 -4.71 -2.19
N PRO I 243 -19.47 -4.28 -3.02
CA PRO I 243 -19.10 -3.67 -4.30
C PRO I 243 -18.55 -2.25 -4.22
N HIS I 244 -18.00 -1.80 -5.34
CA HIS I 244 -17.47 -0.45 -5.47
C HIS I 244 -18.18 0.10 -6.69
N ALA I 245 -18.13 1.41 -6.87
CA ALA I 245 -18.79 2.05 -7.99
C ALA I 245 -18.74 1.31 -9.33
N LYS I 246 -17.58 0.79 -9.70
CA LYS I 246 -17.45 0.11 -11.00
C LYS I 246 -16.86 -1.30 -10.98
N LYS I 247 -16.39 -1.76 -9.83
CA LYS I 247 -15.82 -3.11 -9.74
C LYS I 247 -16.21 -3.74 -8.42
N GLN I 248 -16.11 -5.06 -8.40
CA GLN I 248 -16.45 -5.82 -7.21
C GLN I 248 -15.62 -7.09 -7.25
N ASP I 249 -15.10 -7.48 -6.10
CA ASP I 249 -14.28 -8.68 -6.03
C ASP I 249 -15.12 -9.88 -5.69
N VAL I 250 -14.71 -11.04 -6.20
CA VAL I 250 -15.42 -12.28 -5.91
C VAL I 250 -14.36 -13.31 -5.58
N VAL I 251 -14.51 -13.98 -4.43
CA VAL I 251 -13.57 -15.01 -4.03
C VAL I 251 -14.32 -16.30 -3.78
N VAL I 252 -13.64 -17.41 -4.01
CA VAL I 252 -14.24 -18.71 -3.80
C VAL I 252 -13.69 -19.34 -2.54
N LEU I 253 -14.53 -20.06 -1.79
CA LEU I 253 -14.08 -20.73 -0.58
C LEU I 253 -13.03 -21.75 -0.97
N GLY I 254 -12.31 -22.27 0.02
CA GLY I 254 -11.30 -23.26 -0.27
C GLY I 254 -11.95 -24.64 -0.32
N SER I 255 -11.18 -25.65 -0.69
CA SER I 255 -11.69 -27.01 -0.77
C SER I 255 -12.50 -27.39 0.47
N GLN I 256 -13.50 -28.23 0.28
CA GLN I 256 -14.33 -28.65 1.41
C GLN I 256 -14.14 -30.14 1.68
N GLU I 257 -13.20 -30.77 0.97
CA GLU I 257 -12.93 -32.18 1.17
C GLU I 257 -12.70 -32.44 2.66
N GLY I 258 -11.90 -31.57 3.28
CA GLY I 258 -11.61 -31.69 4.70
C GLY I 258 -12.83 -31.48 5.57
N ALA I 259 -13.55 -30.39 5.34
CA ALA I 259 -14.74 -30.11 6.12
C ALA I 259 -15.70 -31.28 6.01
N MET I 260 -15.65 -31.97 4.87
CA MET I 260 -16.53 -33.11 4.63
C MET I 260 -16.04 -34.32 5.42
N HIS I 261 -14.78 -34.71 5.22
CA HIS I 261 -14.18 -35.84 5.91
C HIS I 261 -14.48 -35.82 7.40
N THR I 262 -13.94 -34.83 8.10
CA THR I 262 -14.15 -34.71 9.53
C THR I 262 -15.61 -34.42 9.86
N ALA I 263 -16.50 -34.56 8.87
CA ALA I 263 -17.93 -34.33 9.09
C ALA I 263 -18.68 -35.66 8.95
N LEU I 264 -18.04 -36.60 8.25
CA LEU I 264 -18.60 -37.93 8.02
C LEU I 264 -18.20 -38.92 9.12
N THR I 265 -17.24 -38.55 9.96
CA THR I 265 -16.82 -39.44 11.02
C THR I 265 -18.07 -39.85 11.80
N GLY I 266 -18.27 -41.16 11.95
CA GLY I 266 -19.43 -41.66 12.65
C GLY I 266 -20.31 -42.53 11.77
N ALA I 267 -20.57 -42.07 10.55
CA ALA I 267 -21.39 -42.82 9.59
C ALA I 267 -20.65 -44.05 9.09
N THR I 268 -21.37 -45.16 8.97
CA THR I 268 -20.79 -46.42 8.52
C THR I 268 -20.01 -46.29 7.22
N GLU I 269 -18.72 -46.60 7.26
CA GLU I 269 -17.88 -46.54 6.08
C GLU I 269 -18.14 -47.76 5.20
N ILE I 270 -18.16 -47.54 3.88
CA ILE I 270 -18.43 -48.63 2.95
C ILE I 270 -17.23 -48.89 2.06
N GLN I 271 -16.78 -50.13 2.04
CA GLN I 271 -15.65 -50.54 1.22
C GLN I 271 -16.07 -50.48 -0.24
N MET I 272 -15.11 -50.54 -1.15
CA MET I 272 -15.41 -50.51 -2.57
C MET I 272 -14.17 -50.74 -3.42
N SER I 273 -14.39 -51.07 -4.69
CA SER I 273 -13.29 -51.30 -5.62
C SER I 273 -13.83 -51.31 -7.04
N SER I 274 -13.00 -50.89 -7.99
CA SER I 274 -13.39 -50.85 -9.38
C SER I 274 -14.66 -50.02 -9.55
N GLY I 275 -14.82 -49.03 -8.68
CA GLY I 275 -15.97 -48.16 -8.75
C GLY I 275 -17.23 -48.75 -8.12
N ASN I 276 -17.21 -50.05 -7.86
CA ASN I 276 -18.36 -50.71 -7.27
C ASN I 276 -18.33 -50.69 -5.75
N LEU I 277 -19.51 -50.60 -5.14
CA LEU I 277 -19.62 -50.59 -3.70
C LEU I 277 -19.79 -52.03 -3.23
N LEU I 278 -19.22 -52.35 -2.07
CA LEU I 278 -19.31 -53.70 -1.53
C LEU I 278 -20.05 -53.70 -0.22
N PHE I 279 -20.80 -54.76 0.03
CA PHE I 279 -21.53 -54.89 1.28
C PHE I 279 -21.38 -56.30 1.78
N THR I 280 -21.83 -56.53 3.00
CA THR I 280 -21.80 -57.86 3.58
C THR I 280 -23.25 -58.33 3.50
N GLY I 281 -23.56 -59.08 2.44
CA GLY I 281 -24.91 -59.57 2.24
C GLY I 281 -25.34 -60.79 3.05
N HIS I 282 -26.63 -61.10 2.96
CA HIS I 282 -27.22 -62.22 3.66
C HIS I 282 -28.16 -62.94 2.68
N LEU I 283 -27.94 -64.23 2.47
CA LEU I 283 -28.78 -64.96 1.54
C LEU I 283 -29.43 -66.22 2.12
N LYS I 284 -30.58 -66.55 1.56
CA LYS I 284 -31.34 -67.76 1.89
C LYS I 284 -31.47 -68.44 0.53
N CYS I 285 -31.06 -69.68 0.43
CA CYS I 285 -31.17 -70.37 -0.84
C CYS I 285 -31.72 -71.76 -0.66
N ARG I 286 -32.16 -72.33 -1.78
CA ARG I 286 -32.68 -73.68 -1.81
C ARG I 286 -31.98 -74.36 -2.98
N LEU I 287 -31.50 -75.58 -2.78
CA LEU I 287 -30.82 -76.27 -3.85
C LEU I 287 -31.30 -77.68 -4.02
N ARG I 288 -31.14 -78.21 -5.23
CA ARG I 288 -31.57 -79.56 -5.58
C ARG I 288 -30.35 -80.27 -6.15
N MET I 289 -30.17 -81.53 -5.77
CA MET I 289 -29.01 -82.32 -6.21
C MET I 289 -29.34 -83.50 -7.13
N ASP I 290 -30.57 -83.56 -7.61
CA ASP I 290 -30.97 -84.65 -8.49
C ASP I 290 -30.09 -84.79 -9.73
N LYS I 291 -29.38 -83.73 -10.11
CA LYS I 291 -28.51 -83.81 -11.29
C LYS I 291 -27.01 -83.97 -10.96
N LEU I 292 -26.72 -84.21 -9.68
CA LEU I 292 -25.35 -84.43 -9.23
C LEU I 292 -25.12 -85.92 -9.08
N GLN I 293 -23.87 -86.34 -9.26
CA GLN I 293 -23.56 -87.74 -9.06
C GLN I 293 -22.11 -87.84 -8.67
N LEU I 294 -21.73 -88.96 -8.07
CA LEU I 294 -20.37 -89.15 -7.61
C LEU I 294 -19.36 -89.29 -8.75
N LYS I 295 -18.26 -88.55 -8.64
CA LYS I 295 -17.21 -88.59 -9.65
C LYS I 295 -16.30 -89.77 -9.38
N GLY I 296 -16.30 -90.76 -10.27
CA GLY I 296 -15.43 -91.90 -10.06
C GLY I 296 -16.09 -93.23 -9.82
N MET I 297 -17.41 -93.27 -9.76
CA MET I 297 -18.07 -94.55 -9.56
C MET I 297 -17.60 -95.46 -10.69
N SER I 298 -17.63 -96.77 -10.43
CA SER I 298 -17.19 -97.76 -11.42
C SER I 298 -15.68 -97.73 -11.65
N TYR I 299 -14.95 -97.88 -10.57
CA TYR I 299 -13.49 -97.93 -10.60
C TYR I 299 -13.21 -99.23 -9.88
N SER I 300 -11.95 -99.43 -9.52
CA SER I 300 -11.56 -100.62 -8.78
C SER I 300 -11.36 -100.21 -7.32
N MET I 301 -11.41 -101.18 -6.41
CA MET I 301 -11.24 -100.89 -4.99
C MET I 301 -9.73 -101.04 -4.72
N CYS I 302 -9.03 -99.91 -4.60
CA CYS I 302 -7.58 -99.93 -4.37
C CYS I 302 -7.19 -101.19 -3.66
N THR I 303 -6.22 -101.91 -4.21
CA THR I 303 -5.76 -103.11 -3.53
C THR I 303 -4.28 -102.82 -3.32
N GLY I 304 -3.92 -102.10 -2.26
CA GLY I 304 -2.52 -101.77 -2.04
C GLY I 304 -2.16 -101.14 -0.70
N LYS I 305 -1.26 -100.16 -0.69
CA LYS I 305 -0.84 -99.49 0.55
C LYS I 305 -0.86 -97.98 0.64
N PHE I 306 -1.02 -97.51 1.87
CA PHE I 306 -1.03 -96.08 2.16
C PHE I 306 -0.20 -95.77 3.38
N LYS I 307 0.51 -94.65 3.31
CA LYS I 307 1.33 -94.21 4.41
C LYS I 307 0.76 -92.86 4.82
N VAL I 308 0.23 -92.78 6.04
CA VAL I 308 -0.32 -91.54 6.52
C VAL I 308 0.74 -90.46 6.33
N VAL I 309 0.52 -89.55 5.38
CA VAL I 309 1.46 -88.48 5.08
C VAL I 309 1.98 -87.75 6.31
N LYS I 310 1.09 -87.39 7.23
CA LYS I 310 1.53 -86.71 8.45
C LYS I 310 0.52 -86.89 9.58
N GLU I 311 0.70 -86.12 10.65
CA GLU I 311 -0.18 -86.19 11.82
C GLU I 311 -1.64 -85.97 11.54
N ILE I 312 -2.46 -86.96 11.91
CA ILE I 312 -3.91 -86.87 11.73
C ILE I 312 -4.34 -85.57 12.40
N ALA I 313 -5.25 -84.84 11.77
CA ALA I 313 -5.70 -83.58 12.33
C ALA I 313 -7.15 -83.59 12.80
N GLU I 314 -7.40 -82.81 13.85
CA GLU I 314 -8.72 -82.65 14.43
C GLU I 314 -9.25 -81.30 13.99
N THR I 315 -10.46 -81.28 13.47
CA THR I 315 -11.05 -80.02 13.02
C THR I 315 -11.87 -79.41 14.14
N GLN I 316 -12.43 -78.24 13.87
CA GLN I 316 -13.25 -77.55 14.85
C GLN I 316 -14.66 -78.12 14.82
N HIS I 317 -14.90 -79.15 14.01
CA HIS I 317 -16.24 -79.70 13.89
C HIS I 317 -16.45 -81.18 14.18
N GLY I 318 -15.77 -81.69 15.20
CA GLY I 318 -15.94 -83.09 15.55
C GLY I 318 -15.56 -84.03 14.43
N THR I 319 -14.65 -83.59 13.58
CA THR I 319 -14.22 -84.44 12.48
C THR I 319 -12.72 -84.48 12.38
N ILE I 320 -12.22 -85.39 11.56
CA ILE I 320 -10.78 -85.52 11.36
C ILE I 320 -10.38 -85.49 9.89
N VAL I 321 -9.16 -85.06 9.63
CA VAL I 321 -8.66 -85.02 8.25
C VAL I 321 -7.42 -85.92 8.13
N ILE I 322 -7.58 -87.08 7.50
CA ILE I 322 -6.46 -88.00 7.33
C ILE I 322 -5.80 -87.93 5.95
N ARG I 323 -4.54 -87.55 5.91
CA ARG I 323 -3.78 -87.48 4.66
C ARG I 323 -3.20 -88.88 4.38
N VAL I 324 -3.36 -89.39 3.17
CA VAL I 324 -2.81 -90.70 2.85
C VAL I 324 -2.39 -90.68 1.38
N GLN I 325 -1.45 -91.54 1.02
CA GLN I 325 -1.01 -91.60 -0.35
C GLN I 325 -0.66 -93.03 -0.68
N TYR I 326 -1.15 -93.51 -1.82
CA TYR I 326 -0.90 -94.87 -2.26
C TYR I 326 0.61 -95.06 -2.31
N GLY I 328 1.84 -96.87 -3.71
CA GLY I 328 1.01 -98.07 -3.53
C GLY I 328 0.52 -98.84 -4.77
N ASP I 329 0.23 -100.12 -4.60
CA ASP I 329 -0.27 -101.08 -5.61
C ASP I 329 -1.50 -100.87 -6.49
N GLY I 330 -1.59 -99.83 -7.30
CA GLY I 330 -2.81 -99.76 -8.07
C GLY I 330 -3.15 -98.57 -8.95
N SER I 331 -4.28 -98.72 -9.61
CA SER I 331 -4.84 -97.76 -10.54
C SER I 331 -5.20 -96.53 -9.72
N PRO I 332 -5.65 -95.48 -10.41
CA PRO I 332 -6.06 -94.24 -9.76
C PRO I 332 -7.34 -94.92 -9.22
N CYS I 333 -7.42 -95.18 -7.92
CA CYS I 333 -8.57 -95.94 -7.40
C CYS I 333 -9.37 -95.42 -6.22
N LYS I 334 -10.45 -96.15 -5.94
CA LYS I 334 -11.34 -95.87 -4.81
C LYS I 334 -10.54 -96.24 -3.56
N ILE I 335 -10.65 -95.99 -2.58
CA ILE I 335 -10.02 -96.22 -1.30
C ILE I 335 -10.95 -96.99 -0.35
N PRO I 336 -10.64 -97.80 0.24
CA PRO I 336 -11.45 -98.48 1.26
C PRO I 336 -11.35 -97.79 2.63
N PHE I 337 -12.34 -96.98 2.94
CA PHE I 337 -12.35 -96.29 4.21
C PHE I 337 -13.48 -96.88 4.99
N GLU I 338 -13.29 -96.98 6.30
CA GLU I 338 -14.34 -97.52 7.12
C GLU I 338 -13.97 -97.35 8.59
N ILE I 339 -14.87 -96.75 9.34
CA ILE I 339 -14.66 -96.52 10.76
C ILE I 339 -15.53 -97.48 11.56
N MET I 340 -14.89 -98.41 12.27
CA MET I 340 -15.64 -99.38 13.04
C MET I 340 -15.34 -99.28 14.53
N ASP I 341 -15.89 -100.20 15.30
CA ASP I 341 -15.66 -100.22 16.73
C ASP I 341 -14.32 -100.93 17.00
N LEU I 342 -13.93 -101.01 18.27
CA LEU I 342 -12.68 -101.66 18.65
C LEU I 342 -12.63 -103.11 18.20
N GLU I 343 -13.81 -103.73 18.09
CA GLU I 343 -13.90 -105.12 17.69
C GLU I 343 -14.04 -105.31 16.20
N LYS I 344 -14.12 -104.22 15.45
CA LYS I 344 -14.28 -104.31 14.00
C LYS I 344 -15.54 -105.10 13.64
N ARG I 345 -16.59 -105.00 14.45
CA ARG I 345 -17.84 -105.73 14.18
C ARG I 345 -18.87 -104.89 13.41
N HIS I 346 -19.15 -103.68 13.89
CA HIS I 346 -20.12 -102.82 13.21
C HIS I 346 -19.48 -101.52 12.72
N VAL I 347 -20.15 -100.87 11.77
CA VAL I 347 -19.66 -99.63 11.20
C VAL I 347 -20.15 -98.47 12.08
N LEU I 348 -19.26 -97.53 12.34
CA LEU I 348 -19.59 -96.37 13.14
C LEU I 348 -19.15 -95.12 12.39
N GLY I 349 -19.58 -93.95 12.84
CA GLY I 349 -19.19 -92.73 12.16
C GLY I 349 -19.54 -92.71 10.67
N ARG I 350 -19.02 -91.71 9.95
CA ARG I 350 -19.28 -91.55 8.53
C ARG I 350 -18.30 -90.58 7.88
N LEU I 351 -18.23 -90.67 6.56
CA LEU I 351 -17.34 -89.84 5.77
C LEU I 351 -18.03 -88.55 5.36
N ILE I 352 -17.24 -87.47 5.32
CA ILE I 352 -17.72 -86.16 4.88
C ILE I 352 -17.19 -86.10 3.44
N THR I 353 -16.00 -86.66 3.25
CA THR I 353 -15.37 -86.81 1.95
C THR I 353 -16.09 -88.08 1.50
N VAL I 354 -16.61 -88.11 0.30
CA VAL I 354 -17.32 -89.32 -0.09
C VAL I 354 -16.65 -89.87 -1.33
N ASN I 355 -16.70 -91.20 -1.48
CA ASN I 355 -16.04 -91.90 -2.58
C ASN I 355 -14.65 -91.34 -2.76
N PRO I 356 -13.88 -91.35 -1.66
CA PRO I 356 -12.51 -90.84 -1.67
C PRO I 356 -11.72 -91.67 -2.66
N ILE I 357 -10.90 -90.99 -3.46
CA ILE I 357 -10.14 -91.69 -4.48
C ILE I 357 -8.75 -91.13 -4.69
N VAL I 358 -7.87 -91.94 -5.26
CA VAL I 358 -6.50 -91.55 -5.54
C VAL I 358 -6.32 -91.25 -7.03
N THR I 359 -5.77 -90.09 -7.35
CA THR I 359 -5.56 -89.71 -8.74
C THR I 359 -4.14 -90.04 -9.20
N GLU I 360 -3.19 -89.93 -8.29
CA GLU I 360 -1.79 -90.20 -8.64
C GLU I 360 -1.03 -90.97 -7.58
N LYS I 361 0.07 -91.57 -8.01
CA LYS I 361 0.95 -92.29 -7.10
C LYS I 361 1.69 -91.14 -6.43
N ASP I 362 1.71 -91.13 -5.10
CA ASP I 362 2.36 -90.05 -4.37
C ASP I 362 1.61 -88.74 -4.62
N SER I 363 0.36 -88.72 -4.18
CA SER I 363 -0.52 -87.56 -4.30
C SER I 363 -1.36 -87.56 -3.02
N PRO I 364 -0.87 -86.86 -1.98
CA PRO I 364 -1.59 -86.79 -0.70
C PRO I 364 -3.10 -86.59 -0.85
N VAL I 365 -3.87 -87.62 -0.51
CA VAL I 365 -5.31 -87.50 -0.65
C VAL I 365 -5.95 -87.23 0.71
N ASN I 366 -6.18 -85.96 1.03
CA ASN I 366 -6.81 -85.63 2.29
C ASN I 366 -8.22 -86.22 2.35
N ILE I 367 -8.62 -86.66 3.54
CA ILE I 367 -9.94 -87.25 3.74
C ILE I 367 -10.52 -86.77 5.06
N GLU I 368 -11.69 -86.13 5.00
CA GLU I 368 -12.34 -85.67 6.22
C GLU I 368 -13.40 -86.67 6.60
N ALA I 369 -13.37 -87.11 7.85
CA ALA I 369 -14.34 -88.08 8.32
C ALA I 369 -14.83 -87.71 9.70
N GLU I 370 -15.95 -88.30 10.07
CA GLU I 370 -16.52 -88.05 11.38
C GLU I 370 -16.50 -89.35 12.19
N PRO I 371 -15.58 -89.45 13.17
CA PRO I 371 -15.49 -90.65 14.01
C PRO I 371 -16.57 -90.60 15.08
N PRO I 372 -17.08 -91.75 15.52
CA PRO I 372 -18.11 -91.66 16.56
C PRO I 372 -17.45 -91.16 17.83
N PHE I 373 -18.23 -90.86 18.86
CA PHE I 373 -17.64 -90.39 20.10
C PHE I 373 -17.01 -91.59 20.80
N GLY I 374 -15.89 -91.36 21.47
CA GLY I 374 -15.22 -92.45 22.14
C GLY I 374 -14.15 -93.13 21.29
N ASP I 375 -14.09 -94.46 21.36
CA ASP I 375 -13.12 -95.26 20.64
C ASP I 375 -13.61 -95.84 19.33
N SER I 376 -12.71 -95.88 18.36
CA SER I 376 -13.01 -96.42 17.03
C SER I 376 -11.74 -96.73 16.23
N TYR I 377 -11.86 -97.66 15.29
CA TYR I 377 -10.74 -98.04 14.44
C TYR I 377 -10.91 -97.42 13.06
N ILE I 378 -9.88 -96.73 12.60
CA ILE I 378 -9.95 -96.14 11.28
C ILE I 378 -9.25 -97.10 10.34
N ILE I 379 -10.04 -97.88 9.60
CA ILE I 379 -9.53 -98.87 8.67
C ILE I 379 -9.38 -98.41 7.22
N ILE I 380 -8.16 -98.00 6.86
CA ILE I 380 -7.85 -97.54 5.52
C ILE I 380 -7.13 -98.62 4.73
N GLY I 381 -7.70 -99.02 3.59
CA GLY I 381 -7.03 -100.00 2.75
C GLY I 381 -7.50 -101.44 2.78
N VAL I 382 -6.68 -102.33 2.22
CA VAL I 382 -7.00 -103.74 2.15
C VAL I 382 -5.96 -104.69 2.73
N GLU I 383 -6.24 -106.00 2.59
CA GLU I 383 -5.42 -107.09 3.14
C GLU I 383 -3.90 -107.39 3.10
N PRO I 384 -3.06 -106.39 2.84
CA PRO I 384 -1.63 -106.70 2.88
C PRO I 384 -1.51 -106.02 4.25
N GLY I 385 -1.75 -104.71 4.24
CA GLY I 385 -1.73 -103.94 5.46
C GLY I 385 -2.95 -103.04 5.69
N GLN I 386 -4.14 -103.62 5.90
CA GLN I 386 -5.34 -102.81 6.17
C GLN I 386 -4.86 -101.97 7.36
N LEU I 387 -4.91 -100.65 7.22
CA LEU I 387 -4.41 -99.70 8.23
C LEU I 387 -5.24 -99.41 9.48
N LYS I 388 -5.11 -100.24 10.52
CA LYS I 388 -5.88 -99.98 11.73
C LYS I 388 -5.31 -98.83 12.55
N LEU I 389 -5.99 -97.69 12.55
CA LEU I 389 -5.55 -96.53 13.32
C LEU I 389 -6.55 -96.33 14.46
N ASN I 390 -6.08 -96.35 15.70
CA ASN I 390 -6.98 -96.14 16.82
C ASN I 390 -7.31 -94.67 16.93
N TRP I 391 -8.54 -94.36 17.36
CA TRP I 391 -8.93 -92.99 17.54
C TRP I 391 -9.90 -92.81 18.69
N PHE I 392 -9.69 -91.73 19.44
CA PHE I 392 -10.55 -91.41 20.57
C PHE I 392 -11.09 -90.00 20.39
N LYS I 393 -12.41 -89.87 20.33
CA LYS I 393 -13.02 -88.57 20.15
C LYS I 393 -13.63 -88.08 21.47
N LYS I 394 -13.07 -87.00 22.00
CA LYS I 394 -13.53 -86.42 23.26
C LYS I 394 -14.35 -85.17 22.97
N PHE J 1 -0.40 -2.50 -24.20
CA PHE J 1 -1.71 -3.19 -24.08
C PHE J 1 -2.37 -3.45 -25.43
N HIS J 2 -3.18 -4.50 -25.49
CA HIS J 2 -3.89 -4.84 -26.70
C HIS J 2 -5.23 -4.10 -26.75
N LEU J 3 -5.44 -3.32 -27.80
CA LEU J 3 -6.69 -2.59 -27.94
C LEU J 3 -7.67 -3.38 -28.80
N THR J 4 -8.83 -3.70 -28.23
CA THR J 4 -9.88 -4.47 -28.88
C THR J 4 -11.21 -3.75 -28.55
N THR J 5 -12.34 -4.43 -28.66
CA THR J 5 -13.64 -3.82 -28.35
C THR J 5 -14.57 -4.75 -27.60
N ARG J 6 -15.58 -4.16 -26.94
CA ARG J 6 -16.58 -4.93 -26.21
C ARG J 6 -17.91 -4.23 -26.45
N ASN J 7 -18.66 -4.70 -27.45
CA ASN J 7 -19.93 -4.11 -27.79
C ASN J 7 -19.75 -2.67 -28.28
N GLY J 8 -18.91 -2.50 -29.30
CA GLY J 8 -18.71 -1.18 -29.87
C GLY J 8 -17.81 -0.28 -29.05
N GLU J 9 -17.60 -0.62 -27.78
CA GLU J 9 -16.77 0.20 -26.93
C GLU J 9 -15.32 -0.30 -26.85
N PRO J 10 -14.37 0.63 -26.73
CA PRO J 10 -12.97 0.23 -26.66
C PRO J 10 -12.67 -0.60 -25.38
N HIS J 11 -11.82 -1.61 -25.53
CA HIS J 11 -11.46 -2.51 -24.43
C HIS J 11 -9.93 -2.64 -24.34
N MET J 12 -9.38 -2.44 -23.15
CA MET J 12 -7.93 -2.54 -22.96
C MET J 12 -7.46 -3.77 -22.20
N ILE J 13 -6.65 -4.60 -22.87
CA ILE J 13 -6.09 -5.79 -22.22
C ILE J 13 -4.75 -5.27 -21.75
N VAL J 14 -4.64 -4.98 -20.46
CA VAL J 14 -3.42 -4.44 -19.87
C VAL J 14 -2.50 -5.47 -19.25
N SER J 15 -1.24 -5.46 -19.67
CA SER J 15 -0.27 -6.41 -19.14
C SER J 15 0.47 -5.82 -17.96
N ARG J 16 1.27 -6.64 -17.30
CA ARG J 16 2.03 -6.26 -16.12
C ARG J 16 3.00 -5.09 -16.27
N GLN J 17 3.70 -5.05 -17.39
CA GLN J 17 4.69 -4.01 -17.61
C GLN J 17 4.12 -2.62 -17.85
N GLU J 18 2.82 -2.47 -17.75
CA GLU J 18 2.23 -1.15 -17.98
C GLU J 18 1.75 -0.49 -16.72
N LYS J 19 1.89 -1.19 -15.59
CA LYS J 19 1.50 -0.67 -14.30
C LYS J 19 2.21 0.66 -14.07
N GLY J 20 1.46 1.69 -13.74
CA GLY J 20 2.07 2.97 -13.46
C GLY J 20 2.28 3.91 -14.64
N LYS J 21 1.80 3.53 -15.82
CA LYS J 21 1.97 4.42 -16.95
C LYS J 21 0.66 4.76 -17.65
N SER J 22 0.58 6.02 -18.05
CA SER J 22 -0.57 6.59 -18.74
C SER J 22 -0.92 5.77 -19.97
N LEU J 23 -2.19 5.41 -20.12
CA LEU J 23 -2.61 4.61 -21.26
C LEU J 23 -3.25 5.50 -22.35
N LEU J 24 -2.58 5.61 -23.49
CA LEU J 24 -3.06 6.44 -24.58
C LEU J 24 -3.40 5.68 -25.86
N PHE J 25 -4.56 5.99 -26.44
CA PHE J 25 -4.96 5.38 -27.70
C PHE J 25 -5.89 6.31 -28.46
N LYS J 26 -5.56 6.50 -29.73
CA LYS J 26 -6.30 7.35 -30.65
C LYS J 26 -7.73 6.89 -30.91
N THR J 27 -8.64 7.87 -31.04
CA THR J 27 -10.04 7.60 -31.33
C THR J 27 -10.60 8.75 -32.15
N GLU J 28 -11.55 8.44 -33.03
CA GLU J 28 -12.19 9.45 -33.87
C GLU J 28 -12.36 10.80 -33.17
N ASP J 29 -12.72 10.75 -31.88
CA ASP J 29 -12.94 11.95 -31.09
C ASP J 29 -11.67 12.48 -30.44
N GLY J 30 -10.52 12.26 -31.08
CA GLY J 30 -9.26 12.72 -30.52
C GLY J 30 -8.53 11.62 -29.75
N VAL J 31 -7.51 12.02 -29.02
CA VAL J 31 -6.70 11.09 -28.24
C VAL J 31 -7.28 10.84 -26.85
N ASN J 32 -7.45 9.57 -26.50
CA ASN J 32 -8.00 9.20 -25.20
C ASN J 32 -6.91 8.83 -24.19
N MET J 33 -7.01 9.37 -22.98
CA MET J 33 -6.04 9.07 -21.94
C MET J 33 -6.72 8.41 -20.73
N CYS J 34 -6.53 7.10 -20.56
CA CYS J 34 -7.13 6.44 -19.42
C CYS J 34 -6.05 6.34 -18.38
N THR J 35 -6.47 6.36 -17.12
CA THR J 35 -5.55 6.28 -16.01
C THR J 35 -5.85 5.03 -15.20
N LEU J 36 -4.86 4.15 -15.07
CA LEU J 36 -5.03 2.91 -14.34
C LEU J 36 -4.27 3.03 -13.02
N MET J 37 -5.01 2.84 -11.93
CA MET J 37 -4.49 2.97 -10.57
C MET J 37 -4.67 1.68 -9.80
N ALA J 38 -5.12 0.61 -10.48
CA ALA J 38 -5.35 -0.68 -9.81
C ALA J 38 -4.13 -1.22 -9.06
N MET J 39 -4.24 -1.29 -7.74
CA MET J 39 -3.14 -1.78 -6.92
C MET J 39 -2.87 -3.27 -7.17
N ASP J 40 -3.94 -4.03 -7.42
CA ASP J 40 -3.85 -5.47 -7.67
C ASP J 40 -3.47 -5.88 -9.10
N LEU J 41 -3.12 -4.91 -9.94
CA LEU J 41 -2.74 -5.20 -11.32
C LEU J 41 -1.50 -6.12 -11.33
N GLY J 42 -1.64 -7.30 -11.90
CA GLY J 42 -0.52 -8.22 -11.93
C GLY J 42 -0.17 -8.76 -13.31
N GLU J 43 0.06 -10.07 -13.39
CA GLU J 43 0.40 -10.70 -14.65
C GLU J 43 -0.86 -11.20 -15.36
N LEU J 44 -0.89 -11.09 -16.68
CA LEU J 44 -2.05 -11.56 -17.42
C LEU J 44 -2.14 -13.05 -17.33
N CYS J 45 -3.23 -13.56 -16.79
CA CYS J 45 -3.41 -15.01 -16.66
C CYS J 45 -4.88 -15.41 -16.76
N GLU J 46 -5.23 -16.53 -16.14
CA GLU J 46 -6.60 -17.04 -16.15
C GLU J 46 -7.47 -16.22 -15.23
N ASP J 47 -6.87 -15.75 -14.14
CA ASP J 47 -7.61 -14.95 -13.18
C ASP J 47 -7.63 -13.50 -13.67
N THR J 48 -8.57 -13.19 -14.53
CA THR J 48 -8.71 -11.85 -15.06
C THR J 48 -9.77 -11.03 -14.33
N ILE J 49 -9.81 -9.91 -14.33
CA ILE J 49 -11.01 -9.16 -14.02
C ILE J 49 -11.26 -8.06 -15.06
N THR J 50 -12.35 -7.76 -15.34
CA THR J 50 -12.81 -6.89 -16.42
C THR J 50 -13.90 -5.95 -15.93
N TYR J 51 -13.69 -4.66 -16.16
CA TYR J 51 -14.67 -3.67 -15.74
C TYR J 51 -14.47 -2.34 -16.48
N LYS J 52 -15.36 -1.39 -16.24
CA LYS J 52 -15.29 -0.13 -16.96
C LYS J 52 -14.66 1.08 -16.29
N CYS J 53 -13.94 1.83 -17.11
CA CYS J 53 -13.26 3.04 -16.69
C CYS J 53 -14.10 4.18 -17.23
N PRO J 54 -14.88 4.82 -16.35
CA PRO J 54 -15.74 5.94 -16.73
C PRO J 54 -15.07 7.19 -17.26
N LEU J 55 -15.86 7.97 -17.97
CA LEU J 55 -15.39 9.23 -18.51
C LEU J 55 -15.53 10.20 -17.35
N LEU J 56 -14.51 11.00 -17.14
CA LEU J 56 -14.52 11.96 -16.06
C LEU J 56 -14.04 13.31 -16.54
N ARG J 57 -14.98 14.25 -16.61
CA ARG J 57 -14.69 15.62 -17.04
C ARG J 57 -14.72 16.51 -15.80
N GLN J 58 -13.61 17.20 -15.54
CA GLN J 58 -13.48 18.10 -14.39
C GLN J 58 -14.25 17.67 -13.14
N ASN J 59 -14.01 16.44 -12.72
CA ASN J 59 -14.62 15.87 -11.51
C ASN J 59 -13.52 15.05 -10.90
N GLU J 60 -13.39 15.07 -9.58
CA GLU J 60 -12.37 14.29 -8.92
C GLU J 60 -12.87 12.83 -8.87
N PRO J 61 -11.95 11.86 -8.99
CA PRO J 61 -12.39 10.46 -8.94
C PRO J 61 -12.73 10.02 -7.53
N GLU J 62 -13.72 9.16 -7.41
CA GLU J 62 -14.14 8.67 -6.10
C GLU J 62 -14.56 7.22 -6.20
N ASP J 63 -14.02 6.39 -5.31
CA ASP J 63 -14.33 4.97 -5.27
C ASP J 63 -14.04 4.21 -6.59
N ILE J 64 -12.96 4.59 -7.28
CA ILE J 64 -12.55 3.94 -8.53
C ILE J 64 -11.04 4.00 -8.73
N ASP J 65 -10.50 3.08 -9.52
CA ASP J 65 -9.07 3.05 -9.78
C ASP J 65 -8.77 3.07 -11.27
N CYS J 66 -9.78 3.38 -12.06
CA CYS J 66 -9.62 3.47 -13.50
C CYS J 66 -10.60 4.48 -14.07
N TRP J 67 -10.12 5.31 -14.99
CA TRP J 67 -10.97 6.30 -15.61
C TRP J 67 -10.26 6.90 -16.81
N CYS J 68 -11.03 7.34 -17.80
CA CYS J 68 -10.49 7.93 -19.01
C CYS J 68 -11.05 9.36 -19.06
N ASN J 69 -10.48 10.21 -19.90
CA ASN J 69 -10.95 11.59 -19.97
C ASN J 69 -11.55 12.00 -21.30
N SER J 70 -11.87 11.05 -22.16
CA SER J 70 -12.44 11.44 -23.44
C SER J 70 -13.49 10.46 -23.92
N THR J 71 -13.29 9.21 -23.58
CA THR J 71 -14.25 8.18 -23.97
C THR J 71 -14.16 6.96 -23.04
N SER J 72 -15.28 6.67 -22.39
CA SER J 72 -15.37 5.53 -21.47
C SER J 72 -14.75 4.30 -22.11
N THR J 73 -13.93 3.59 -21.35
CA THR J 73 -13.24 2.40 -21.86
C THR J 73 -13.32 1.22 -20.92
N TRP J 74 -13.38 0.01 -21.47
CA TRP J 74 -13.40 -1.19 -20.64
C TRP J 74 -11.94 -1.55 -20.43
N VAL J 75 -11.63 -2.20 -19.31
CA VAL J 75 -10.26 -2.62 -19.04
C VAL J 75 -10.25 -4.04 -18.49
N THR J 76 -9.19 -4.77 -18.82
CA THR J 76 -9.01 -6.13 -18.35
C THR J 76 -7.54 -6.42 -18.04
N TYR J 77 -7.30 -7.04 -16.90
CA TYR J 77 -5.95 -7.39 -16.50
C TYR J 77 -5.96 -8.59 -15.57
N GLY J 78 -4.82 -9.29 -15.49
CA GLY J 78 -4.76 -10.44 -14.61
C GLY J 78 -4.27 -10.01 -13.23
N THR J 79 -4.44 -10.88 -12.23
CA THR J 79 -4.00 -10.57 -10.87
C THR J 79 -2.82 -11.44 -10.42
N CYS J 80 -2.45 -12.43 -11.23
CA CYS J 80 -1.33 -13.33 -10.93
C CYS J 80 -0.04 -12.58 -10.68
N THR J 81 0.94 -13.24 -10.09
CA THR J 81 2.23 -12.60 -9.84
C THR J 81 3.38 -13.57 -10.08
N ALA K 1 -7.58 17.31 -40.11
CA ALA K 1 -6.70 16.94 -41.21
C ALA K 1 -6.79 15.44 -41.58
N ALA K 2 -7.70 14.73 -40.93
CA ALA K 2 -8.04 13.34 -41.21
C ALA K 2 -8.43 13.15 -42.69
N GLN K 3 -7.74 12.25 -43.36
CA GLN K 3 -8.00 11.90 -44.75
C GLN K 3 -7.84 10.38 -44.96
N LEU K 4 -8.68 9.87 -45.85
CA LEU K 4 -8.58 8.52 -46.37
C LEU K 4 -8.47 8.63 -47.89
N GLN K 5 -7.49 7.94 -48.47
CA GLN K 5 -7.21 8.01 -49.90
C GLN K 5 -7.30 6.57 -50.42
N GLU K 6 -8.42 6.30 -51.09
CA GLU K 6 -8.62 5.02 -51.75
C GLU K 6 -7.76 4.82 -53.00
N SER K 7 -7.60 3.58 -53.50
CA SER K 7 -7.09 3.43 -54.87
C SER K 7 -8.04 3.98 -55.96
N GLY K 8 -7.59 4.01 -57.21
CA GLY K 8 -8.39 4.46 -58.34
C GLY K 8 -9.30 3.38 -58.90
N PRO K 9 -10.34 3.77 -59.67
CA PRO K 9 -11.26 2.85 -60.31
C PRO K 9 -10.59 1.70 -61.06
N GLU K 10 -11.24 0.55 -60.96
CA GLU K 10 -10.83 -0.71 -61.55
C GLU K 10 -11.96 -1.21 -62.46
N LEU K 11 -11.56 -1.82 -63.58
CA LEU K 11 -12.46 -2.55 -64.45
C LEU K 11 -12.93 -3.85 -63.71
N VAL K 12 -12.98 -4.97 -64.42
CA VAL K 12 -12.19 -6.22 -64.31
C VAL K 12 -13.02 -7.34 -64.90
N LYS K 13 -12.41 -8.50 -65.19
CA LYS K 13 -13.15 -9.64 -65.73
C LYS K 13 -13.89 -10.39 -64.62
N PRO K 14 -15.03 -11.05 -64.92
CA PRO K 14 -15.60 -12.02 -64.00
C PRO K 14 -14.60 -13.15 -63.73
N GLY K 15 -14.62 -13.63 -62.49
CA GLY K 15 -13.65 -14.56 -61.91
C GLY K 15 -12.33 -13.92 -61.46
N ALA K 16 -12.02 -12.68 -61.89
CA ALA K 16 -10.87 -11.97 -61.36
C ALA K 16 -11.00 -11.67 -59.85
N SER K 17 -9.92 -11.11 -59.32
CA SER K 17 -9.88 -10.52 -57.98
C SER K 17 -9.30 -9.11 -58.08
N VAL K 18 -9.72 -8.23 -57.17
CA VAL K 18 -9.18 -6.86 -57.02
C VAL K 18 -8.79 -6.58 -55.57
N LYS K 19 -8.13 -5.45 -55.31
CA LYS K 19 -7.19 -5.34 -54.17
C LYS K 19 -7.10 -3.93 -53.54
N ILE K 20 -8.23 -3.25 -53.47
CA ILE K 20 -8.46 -1.84 -53.10
C ILE K 20 -7.66 -1.27 -51.91
N SER K 21 -6.80 -0.27 -52.09
CA SER K 21 -6.09 0.38 -50.96
C SER K 21 -6.82 1.61 -50.39
N CYS K 22 -6.33 2.23 -49.29
CA CYS K 22 -7.15 3.06 -48.39
C CYS K 22 -6.45 4.26 -47.71
N LYS K 23 -5.11 4.26 -47.70
CA LYS K 23 -4.19 5.25 -47.16
C LYS K 23 -4.78 6.37 -46.25
N ALA K 24 -4.81 6.08 -44.95
CA ALA K 24 -5.10 7.04 -43.89
C ALA K 24 -3.97 8.07 -43.75
N SER K 25 -4.32 9.28 -43.34
CA SER K 25 -3.38 10.23 -42.73
C SER K 25 -4.11 11.22 -41.83
N GLY K 26 -3.36 11.98 -41.04
CA GLY K 26 -3.90 12.96 -40.09
C GLY K 26 -4.50 12.36 -38.82
N TYR K 27 -4.18 11.10 -38.52
CA TYR K 27 -4.50 10.47 -37.25
C TYR K 27 -3.65 9.21 -37.03
N THR K 28 -3.61 8.80 -35.77
CA THR K 28 -3.13 7.52 -35.26
C THR K 28 -3.87 6.33 -35.89
N PHE K 29 -3.31 5.76 -36.97
CA PHE K 29 -3.91 4.62 -37.67
C PHE K 29 -4.34 3.48 -36.73
N THR K 30 -3.47 3.07 -35.82
CA THR K 30 -3.69 2.02 -34.80
C THR K 30 -4.88 2.22 -33.87
N ASP K 31 -5.28 3.47 -33.68
CA ASP K 31 -6.22 3.89 -32.64
C ASP K 31 -7.68 3.62 -33.07
N TYR K 32 -7.95 3.48 -34.37
CA TYR K 32 -9.32 3.43 -34.90
C TYR K 32 -9.60 2.35 -35.95
N PHE K 33 -10.83 1.85 -35.92
CA PHE K 33 -11.41 0.91 -36.88
C PHE K 33 -11.46 1.37 -38.33
N ILE K 34 -11.42 0.41 -39.26
CA ILE K 34 -11.42 0.65 -40.71
C ILE K 34 -12.48 -0.20 -41.45
N ASN K 35 -13.42 0.50 -42.11
CA ASN K 35 -14.72 -0.10 -42.42
C ASN K 35 -15.05 0.00 -43.89
N TRP K 36 -15.10 -1.14 -44.59
CA TRP K 36 -15.44 -1.06 -45.99
C TRP K 36 -16.95 -1.03 -46.19
N VAL K 37 -17.37 -0.47 -47.32
CA VAL K 37 -18.77 -0.13 -47.54
C VAL K 37 -19.08 -0.18 -49.02
N ARG K 38 -19.72 -1.27 -49.42
CA ARG K 38 -20.27 -1.41 -50.76
C ARG K 38 -21.45 -0.45 -50.93
N GLN K 39 -21.58 0.16 -52.10
CA GLN K 39 -22.84 0.71 -52.59
C GLN K 39 -22.95 0.37 -54.07
N SER K 40 -23.88 -0.51 -54.44
CA SER K 40 -24.16 -0.71 -55.86
C SER K 40 -24.94 0.46 -56.44
N HIS K 41 -24.82 0.64 -57.75
CA HIS K 41 -25.56 1.64 -58.51
C HIS K 41 -27.07 1.54 -58.21
N GLY K 42 -27.67 2.61 -57.68
CA GLY K 42 -29.09 2.65 -57.34
C GLY K 42 -29.54 1.74 -56.17
N LYS K 43 -28.60 1.16 -55.41
CA LYS K 43 -28.84 0.54 -54.10
C LYS K 43 -28.39 1.48 -52.97
N SER K 44 -28.79 1.13 -51.75
CA SER K 44 -28.25 1.70 -50.52
C SER K 44 -26.82 1.21 -50.21
N LEU K 45 -26.24 1.74 -49.13
CA LEU K 45 -25.00 1.27 -48.53
C LEU K 45 -25.18 -0.11 -47.88
N GLU K 46 -24.08 -0.86 -47.84
CA GLU K 46 -23.95 -2.26 -47.44
C GLU K 46 -22.59 -2.44 -46.73
N TRP K 47 -22.64 -2.46 -45.40
CA TRP K 47 -21.45 -2.65 -44.56
C TRP K 47 -20.75 -3.98 -44.85
N ILE K 48 -19.43 -3.91 -44.87
CA ILE K 48 -18.50 -4.98 -45.22
C ILE K 48 -17.19 -4.76 -44.37
N GLY K 49 -17.07 -5.33 -43.14
CA GLY K 49 -15.76 -5.66 -42.59
C GLY K 49 -15.29 -5.20 -41.20
N ASP K 50 -14.47 -4.13 -41.10
CA ASP K 50 -14.26 -3.31 -39.90
C ASP K 50 -12.85 -3.24 -39.25
N PHE K 51 -12.02 -4.29 -39.39
CA PHE K 51 -10.58 -4.33 -39.16
C PHE K 51 -9.97 -3.30 -38.21
N TYR K 52 -9.55 -3.79 -37.03
CA TYR K 52 -8.86 -2.98 -36.02
C TYR K 52 -7.34 -3.05 -36.15
N PRO K 53 -6.67 -2.01 -36.69
CA PRO K 53 -5.26 -2.10 -37.06
C PRO K 53 -4.27 -2.16 -35.89
N ASN K 54 -4.73 -2.06 -34.64
CA ASN K 54 -3.86 -2.38 -33.51
C ASN K 54 -3.55 -3.88 -33.41
N ASN K 55 -4.54 -4.75 -33.66
CA ASN K 55 -4.46 -6.20 -33.42
C ASN K 55 -4.94 -7.09 -34.59
N ARG K 56 -5.22 -6.48 -35.74
CA ARG K 56 -5.73 -7.14 -36.97
C ARG K 56 -6.89 -8.12 -36.81
N GLY K 57 -7.73 -7.89 -35.80
CA GLY K 57 -9.09 -8.46 -35.75
C GLY K 57 -9.99 -7.92 -36.85
N PRO K 58 -10.56 -8.81 -37.69
CA PRO K 58 -11.70 -8.44 -38.54
C PRO K 58 -13.05 -8.57 -37.76
N THR K 59 -14.13 -8.01 -38.35
CA THR K 59 -15.36 -8.82 -38.45
C THR K 59 -15.76 -8.83 -39.96
N TYR K 60 -16.89 -9.50 -40.21
CA TYR K 60 -17.42 -9.60 -41.55
C TYR K 60 -18.94 -9.47 -41.41
N ASN K 61 -19.55 -8.78 -42.37
CA ASN K 61 -20.92 -9.08 -42.72
C ASN K 61 -20.98 -10.49 -43.32
N GLN K 62 -21.85 -11.37 -42.82
CA GLN K 62 -22.02 -12.74 -43.35
C GLN K 62 -22.16 -12.75 -44.89
N LYS K 63 -22.93 -11.82 -45.47
CA LYS K 63 -23.12 -11.70 -46.94
C LYS K 63 -21.82 -11.60 -47.75
N PHE K 64 -20.74 -11.15 -47.13
CA PHE K 64 -19.45 -10.85 -47.75
C PHE K 64 -18.30 -11.68 -47.13
N GLU K 65 -18.63 -12.50 -46.14
CA GLU K 65 -17.77 -13.59 -45.66
C GLU K 65 -17.51 -14.57 -46.81
N GLY K 66 -16.24 -14.80 -47.18
CA GLY K 66 -15.85 -15.58 -48.36
C GLY K 66 -15.60 -14.73 -49.63
N LYS K 67 -16.22 -13.55 -49.72
CA LYS K 67 -16.07 -12.62 -50.86
C LYS K 67 -14.91 -11.65 -50.65
N ALA K 68 -14.83 -11.10 -49.43
CA ALA K 68 -13.82 -10.13 -49.04
C ALA K 68 -12.71 -10.74 -48.18
N THR K 69 -11.60 -10.02 -48.04
CA THR K 69 -10.54 -10.30 -47.07
C THR K 69 -9.78 -9.02 -46.78
N LEU K 70 -10.01 -8.52 -45.56
CA LEU K 70 -9.45 -7.26 -45.08
C LEU K 70 -8.04 -7.52 -44.52
N THR K 71 -7.14 -6.56 -44.71
CA THR K 71 -5.81 -6.61 -44.09
C THR K 71 -5.19 -5.23 -44.01
N VAL K 72 -4.40 -4.98 -42.97
CA VAL K 72 -3.75 -3.69 -42.78
C VAL K 72 -2.24 -3.81 -42.67
N ASP K 73 -1.57 -2.83 -43.25
CA ASP K 73 -0.16 -2.52 -43.00
C ASP K 73 0.00 -1.20 -42.22
N LYS K 74 0.18 -1.44 -40.92
CA LYS K 74 0.61 -0.52 -39.88
C LYS K 74 1.68 0.45 -40.37
N SER K 75 2.74 -0.09 -40.95
CA SER K 75 3.94 0.62 -41.38
C SER K 75 3.64 1.71 -42.39
N SER K 76 2.69 1.44 -43.30
CA SER K 76 2.32 2.41 -44.33
C SER K 76 1.03 3.13 -43.98
N SER K 77 0.46 2.91 -42.78
CA SER K 77 -0.87 3.36 -42.37
C SER K 77 -1.92 3.19 -43.48
N THR K 78 -1.97 1.96 -43.98
CA THR K 78 -2.78 1.59 -45.15
C THR K 78 -3.65 0.41 -44.78
N ALA K 79 -4.92 0.47 -45.16
CA ALA K 79 -5.78 -0.69 -45.16
C ALA K 79 -6.00 -1.11 -46.64
N TYR K 80 -6.29 -2.40 -46.77
CA TYR K 80 -6.51 -3.12 -48.00
C TYR K 80 -7.76 -3.98 -47.89
N MET K 81 -8.57 -4.01 -48.94
CA MET K 81 -9.59 -5.02 -49.12
C MET K 81 -9.32 -5.80 -50.42
N GLU K 82 -9.11 -7.11 -50.30
CA GLU K 82 -9.32 -7.99 -51.46
C GLU K 82 -10.81 -8.31 -51.64
N LEU K 83 -11.22 -8.39 -52.91
CA LEU K 83 -12.46 -9.02 -53.36
C LEU K 83 -12.14 -10.10 -54.40
N ARG K 84 -12.75 -11.27 -54.23
CA ARG K 84 -12.31 -12.50 -54.91
C ARG K 84 -13.47 -13.16 -55.64
N SER K 85 -13.18 -13.83 -56.76
CA SER K 85 -14.19 -14.46 -57.61
C SER K 85 -15.31 -13.49 -57.97
N LEU K 86 -14.91 -12.34 -58.51
CA LEU K 86 -15.78 -11.23 -58.86
C LEU K 86 -16.88 -11.65 -59.84
N THR K 87 -18.08 -11.13 -59.62
CA THR K 87 -19.24 -11.32 -60.51
C THR K 87 -19.87 -9.98 -60.85
N SER K 88 -20.77 -9.90 -61.83
CA SER K 88 -21.40 -8.63 -62.20
C SER K 88 -22.08 -7.91 -61.04
N ASP K 89 -22.71 -8.62 -60.09
CA ASP K 89 -23.29 -7.96 -58.90
C ASP K 89 -22.26 -7.22 -58.02
N ASP K 90 -21.01 -7.68 -58.01
CA ASP K 90 -19.91 -7.00 -57.33
C ASP K 90 -19.54 -5.62 -57.90
N SER K 91 -20.14 -5.21 -59.02
CA SER K 91 -19.93 -3.87 -59.57
C SER K 91 -20.60 -2.79 -58.70
N ALA K 92 -19.76 -1.95 -58.08
CA ALA K 92 -20.16 -1.06 -57.00
C ALA K 92 -19.04 -0.07 -56.65
N VAL K 93 -19.33 0.93 -55.83
CA VAL K 93 -18.28 1.66 -55.07
C VAL K 93 -18.02 0.95 -53.72
N TYR K 94 -16.86 1.17 -53.05
CA TYR K 94 -16.45 0.34 -51.88
C TYR K 94 -16.00 1.02 -50.54
N TYR K 95 -16.26 2.32 -50.33
CA TYR K 95 -15.73 3.25 -49.30
C TYR K 95 -15.12 2.73 -47.95
N CYS K 96 -14.03 3.33 -47.43
CA CYS K 96 -13.19 2.72 -46.36
C CYS K 96 -13.37 3.18 -44.87
N ALA K 97 -14.41 3.97 -44.58
CA ALA K 97 -14.51 4.87 -43.41
C ALA K 97 -13.93 4.43 -42.06
N ARG K 98 -13.22 5.34 -41.41
CA ARG K 98 -12.72 5.16 -40.03
C ARG K 98 -13.88 5.35 -39.04
N GLY K 99 -13.93 4.48 -38.03
CA GLY K 99 -14.78 4.64 -36.85
C GLY K 99 -14.15 5.55 -35.79
N LEU K 100 -14.90 5.82 -34.72
CA LEU K 100 -14.45 6.69 -33.65
C LEU K 100 -15.12 6.21 -32.35
N TRP K 101 -14.44 5.30 -31.66
CA TRP K 101 -14.92 4.48 -30.55
C TRP K 101 -16.09 3.55 -30.86
N ASP K 102 -17.29 4.11 -31.03
CA ASP K 102 -18.45 3.36 -31.50
C ASP K 102 -18.27 3.04 -33.01
N ALA K 103 -19.25 2.35 -33.58
CA ALA K 103 -19.34 2.01 -35.00
C ALA K 103 -19.56 3.19 -35.97
N TRP K 104 -19.43 4.45 -35.54
CA TRP K 104 -19.81 5.62 -36.32
C TRP K 104 -18.74 6.07 -37.31
N LEU K 105 -19.07 5.88 -38.58
CA LEU K 105 -18.26 6.22 -39.75
C LEU K 105 -18.07 7.73 -39.90
N SER K 106 -17.02 8.26 -39.28
CA SER K 106 -16.86 9.71 -39.07
C SER K 106 -15.96 10.40 -40.10
N TYR K 107 -15.36 9.61 -40.98
CA TYR K 107 -14.50 10.06 -42.07
C TYR K 107 -14.52 8.99 -43.14
N TRP K 108 -14.89 9.37 -44.36
CA TRP K 108 -15.07 8.48 -45.51
C TRP K 108 -13.89 8.64 -46.48
N GLY K 109 -13.70 7.68 -47.37
CA GLY K 109 -12.79 7.85 -48.50
C GLY K 109 -13.55 8.34 -49.73
N GLN K 110 -12.83 8.67 -50.81
CA GLN K 110 -13.46 9.14 -52.04
C GLN K 110 -14.23 8.06 -52.81
N GLY K 111 -14.04 6.78 -52.47
CA GLY K 111 -14.77 5.67 -53.02
C GLY K 111 -14.17 5.14 -54.34
N THR K 112 -13.78 3.88 -54.31
CA THR K 112 -13.32 3.13 -55.48
C THR K 112 -14.51 2.48 -56.17
N LEU K 113 -14.75 2.87 -57.42
CA LEU K 113 -15.57 2.16 -58.40
C LEU K 113 -14.84 0.89 -58.88
N VAL K 114 -15.53 -0.25 -58.82
CA VAL K 114 -15.13 -1.52 -59.44
C VAL K 114 -16.23 -1.98 -60.39
N THR K 115 -15.83 -2.43 -61.59
CA THR K 115 -16.75 -2.56 -62.74
C THR K 115 -16.57 -3.88 -63.49
N VAL K 116 -17.21 -4.94 -62.98
CA VAL K 116 -17.02 -6.32 -63.46
C VAL K 116 -17.81 -6.59 -64.74
N SER K 117 -17.07 -6.88 -65.81
CA SER K 117 -17.57 -6.91 -67.19
C SER K 117 -16.81 -7.95 -68.01
N ALA K 118 -17.54 -8.62 -68.92
CA ALA K 118 -16.97 -9.63 -69.80
C ALA K 118 -16.08 -8.99 -70.88
N ALA K 119 -17.80 -8.28 -71.17
CA ALA K 119 -17.99 -7.66 -72.48
C ALA K 119 -16.67 -7.13 -73.02
N LYS K 120 -16.52 -7.18 -74.34
CA LYS K 120 -15.37 -6.52 -74.94
C LYS K 120 -15.77 -5.14 -75.43
N THR K 121 -14.77 -4.29 -75.61
CA THR K 121 -15.01 -2.93 -76.09
C THR K 121 -15.80 -2.99 -77.39
N THR K 122 -16.94 -2.29 -77.39
CA THR K 122 -17.87 -2.34 -78.51
C THR K 122 -18.42 -0.95 -78.74
N ALA K 123 -18.24 -0.42 -79.95
CA ALA K 123 -18.78 0.87 -80.30
C ALA K 123 -20.31 0.79 -80.41
N PRO K 124 -21.02 1.85 -80.07
CA PRO K 124 -22.48 1.80 -80.12
C PRO K 124 -23.03 1.82 -81.55
N SER K 125 -24.20 1.21 -81.70
CA SER K 125 -25.04 1.50 -82.85
C SER K 125 -25.87 2.72 -82.50
N VAL K 126 -25.95 3.67 -83.42
CA VAL K 126 -26.61 4.95 -83.17
C VAL K 126 -27.73 5.10 -84.18
N TYR K 127 -28.96 5.23 -83.68
CA TYR K 127 -30.13 5.21 -84.54
C TYR K 127 -30.88 6.53 -84.41
N PRO K 128 -31.10 7.25 -85.51
CA PRO K 128 -31.93 8.46 -85.46
C PRO K 128 -33.40 8.08 -85.35
N LEU K 129 -34.14 8.79 -84.49
CA LEU K 129 -35.57 8.51 -84.30
C LEU K 129 -36.38 9.72 -84.72
N ALA K 130 -36.91 9.66 -85.94
CA ALA K 130 -37.82 10.68 -86.42
C ALA K 130 -39.23 10.40 -85.90
N PRO K 131 -40.10 11.41 -85.89
CA PRO K 131 -41.47 11.18 -85.45
C PRO K 131 -42.19 10.16 -86.32
N VAL K 132 -43.34 9.71 -85.84
CA VAL K 132 -44.20 8.82 -86.63
C VAL K 132 -44.40 9.40 -88.03
N CYS K 133 -44.51 8.50 -89.01
CA CYS K 133 -44.65 8.92 -90.40
C CYS K 133 -45.87 9.81 -90.57
N GLY K 134 -45.68 10.94 -91.24
CA GLY K 134 -46.74 11.91 -91.39
C GLY K 134 -46.71 12.99 -90.34
N GLY K 135 -45.82 12.88 -89.37
CA GLY K 135 -45.63 13.94 -88.39
C GLY K 135 -46.68 13.93 -87.30
N THR K 136 -46.50 14.87 -86.38
CA THR K 136 -47.34 15.01 -85.20
C THR K 136 -48.05 16.35 -85.24
N THR K 137 -49.17 16.42 -84.52
CA THR K 137 -49.83 17.71 -84.34
C THR K 137 -49.12 18.49 -83.24
N GLY K 138 -49.35 19.79 -83.23
CA GLY K 138 -48.83 20.63 -82.17
C GLY K 138 -47.69 21.52 -82.64
N SER K 139 -47.38 22.48 -81.78
CA SER K 139 -46.44 23.54 -82.11
C SER K 139 -45.00 23.15 -81.82
N SER K 140 -44.77 22.05 -81.13
CA SER K 140 -43.43 21.55 -80.91
C SER K 140 -43.34 20.11 -81.40
N VAL K 141 -42.11 19.67 -81.62
CA VAL K 141 -41.83 18.35 -82.15
C VAL K 141 -40.69 17.74 -81.34
N THR K 142 -40.78 16.44 -81.10
CA THR K 142 -39.78 15.72 -80.33
C THR K 142 -39.10 14.70 -81.23
N LEU K 143 -37.77 14.71 -81.21
CA LEU K 143 -36.93 13.78 -81.95
C LEU K 143 -36.14 12.94 -80.95
N GLY K 144 -35.63 11.81 -81.41
CA GLY K 144 -34.93 10.90 -80.53
C GLY K 144 -33.66 10.38 -81.15
N CYS K 145 -32.82 9.82 -80.30
CA CYS K 145 -31.59 9.17 -80.72
C CYS K 145 -31.39 7.99 -79.81
N LEU K 146 -31.26 6.80 -80.39
CA LEU K 146 -31.13 5.55 -79.63
C LEU K 146 -29.71 5.05 -79.81
N VAL K 147 -29.03 4.79 -78.69
CA VAL K 147 -27.63 4.41 -78.68
C VAL K 147 -27.57 3.01 -78.07
N LYS K 148 -27.27 2.01 -78.88
CA LYS K 148 -27.49 0.63 -78.43
C LYS K 148 -26.24 -0.21 -78.55
N GLY K 149 -25.99 -1.05 -77.56
CA GLY K 149 -24.98 -2.09 -77.67
C GLY K 149 -23.53 -1.67 -77.51
N TYR K 150 -23.21 -0.79 -76.57
CA TYR K 150 -21.84 -0.36 -76.40
C TYR K 150 -21.24 -0.83 -75.07
N PHE K 151 -19.92 -0.87 -75.04
CA PHE K 151 -19.18 -1.15 -73.81
C PHE K 151 -17.77 -0.63 -73.99
N PRO K 152 -17.18 -0.05 -72.94
CA PRO K 152 -17.73 0.31 -71.63
C PRO K 152 -18.45 1.66 -71.67
N GLU K 153 -19.04 2.07 -70.55
CA GLU K 153 -19.46 3.45 -70.38
C GLU K 153 -18.19 4.29 -70.28
N PRO K 154 -18.28 5.59 -70.60
CA PRO K 154 -19.47 6.33 -71.04
C PRO K 154 -19.48 6.58 -72.54
N VAL K 155 -20.63 7.09 -73.01
CA VAL K 155 -20.69 7.81 -74.28
C VAL K 155 -20.97 9.25 -73.95
N THR K 156 -20.70 10.12 -74.91
CA THR K 156 -21.11 11.52 -74.84
C THR K 156 -22.04 11.78 -76.01
N LEU K 157 -23.30 12.06 -75.71
CA LEU K 157 -24.30 12.38 -76.73
C LEU K 157 -24.56 13.88 -76.73
N THR K 158 -24.54 14.46 -77.92
CA THR K 158 -24.91 15.86 -78.09
C THR K 158 -25.88 15.96 -79.25
N TRP K 159 -26.50 17.13 -79.36
CA TRP K 159 -27.36 17.47 -80.47
C TRP K 159 -26.79 18.71 -81.16
N ASN K 160 -26.68 18.64 -82.49
CA ASN K 160 -26.06 19.71 -83.27
C ASN K 160 -24.73 20.15 -82.66
N SER K 161 -23.90 19.17 -82.30
CA SER K 161 -22.56 19.41 -81.79
C SER K 161 -22.55 20.24 -80.51
N GLY K 162 -23.62 20.14 -79.73
CA GLY K 162 -23.76 20.87 -78.49
C GLY K 162 -24.43 22.22 -78.61
N SER K 163 -24.71 22.67 -79.84
CA SER K 163 -25.39 23.95 -80.00
C SER K 163 -26.87 23.85 -79.67
N LEU K 164 -27.43 22.65 -79.68
CA LEU K 164 -28.81 22.41 -79.27
C LEU K 164 -28.71 21.69 -77.92
N SER K 165 -28.88 22.45 -76.84
CA SER K 165 -28.76 21.91 -75.49
C SER K 165 -30.03 22.05 -74.66
N SER K 166 -30.88 23.03 -74.96
CA SER K 166 -32.14 23.16 -74.26
C SER K 166 -33.14 22.15 -74.81
N GLY K 167 -34.09 21.78 -73.97
CA GLY K 167 -35.13 20.86 -74.42
C GLY K 167 -34.67 19.44 -74.61
N VAL K 168 -33.50 19.06 -74.07
CA VAL K 168 -32.92 17.73 -74.24
C VAL K 168 -33.12 16.92 -72.98
N HIS K 169 -33.43 15.63 -73.15
CA HIS K 169 -33.40 14.68 -72.05
C HIS K 169 -32.57 13.49 -72.47
N THR K 170 -31.45 13.28 -71.80
CA THR K 170 -30.58 12.14 -72.08
C THR K 170 -30.64 11.18 -70.90
N PHE K 171 -31.09 9.99 -71.15
CA PHE K 171 -31.44 9.07 -70.09
C PHE K 171 -30.25 8.21 -69.66
N PRO K 172 -30.24 7.80 -68.39
CA PRO K 172 -29.15 6.94 -67.92
C PRO K 172 -29.12 5.64 -68.71
N ALA K 173 -27.92 5.15 -68.95
CA ALA K 173 -27.73 3.91 -69.67
C ALA K 173 -28.15 2.72 -68.81
N LEU K 174 -28.68 1.69 -69.47
CA LEU K 174 -29.02 0.43 -68.83
C LEU K 174 -28.35 -0.72 -69.56
N LEU K 175 -28.10 -1.81 -68.84
CA LEU K 175 -27.51 -2.99 -69.45
C LEU K 175 -28.57 -3.80 -70.18
N GLN K 176 -28.19 -4.31 -71.34
CA GLN K 176 -29.06 -5.12 -72.18
C GLN K 176 -28.16 -6.23 -72.71
N SER K 177 -28.20 -7.40 -72.05
CA SER K 177 -27.37 -8.56 -72.42
C SER K 177 -25.88 -8.20 -72.42
N GLY K 178 -25.45 -7.53 -71.35
CA GLY K 178 -24.05 -7.21 -71.18
C GLY K 178 -23.58 -5.96 -71.90
N LEU K 179 -24.41 -5.32 -72.69
CA LEU K 179 -24.03 -4.10 -73.38
C LEU K 179 -24.98 -2.98 -72.96
N TYR K 180 -24.47 -1.76 -73.01
CA TYR K 180 -25.24 -0.59 -72.57
C TYR K 180 -26.09 -0.03 -73.70
N THR K 181 -27.24 0.52 -73.31
CA THR K 181 -28.11 1.25 -74.20
C THR K 181 -28.60 2.49 -73.49
N LEU K 182 -28.65 3.59 -74.23
CA LEU K 182 -29.31 4.78 -73.72
C LEU K 182 -30.03 5.45 -74.87
N SER K 183 -30.83 6.45 -74.53
CA SER K 183 -31.49 7.23 -75.56
C SER K 183 -31.54 8.68 -75.10
N SER K 184 -31.81 9.55 -76.07
CA SER K 184 -31.98 10.97 -75.78
C SER K 184 -33.11 11.50 -76.63
N SER K 185 -33.86 12.44 -76.06
CA SER K 185 -34.88 13.17 -76.79
C SER K 185 -34.51 14.64 -76.85
N VAL K 186 -34.91 15.29 -77.93
CA VAL K 186 -34.83 16.74 -78.02
C VAL K 186 -36.16 17.28 -78.52
N THR K 187 -36.60 18.38 -77.93
CA THR K 187 -37.87 18.99 -78.30
C THR K 187 -37.60 20.41 -78.77
N VAL K 188 -38.11 20.73 -79.95
CA VAL K 188 -37.93 22.05 -80.55
C VAL K 188 -39.28 22.51 -81.06
N THR K 189 -39.41 23.82 -81.30
CA THR K 189 -40.62 24.29 -81.94
C THR K 189 -40.67 23.80 -83.39
N SER K 190 -41.89 23.56 -83.88
CA SER K 190 -42.06 22.86 -85.15
C SER K 190 -41.58 23.67 -86.36
N ASN K 191 -41.42 24.99 -86.23
CA ASN K 191 -40.84 25.80 -87.30
C ASN K 191 -39.35 25.54 -87.48
N THR K 192 -38.71 24.86 -86.52
CA THR K 192 -37.26 24.63 -86.51
C THR K 192 -36.88 23.36 -87.24
N TRP K 193 -37.75 22.35 -87.26
CA TRP K 193 -37.45 21.05 -87.83
C TRP K 193 -38.70 20.50 -88.53
N PRO K 194 -38.55 19.92 -89.74
CA PRO K 194 -37.30 19.57 -90.42
C PRO K 194 -36.69 20.68 -91.29
N SER K 195 -37.23 21.90 -91.24
CA SER K 195 -36.69 22.94 -92.11
C SER K 195 -35.22 23.24 -91.82
N GLN K 196 -34.80 23.06 -90.57
CA GLN K 196 -33.39 23.14 -90.22
C GLN K 196 -32.94 21.79 -89.69
N THR K 197 -31.66 21.50 -89.87
CA THR K 197 -31.20 20.15 -89.58
C THR K 197 -30.97 19.97 -88.09
N ILE K 198 -31.27 18.76 -87.62
CA ILE K 198 -30.94 18.33 -86.26
C ILE K 198 -30.23 17.00 -86.38
N THR K 199 -29.07 16.90 -85.74
CA THR K 199 -28.21 15.72 -85.83
C THR K 199 -27.83 15.31 -84.43
N CYS K 200 -27.92 14.02 -84.14
CA CYS K 200 -27.41 13.42 -82.91
C CYS K 200 -25.94 13.06 -83.13
N ASN K 201 -25.07 13.44 -82.19
CA ASN K 201 -23.66 13.08 -82.24
C ASN K 201 -23.35 12.22 -81.04
N VAL K 202 -22.67 11.10 -81.26
CA VAL K 202 -22.35 10.18 -80.17
C VAL K 202 -20.87 9.84 -80.22
N ALA K 203 -20.15 10.24 -79.19
CA ALA K 203 -18.73 9.91 -79.04
C ALA K 203 -18.61 8.76 -78.06
N HIS K 204 -17.79 7.77 -78.40
CA HIS K 204 -17.50 6.65 -77.50
C HIS K 204 -15.99 6.57 -77.34
N PRO K 205 -15.43 7.20 -76.30
CA PRO K 205 -13.96 7.29 -76.18
C PRO K 205 -13.24 5.96 -76.26
N ALA K 206 -13.82 4.92 -75.65
CA ALA K 206 -13.11 3.65 -75.54
C ALA K 206 -12.87 3.00 -76.89
N SER K 207 -13.78 3.20 -77.85
CA SER K 207 -13.59 2.71 -79.20
C SER K 207 -13.07 3.79 -80.14
N SER K 208 -12.81 4.99 -79.63
CA SER K 208 -12.31 6.12 -80.43
C SER K 208 -13.27 6.50 -81.56
N THR K 209 -14.57 6.28 -81.36
CA THR K 209 -15.54 6.54 -82.41
C THR K 209 -16.34 7.80 -82.12
N LYS K 210 -16.79 8.43 -83.20
CA LYS K 210 -17.67 9.60 -83.15
C LYS K 210 -18.59 9.48 -84.34
N VAL K 211 -19.89 9.34 -84.10
CA VAL K 211 -20.85 9.10 -85.15
C VAL K 211 -21.91 10.20 -85.14
N ASP K 212 -22.31 10.65 -86.32
CA ASP K 212 -23.37 11.63 -86.49
C ASP K 212 -24.53 11.00 -87.23
N LYS K 213 -25.74 11.20 -86.73
CA LYS K 213 -26.94 10.73 -87.40
C LYS K 213 -27.92 11.89 -87.52
N LYS K 214 -28.14 12.37 -88.74
CA LYS K 214 -29.13 13.40 -89.00
C LYS K 214 -30.53 12.80 -88.88
N ILE K 215 -31.45 13.52 -88.21
CA ILE K 215 -32.82 13.03 -88.11
C ILE K 215 -33.55 13.41 -89.39
N GLU K 216 -34.08 12.41 -90.09
CA GLU K 216 -34.76 12.61 -91.37
C GLU K 216 -36.21 12.18 -91.26
N PRO K 217 -37.17 13.00 -91.69
CA PRO K 217 -38.58 12.58 -91.67
C PRO K 217 -38.77 11.22 -92.32
N ARG K 218 -39.64 10.42 -91.70
CA ARG K 218 -39.99 9.13 -92.26
C ARG K 218 -40.85 9.32 -93.51
N VAL K 219 -40.80 8.31 -94.38
CA VAL K 219 -41.61 8.29 -95.60
C VAL K 219 -42.38 6.98 -95.62
N PRO K 220 -43.43 6.89 -96.43
CA PRO K 220 -44.20 5.65 -96.50
C PRO K 220 -43.38 4.49 -97.04
N ILE K 221 -43.93 3.29 -96.89
CA ILE K 221 -43.29 2.08 -97.41
C ILE K 221 -43.31 2.05 -98.94
N ALA L 1 -26.90 -9.16 -37.43
CA ALA L 1 -27.80 -9.81 -36.48
C ALA L 1 -28.96 -8.91 -36.01
N ILE L 2 -28.95 -7.63 -36.42
CA ILE L 2 -30.14 -6.78 -36.42
C ILE L 2 -30.28 -6.10 -37.77
N VAL L 3 -31.50 -6.05 -38.27
CA VAL L 3 -31.84 -5.18 -39.39
C VAL L 3 -32.22 -3.80 -38.88
N ALA L 4 -32.09 -2.82 -39.78
CA ALA L 4 -32.61 -1.48 -39.63
C ALA L 4 -33.49 -1.18 -40.84
N THR L 5 -34.64 -0.55 -40.62
CA THR L 5 -35.74 -0.46 -41.58
C THR L 5 -36.20 1.00 -41.59
N GLN L 6 -35.94 1.70 -42.70
CA GLN L 6 -36.13 3.13 -42.73
C GLN L 6 -37.27 3.59 -43.66
N SER L 7 -38.11 4.50 -43.12
CA SER L 7 -39.58 4.38 -43.26
C SER L 7 -40.15 4.75 -44.60
N PRO L 8 -40.06 6.00 -45.09
CA PRO L 8 -40.22 6.25 -46.51
C PRO L 8 -38.92 5.85 -47.24
N ALA L 9 -39.05 5.05 -48.29
CA ALA L 9 -37.95 4.82 -49.24
C ALA L 9 -37.61 6.07 -50.06
N ILE L 10 -38.63 6.87 -50.36
CA ILE L 10 -38.57 8.08 -51.16
C ILE L 10 -38.58 9.32 -50.26
N MET L 11 -39.28 10.36 -50.68
CA MET L 11 -40.00 11.40 -49.93
C MET L 11 -39.96 12.66 -50.77
N SER L 12 -41.12 13.11 -51.26
CA SER L 12 -41.19 14.44 -51.84
C SER L 12 -41.30 15.47 -50.75
N ALA L 13 -40.59 16.58 -50.87
CA ALA L 13 -40.86 17.74 -50.03
C ALA L 13 -40.54 19.06 -50.72
N SER L 14 -41.18 20.13 -50.29
CA SER L 14 -40.90 21.50 -50.71
C SER L 14 -40.05 22.22 -49.65
N PRO L 15 -39.14 23.13 -50.08
CA PRO L 15 -38.43 23.99 -49.15
C PRO L 15 -39.36 24.68 -48.14
N GLY L 16 -38.98 24.61 -46.87
CA GLY L 16 -39.74 25.07 -45.70
C GLY L 16 -40.47 23.96 -44.95
N GLU L 17 -40.83 22.86 -45.62
CA GLU L 17 -41.52 21.74 -44.96
C GLU L 17 -40.65 21.01 -43.93
N LYS L 18 -41.29 20.29 -43.01
CA LYS L 18 -40.64 19.73 -41.82
C LYS L 18 -40.63 18.20 -41.86
N VAL L 19 -39.65 17.68 -42.59
CA VAL L 19 -39.55 16.25 -42.92
C VAL L 19 -39.15 15.44 -41.70
N THR L 20 -39.65 14.22 -41.62
CA THR L 20 -39.33 13.26 -40.55
C THR L 20 -39.11 11.89 -41.17
N ILE L 21 -38.08 11.19 -40.72
CA ILE L 21 -37.55 10.00 -41.41
C ILE L 21 -37.17 8.98 -40.34
N SER L 22 -37.93 7.89 -40.22
CA SER L 22 -37.73 6.92 -39.13
C SER L 22 -36.99 5.65 -39.57
N CYS L 23 -36.61 4.74 -38.66
CA CYS L 23 -35.41 3.88 -38.79
C CYS L 23 -35.48 2.46 -38.19
N SER L 24 -36.39 2.22 -37.25
CA SER L 24 -36.81 0.89 -36.77
C SER L 24 -35.81 -0.29 -36.80
N ALA L 25 -35.19 -0.53 -35.64
CA ALA L 25 -34.22 -1.62 -35.43
C ALA L 25 -34.83 -2.89 -34.84
N SER L 26 -34.46 -4.08 -35.34
CA SER L 26 -35.05 -5.35 -34.88
C SER L 26 -34.57 -5.85 -33.51
N SER L 27 -33.81 -5.04 -32.76
CA SER L 27 -33.55 -5.20 -31.32
C SER L 27 -32.97 -3.90 -30.77
N SER L 28 -33.03 -3.73 -29.45
CA SER L 28 -32.73 -2.47 -28.77
C SER L 28 -31.26 -2.08 -28.79
N VAL L 29 -30.96 -1.07 -29.60
CA VAL L 29 -29.64 -0.42 -29.70
C VAL L 29 -29.71 1.01 -29.19
N SER L 30 -28.57 1.56 -28.79
CA SER L 30 -28.41 2.97 -28.39
C SER L 30 -27.43 3.73 -29.28
N TYR L 31 -26.81 3.06 -30.25
CA TYR L 31 -25.83 3.64 -31.15
C TYR L 31 -26.26 3.51 -32.60
N MET L 32 -26.65 4.62 -33.22
CA MET L 32 -27.40 4.63 -34.48
C MET L 32 -26.60 5.21 -35.68
N TYR L 33 -26.60 6.51 -35.74
CA TYR L 33 -26.12 7.40 -36.81
C TYR L 33 -27.22 7.68 -37.83
N TRP L 34 -27.13 8.86 -38.46
CA TRP L 34 -27.83 9.27 -39.69
C TRP L 34 -26.77 9.97 -40.57
N TYR L 35 -26.36 9.33 -41.66
CA TYR L 35 -25.56 9.93 -42.71
C TYR L 35 -26.46 10.72 -43.67
N GLN L 36 -25.83 11.47 -44.56
CA GLN L 36 -26.47 12.15 -45.69
C GLN L 36 -25.52 11.97 -46.86
N GLN L 37 -26.05 11.64 -48.03
CA GLN L 37 -25.28 11.35 -49.23
C GLN L 37 -25.83 12.18 -50.38
N LYS L 38 -24.94 12.95 -51.02
CA LYS L 38 -25.24 13.79 -52.19
C LYS L 38 -24.91 13.03 -53.49
N PRO L 39 -25.58 13.37 -54.61
CA PRO L 39 -25.58 12.56 -55.83
C PRO L 39 -24.23 12.06 -56.36
N GLY L 40 -23.18 12.86 -56.22
CA GLY L 40 -21.82 12.54 -56.60
C GLY L 40 -20.83 12.86 -55.49
N SER L 41 -21.14 12.38 -54.29
CA SER L 41 -20.35 12.69 -53.10
C SER L 41 -20.37 11.51 -52.13
N SER L 42 -19.30 11.40 -51.35
CA SER L 42 -19.28 10.55 -50.17
C SER L 42 -20.52 10.76 -49.29
N PRO L 43 -20.96 9.75 -48.53
CA PRO L 43 -21.72 10.03 -47.33
C PRO L 43 -20.89 10.91 -46.38
N LYS L 44 -21.61 11.75 -45.64
CA LYS L 44 -21.14 12.56 -44.51
C LYS L 44 -21.91 12.15 -43.26
N PRO L 45 -21.30 12.13 -42.07
CA PRO L 45 -22.04 11.98 -40.83
C PRO L 45 -22.84 13.25 -40.50
N TRP L 46 -24.10 13.07 -40.08
CA TRP L 46 -24.94 14.17 -39.63
C TRP L 46 -25.44 14.01 -38.20
N ILE L 47 -25.95 12.84 -37.86
CA ILE L 47 -26.16 12.46 -36.47
C ILE L 47 -25.35 11.23 -36.10
N TYR L 48 -24.97 11.24 -34.82
CA TYR L 48 -24.14 10.34 -34.06
C TYR L 48 -24.86 10.09 -32.70
N ARG L 49 -24.50 9.03 -31.98
CA ARG L 49 -25.38 8.45 -30.95
C ARG L 49 -26.80 8.22 -31.45
N THR L 50 -27.76 8.91 -30.84
CA THR L 50 -29.20 8.93 -31.19
C THR L 50 -29.72 10.36 -31.27
N SER L 51 -28.85 11.36 -31.05
CA SER L 51 -29.25 12.77 -30.88
C SER L 51 -28.07 13.74 -30.84
N ASN L 52 -26.85 13.28 -31.02
CA ASN L 52 -25.70 14.17 -31.14
C ASN L 52 -25.60 14.67 -32.59
N LEU L 53 -25.71 15.97 -32.81
CA LEU L 53 -25.20 16.56 -34.04
C LEU L 53 -23.69 16.31 -34.15
N ALA L 54 -23.23 15.98 -35.35
CA ALA L 54 -21.80 16.09 -35.67
C ALA L 54 -21.37 17.57 -35.85
N SER L 55 -20.13 17.89 -35.51
CA SER L 55 -19.63 19.25 -35.77
C SER L 55 -19.68 19.61 -37.26
N GLY L 56 -19.97 20.88 -37.58
CA GLY L 56 -20.35 21.26 -38.94
C GLY L 56 -21.60 20.51 -39.44
N VAL L 57 -22.62 20.39 -38.57
CA VAL L 57 -24.00 20.11 -38.98
C VAL L 57 -24.90 21.29 -38.57
N PRO L 58 -25.61 21.90 -39.52
CA PRO L 58 -26.76 22.74 -39.23
C PRO L 58 -27.76 22.16 -38.22
N THR L 59 -28.03 22.94 -37.18
CA THR L 59 -29.10 22.81 -36.16
C THR L 59 -30.54 22.72 -36.70
N ARG L 60 -30.70 22.71 -38.03
CA ARG L 60 -31.88 22.26 -38.76
C ARG L 60 -32.16 20.77 -38.62
N PHE L 61 -31.10 19.95 -38.60
CA PHE L 61 -31.16 18.52 -38.30
C PHE L 61 -31.26 18.31 -36.79
N SER L 62 -32.02 17.30 -36.42
CA SER L 62 -32.12 16.75 -35.08
C SER L 62 -32.42 15.27 -35.15
N GLY L 63 -32.07 14.55 -34.09
CA GLY L 63 -32.19 13.10 -34.00
C GLY L 63 -32.74 12.78 -32.64
N SER L 64 -33.72 11.88 -32.59
CA SER L 64 -34.31 11.45 -31.33
C SER L 64 -34.94 10.09 -31.46
N GLY L 65 -35.11 9.43 -30.32
CA GLY L 65 -35.50 8.04 -30.28
C GLY L 65 -35.06 7.39 -28.98
N SER L 66 -35.05 6.06 -29.02
CA SER L 66 -34.68 5.08 -28.00
C SER L 66 -35.55 3.83 -28.22
N GLY L 67 -35.20 2.73 -27.53
CA GLY L 67 -36.02 1.53 -27.52
C GLY L 67 -36.49 1.03 -28.89
N THR L 68 -35.54 0.81 -29.81
CA THR L 68 -35.77 0.34 -31.19
C THR L 68 -36.30 1.40 -32.17
N SER L 69 -36.96 2.45 -31.68
CA SER L 69 -37.39 3.57 -32.52
C SER L 69 -36.28 4.59 -32.65
N TYR L 70 -36.15 5.17 -33.84
CA TYR L 70 -35.22 6.26 -34.08
C TYR L 70 -35.67 7.07 -35.29
N SER L 71 -35.49 8.38 -35.17
CA SER L 71 -36.17 9.42 -35.94
C SER L 71 -35.25 10.59 -36.22
N PHE L 72 -34.89 10.77 -37.50
CA PHE L 72 -34.35 12.03 -38.02
C PHE L 72 -35.48 13.03 -38.19
N THR L 73 -35.16 14.31 -38.02
CA THR L 73 -36.07 15.42 -38.21
C THR L 73 -35.33 16.60 -38.82
N ILE L 74 -35.87 17.11 -39.91
CA ILE L 74 -35.36 18.25 -40.68
C ILE L 74 -36.39 19.36 -40.52
N SER L 75 -36.04 20.37 -39.74
CA SER L 75 -37.01 21.29 -39.13
C SER L 75 -37.59 22.38 -40.01
N SER L 76 -36.98 22.62 -41.16
CA SER L 76 -37.44 23.53 -42.22
C SER L 76 -36.50 23.31 -43.39
N MET L 77 -36.90 22.45 -44.32
CA MET L 77 -36.04 21.95 -45.40
C MET L 77 -35.43 23.11 -46.20
N GLU L 78 -34.13 23.03 -46.43
CA GLU L 78 -33.38 23.88 -47.35
C GLU L 78 -33.21 23.17 -48.71
N ALA L 79 -32.99 23.89 -49.81
CA ALA L 79 -32.57 23.29 -51.07
C ALA L 79 -31.36 22.34 -50.90
N GLU L 80 -30.30 22.81 -50.21
CA GLU L 80 -29.12 21.98 -49.91
C GLU L 80 -29.39 20.74 -49.06
N ASP L 81 -30.58 20.57 -48.46
CA ASP L 81 -30.90 19.28 -47.84
C ASP L 81 -30.96 18.13 -48.84
N ALA L 82 -31.52 18.36 -50.04
CA ALA L 82 -32.03 17.27 -50.90
C ALA L 82 -30.95 16.21 -51.18
N ALA L 83 -31.24 14.95 -50.83
CA ALA L 83 -30.22 13.92 -50.62
C ALA L 83 -30.83 12.52 -50.41
N THR L 84 -29.98 11.53 -50.18
CA THR L 84 -30.36 10.38 -49.35
C THR L 84 -29.95 10.64 -47.89
N TYR L 85 -30.63 10.03 -46.91
CA TYR L 85 -30.20 9.99 -45.50
C TYR L 85 -30.29 8.58 -44.92
N TYR L 86 -29.41 8.26 -43.98
CA TYR L 86 -28.96 6.89 -43.78
C TYR L 86 -28.71 6.46 -42.36
N CYS L 87 -29.67 5.77 -41.74
CA CYS L 87 -29.39 5.28 -40.41
C CYS L 87 -28.30 4.20 -40.42
N GLN L 88 -27.55 4.10 -39.32
CA GLN L 88 -26.75 2.92 -39.07
C GLN L 88 -27.22 2.36 -37.71
N GLN L 89 -26.67 1.20 -37.38
CA GLN L 89 -26.47 0.79 -36.00
C GLN L 89 -25.01 0.38 -35.84
N TYR L 90 -24.44 0.68 -34.68
CA TYR L 90 -23.05 0.39 -34.33
C TYR L 90 -22.98 -0.03 -32.87
N HIS L 91 -23.85 -0.99 -32.54
CA HIS L 91 -24.16 -1.46 -31.19
C HIS L 91 -24.01 -2.98 -31.04
N ASN L 92 -24.04 -3.69 -32.18
CA ASN L 92 -23.58 -5.05 -32.31
C ASN L 92 -22.87 -5.27 -33.62
N TYR L 93 -22.01 -6.28 -33.65
CA TYR L 93 -21.37 -6.73 -34.86
C TYR L 93 -22.46 -7.20 -35.92
N PRO L 94 -22.00 -7.53 -37.17
CA PRO L 94 -22.42 -6.82 -38.40
C PRO L 94 -23.11 -5.48 -38.19
N ARG L 95 -22.32 -4.40 -38.11
CA ARG L 95 -22.84 -3.04 -38.25
C ARG L 95 -23.72 -2.95 -39.49
N THR L 96 -24.95 -2.49 -39.31
CA THR L 96 -25.99 -2.49 -40.35
C THR L 96 -26.23 -1.05 -40.81
N PHE L 97 -26.59 -0.89 -42.08
CA PHE L 97 -27.24 0.34 -42.57
C PHE L 97 -28.76 0.10 -42.67
N GLY L 98 -29.54 1.19 -42.72
CA GLY L 98 -30.86 1.15 -43.34
C GLY L 98 -30.81 1.17 -44.87
N GLY L 99 -31.96 0.95 -45.51
CA GLY L 99 -32.11 0.96 -46.98
C GLY L 99 -32.13 2.35 -47.64
N GLY L 100 -31.94 3.41 -46.85
CA GLY L 100 -31.85 4.80 -47.30
C GLY L 100 -33.15 5.47 -47.73
N THR L 101 -33.32 6.73 -47.36
CA THR L 101 -34.52 7.53 -47.64
C THR L 101 -34.17 8.67 -48.57
N LYS L 102 -34.93 8.87 -49.64
CA LYS L 102 -34.48 9.67 -50.79
C LYS L 102 -35.39 10.90 -50.92
N ALA L 103 -34.98 11.94 -50.18
CA ALA L 103 -35.64 13.23 -50.14
C ALA L 103 -35.32 14.04 -51.39
N LYS L 104 -36.35 14.25 -52.19
CA LYS L 104 -36.29 15.01 -53.43
C LYS L 104 -37.36 16.10 -53.52
N SER L 105 -36.94 17.18 -54.16
CA SER L 105 -37.67 18.43 -54.32
C SER L 105 -39.05 18.24 -54.96
N ALA L 106 -40.01 19.07 -54.58
CA ALA L 106 -41.36 19.12 -55.13
C ALA L 106 -41.90 20.56 -55.07
N ARG L 107 -43.28 19.97 -56.47
CA ARG L 107 -43.74 21.08 -57.28
C ARG L 107 -45.16 20.75 -57.71
N ALA L 108 -45.79 21.66 -58.46
CA ALA L 108 -47.13 21.39 -58.95
C ALA L 108 -47.13 20.18 -59.88
N ASP L 109 -48.21 19.39 -59.83
CA ASP L 109 -48.35 18.27 -60.73
C ASP L 109 -48.21 18.75 -62.18
N ALA L 110 -47.62 17.90 -63.02
CA ALA L 110 -47.46 18.19 -64.43
C ALA L 110 -47.61 16.90 -65.22
N ALA L 111 -48.48 16.91 -66.22
CA ALA L 111 -48.67 15.74 -67.07
C ALA L 111 -47.45 15.53 -67.95
N PRO L 112 -47.08 14.28 -68.21
CA PRO L 112 -46.00 14.01 -69.16
C PRO L 112 -46.39 14.39 -70.57
N THR L 113 -45.40 14.83 -71.33
CA THR L 113 -45.52 14.96 -72.77
C THR L 113 -45.01 13.66 -73.38
N VAL L 114 -45.87 12.94 -74.09
CA VAL L 114 -45.57 11.59 -74.54
C VAL L 114 -45.39 11.57 -76.05
N SER L 115 -44.32 10.93 -76.52
CA SER L 115 -44.03 10.83 -77.94
C SER L 115 -43.59 9.40 -78.21
N ILE L 116 -44.07 8.82 -79.31
CA ILE L 116 -43.77 7.44 -79.66
C ILE L 116 -42.94 7.40 -80.93
N PHE L 117 -41.98 6.48 -80.97
CA PHE L 117 -41.02 6.37 -82.08
C PHE L 117 -40.93 4.94 -82.57
N PRO L 118 -41.38 4.65 -83.79
CA PRO L 118 -41.16 3.33 -84.37
C PRO L 118 -39.67 3.07 -84.52
N PRO L 119 -39.28 1.82 -84.68
CA PRO L 119 -37.88 1.51 -84.99
C PRO L 119 -37.40 2.30 -86.19
N SER L 120 -36.15 2.73 -86.13
CA SER L 120 -35.54 3.37 -87.29
C SER L 120 -35.28 2.35 -88.37
N SER L 121 -35.25 2.83 -89.62
CA SER L 121 -34.90 1.95 -90.72
C SER L 121 -33.54 1.31 -90.48
N GLU L 122 -32.61 2.06 -89.89
CA GLU L 122 -31.27 1.52 -89.66
C GLU L 122 -31.30 0.38 -88.64
N GLN L 123 -32.08 0.51 -87.58
CA GLN L 123 -32.17 -0.61 -86.64
C GLN L 123 -32.82 -1.83 -87.28
N LEU L 124 -33.79 -1.63 -88.19
CA LEU L 124 -34.47 -2.77 -88.79
C LEU L 124 -33.61 -3.55 -89.77
N THR L 125 -32.37 -3.13 -90.02
CA THR L 125 -31.47 -4.02 -90.72
C THR L 125 -30.93 -5.11 -89.80
N SER L 126 -31.07 -4.94 -88.48
CA SER L 126 -30.37 -5.72 -87.47
C SER L 126 -31.08 -6.97 -87.01
N GLY L 127 -32.37 -7.13 -87.28
CA GLY L 127 -33.07 -8.25 -86.68
C GLY L 127 -33.59 -7.98 -85.28
N GLY L 128 -33.23 -6.85 -84.68
CA GLY L 128 -33.92 -6.34 -83.50
C GLY L 128 -34.70 -5.09 -83.83
N ALA L 129 -35.73 -4.79 -83.03
CA ALA L 129 -36.57 -3.62 -83.27
C ALA L 129 -36.94 -3.03 -81.92
N SER L 130 -36.68 -1.74 -81.74
CA SER L 130 -37.03 -1.06 -80.50
C SER L 130 -38.07 0.00 -80.81
N VAL L 131 -39.15 0.00 -80.04
CA VAL L 131 -40.16 1.04 -80.08
C VAL L 131 -39.95 1.87 -78.82
N VAL L 132 -39.80 3.19 -78.98
CA VAL L 132 -39.46 4.06 -77.87
C VAL L 132 -40.62 4.99 -77.57
N CYS L 133 -40.97 5.12 -76.29
CA CYS L 133 -41.81 6.20 -75.84
C CYS L 133 -41.02 7.08 -74.88
N PHE L 134 -41.01 8.38 -75.14
CA PHE L 134 -40.50 9.35 -74.19
C PHE L 134 -41.68 9.96 -73.45
N LEU L 135 -41.55 10.07 -72.13
CA LEU L 135 -42.56 10.67 -71.27
C LEU L 135 -41.84 11.76 -70.52
N ASN L 136 -42.03 13.02 -70.94
CA ASN L 136 -41.12 14.07 -70.56
C ASN L 136 -41.76 15.12 -69.65
N ASN L 137 -40.97 15.59 -68.69
CA ASN L 137 -41.28 16.78 -67.88
C ASN L 137 -42.56 16.61 -67.05
N PHE L 138 -42.62 15.53 -66.29
CA PHE L 138 -43.81 15.24 -65.50
C PHE L 138 -43.50 15.33 -64.00
N TYR L 139 -44.57 15.46 -63.21
CA TYR L 139 -44.48 15.44 -61.76
C TYR L 139 -45.85 15.01 -61.24
N PRO L 140 -45.89 14.11 -60.25
CA PRO L 140 -44.79 13.47 -59.52
C PRO L 140 -44.13 12.33 -60.28
N LYS L 141 -43.11 11.72 -59.68
CA LYS L 141 -42.32 10.71 -60.36
C LYS L 141 -43.10 9.44 -60.63
N ASP L 142 -44.10 9.13 -59.80
CA ASP L 142 -44.83 7.87 -59.95
C ASP L 142 -45.57 7.86 -61.28
N ILE L 143 -45.24 6.86 -62.10
CA ILE L 143 -45.83 6.74 -63.43
C ILE L 143 -45.70 5.28 -63.81
N ASN L 144 -46.66 4.80 -64.60
CA ASN L 144 -46.63 3.43 -65.06
C ASN L 144 -46.89 3.38 -66.56
N VAL L 145 -46.10 2.59 -67.28
CA VAL L 145 -46.22 2.48 -68.73
C VAL L 145 -46.64 1.05 -69.06
N LYS L 146 -47.67 0.91 -69.88
CA LYS L 146 -48.13 -0.38 -70.36
C LYS L 146 -48.00 -0.37 -71.88
N TRP L 147 -47.34 -1.38 -72.42
CA TRP L 147 -47.16 -1.51 -73.86
C TRP L 147 -48.13 -2.54 -74.41
N LYS L 148 -48.66 -2.27 -75.61
CA LYS L 148 -49.50 -3.21 -76.33
C LYS L 148 -49.03 -3.35 -77.77
N ILE L 149 -49.19 -4.55 -78.29
CA ILE L 149 -48.94 -4.87 -79.70
C ILE L 149 -50.22 -5.49 -80.22
N ASP L 150 -50.85 -4.84 -81.20
CA ASP L 150 -52.11 -5.32 -81.75
C ASP L 150 -53.11 -5.68 -80.66
N GLY L 151 -53.19 -4.84 -79.63
CA GLY L 151 -54.15 -4.97 -78.56
C GLY L 151 -53.70 -5.81 -77.39
N SER L 152 -52.64 -6.58 -77.52
CA SER L 152 -52.19 -7.51 -76.50
C SER L 152 -51.05 -6.89 -75.71
N GLU L 153 -51.18 -6.87 -74.38
CA GLU L 153 -50.11 -6.33 -73.56
C GLU L 153 -48.83 -7.14 -73.73
N ARG L 154 -47.70 -6.43 -73.77
CA ARG L 154 -46.38 -7.04 -73.80
C ARG L 154 -45.60 -6.50 -72.62
N GLN L 155 -45.13 -7.39 -71.75
CA GLN L 155 -44.30 -7.02 -70.60
C GLN L 155 -42.84 -7.37 -70.77
N ASN L 156 -42.52 -8.51 -71.38
CA ASN L 156 -41.13 -8.86 -71.60
C ASN L 156 -40.51 -7.94 -72.64
N GLY L 157 -39.26 -7.57 -72.43
CA GLY L 157 -38.55 -6.75 -73.37
C GLY L 157 -38.74 -5.26 -73.20
N VAL L 158 -39.38 -4.83 -72.11
CA VAL L 158 -39.58 -3.40 -71.82
C VAL L 158 -38.47 -2.96 -70.87
N LEU L 159 -37.79 -1.88 -71.24
CA LEU L 159 -36.75 -1.28 -70.42
C LEU L 159 -37.06 0.19 -70.17
N ASN L 160 -37.12 0.56 -68.90
CA ASN L 160 -37.45 1.92 -68.52
C ASN L 160 -36.25 2.59 -67.88
N SER L 161 -36.02 3.85 -68.25
CA SER L 161 -34.93 4.61 -67.67
C SER L 161 -35.43 6.01 -67.33
N TRP L 162 -35.07 6.49 -66.14
CA TRP L 162 -35.57 7.76 -65.63
C TRP L 162 -34.41 8.72 -65.44
N THR L 163 -34.62 9.98 -65.81
CA THR L 163 -33.66 11.00 -65.41
C THR L 163 -33.81 11.32 -63.92
N ASP L 164 -32.73 11.83 -63.34
CA ASP L 164 -32.85 12.41 -62.01
C ASP L 164 -33.76 13.63 -62.07
N GLN L 165 -34.35 13.98 -60.92
CA GLN L 165 -35.19 15.17 -60.87
C GLN L 165 -34.43 16.38 -61.39
N ASP L 166 -35.04 17.12 -62.30
CA ASP L 166 -34.30 18.21 -62.96
C ASP L 166 -33.95 19.32 -61.97
N SER L 167 -32.72 19.81 -62.07
CA SER L 167 -32.23 20.79 -61.09
C SER L 167 -32.89 22.15 -61.23
N LYS L 168 -33.54 22.43 -62.35
CA LYS L 168 -34.17 23.73 -62.55
C LYS L 168 -35.69 23.65 -62.46
N ASP L 169 -36.31 22.68 -63.14
CA ASP L 169 -37.76 22.66 -63.24
C ASP L 169 -38.42 21.64 -62.33
N SER L 170 -37.64 20.84 -61.60
CA SER L 170 -38.13 19.87 -60.63
C SER L 170 -38.98 18.77 -61.22
N THR L 171 -38.98 18.60 -62.55
CA THR L 171 -39.73 17.51 -63.14
C THR L 171 -38.87 16.26 -63.33
N TYR L 172 -39.53 15.20 -63.74
CA TYR L 172 -38.91 13.95 -64.12
C TYR L 172 -39.19 13.68 -65.59
N SER L 173 -38.31 12.89 -66.21
CA SER L 173 -38.57 12.37 -67.55
C SER L 173 -38.20 10.90 -67.58
N MET L 174 -38.78 10.17 -68.53
CA MET L 174 -38.61 8.73 -68.60
C MET L 174 -38.58 8.30 -70.06
N SER L 175 -37.74 7.32 -70.36
CA SER L 175 -37.80 6.61 -71.63
C SER L 175 -38.30 5.21 -71.34
N SER L 176 -39.25 4.75 -72.15
CA SER L 176 -39.71 3.37 -72.07
C SER L 176 -39.50 2.76 -73.44
N THR L 177 -38.75 1.67 -73.50
CA THR L 177 -38.36 1.08 -74.77
C THR L 177 -38.80 -0.37 -74.81
N LEU L 178 -39.62 -0.70 -75.80
CA LEU L 178 -40.05 -2.07 -76.04
C LEU L 178 -39.16 -2.66 -77.13
N THR L 179 -38.41 -3.70 -76.79
CA THR L 179 -37.56 -4.35 -77.79
C THR L 179 -38.12 -5.72 -78.12
N LEU L 180 -38.24 -5.99 -79.41
CA LEU L 180 -38.71 -7.27 -79.90
C LEU L 180 -37.88 -7.65 -81.12
N THR L 181 -38.08 -8.86 -81.63
CA THR L 181 -37.35 -9.21 -82.84
C THR L 181 -37.93 -8.44 -84.03
N LYS L 182 -37.09 -8.22 -85.03
CA LYS L 182 -37.61 -7.60 -86.25
C LYS L 182 -38.71 -8.45 -86.85
N ASP L 183 -38.55 -9.78 -86.82
CA ASP L 183 -39.57 -10.64 -87.40
C ASP L 183 -40.91 -10.45 -86.70
N GLU L 184 -40.91 -10.39 -85.37
CA GLU L 184 -42.18 -10.16 -84.69
C GLU L 184 -42.71 -8.76 -84.98
N TYR L 185 -41.83 -7.76 -85.03
CA TYR L 185 -42.27 -6.39 -85.28
C TYR L 185 -43.02 -6.28 -86.60
N GLU L 186 -42.54 -6.96 -87.64
CA GLU L 186 -43.18 -6.84 -88.94
C GLU L 186 -44.39 -7.74 -89.11
N ARG L 187 -44.74 -8.53 -88.09
CA ARG L 187 -45.96 -9.32 -88.10
C ARG L 187 -47.13 -8.62 -87.43
N HIS L 188 -46.94 -7.37 -86.98
CA HIS L 188 -48.01 -6.66 -86.30
C HIS L 188 -48.08 -5.24 -86.82
N ASN L 189 -49.23 -4.60 -86.63
CA ASN L 189 -49.40 -3.25 -87.12
C ASN L 189 -49.51 -2.20 -86.02
N SER L 190 -50.26 -2.46 -84.96
CA SER L 190 -50.53 -1.44 -83.96
C SER L 190 -49.58 -1.58 -82.78
N TYR L 191 -48.97 -0.47 -82.37
CA TYR L 191 -48.07 -0.40 -81.23
C TYR L 191 -48.52 0.75 -80.36
N THR L 192 -48.63 0.51 -79.06
CA THR L 192 -49.20 1.50 -78.14
C THR L 192 -48.39 1.53 -76.85
N CYS L 193 -48.07 2.73 -76.38
CA CYS L 193 -47.62 2.91 -75.01
C CYS L 193 -48.65 3.74 -74.24
N GLU L 194 -49.06 3.25 -73.08
CA GLU L 194 -50.08 3.92 -72.28
C GLU L 194 -49.45 4.33 -70.96
N ALA L 195 -49.59 5.61 -70.60
CA ALA L 195 -48.98 6.15 -69.38
C ALA L 195 -50.03 6.48 -68.34
N THR L 196 -50.01 5.76 -67.22
CA THR L 196 -50.89 6.06 -66.09
C THR L 196 -50.17 7.02 -65.17
N HIS L 197 -50.82 8.14 -64.85
CA HIS L 197 -50.22 9.18 -64.04
C HIS L 197 -51.33 9.95 -63.35
N LYS L 198 -51.05 10.48 -62.16
CA LYS L 198 -52.13 11.08 -61.38
C LYS L 198 -52.76 12.30 -62.05
N THR L 199 -52.12 12.87 -63.07
CA THR L 199 -52.63 14.06 -63.73
C THR L 199 -53.76 13.76 -64.71
N SER L 200 -54.12 12.51 -64.93
CA SER L 200 -55.24 12.19 -65.79
C SER L 200 -56.01 11.02 -65.21
N THR L 201 -57.34 11.05 -65.38
CA THR L 201 -58.15 9.96 -64.84
C THR L 201 -57.99 8.69 -65.65
N SER L 202 -57.66 8.81 -66.94
CA SER L 202 -57.30 7.67 -67.76
C SER L 202 -55.91 7.90 -68.35
N PRO L 203 -55.19 6.84 -68.69
CA PRO L 203 -53.82 7.01 -69.19
C PRO L 203 -53.75 7.87 -70.46
N ILE L 204 -52.61 8.52 -70.66
CA ILE L 204 -52.27 9.07 -71.96
C ILE L 204 -51.88 7.92 -72.89
N VAL L 205 -52.45 7.90 -74.09
CA VAL L 205 -52.23 6.83 -75.06
C VAL L 205 -51.50 7.43 -76.26
N LYS L 206 -50.32 6.91 -76.57
CA LYS L 206 -49.69 7.16 -77.87
C LYS L 206 -49.60 5.84 -78.63
N SER L 207 -50.01 5.85 -79.89
CA SER L 207 -50.09 4.65 -80.68
C SER L 207 -49.78 4.99 -82.13
N PHE L 208 -49.24 4.03 -82.87
CA PHE L 208 -49.12 4.18 -84.32
C PHE L 208 -49.45 2.86 -84.98
N ASN L 209 -49.87 2.96 -86.23
CA ASN L 209 -49.96 1.80 -87.13
C ASN L 209 -48.72 1.78 -88.01
N ARG L 210 -47.98 0.68 -87.94
CA ARG L 210 -46.69 0.54 -88.61
C ARG L 210 -46.76 0.89 -90.09
N ASN L 211 -47.81 0.46 -90.78
CA ASN L 211 -47.85 0.61 -92.23
C ASN L 211 -48.56 1.88 -92.69
N GLU L 212 -48.84 2.82 -91.80
CA GLU L 212 -49.55 4.05 -92.14
C GLU L 212 -48.62 5.26 -92.19
N CYS L 213 -49.07 6.28 -92.92
CA CYS L 213 -48.36 7.54 -92.94
C CYS L 213 -49.33 8.71 -93.07
#